data_5FJ8
#
_entry.id   5FJ8
#
_cell.length_a   1.000
_cell.length_b   1.000
_cell.length_c   1.000
_cell.angle_alpha   90.00
_cell.angle_beta   90.00
_cell.angle_gamma   90.00
#
_symmetry.space_group_name_H-M   'P 1'
#
loop_
_entity.id
_entity.type
_entity.pdbx_description
1 polymer 'DNA-DIRECTED RNA POLYMERASE III SUBUNIT RPC1'
2 polymer 'DNA-DIRECTED RNA POLYMERASE III SUBUNIT RPC2'
3 polymer 'DNA-DIRECTED RNA POLYMERASES I AND III SUBUNIT RPAC1'
4 polymer 'DNA-DIRECTED RNA POLYMERASE III SUBUNIT RPC9'
5 polymer 'DNA-DIRECTED RNA POLYMERASES I, II, AND III SUBUNIT RPABC 1'
6 polymer 'DNA-DIRECTED RNA POLYMERASES I, II, AND III SUBUNIT RPABC2'
7 polymer 'DNA-DIRECTED RNA POLYMERASE III SUBUNIT RPC8'
8 polymer 'DNA-DIRECTED RNA POLYMERASES I, II, AND III SUBUNIT RPABC 3'
9 polymer 'DNA-DIRECTED RNA POLYMERASE III SUBUNIT RPC10'
10 polymer 'DNA-DIRECTED RNA POLYMERASES I, II, AND III SUBUNIT RPABC 5'
11 polymer 'DNA-DIRECTED RNA POLYMERASES I AND III SUBUNIT RPAC2'
12 polymer 'DNA-DIRECTED RNA POLYMERASES I, II, AND III SUBUNIT RPABC 4'
13 polymer 'DNA-DIRECTED RNA POLYMERASE III SUBUNIT RPC5'
14 polymer 'DNA-DIRECTED RNA POLYMERASE III SUBUNIT RPC4'
15 polymer 'DNA-DIRECTED RNA POLYMERASE III SUBUNIT RPC3'
16 polymer 'DNA-DIRECTED RNA POLYMERASE III SUBUNIT RPC6'
17 polymer 'DNA-DIRECTED RNA POLYMERASE III SUBUNIT RPC7'
18 polymer RNA
19 polymer 'NON-TEMPLATE DNA'
20 polymer 'TEMPLATE DNA'
21 non-polymer 'ZINC ION'
#
loop_
_entity_poly.entity_id
_entity_poly.type
_entity_poly.pdbx_seq_one_letter_code
_entity_poly.pdbx_strand_id
1 'polypeptide(L)'
;MKEVVVSETPKRIKGLEFSALSAADIVAQSEVEVSTRDLFDLEKDRAPKANGALDPKMGVSSSSLECATCHGNLASCHGH
FGHLKLALPVFHIGYFKATIQILQGICKNCSAILLSETDKRQFLHELRRPGVDNLRRMGILKKILDQCKKQRRCLHCGAL
NGVVKKAAAGAGSAALKIIHDTFRWVGKKSAPEKDIWVGEWKEVLAHNPELERYVKRCMDDLNPLKTLNLFKQIKSADCE
LLGIDATVPSGRPETYIWRYLPAPPVCIRPSVMMQDSPASNEDDLTVKLTEIVWTSSLIKAGLDKGISINNMMEHWDYLQ
LTVAMYINSDSVNPAMLPGSSNGGGKVKPIRGFCQRLKGKQGRFRGNLSGKRVDFSGRTVISPDPNLSIDEVAVPDRVAK
VLTYPEKVTRYNRHKLQELIVNGPNVHPGANYLLKRNEDARRNLRYGDRMKLAKNLQIGDVVERHLEDGDVVLFNRQPSL
HRLSILSHYAKIRPWRTFRLNECVCTPYNADFDGDEMNLHVPQTEEARAEAINLMGVKNNLLTPKSGEPIIAATQDFITG
SYLISHKDSFYDRATLTQLLSMMSDGIEHFDIPPPAIMKPYYLWTGKQVFSLLIKPNHNSPVVINLDAKNKVFVPPKSKS
LPNEMSQNDGFVIIRGSQILSGVMDKSVLGDGKKHSVFYTILRDYGPQEAANAMNRMAKLCARFLGNRGFSIGINDVTPA
DDLKQKKEELVEIAYHKCDELITLFNKGELETQPGCNEEQTLEAKIGGLLSKVREEVGDVCINELDNWNAPLIMATCGSK
GSTLNVSQMVAVVGQQIISGNRVPDGFQDRSLPHFPKNSKTPQSKGFVRNSFFSGLSPPEFLFHAISGREGLVDTAVKTA
ETGYMSRRLMKSLEDLSCQYDNTVRTSANGIVQFTYGGDGLDPLEMEGNAQPVNFNRSWDHAYNITFNNQDKGLLPYAIM
ETANEILGPLEERLVRYDNSGCLVKREDLNKAEYVDQYDAERDFYHSLREYINGKATALANLRKSRGMLGLLEPPAKELQ
GIDPDETVPDNVKTSVSQLYRISEKSVRKFLEIALFKYRKARLEPGTAIGAIGAQSIGEPGTQMTLKTFHFAGVASMNVT
LGVPRIKEIINASKVISTPIINAVLVNDNDERAARVVKGRVEKTLLSDVAFYVQDVYKDNLSFIQVRIDLGTIDKLQLEL
TIEDIAVAITRASKLKIQASDVNIIGKDRIAINVFPEGYKAKSISTSAKEPSENDVFYRMQQLRRALPDVVVKGLPDISR
AVINIRDDGKRELLVEGYGLRDVMCTDGVIGSRTTTNHVLEVFSVLGIEAARYSIIREINYTMSNHGMSVDPRHIQLLGD
VMTYKGEVLGITRFGLSKMRDSVLQLASFEKTTDHLFDAAFYMKKDAVEGVSECIILGQTMSIGTGSFKVVKGTNISEKD
LVPKRCLFESLSNEAALKAN
;
A
2 'polypeptide(L)'
;MVAATKRRKTHIHKHVKDEAFDDLLKPVYKGKKLTDEINTAQDKWHLLPAFLKVKGLVKQHLDSFNYFVDTDLKKIIKAN
QLILSDVDPEFYLKYVDIRVGKKSSSSTKDYLTPPHECRLRDMTYSAPIYVDIEYTRGRNIIMHKDVEIGRMPIMLRSNK
CILYDADESKMAKLNECPLDPGGYFIVNGTEKVILVQEQLSKNRIIVEADEKKGIVQASVTSSTHERKSKTYVITKNGKI
YLKHNSIAEEIPIAIVLKACGILSDLEIMQLVCGNDSSYQDIFAVNLEESSKLDIYTQQQALEYIGAKVKTMRRQKLTIL
QEGIEAIATTVIAHLTVEALDFREKALYIAMMTRRVVMAMYNPKMIDDRDYVGNKRLELAGQLISLLFEDLFKKFNNDFK
LSIDKVLKKPNRAMEYDALLSINVHSNNITSGLNRAISTGNWSLKRFKMERAGVTHVLSRLSYISALGMMTRISSQFEKS
RKVSGPRALQPSQFGMLCTADTPEGEACGLVKNLALMTHITTDDEEEPIKKLCYVLGVEDITLIDSASLHLNYGVYLNGT
LIGSIRFPTKFVTQFRHLRRTGKVSEFISIYSNSHQMAVHIATDGGRICRPLIIVSDGQSRVKDIHLRKLLDGELDFDDF
LKLGLVEYLDVNEENDSYIALYEKDIVPSMTHLEIEPFTILGAVAGLIPYPHHNQSPRNTYQCAMGKQAIGAIAYNQFKR
IDTLLYLMTYPQQPMVKTKTIELIDYDKLPAGQNATVAVMSYSGYDIEDALVLNKSSIDRGFGRCETRRKTTTVLKRYAN
HTQDIIGGMRVDENGDPIWQHQSLGPDGLGEVGMKVQSGQIYINKSVPTNSADAPNPNNVNVQTQYREAPVIYRGPEPSH
IDQVMMSVSDNDQALIKVLLRQNRRPELGDKFSSRHGQKGVCGIIVKQEDMPFNDQGIVPDIIMNPHGFPSRMTVGKMIE
LISGKAGVLNGTLEYGTCFGGSKLEDMSKILVDQGFNYSGKDMLYSGITGECLQAYIFFGPIYYQKLKHMVLDKMHARAR
GPRAVLTRQPTEGRSRDGGLRLGEMERDCVIAYGASQLLLERLMISSDAFEVDVCDKCGLMGYSGWCTTCKSAENIIKMT
IPYAAKLLFQELLSMNIAPRLRLEDIFQQ
;
B
3 'polypeptide(L)'
;MSNIVGIEYNRVTNTTSTDFPGFSKDAENEWNVEKFKKDFEVNISSLDAREANFDLINIDTSIANAFRRIMISEVPSVAA
EYVYFFNNTSVIQDEVLAHRIGLVPLKVDPDMLTWVDSNLPDDEKFTDENTIVLSLNVKCTRNPDAPKGSTDPKELYNNA
HVYARDLKFEPQGRQSTTFADCPVVPADPDILLAKLRPGQEISLKAHCILGIGGDHAKFSPVSTASYRLLPQINILQPIK
GESARRFQKCFPPGVIGIDEGSDEAYVKDARKDTVSREVLRYEEFADKVKLGRVRNHFIFNVESAGAMTPEEIFFKSVRI
LKNKAEYLKNCPITQ
;
C
4 'polypeptide(L)'
;MKVLEERNAFLSDYEVLKFLTDLEKKHLWDQKSLAALKKSRSKGKQNRPYNHPELQGITRNVVNYLSINKNFINQEDEGE
ERESSGAKDAEKSGISKMSDESFAELMTKLNSFKLFKAEKLQIVNQLPANMVHLYSIVEECDARFDEKTIEEMLEIISGY
A
;
D
5 'polypeptide(L)'
;MDQENERNISRLWRAFRTVKEMVKDRGYFITQEEVELPLEDFKAKYCDSMGRPQRKMMSFQANPTEESISKFPDMGSLWV
EFCDEPSVGVKTMKTFVIHIQEKNFQTGIFVYQNNITPSAMKLVPSIPPATIETFNEAALVVNITHHELVPKHIRLSSDE
KRELLKRYRLKESQLPRIQRADPVALYLGLKRGEVVKIIRKSETSGRYASYRICM
;
E
6 'polypeptide(L)'
;MSDYEEAFNDGNENFEDFDVEHFSDEETYEEKPQFKDGETTDANGKTIVTGGNGPEDFQQHEQIRRKTLKEKAIPKDQRA
TTPYMTKYERARILGTRALQISMNAPVFVDLEGETDPLRIAMKELAEKKIPLVIRRYLPDGSFEDWSVEELIVDL
;
F
7 'polypeptide(L)'
;MFILSKIADLVRIPPDQFHRDTISAITHQLNNKFANKIIPNVGLCITIYDLLTVEEGQLKPGDGSSYINVTFRAVVFKPF
LGEIVTGWISKCTAEGIKVSLLGIFDDIFIPQNMLFEGCYYTPEESAWIWPMDEETKLYFDVNEKIRFRIEREVFVDVKP
KSPKERELEERAQLENEIEGKNEETPQNEKPPAYALLGSCQTDGMGLVSWWE
;
G
8 'polypeptide(L)'
;MSNTLFDDIFQVSEVDPGRYNKVCRIEAASTTQDQCKLTLDINVELFPVAAQDSLTVTIASSLNLEDTPANDSSATRSWR
PPQAGDRSLADDYDYVMYGTAYKFEEVSKDLIAVYYSFGGLLMRLEGNYRNLNNLKQENAYLLIRR
;
H
9 'polypeptide(L)'
;MLSFCPSCNNMLLITSGDSGVYTLACRSCPYEFPIEGIEIYDRKKLPRKEVDDVLGGGWDNVDQTKTQCPNYDTCGGESA
YFFQLQIRSADEPMTTFYKCVNCGHRWKEN
;
I
10 'polypeptide(L)' MIVPVRCFSCGKVVGDKWESYLNLLQEDELDEGTALSRLGLKRYCCRRMILTHVDLIEKFLRYNPLEKRD J
11 'polypeptide(L)'
;MTEDIEQKKTATEVTPQEPKHIQEEEEQDVDMTGDEEQEEEPDREKIKLLTQATSEDGTSASFQIVEEDHTLGNALRYVI
MKNPDVEFCGYSIPHPSENLLNIRIQTYGETTAVDALQKGLKDLMDLCDVVESKFTEKIKSM
;
K
12 'polypeptide(L)' MSREGFQIPTNLDAAAAGTSQARTATLKYICAECSSKLSLSRTDAVRCKDCGHRILLKARTKRLVQFEAR L
13 'polypeptide(L)'
;MSIDNKLFVTEEDEEDRTQDRADVEDESNDIDMIADENGTNSAIANEQEEKSEEVKAEDDTGEEEEDDPVIEEFPLKISG
EEESLHVFQYANRPRLVGRKPAEHPFISAARYKPKSHLWEIDIPLDEQAFYNKDKAESEWNGVNVQTLKGVGVENNGQYA
AFVKDMQVYLVPIERVAQLKPFFKYIDDANVTRKQEDARRNPNPSSQRAQVVTMSVKSVNDPSQNRLTGSLLAHKVADEE
ANIELTWAEGTFEQFKDTIVKEAEDKTLVALEKQEDYIDNLV
;
M
14 'polypeptide(L)'
;MSSNKGNGRLPSLKDSSSNGGGSAKPSLKFKPKAVARKSKEEREAAASKVKLEEESKRGNDKKHFNNKNKRVTGAGGQQR
RMAKYLNNTHVISSGPLAAGNFVSEKGDLRRGFIKSEGSGSSLVQKGLETIDNGAESSENEAEDDDNEGVASKSKKKFNM
GKEFEARNLIEDEDDGESEKSSDVDMDDEEWRSKRIEQLFPVRPVRVRHEDVETVKREIQEALSEKPTREPTPSVKTEPV
GTGLQSYLEERERQVNEKLADLGLEKEFQSVDGKEAAAELELLNADHQHILRKLKKMNNKPERFMVFQLPTRLPAFERPA
VKEEKEDMETQASDPSKKKKNIKKKDTKDALSTRELAGKVGSIRVHKSGKLSVKIGNVVMDIGKGAETTFLQDVIALSIA
DDASSAELLGRVDGKIVVTPQI
;
N
15 'polypeptide(L)'
;MDELLGEALSAENQTGESTVESEKLVTPEDVMTISSLEQRTLNPDLFLYKELVKAHLGERAASVIGMLVALGRLSVRELV
EKIDGMDVDSVKTTLVSLTQLRCVKYLQETAISGKKTTYYYYNEEGIHILLYSGLIIDEIITQMRVNDEEEHKQLVAEIV
QNVISLGSLTVEDYLSSVTSDSMKYTISSLFVQLCEMGYLIQISKLHYTPIEDLWQFLYEKHYKNIPRNSPLSDLKKRSQ
AKMNAKTDFAKIINKPNELSQILTVDPKTSLRIVKPTVSLTINLDRFMKGRRSKQLINLAKTRVGSVTAQVYKIALRLTE
QKSPKIRDPLTQTGLLQDLEEAKSFQDEAELVEEKTPGLTFNAIDLARHLPAELDLRGSLLSRKPSDNKKRSGSNAAASL
PSKKLKTEDGFVIPALPAAVSKSLQESGDTQEEDEEEEDLDADTEDPHSASLINSHLKILASSNFPFLNETKPGVYYVPY
SKLMPVLKSSVYEYVIASTLGPSAMRLSRCIRDNKLVSEKIINSTALMKEKDIRSTLASLIRYNSVEIQEVPRTADRSAS
RAVFLFRCKETHSYNFMRQNLEWNMANLLFKKEKLKQENSTLLKKANRDDVKGRENELLLPSELNQLKMVNERELNVFAR
LSRLLSLWEVFQMA
;
O
16 'polypeptide(L)'
;MSGMIENGLQLSDNAKTLHSQMMSKGIGALFTQQELQKQMGIGSLTDLMSIVQELLDKNLIKLVKQNDELKFQGVLESEA
QKKATMSAEEALVYSYIEASGREGIWSKTIKARTNLHQHVVLKCLKSLESQRYVKSVKSVKFPTRKIYMLYSLQPSVDIT
GGPWFTDGELDIEFINSLLTIVWRFISENTFPNGFKNFENGPKKNVFYAPNVKNYSTTQEILEFITAAQVANVELTPSNI
RSLCEVLVYDDKLEKVTHDCYRVTLESILQMNQGEGEPEAGNKALEDEEEFSIFNYFKMFPASKHDKEVVYFDEWTI
;
P
17 'polypeptide(L)'
;MSSYRGGSRGGGSNYMSNLPFGLGYGDVGKNHITEFPSIPLPINGPITNKERSLAVKYINFGKTVKDGP(UNK)(UNK)
(UNK)(UNK)(UNK)(UNK)(UNK)(UNK)(UNK)(UNK)(UNK)(UNK)(UNK)(UNK)(UNK)(UNK)(UNK)(UNK)
(UNK)(UNK)(UNK)(UNK)(UNK)(UNK)(UNK)(UNK)(UNK)(UNK)(UNK)(UNK)(UNK)(UNK)(UNK)(UNK)
(UNK)
;
Q
18 'polydeoxyribonucleotide'
;(DA)(DA)(DG)(DT)(DC)(DA)(DA)(DG)(DT)(DA)(DC)(DT)(DT)(DA)(DC)(DG)(DC)(DC)(DT)(DG)
(DG)(DT)(DC)
;
R
19 'polydeoxyribonucleotide' (DG)(DA)(DA)(DA)(DG)(DT)(DA)(DC)(DT)(DT)(DG)(DA)(DC)(DT)(DT) S
20 'polyribonucleotide' AGACCAGGC T
#
loop_
_chem_comp.id
_chem_comp.type
_chem_comp.name
_chem_comp.formula
A RNA linking ADENOSINE-5'-MONOPHOSPHATE 'C10 H14 N5 O7 P'
C RNA linking CYTIDINE-5'-MONOPHOSPHATE 'C9 H14 N3 O8 P'
DA DNA linking 2'-DEOXYADENOSINE-5'-MONOPHOSPHATE 'C10 H14 N5 O6 P'
DC DNA linking 2'-DEOXYCYTIDINE-5'-MONOPHOSPHATE 'C9 H14 N3 O7 P'
DG DNA linking 2'-DEOXYGUANOSINE-5'-MONOPHOSPHATE 'C10 H14 N5 O7 P'
DT DNA linking THYMIDINE-5'-MONOPHOSPHATE 'C10 H15 N2 O8 P'
G RNA linking GUANOSINE-5'-MONOPHOSPHATE 'C10 H14 N5 O8 P'
ZN non-polymer 'ZINC ION' 'Zn 2'
#
# COMPACT_ATOMS: atom_id res chain seq x y z
N LYS A 2 -5.49 21.08 58.24
CA LYS A 2 -4.65 20.90 57.05
C LYS A 2 -5.29 19.92 56.06
N GLU A 3 -4.47 19.38 55.18
CA GLU A 3 -4.90 18.35 54.23
C GLU A 3 -6.05 18.83 53.34
N VAL A 4 -5.72 19.73 52.41
CA VAL A 4 -6.70 20.35 51.52
C VAL A 4 -7.30 19.32 50.55
N VAL A 5 -8.48 19.64 50.02
CA VAL A 5 -9.20 18.75 49.11
C VAL A 5 -8.59 18.73 47.71
N VAL A 6 -8.80 17.63 47.00
CA VAL A 6 -8.32 17.49 45.62
C VAL A 6 -9.46 17.08 44.70
N SER A 7 -9.50 17.65 43.49
CA SER A 7 -10.56 17.36 42.54
C SER A 7 -10.02 16.85 41.21
N GLU A 8 -10.89 16.22 40.42
CA GLU A 8 -10.51 15.70 39.12
C GLU A 8 -11.69 15.73 38.14
N THR A 9 -11.39 15.90 36.86
CA THR A 9 -12.42 15.95 35.82
C THR A 9 -11.98 15.17 34.58
N PRO A 10 -12.90 14.42 33.97
CA PRO A 10 -12.62 13.74 32.69
C PRO A 10 -12.38 14.74 31.56
N LYS A 11 -11.37 14.50 30.74
CA LYS A 11 -11.00 15.43 29.67
C LYS A 11 -10.79 14.73 28.33
N ARG A 12 -11.42 15.25 27.29
CA ARG A 12 -11.21 14.75 25.93
C ARG A 12 -10.19 15.60 25.18
N ILE A 13 -10.04 15.34 23.89
CA ILE A 13 -9.10 16.07 23.06
C ILE A 13 -9.82 16.90 22.00
N LYS A 14 -9.58 18.21 22.00
CA LYS A 14 -10.11 19.06 20.94
C LYS A 14 -9.00 19.75 20.16
N GLY A 15 -8.81 19.33 18.93
CA GLY A 15 -7.89 19.99 18.01
C GLY A 15 -6.43 19.90 18.40
N LEU A 16 -5.57 20.43 17.55
CA LEU A 16 -4.17 20.62 17.87
C LEU A 16 -3.74 21.99 17.35
N GLU A 17 -2.50 22.38 17.65
CA GLU A 17 -1.94 23.61 17.12
C GLU A 17 -0.54 23.36 16.58
N PHE A 18 -0.36 23.54 15.27
CA PHE A 18 0.94 23.33 14.66
C PHE A 18 1.68 24.64 14.48
N SER A 19 2.99 24.61 14.74
CA SER A 19 3.82 25.80 14.76
C SER A 19 5.27 25.43 15.04
N ALA A 20 6.15 26.43 15.04
CA ALA A 20 7.55 26.20 15.34
C ALA A 20 7.92 26.84 16.69
N LEU A 21 8.39 26.00 17.62
CA LEU A 21 8.87 26.47 18.92
C LEU A 21 10.06 27.39 18.73
N SER A 22 10.04 28.58 19.31
CA SER A 22 11.14 29.51 19.11
C SER A 22 12.02 29.77 20.31
N ALA A 23 13.17 29.12 20.34
CA ALA A 23 14.35 29.53 21.11
C ALA A 23 14.14 29.61 22.63
N ALA A 24 12.88 29.72 23.05
CA ALA A 24 12.52 29.78 24.46
C ALA A 24 12.37 28.39 25.05
N ASP A 25 11.74 27.52 24.27
CA ASP A 25 11.22 26.25 24.76
C ASP A 25 12.31 25.19 24.97
N ILE A 26 13.27 25.13 24.05
CA ILE A 26 14.29 24.10 24.09
C ILE A 26 15.22 24.29 25.30
N VAL A 27 15.50 25.54 25.65
CA VAL A 27 16.33 25.84 26.81
C VAL A 27 15.49 25.73 28.09
N ALA A 28 14.18 25.83 27.93
CA ALA A 28 13.25 25.67 29.05
C ALA A 28 13.04 24.18 29.34
N GLN A 29 12.94 23.38 28.29
CA GLN A 29 12.80 21.94 28.42
C GLN A 29 14.15 21.29 28.68
N SER A 30 15.21 22.09 28.60
CA SER A 30 16.57 21.59 28.75
C SER A 30 16.85 21.05 30.15
N GLU A 31 17.35 19.82 30.20
CA GLU A 31 17.79 19.22 31.45
C GLU A 31 19.29 19.45 31.60
N VAL A 32 20.05 18.86 30.68
CA VAL A 32 21.50 19.06 30.65
C VAL A 32 21.93 19.75 29.36
N GLU A 33 23.23 19.99 29.23
CA GLU A 33 23.79 20.54 28.01
C GLU A 33 24.85 19.59 27.46
N VAL A 34 24.89 19.45 26.13
CA VAL A 34 25.82 18.54 25.49
C VAL A 34 27.28 18.86 25.85
N SER A 35 27.76 20.01 25.40
CA SER A 35 29.15 20.44 25.57
C SER A 35 30.12 19.36 25.11
N THR A 36 31.23 19.22 25.83
CA THR A 36 32.28 18.26 25.49
C THR A 36 32.59 18.29 23.99
N ARG A 37 32.73 17.10 23.40
CA ARG A 37 32.66 16.89 21.96
C ARG A 37 32.90 15.41 21.61
N ASP A 38 32.39 15.01 20.45
CA ASP A 38 32.56 13.65 19.90
C ASP A 38 32.34 12.60 20.99
N LEU A 39 33.19 11.57 21.00
CA LEU A 39 33.58 10.91 22.24
C LEU A 39 32.47 10.69 23.26
N PHE A 40 31.75 9.57 23.17
CA PHE A 40 30.57 9.32 24.03
C PHE A 40 30.83 9.60 25.51
N ASP A 41 32.09 9.90 25.84
CA ASP A 41 32.51 10.39 27.16
C ASP A 41 32.35 9.28 28.17
N LEU A 42 32.80 8.10 27.78
CA LEU A 42 32.86 6.96 28.66
C LEU A 42 33.80 7.28 29.81
N GLU A 43 33.34 7.10 31.05
CA GLU A 43 34.26 7.10 32.17
C GLU A 43 35.13 5.88 31.98
N LYS A 44 36.43 6.03 32.23
CA LYS A 44 37.40 5.04 31.78
C LYS A 44 37.56 3.85 32.72
N ASP A 45 36.76 3.81 33.79
CA ASP A 45 36.85 2.70 34.73
C ASP A 45 35.89 1.56 34.42
N ARG A 46 34.61 1.76 34.70
CA ARG A 46 33.57 0.74 34.46
C ARG A 46 32.83 1.00 33.14
N ALA A 47 33.31 1.99 32.39
CA ALA A 47 32.70 2.47 31.15
C ALA A 47 31.23 2.92 31.21
N PRO A 48 30.86 3.75 32.21
CA PRO A 48 29.58 4.47 32.12
C PRO A 48 29.70 5.76 31.29
N LYS A 49 28.58 6.25 30.76
CA LYS A 49 28.56 7.53 30.06
C LYS A 49 28.50 8.71 31.04
N ALA A 50 29.12 9.83 30.68
CA ALA A 50 29.08 11.02 31.52
C ALA A 50 28.82 12.27 30.67
N ASN A 51 27.75 12.99 31.00
CA ASN A 51 27.34 14.19 30.27
C ASN A 51 27.26 13.90 28.77
N GLY A 52 27.70 14.83 27.94
CA GLY A 52 27.75 14.62 26.50
C GLY A 52 26.41 14.26 25.89
N ALA A 53 26.45 13.53 24.77
CA ALA A 53 25.23 13.08 24.09
C ALA A 53 24.40 12.13 24.95
N LEU A 54 25.00 11.01 25.34
CA LEU A 54 24.34 10.04 26.20
C LEU A 54 24.89 10.17 27.62
N ASP A 55 24.04 9.95 28.62
CA ASP A 55 24.29 10.49 29.96
C ASP A 55 23.28 9.96 30.97
N PRO A 56 23.71 9.78 32.23
CA PRO A 56 22.87 9.27 33.31
C PRO A 56 21.50 9.92 33.38
N LYS A 57 21.39 11.23 33.14
CA LYS A 57 20.08 11.79 32.92
C LYS A 57 19.90 12.31 31.50
N MET A 58 19.32 11.46 30.65
CA MET A 58 18.60 11.86 29.46
C MET A 58 17.39 10.94 29.37
N GLY A 59 17.71 9.67 29.16
CA GLY A 59 16.79 8.55 29.18
C GLY A 59 17.66 7.36 29.53
N VAL A 60 17.10 6.15 29.52
CA VAL A 60 17.90 4.99 29.91
C VAL A 60 17.73 3.80 28.96
N SER A 61 18.86 3.23 28.55
CA SER A 61 18.87 2.11 27.62
C SER A 61 18.91 0.74 28.30
N SER A 62 19.10 0.72 29.62
CA SER A 62 19.26 -0.55 30.33
C SER A 62 18.37 -0.65 31.57
N SER A 63 18.28 -1.85 32.12
CA SER A 63 17.31 -2.18 33.16
C SER A 63 17.59 -1.56 34.53
N SER A 64 18.83 -1.19 34.82
CA SER A 64 19.12 -0.61 36.13
C SER A 64 19.23 0.91 36.04
N LEU A 65 20.39 1.40 35.61
CA LEU A 65 20.56 2.76 35.09
C LEU A 65 19.72 3.85 35.78
N GLU A 66 20.03 4.18 37.03
CA GLU A 66 19.29 5.23 37.73
C GLU A 66 19.36 6.55 36.96
N CYS A 67 18.20 7.13 36.69
CA CYS A 67 18.06 8.30 35.83
C CYS A 67 18.54 9.59 36.49
N ALA A 68 18.36 9.66 37.81
CA ALA A 68 18.81 10.77 38.67
C ALA A 68 17.97 12.04 38.49
N THR A 69 17.20 12.12 37.41
CA THR A 69 16.16 13.13 37.32
C THR A 69 14.96 12.59 38.09
N CYS A 70 14.70 11.31 37.86
CA CYS A 70 13.68 10.55 38.55
C CYS A 70 14.22 9.16 38.83
N HIS A 71 13.43 8.32 39.49
CA HIS A 71 13.89 6.97 39.79
C HIS A 71 12.89 5.92 39.32
N GLY A 72 13.34 4.68 39.21
CA GLY A 72 12.49 3.60 38.75
C GLY A 72 12.83 3.15 37.33
N ASN A 73 13.84 3.79 36.75
CA ASN A 73 14.40 3.46 35.44
C ASN A 73 13.37 3.20 34.32
N LEU A 74 13.56 2.10 33.61
CA LEU A 74 12.76 1.77 32.42
C LEU A 74 11.25 1.77 32.64
N ALA A 75 10.81 1.21 33.77
CA ALA A 75 9.39 1.02 34.00
C ALA A 75 8.71 2.28 34.51
N SER A 76 9.49 3.34 34.72
CA SER A 76 8.95 4.61 35.18
C SER A 76 9.27 5.74 34.21
N CYS A 77 10.56 6.03 34.06
CA CYS A 77 11.03 7.09 33.19
C CYS A 77 10.60 6.89 31.74
N HIS A 78 10.30 7.98 31.05
CA HIS A 78 9.90 7.92 29.65
C HIS A 78 10.95 8.58 28.77
N GLY A 79 11.11 9.89 28.92
CA GLY A 79 12.13 10.62 28.18
C GLY A 79 12.31 12.03 28.69
N HIS A 80 13.49 12.59 28.43
CA HIS A 80 13.79 13.97 28.81
C HIS A 80 14.54 14.67 27.68
N PHE A 81 14.40 15.98 27.61
CA PHE A 81 14.98 16.75 26.50
C PHE A 81 16.15 17.63 26.92
N GLY A 82 17.06 17.86 25.97
CA GLY A 82 18.21 18.72 26.18
C GLY A 82 18.58 19.36 24.86
N HIS A 83 19.33 20.45 24.90
CA HIS A 83 19.60 21.21 23.68
C HIS A 83 21.06 21.17 23.25
N LEU A 84 21.34 21.81 22.12
CA LEU A 84 22.68 21.87 21.56
C LEU A 84 22.93 23.24 20.92
N LYS A 85 24.12 23.79 21.15
CA LYS A 85 24.46 25.09 20.57
C LYS A 85 25.14 24.94 19.22
N LEU A 86 24.56 25.57 18.20
CA LEU A 86 25.11 25.51 16.86
C LEU A 86 25.76 26.84 16.48
N ALA A 87 27.06 26.82 16.21
CA ALA A 87 27.77 28.01 15.79
C ALA A 87 27.20 28.52 14.46
N LEU A 88 26.78 29.78 14.46
CA LEU A 88 26.13 30.43 13.32
C LEU A 88 24.75 29.81 13.07
N PRO A 89 23.83 30.60 12.48
CA PRO A 89 22.49 30.08 12.18
C PRO A 89 22.47 29.15 10.97
N VAL A 90 22.83 27.89 11.18
CA VAL A 90 22.79 26.89 10.13
C VAL A 90 21.38 26.77 9.55
N PHE A 91 21.30 26.62 8.23
CA PHE A 91 20.02 26.68 7.52
C PHE A 91 19.15 25.44 7.74
N HIS A 92 17.85 25.61 7.48
CA HIS A 92 16.87 24.53 7.66
C HIS A 92 16.82 23.60 6.44
N ILE A 93 15.84 22.70 6.43
CA ILE A 93 15.67 21.75 5.33
C ILE A 93 14.23 21.75 4.80
N GLY A 94 13.27 21.41 5.64
CA GLY A 94 11.88 21.32 5.22
C GLY A 94 11.25 22.65 4.89
N TYR A 95 11.55 23.67 5.68
CA TYR A 95 10.98 25.00 5.48
C TYR A 95 11.66 25.74 4.33
N PHE A 96 12.70 25.14 3.77
CA PHE A 96 13.50 25.74 2.70
C PHE A 96 12.64 26.19 1.52
N LYS A 97 11.66 25.38 1.13
CA LYS A 97 10.76 25.75 0.05
C LYS A 97 9.93 26.97 0.43
N ALA A 98 9.48 27.01 1.68
CA ALA A 98 8.72 28.14 2.18
C ALA A 98 9.63 29.31 2.52
N THR A 99 10.91 29.01 2.74
CA THR A 99 11.88 30.04 3.06
C THR A 99 12.17 30.90 1.83
N ILE A 100 12.00 30.32 0.65
CA ILE A 100 12.15 31.07 -0.59
C ILE A 100 10.99 32.05 -0.76
N GLN A 101 9.80 31.61 -0.33
CA GLN A 101 8.60 32.42 -0.47
C GLN A 101 8.56 33.57 0.54
N ILE A 102 9.06 33.33 1.74
CA ILE A 102 9.14 34.38 2.76
C ILE A 102 10.24 35.37 2.37
N LEU A 103 11.16 34.91 1.54
CA LEU A 103 12.26 35.73 1.04
C LEU A 103 11.87 36.40 -0.27
N GLN A 104 10.73 35.99 -0.82
CA GLN A 104 10.25 36.48 -2.10
C GLN A 104 9.56 37.84 -1.99
N GLY A 105 8.41 37.86 -1.30
CA GLY A 105 7.59 39.05 -1.20
C GLY A 105 8.24 40.24 -0.52
N ILE A 106 9.36 40.01 0.13
CA ILE A 106 10.08 41.07 0.83
C ILE A 106 11.20 41.64 -0.03
N CYS A 107 11.32 42.98 -0.05
CA CYS A 107 12.41 43.61 -0.79
C CYS A 107 13.66 43.66 0.09
N LYS A 108 14.80 43.32 -0.49
CA LYS A 108 16.02 43.10 0.27
C LYS A 108 16.63 44.37 0.88
N ASN A 109 16.46 45.50 0.21
CA ASN A 109 17.09 46.76 0.62
C ASN A 109 16.66 47.23 2.02
N CYS A 110 15.36 47.44 2.18
CA CYS A 110 14.81 47.90 3.44
C CYS A 110 14.34 46.74 4.31
N SER A 111 14.30 45.55 3.71
CA SER A 111 13.75 44.36 4.35
C SER A 111 12.33 44.59 4.87
N ALA A 112 11.45 45.07 3.98
CA ALA A 112 10.05 45.28 4.30
C ALA A 112 9.15 44.90 3.12
N ILE A 113 7.85 44.81 3.37
CA ILE A 113 6.90 44.45 2.31
C ILE A 113 6.80 45.55 1.25
N LEU A 114 6.79 45.14 -0.01
CA LEU A 114 6.83 46.09 -1.12
C LEU A 114 5.45 46.43 -1.70
N LEU A 115 4.39 45.93 -1.08
CA LEU A 115 3.04 46.15 -1.62
C LEU A 115 2.58 47.59 -1.40
N SER A 116 1.40 47.92 -1.91
CA SER A 116 0.93 49.31 -1.88
C SER A 116 -0.55 49.48 -1.49
N GLU A 117 -0.78 50.18 -0.37
CA GLU A 117 -2.10 50.69 0.04
C GLU A 117 -3.27 49.72 -0.16
N THR A 118 -4.26 50.16 -0.93
CA THR A 118 -5.53 49.46 -1.13
C THR A 118 -5.37 47.98 -1.49
N ASP A 119 -4.29 47.66 -2.21
CA ASP A 119 -3.95 46.28 -2.52
C ASP A 119 -3.91 45.46 -1.23
N LYS A 120 -3.01 45.84 -0.33
CA LYS A 120 -2.91 45.22 0.99
C LYS A 120 -4.23 45.31 1.75
N ARG A 121 -4.90 46.45 1.64
CA ARG A 121 -6.16 46.69 2.34
C ARG A 121 -7.27 45.76 1.85
N GLN A 122 -7.24 45.45 0.55
CA GLN A 122 -8.25 44.58 -0.05
C GLN A 122 -8.06 43.13 0.38
N PHE A 123 -6.82 42.66 0.33
CA PHE A 123 -6.50 41.28 0.69
C PHE A 123 -6.68 41.03 2.18
N LEU A 124 -6.35 42.02 3.00
CA LEU A 124 -6.52 41.92 4.44
C LEU A 124 -7.99 41.75 4.81
N HIS A 125 -8.86 42.32 3.98
CA HIS A 125 -10.31 42.19 4.17
C HIS A 125 -10.81 40.84 3.69
N GLU A 126 -10.17 40.32 2.65
CA GLU A 126 -10.55 39.04 2.05
C GLU A 126 -10.49 37.88 3.04
N LEU A 127 -9.29 37.57 3.53
CA LEU A 127 -9.06 36.41 4.39
C LEU A 127 -9.84 36.47 5.70
N ARG A 128 -10.32 37.65 6.08
CA ARG A 128 -11.00 37.80 7.36
C ARG A 128 -12.51 37.56 7.22
N ARG A 129 -12.94 37.18 6.02
CA ARG A 129 -14.30 36.68 5.82
C ARG A 129 -14.47 35.46 6.75
N PRO A 130 -15.56 35.42 7.52
CA PRO A 130 -15.63 34.49 8.67
C PRO A 130 -15.47 33.02 8.30
N GLY A 131 -16.20 32.51 7.33
CA GLY A 131 -15.92 31.18 6.83
C GLY A 131 -14.88 31.21 5.72
N VAL A 132 -13.94 30.28 5.75
CA VAL A 132 -12.94 30.12 4.70
C VAL A 132 -12.52 28.65 4.58
N ASP A 133 -12.37 28.16 3.35
CA ASP A 133 -11.77 26.84 3.11
C ASP A 133 -10.24 26.94 3.09
N ASN A 134 -9.56 25.85 3.41
CA ASN A 134 -8.10 25.80 3.35
C ASN A 134 -7.59 26.11 1.94
N LEU A 135 -8.41 25.79 0.94
CA LEU A 135 -8.08 26.06 -0.46
C LEU A 135 -7.94 27.56 -0.71
N ARG A 136 -8.75 28.36 -0.03
CA ARG A 136 -8.70 29.80 -0.17
C ARG A 136 -7.40 30.38 0.37
N ARG A 137 -6.83 29.72 1.38
CA ARG A 137 -5.55 30.13 1.93
C ARG A 137 -4.44 30.05 0.88
N MET A 138 -4.27 28.87 0.30
CA MET A 138 -3.24 28.64 -0.71
C MET A 138 -3.51 29.43 -1.98
N GLY A 139 -4.76 29.81 -2.19
CA GLY A 139 -5.15 30.59 -3.35
C GLY A 139 -4.68 32.03 -3.27
N ILE A 140 -4.91 32.66 -2.13
CA ILE A 140 -4.53 34.06 -1.94
C ILE A 140 -3.04 34.21 -1.65
N LEU A 141 -2.50 33.33 -0.82
CA LEU A 141 -1.09 33.36 -0.47
C LEU A 141 -0.20 33.12 -1.70
N LYS A 142 -0.78 32.51 -2.72
CA LYS A 142 -0.15 32.39 -4.02
C LYS A 142 -0.23 33.74 -4.74
N LYS A 143 -1.46 34.19 -4.94
CA LYS A 143 -1.76 35.48 -5.58
C LYS A 143 -0.88 36.62 -5.05
N ILE A 144 -0.98 36.91 -3.77
CA ILE A 144 -0.19 37.97 -3.15
C ILE A 144 1.30 37.84 -3.48
N LEU A 145 1.78 36.61 -3.64
CA LEU A 145 3.19 36.37 -3.93
C LEU A 145 3.51 36.55 -5.41
N ASP A 146 2.51 36.44 -6.28
CA ASP A 146 2.75 36.66 -7.71
C ASP A 146 2.48 38.13 -8.07
N GLN A 147 1.95 38.86 -7.11
CA GLN A 147 1.68 40.29 -7.29
C GLN A 147 2.96 41.11 -7.13
N CYS A 148 3.87 40.60 -6.30
CA CYS A 148 5.14 41.29 -6.04
C CYS A 148 6.19 40.95 -7.09
N LYS A 149 5.82 40.10 -8.04
CA LYS A 149 6.72 39.70 -9.12
C LYS A 149 6.85 40.80 -10.16
N LYS A 150 5.71 41.41 -10.50
CA LYS A 150 5.65 42.38 -11.60
C LYS A 150 6.16 43.76 -11.20
N GLN A 151 6.06 44.10 -9.92
CA GLN A 151 6.42 45.44 -9.48
C GLN A 151 7.93 45.60 -9.35
N ARG A 152 8.49 46.53 -10.12
CA ARG A 152 9.91 46.80 -10.10
C ARG A 152 10.23 47.97 -9.17
N ARG A 153 9.20 48.50 -8.51
CA ARG A 153 9.35 49.71 -7.71
C ARG A 153 8.97 49.53 -6.24
N CYS A 154 9.95 49.74 -5.36
CA CYS A 154 9.72 49.74 -3.92
C CYS A 154 9.13 51.10 -3.55
N LEU A 155 8.27 51.14 -2.53
CA LEU A 155 7.46 52.33 -2.27
C LEU A 155 8.15 53.44 -1.48
N HIS A 156 8.28 53.25 -0.18
CA HIS A 156 8.67 54.32 0.72
C HIS A 156 10.15 54.33 1.09
N CYS A 157 10.89 53.35 0.57
CA CYS A 157 12.25 53.13 1.05
C CYS A 157 13.31 53.04 -0.05
N GLY A 158 14.19 54.04 -0.09
CA GLY A 158 15.42 53.98 -0.83
C GLY A 158 15.36 53.48 -2.26
N ALA A 159 16.32 52.63 -2.61
CA ALA A 159 16.37 52.00 -3.92
C ALA A 159 15.63 50.67 -3.89
N LEU A 160 15.79 49.88 -4.95
CA LEU A 160 15.08 48.62 -5.09
C LEU A 160 15.95 47.52 -5.71
N ASN A 161 15.35 46.37 -5.98
CA ASN A 161 16.07 45.23 -6.52
C ASN A 161 15.19 44.27 -7.31
N GLY A 162 15.75 43.11 -7.66
CA GLY A 162 15.07 42.15 -8.50
C GLY A 162 14.41 41.00 -7.74
N VAL A 163 14.34 39.84 -8.40
CA VAL A 163 13.65 38.68 -7.85
C VAL A 163 14.66 37.66 -7.31
N VAL A 164 14.14 36.57 -6.72
CA VAL A 164 14.98 35.49 -6.23
C VAL A 164 14.52 34.14 -6.80
N LYS A 165 15.34 33.54 -7.65
CA LYS A 165 14.95 32.30 -8.33
C LYS A 165 15.51 31.02 -7.72
N LYS A 166 16.34 31.14 -6.68
CA LYS A 166 16.90 29.98 -5.99
C LYS A 166 17.66 29.05 -6.94
N ALA A 167 18.82 29.51 -7.40
CA ALA A 167 19.62 28.72 -8.35
C ALA A 167 20.76 27.98 -7.65
N ALA A 168 21.01 26.75 -8.10
CA ALA A 168 22.08 25.92 -7.54
C ALA A 168 22.52 24.86 -8.54
N ALA A 175 22.90 21.48 -3.72
CA ALA A 175 21.66 22.18 -3.43
C ALA A 175 21.79 22.98 -2.13
N LEU A 176 20.64 23.44 -1.64
CA LEU A 176 20.56 24.24 -0.42
C LEU A 176 21.41 25.51 -0.52
N LYS A 177 21.59 25.99 -1.75
CA LYS A 177 22.33 27.22 -1.99
C LYS A 177 21.40 28.28 -2.56
N ILE A 178 21.13 29.31 -1.77
CA ILE A 178 20.18 30.35 -2.18
C ILE A 178 20.90 31.56 -2.79
N ILE A 179 20.64 31.79 -4.08
CA ILE A 179 21.23 32.90 -4.80
C ILE A 179 20.17 33.65 -5.59
N HIS A 180 20.03 34.94 -5.34
CA HIS A 180 19.01 35.74 -6.02
C HIS A 180 19.60 36.58 -7.14
N ASP A 181 19.18 36.32 -8.37
CA ASP A 181 19.74 37.05 -9.51
C ASP A 181 19.03 38.38 -9.70
N THR A 182 19.79 39.47 -9.59
CA THR A 182 19.24 40.76 -10.00
C THR A 182 19.38 40.78 -11.51
N PHE A 183 18.25 40.84 -12.20
CA PHE A 183 18.22 40.52 -13.62
C PHE A 183 17.01 41.13 -14.32
N ARG A 184 17.05 41.18 -15.65
CA ARG A 184 15.99 41.76 -16.45
C ARG A 184 15.76 43.22 -16.10
N TRP A 185 16.87 43.95 -15.96
CA TRP A 185 16.82 45.38 -15.72
C TRP A 185 16.27 46.06 -16.97
N VAL A 186 15.78 47.29 -16.84
CA VAL A 186 15.19 48.01 -17.96
C VAL A 186 16.18 48.09 -19.12
N GLY A 187 15.75 47.63 -20.29
CA GLY A 187 16.63 47.50 -21.44
C GLY A 187 17.13 48.82 -21.98
N LYS A 188 18.45 48.97 -22.02
CA LYS A 188 19.11 50.17 -22.53
C LYS A 188 18.62 51.44 -21.86
N LYS A 189 18.20 51.32 -20.59
CA LYS A 189 17.78 52.47 -19.80
C LYS A 189 18.64 52.57 -18.55
N SER A 190 19.38 53.66 -18.43
CA SER A 190 20.33 53.80 -17.32
C SER A 190 19.62 53.99 -15.98
N ALA A 191 19.92 53.09 -15.04
CA ALA A 191 19.41 53.19 -13.68
C ALA A 191 20.40 53.97 -12.82
N PRO A 192 19.89 54.64 -11.77
CA PRO A 192 20.79 55.35 -10.85
C PRO A 192 21.70 54.38 -10.10
N GLU A 193 21.22 53.16 -9.87
CA GLU A 193 21.99 52.13 -9.19
C GLU A 193 23.00 51.46 -10.12
N LYS A 194 22.63 51.31 -11.39
CA LYS A 194 23.49 50.66 -12.36
C LYS A 194 24.77 51.45 -12.61
N ASP A 195 24.64 52.77 -12.61
CA ASP A 195 25.80 53.65 -12.82
C ASP A 195 26.83 53.45 -11.72
N ILE A 196 26.36 53.16 -10.51
CA ILE A 196 27.25 52.82 -9.42
C ILE A 196 27.75 51.39 -9.59
N TRP A 197 26.84 50.49 -9.94
CA TRP A 197 27.13 49.08 -10.20
C TRP A 197 28.30 48.90 -11.16
N VAL A 198 28.15 49.38 -12.39
CA VAL A 198 29.20 49.27 -13.40
C VAL A 198 30.45 50.02 -12.96
N GLY A 199 30.27 51.06 -12.15
CA GLY A 199 31.39 51.83 -11.62
C GLY A 199 32.17 51.06 -10.58
N GLU A 200 31.48 50.16 -9.87
CA GLU A 200 32.11 49.32 -8.86
C GLU A 200 33.09 48.33 -9.50
N TRP A 201 32.67 47.70 -10.58
CA TRP A 201 33.48 46.70 -11.26
C TRP A 201 34.67 47.33 -11.98
N LYS A 202 34.55 48.60 -12.34
CA LYS A 202 35.63 49.31 -13.01
C LYS A 202 36.86 49.45 -12.11
N GLU A 203 36.64 49.40 -10.80
CA GLU A 203 37.74 49.47 -9.84
C GLU A 203 38.29 48.08 -9.53
N VAL A 204 37.58 47.06 -10.01
CA VAL A 204 38.01 45.69 -9.85
C VAL A 204 38.86 45.28 -11.05
N LEU A 205 38.25 45.33 -12.24
CA LEU A 205 38.92 44.97 -13.48
C LEU A 205 40.15 45.84 -13.77
N ALA A 206 40.29 46.95 -13.05
CA ALA A 206 41.46 47.80 -13.20
C ALA A 206 42.71 47.15 -12.60
N HIS A 207 42.56 46.61 -11.39
CA HIS A 207 43.68 46.00 -10.68
C HIS A 207 44.12 44.68 -11.32
N ASN A 208 43.16 43.77 -11.51
CA ASN A 208 43.46 42.46 -12.08
C ASN A 208 42.40 42.04 -13.10
N PRO A 209 42.53 42.50 -14.35
CA PRO A 209 41.56 42.28 -15.43
C PRO A 209 41.35 40.81 -15.76
N GLU A 210 42.27 39.96 -15.33
CA GLU A 210 42.26 38.54 -15.67
C GLU A 210 41.04 37.78 -15.18
N LEU A 211 40.78 37.83 -13.88
CA LEU A 211 39.85 36.91 -13.24
C LEU A 211 38.37 37.27 -13.40
N GLU A 212 38.05 38.55 -13.36
CA GLU A 212 36.64 38.98 -13.38
C GLU A 212 35.99 38.75 -14.74
N ARG A 213 36.71 39.04 -15.81
CA ARG A 213 36.19 38.80 -17.16
C ARG A 213 36.14 37.31 -17.45
N TYR A 214 37.02 36.56 -16.78
CA TYR A 214 37.08 35.11 -16.94
C TYR A 214 35.76 34.46 -16.57
N VAL A 215 35.25 34.80 -15.39
CA VAL A 215 33.94 34.31 -14.94
C VAL A 215 33.16 35.42 -14.25
N LYS A 216 31.87 35.54 -14.59
CA LYS A 216 31.05 36.63 -14.07
C LYS A 216 29.56 36.33 -14.20
N ARG A 217 28.73 37.34 -13.91
CA ARG A 217 27.28 37.27 -14.08
C ARG A 217 26.62 36.22 -13.19
N CYS A 218 27.15 36.05 -11.98
CA CYS A 218 26.54 35.16 -10.99
C CYS A 218 25.63 35.94 -10.04
N MET A 219 25.62 37.26 -10.21
CA MET A 219 24.79 38.17 -9.41
C MET A 219 25.06 38.06 -7.91
N ASP A 220 23.99 38.04 -7.12
CA ASP A 220 24.11 38.08 -5.67
C ASP A 220 23.36 36.98 -4.92
N ASP A 221 23.98 36.46 -3.88
CA ASP A 221 23.35 35.44 -3.03
C ASP A 221 22.96 36.00 -1.68
N LEU A 222 22.38 35.15 -0.82
CA LEU A 222 22.06 35.54 0.53
C LEU A 222 22.54 34.48 1.53
N ASN A 223 23.47 34.88 2.40
CA ASN A 223 23.96 33.98 3.44
C ASN A 223 22.91 33.76 4.52
N PRO A 224 22.77 32.51 4.99
CA PRO A 224 21.80 32.14 6.03
C PRO A 224 21.84 33.04 7.26
N LEU A 225 23.01 33.58 7.58
CA LEU A 225 23.16 34.49 8.71
C LEU A 225 22.54 35.85 8.40
N LYS A 226 22.79 36.36 7.20
CA LYS A 226 22.37 37.70 6.84
C LYS A 226 20.90 37.78 6.42
N THR A 227 20.33 36.64 6.01
CA THR A 227 18.91 36.58 5.71
C THR A 227 18.13 36.42 7.01
N LEU A 228 18.83 35.96 8.05
CA LEU A 228 18.24 35.86 9.38
C LEU A 228 18.21 37.25 10.01
N ASN A 229 19.26 38.03 9.73
CA ASN A 229 19.30 39.42 10.16
C ASN A 229 18.36 40.27 9.31
N LEU A 230 17.98 39.72 8.15
CA LEU A 230 17.03 40.38 7.26
C LEU A 230 15.59 40.09 7.68
N PHE A 231 15.43 39.06 8.52
CA PHE A 231 14.12 38.68 9.03
C PHE A 231 13.81 39.35 10.36
N LYS A 232 14.79 40.03 10.93
CA LYS A 232 14.65 40.62 12.27
C LYS A 232 14.11 42.05 12.24
N GLN A 233 13.88 42.58 11.05
CA GLN A 233 13.31 43.91 10.92
C GLN A 233 11.80 43.85 11.00
N ILE A 234 11.17 43.12 10.07
CA ILE A 234 9.72 43.05 10.07
C ILE A 234 9.21 42.29 11.29
N LYS A 235 8.40 42.99 12.07
CA LYS A 235 7.68 42.42 13.20
C LYS A 235 6.39 43.21 13.31
N SER A 236 5.37 42.60 13.92
CA SER A 236 4.03 43.16 13.89
C SER A 236 3.62 43.39 12.43
N ALA A 237 3.11 44.58 12.14
CA ALA A 237 2.70 44.95 10.79
C ALA A 237 1.79 43.88 10.19
N ASP A 238 2.22 43.31 9.06
CA ASP A 238 1.54 42.14 8.53
C ASP A 238 2.51 41.00 8.23
N CYS A 239 2.46 39.95 9.04
CA CYS A 239 3.08 38.68 8.70
C CYS A 239 2.00 37.74 8.17
N GLU A 240 0.76 38.25 8.19
CA GLU A 240 -0.41 37.46 7.84
C GLU A 240 -0.47 37.19 6.33
N LEU A 241 -0.04 38.17 5.54
CA LEU A 241 0.05 38.00 4.10
C LEU A 241 1.17 37.04 3.75
N LEU A 242 2.08 36.84 4.70
CA LEU A 242 3.19 35.92 4.52
C LEU A 242 2.85 34.54 5.08
N GLY A 243 1.66 34.42 5.67
CA GLY A 243 1.17 33.15 6.16
C GLY A 243 1.35 32.94 7.66
N ILE A 244 2.04 33.87 8.31
CA ILE A 244 2.33 33.74 9.74
C ILE A 244 1.42 34.64 10.58
N ASP A 245 0.56 34.03 11.37
CA ASP A 245 -0.28 34.77 12.31
C ASP A 245 0.40 34.86 13.66
N ALA A 246 0.34 36.03 14.29
CA ALA A 246 1.01 36.19 15.58
C ALA A 246 0.05 36.43 16.73
N THR A 247 -0.10 35.39 17.55
CA THR A 247 -0.62 35.52 18.91
C THR A 247 0.58 35.55 19.85
N VAL A 248 1.75 35.52 19.20
CA VAL A 248 3.10 35.54 19.79
C VAL A 248 3.40 34.67 21.04
N PRO A 249 3.02 33.38 21.03
CA PRO A 249 3.84 32.50 21.86
C PRO A 249 5.18 32.32 21.16
N SER A 250 5.11 32.30 19.84
CA SER A 250 6.26 32.17 18.95
C SER A 250 6.69 33.55 18.45
N GLY A 251 7.99 33.71 18.23
CA GLY A 251 8.56 35.01 17.90
C GLY A 251 8.57 35.38 16.43
N ARG A 252 7.66 34.79 15.65
CA ARG A 252 7.49 35.10 14.23
C ARG A 252 8.68 34.53 13.43
N PRO A 253 8.58 34.48 12.08
CA PRO A 253 9.54 33.64 11.37
C PRO A 253 11.01 34.05 11.44
N GLU A 254 11.53 34.13 12.66
CA GLU A 254 12.98 34.09 12.89
C GLU A 254 13.33 32.65 13.24
N THR A 255 12.30 31.81 13.31
CA THR A 255 12.40 30.47 13.87
C THR A 255 12.63 29.40 12.81
N TYR A 256 12.60 29.81 11.54
CA TYR A 256 12.70 28.87 10.45
C TYR A 256 14.16 28.59 10.10
N ILE A 257 15.06 29.20 10.87
CA ILE A 257 16.48 28.94 10.73
C ILE A 257 17.03 28.33 12.02
N TRP A 258 17.80 27.26 11.90
CA TRP A 258 18.35 26.58 13.07
C TRP A 258 19.33 27.45 13.84
N ARG A 259 19.10 27.57 15.15
CA ARG A 259 20.06 28.19 16.05
C ARG A 259 20.36 27.20 17.17
N TYR A 260 19.32 26.91 17.95
CA TYR A 260 19.36 25.83 18.93
C TYR A 260 19.03 24.51 18.23
N LEU A 261 18.75 23.49 19.02
CA LEU A 261 18.45 22.16 18.50
C LEU A 261 18.01 21.24 19.65
N PRO A 262 16.94 20.47 19.41
CA PRO A 262 16.35 19.55 20.38
C PRO A 262 16.98 18.16 20.32
N ALA A 263 18.13 17.98 20.97
CA ALA A 263 18.76 16.66 21.03
C ALA A 263 17.80 15.64 21.64
N PRO A 264 17.45 14.60 20.85
CA PRO A 264 16.45 13.61 21.23
C PRO A 264 16.84 12.76 22.44
N PRO A 265 15.85 12.31 23.22
CA PRO A 265 16.06 11.41 24.35
C PRO A 265 16.62 10.05 23.93
N VAL A 266 16.85 9.17 24.90
CA VAL A 266 17.34 7.83 24.62
C VAL A 266 16.17 6.90 24.33
N CYS A 267 14.96 7.43 24.48
CA CYS A 267 13.76 6.67 24.17
C CYS A 267 13.47 6.73 22.67
N ILE A 268 14.13 7.67 21.99
CA ILE A 268 14.03 7.78 20.53
C ILE A 268 14.84 6.66 19.90
N ARG A 269 16.15 6.68 20.14
CA ARG A 269 16.98 5.52 19.85
C ARG A 269 17.73 5.10 21.12
N PRO A 270 17.80 3.79 21.36
CA PRO A 270 18.53 3.24 22.49
C PRO A 270 19.95 2.84 22.11
N SER A 271 20.70 2.30 23.06
CA SER A 271 21.95 1.65 22.75
C SER A 271 21.66 0.15 22.58
N VAL A 272 21.75 -0.34 21.36
CA VAL A 272 21.33 -1.71 21.07
C VAL A 272 22.24 -2.72 21.76
N MET A 273 21.62 -3.64 22.50
CA MET A 273 22.34 -4.65 23.26
C MET A 273 22.04 -6.03 22.71
N MET A 274 22.53 -7.05 23.41
CA MET A 274 22.42 -8.45 23.00
C MET A 274 23.17 -8.69 21.69
N GLN A 275 22.52 -9.37 20.74
CA GLN A 275 23.14 -9.89 19.51
C GLN A 275 24.50 -10.53 19.85
N ASP A 276 24.49 -11.32 20.91
CA ASP A 276 25.69 -11.92 21.52
C ASP A 276 26.73 -10.86 21.87
N SER A 277 28.01 -11.22 21.67
CA SER A 277 29.15 -10.32 21.89
C SER A 277 29.31 -9.91 23.36
N PRO A 278 30.55 -9.59 23.77
CA PRO A 278 30.78 -9.02 25.10
C PRO A 278 30.86 -7.49 25.08
N ALA A 279 29.80 -6.80 24.64
CA ALA A 279 29.84 -5.35 24.54
C ALA A 279 28.46 -4.72 24.35
N SER A 280 28.45 -3.40 24.20
CA SER A 280 27.23 -2.65 23.90
C SER A 280 27.41 -1.87 22.61
N ASN A 281 26.32 -1.68 21.87
CA ASN A 281 26.39 -1.05 20.56
C ASN A 281 25.56 0.23 20.43
N GLU A 282 26.17 1.27 19.89
CA GLU A 282 25.48 2.53 19.61
C GLU A 282 24.58 2.42 18.38
N ASP A 283 23.66 3.37 18.23
CA ASP A 283 22.77 3.40 17.08
C ASP A 283 23.05 4.63 16.23
N ASP A 284 22.67 4.57 14.96
CA ASP A 284 23.05 5.58 13.97
C ASP A 284 22.74 7.03 14.38
N LEU A 285 21.57 7.25 14.99
CA LEU A 285 21.17 8.60 15.38
C LEU A 285 22.09 9.18 16.46
N THR A 286 22.66 8.30 17.28
CA THR A 286 23.58 8.73 18.31
C THR A 286 24.89 9.18 17.68
N VAL A 287 25.30 8.50 16.61
CA VAL A 287 26.52 8.84 15.89
C VAL A 287 26.39 10.19 15.20
N LYS A 288 25.18 10.50 14.74
CA LYS A 288 24.90 11.76 14.06
C LYS A 288 25.23 12.98 14.90
N LEU A 289 24.51 13.15 16.01
CA LEU A 289 24.63 14.36 16.83
C LEU A 289 25.96 14.45 17.58
N THR A 290 26.60 13.31 17.84
CA THR A 290 27.89 13.33 18.52
C THR A 290 28.97 13.79 17.54
N GLU A 291 28.70 13.62 16.25
CA GLU A 291 29.56 14.13 15.20
C GLU A 291 29.31 15.63 15.01
N ILE A 292 28.06 16.03 15.23
CA ILE A 292 27.65 17.42 15.09
C ILE A 292 28.41 18.32 16.07
N VAL A 293 28.52 17.86 17.33
CA VAL A 293 29.22 18.62 18.36
C VAL A 293 30.68 18.88 17.97
N TRP A 294 31.24 17.99 17.16
CA TRP A 294 32.61 18.14 16.69
C TRP A 294 32.68 19.24 15.62
N THR A 295 32.00 19.03 14.51
CA THR A 295 32.00 19.99 13.41
C THR A 295 31.42 21.35 13.81
N SER A 296 30.66 21.38 14.90
CA SER A 296 30.16 22.63 15.46
C SER A 296 31.27 23.36 16.18
N SER A 297 31.81 22.72 17.22
CA SER A 297 32.88 23.29 18.04
C SER A 297 34.14 23.61 17.23
N LEU A 298 34.21 23.07 16.01
CA LEU A 298 35.32 23.37 15.10
C LEU A 298 35.36 24.86 14.80
N ILE A 299 34.19 25.46 14.61
CA ILE A 299 34.09 26.89 14.39
C ILE A 299 34.24 27.64 15.70
N LYS A 300 33.71 27.05 16.77
CA LYS A 300 33.81 27.62 18.12
C LYS A 300 35.24 27.95 18.50
N ALA A 301 36.13 26.96 18.36
CA ALA A 301 37.54 27.16 18.63
C ALA A 301 38.15 28.13 17.61
N GLY A 302 37.71 28.03 16.37
CA GLY A 302 38.18 28.90 15.31
C GLY A 302 37.56 30.28 15.41
N LEU A 303 37.61 31.02 14.30
CA LEU A 303 36.97 32.33 14.16
C LEU A 303 37.75 33.42 14.92
N ASP A 304 38.64 33.01 15.80
CA ASP A 304 39.48 33.95 16.54
C ASP A 304 40.97 33.67 16.38
N LYS A 305 41.46 32.64 17.06
CA LYS A 305 42.88 32.36 17.12
C LYS A 305 43.56 32.13 15.76
N GLY A 306 43.23 31.02 15.12
CA GLY A 306 43.94 30.57 13.93
C GLY A 306 43.22 30.70 12.61
N ILE A 307 43.58 29.78 11.70
CA ILE A 307 43.02 29.58 10.37
C ILE A 307 42.88 30.86 9.53
N SER A 308 41.79 30.98 8.78
CA SER A 308 41.65 32.00 7.77
C SER A 308 40.19 32.22 7.36
N ILE A 309 40.01 32.98 6.28
CA ILE A 309 38.67 33.33 5.80
C ILE A 309 37.98 32.17 5.07
N ASN A 310 38.57 31.72 3.96
CA ASN A 310 37.86 30.86 3.03
C ASN A 310 37.95 29.35 3.34
N ASN A 311 38.71 29.00 4.36
CA ASN A 311 38.77 27.62 4.83
C ASN A 311 37.51 27.28 5.63
N MET A 312 37.29 28.03 6.70
CA MET A 312 36.11 27.89 7.56
C MET A 312 34.80 27.84 6.75
N MET A 313 34.76 28.55 5.63
CA MET A 313 33.58 28.68 4.79
C MET A 313 32.89 27.34 4.45
N GLU A 314 33.57 26.48 3.71
CA GLU A 314 32.95 25.24 3.25
C GLU A 314 32.67 24.29 4.40
N HIS A 315 33.38 24.46 5.51
CA HIS A 315 33.14 23.66 6.70
C HIS A 315 31.79 24.03 7.33
N TRP A 316 31.48 25.33 7.30
CA TRP A 316 30.18 25.80 7.76
C TRP A 316 29.10 25.44 6.74
N ASP A 317 29.51 25.34 5.48
CA ASP A 317 28.62 24.89 4.42
C ASP A 317 28.46 23.37 4.49
N TYR A 318 29.41 22.72 5.15
CA TYR A 318 29.34 21.28 5.38
C TYR A 318 28.40 20.98 6.54
N LEU A 319 28.19 21.97 7.40
CA LEU A 319 27.32 21.83 8.56
C LEU A 319 25.86 21.73 8.17
N GLN A 320 25.45 22.52 7.18
CA GLN A 320 24.08 22.51 6.72
C GLN A 320 23.78 21.24 5.94
N LEU A 321 24.84 20.56 5.52
CA LEU A 321 24.73 19.27 4.86
C LEU A 321 24.40 18.16 5.87
N THR A 322 25.06 18.22 7.02
CA THR A 322 24.89 17.21 8.06
C THR A 322 23.50 17.22 8.66
N VAL A 323 23.03 18.41 9.04
CA VAL A 323 21.72 18.55 9.68
C VAL A 323 20.59 18.22 8.70
N ALA A 324 20.78 18.57 7.43
CA ALA A 324 19.80 18.27 6.41
C ALA A 324 19.68 16.76 6.21
N MET A 325 20.82 16.09 6.18
CA MET A 325 20.86 14.63 6.07
C MET A 325 20.32 13.98 7.33
N TYR A 326 20.55 14.63 8.47
CA TYR A 326 20.14 14.11 9.77
C TYR A 326 18.62 13.85 9.83
N ILE A 327 17.82 14.87 9.53
CA ILE A 327 16.37 14.74 9.58
C ILE A 327 15.69 14.46 8.24
N ASN A 328 16.48 14.27 7.18
CA ASN A 328 15.90 14.03 5.85
C ASN A 328 16.69 13.04 5.01
N SER A 329 16.34 12.93 3.73
CA SER A 329 16.83 11.84 2.89
C SER A 329 17.80 12.27 1.77
N ASP A 330 17.25 12.93 0.75
CA ASP A 330 17.98 13.14 -0.50
C ASP A 330 18.85 14.39 -0.49
N SER A 331 18.89 15.09 0.64
CA SER A 331 19.73 16.27 0.78
C SER A 331 21.16 15.89 1.13
N VAL A 332 21.40 14.59 1.26
CA VAL A 332 22.70 14.07 1.69
C VAL A 332 23.76 14.20 0.60
N ASN A 333 23.34 14.17 -0.66
CA ASN A 333 24.30 14.19 -1.77
C ASN A 333 24.14 15.35 -2.74
N PRO A 334 24.38 16.58 -2.27
CA PRO A 334 24.43 17.77 -3.12
C PRO A 334 25.86 18.08 -3.52
N ALA A 335 26.40 17.34 -4.47
CA ALA A 335 27.79 17.50 -4.92
C ALA A 335 28.77 17.28 -3.76
N MET A 336 28.62 16.15 -3.07
CA MET A 336 29.49 15.80 -1.95
C MET A 336 29.81 14.30 -1.91
N LEU A 337 31.06 13.97 -1.61
CA LEU A 337 31.44 12.58 -1.32
C LEU A 337 32.41 12.54 -0.14
N PRO A 338 32.20 11.58 0.78
CA PRO A 338 33.21 11.38 1.83
C PRO A 338 34.48 10.69 1.30
N GLY A 339 35.65 11.27 1.55
CA GLY A 339 36.89 10.54 1.38
C GLY A 339 37.43 10.00 2.70
N SER A 340 38.11 8.86 2.64
CA SER A 340 39.04 8.49 3.71
C SER A 340 40.33 7.96 3.11
N SER A 341 40.23 6.73 2.61
CA SER A 341 41.23 6.06 1.81
C SER A 341 40.91 6.18 0.32
N ASN A 342 39.95 7.05 0.00
CA ASN A 342 39.11 6.94 -1.20
C ASN A 342 38.22 5.71 -1.03
N GLY A 343 38.32 4.73 -1.93
CA GLY A 343 37.46 3.56 -1.83
C GLY A 343 36.04 3.90 -2.22
N GLY A 344 35.06 3.55 -1.38
CA GLY A 344 33.68 3.76 -1.76
C GLY A 344 32.64 4.04 -0.70
N GLY A 345 31.57 4.71 -1.14
CA GLY A 345 30.43 5.12 -0.35
C GLY A 345 29.24 4.21 -0.52
N LYS A 346 28.05 4.83 -0.59
CA LYS A 346 26.79 4.16 -0.93
C LYS A 346 26.25 3.19 0.12
N VAL A 347 26.23 3.62 1.38
CA VAL A 347 25.46 2.92 2.40
C VAL A 347 24.06 3.52 2.47
N LYS A 348 23.05 2.72 2.13
CA LYS A 348 21.66 3.18 2.07
C LYS A 348 20.98 3.55 3.41
N PRO A 349 21.02 2.66 4.42
CA PRO A 349 20.18 2.85 5.62
C PRO A 349 20.50 4.08 6.48
N ILE A 350 21.61 4.76 6.23
CA ILE A 350 22.12 5.81 7.14
C ILE A 350 21.09 6.85 7.56
N ARG A 351 20.08 7.10 6.74
CA ARG A 351 19.02 8.03 7.08
C ARG A 351 18.36 7.62 8.41
N GLY A 352 18.37 8.54 9.38
CA GLY A 352 17.94 8.20 10.71
C GLY A 352 16.60 8.68 11.23
N PHE A 353 15.96 9.62 10.53
CA PHE A 353 14.79 10.28 11.09
C PHE A 353 13.53 10.20 10.23
N CYS A 354 13.55 10.87 9.09
CA CYS A 354 12.36 10.94 8.22
C CYS A 354 11.99 9.59 7.63
N GLN A 355 12.86 8.60 7.82
CA GLN A 355 12.66 7.26 7.29
C GLN A 355 11.84 6.41 8.26
N ARG A 356 12.33 6.23 9.47
CA ARG A 356 11.58 5.53 10.51
C ARG A 356 10.18 6.11 10.68
N LEU A 357 10.03 7.40 10.40
CA LEU A 357 8.74 8.08 10.48
C LEU A 357 7.98 7.97 9.16
N LYS A 358 8.67 7.56 8.11
CA LYS A 358 8.07 7.46 6.78
C LYS A 358 7.00 6.37 6.77
N GLY A 359 6.09 6.44 5.80
CA GLY A 359 4.95 5.56 5.76
C GLY A 359 5.28 4.11 5.52
N LYS A 360 4.25 3.28 5.38
CA LYS A 360 4.37 1.83 5.27
C LYS A 360 5.01 1.25 6.53
N GLN A 361 6.13 0.55 6.38
CA GLN A 361 6.69 -0.26 7.46
C GLN A 361 7.08 0.51 8.72
N GLY A 362 7.66 1.70 8.56
CA GLY A 362 8.33 2.34 9.67
C GLY A 362 7.50 2.82 10.85
N ARG A 363 6.58 3.75 10.63
CA ARG A 363 5.79 4.27 11.74
C ARG A 363 4.29 4.41 11.49
N PHE A 364 3.93 5.36 10.62
CA PHE A 364 2.56 5.85 10.52
C PHE A 364 1.56 4.80 10.05
N ARG A 365 1.90 4.07 9.01
CA ARG A 365 0.99 3.08 8.44
C ARG A 365 1.15 1.72 9.12
N GLY A 366 2.33 1.13 8.98
CA GLY A 366 2.59 -0.20 9.52
C GLY A 366 2.53 -0.32 11.03
N ASN A 367 3.22 0.57 11.74
CA ASN A 367 3.24 0.52 13.20
C ASN A 367 2.01 1.12 13.88
N LEU A 368 1.63 2.32 13.48
CA LEU A 368 0.65 3.11 14.24
C LEU A 368 -0.80 2.62 14.08
N SER A 369 -1.27 2.48 12.85
CA SER A 369 -2.63 1.99 12.59
C SER A 369 -2.59 0.50 12.31
N GLY A 370 -1.37 -0.04 12.27
CA GLY A 370 -1.12 -1.43 11.94
C GLY A 370 -0.82 -2.31 13.13
N LYS A 371 -1.34 -1.97 14.30
CA LYS A 371 -0.84 -2.54 15.55
C LYS A 371 -1.11 -4.04 15.66
N ARG A 372 -0.65 -4.62 16.77
CA ARG A 372 -0.69 -6.07 16.94
C ARG A 372 -1.70 -6.48 17.99
N VAL A 373 -2.32 -7.63 17.80
CA VAL A 373 -3.40 -8.10 18.67
C VAL A 373 -2.95 -9.19 19.63
N ASP A 374 -3.11 -8.93 20.93
CA ASP A 374 -2.78 -9.91 21.95
C ASP A 374 -3.94 -10.91 22.09
N PHE A 375 -3.75 -11.94 22.90
CA PHE A 375 -4.75 -12.99 23.09
C PHE A 375 -5.30 -13.51 21.75
N SER A 376 -4.45 -14.19 20.99
CA SER A 376 -4.83 -14.66 19.66
C SER A 376 -4.38 -16.10 19.40
N GLY A 377 -4.67 -16.59 18.21
CA GLY A 377 -4.31 -17.94 17.82
C GLY A 377 -4.49 -18.18 16.34
N ARG A 378 -3.81 -19.19 15.82
CA ARG A 378 -3.88 -19.52 14.40
C ARG A 378 -3.67 -21.02 14.19
N THR A 379 -4.33 -21.57 13.17
CA THR A 379 -4.32 -23.01 12.89
C THR A 379 -5.05 -23.27 11.57
N VAL A 380 -4.95 -24.48 11.06
CA VAL A 380 -5.56 -24.85 9.78
C VAL A 380 -7.07 -25.04 9.89
N ILE A 381 -7.68 -25.52 8.82
CA ILE A 381 -9.14 -25.64 8.74
C ILE A 381 -9.54 -27.10 8.47
N SER A 382 -10.82 -27.39 8.69
CA SER A 382 -11.37 -28.73 8.53
C SER A 382 -12.89 -28.69 8.74
N PRO A 383 -13.62 -29.46 7.92
CA PRO A 383 -15.09 -29.36 7.89
C PRO A 383 -15.79 -30.08 9.05
N ASP A 384 -17.13 -29.95 9.09
CA ASP A 384 -17.99 -30.68 10.01
C ASP A 384 -19.45 -30.26 9.75
N PRO A 385 -20.34 -31.25 9.59
CA PRO A 385 -21.80 -31.04 9.49
C PRO A 385 -22.47 -30.73 10.82
N ASN A 386 -21.91 -31.26 11.90
CA ASN A 386 -22.62 -31.32 13.18
C ASN A 386 -22.68 -29.99 13.91
N LEU A 387 -21.71 -29.12 13.65
CA LEU A 387 -21.71 -27.81 14.26
C LEU A 387 -22.69 -26.89 13.55
N SER A 388 -23.66 -26.38 14.30
CA SER A 388 -24.59 -25.39 13.76
C SER A 388 -23.84 -24.11 13.43
N ILE A 389 -24.36 -23.33 12.49
CA ILE A 389 -23.75 -22.06 12.15
C ILE A 389 -23.76 -21.15 13.37
N ASP A 390 -22.76 -20.27 13.44
CA ASP A 390 -22.40 -19.37 14.55
C ASP A 390 -21.65 -20.13 15.66
N GLU A 391 -21.45 -21.43 15.47
CA GLU A 391 -20.58 -22.20 16.36
C GLU A 391 -19.24 -22.50 15.72
N VAL A 392 -18.17 -22.35 16.49
CA VAL A 392 -16.81 -22.69 16.05
C VAL A 392 -16.09 -23.48 17.13
N ALA A 393 -15.66 -24.70 16.79
CA ALA A 393 -14.99 -25.56 17.76
C ALA A 393 -13.51 -25.21 17.92
N VAL A 394 -13.14 -24.87 19.15
CA VAL A 394 -11.75 -24.54 19.48
C VAL A 394 -11.13 -25.66 20.29
N PRO A 395 -9.98 -26.18 19.81
CA PRO A 395 -9.29 -27.27 20.51
C PRO A 395 -8.87 -26.88 21.92
N ASP A 396 -8.98 -27.82 22.86
CA ASP A 396 -8.71 -27.55 24.26
C ASP A 396 -7.24 -27.20 24.52
N ARG A 397 -6.37 -27.66 23.64
CA ARG A 397 -4.93 -27.47 23.81
C ARG A 397 -4.53 -26.00 23.67
N VAL A 398 -5.19 -25.29 22.75
CA VAL A 398 -4.95 -23.86 22.61
C VAL A 398 -5.92 -23.07 23.49
N ALA A 399 -6.88 -23.76 24.08
CA ALA A 399 -7.84 -23.14 24.96
C ALA A 399 -7.29 -23.01 26.38
N LYS A 400 -6.20 -23.74 26.65
CA LYS A 400 -5.53 -23.67 27.93
C LYS A 400 -4.72 -22.38 28.03
N VAL A 401 -4.14 -21.97 26.91
CA VAL A 401 -3.32 -20.76 26.86
C VAL A 401 -4.15 -19.54 26.47
N LEU A 402 -5.43 -19.76 26.16
CA LEU A 402 -6.31 -18.65 25.81
C LEU A 402 -7.21 -18.30 26.99
N THR A 403 -6.94 -17.16 27.62
CA THR A 403 -7.66 -16.74 28.82
C THR A 403 -8.77 -15.74 28.52
N TYR A 404 -9.33 -15.17 29.58
CA TYR A 404 -10.40 -14.18 29.50
C TYR A 404 -10.71 -13.68 30.91
N PRO A 405 -10.85 -12.36 31.08
CA PRO A 405 -11.07 -11.77 32.40
C PRO A 405 -12.48 -11.98 32.94
N GLU A 406 -12.59 -12.29 34.23
CA GLU A 406 -13.90 -12.45 34.86
C GLU A 406 -13.92 -11.83 36.25
N LYS A 407 -14.87 -10.93 36.48
CA LYS A 407 -15.06 -10.34 37.80
C LYS A 407 -16.21 -11.03 38.51
N VAL A 408 -15.91 -11.73 39.59
CA VAL A 408 -16.91 -12.54 40.28
C VAL A 408 -17.83 -11.71 41.16
N THR A 409 -19.12 -11.72 40.83
CA THR A 409 -20.10 -10.99 41.62
C THR A 409 -21.41 -11.74 41.84
N ARG A 410 -21.73 -12.01 43.11
CA ARG A 410 -23.08 -12.40 43.55
C ARG A 410 -23.57 -13.74 42.97
N TYR A 411 -22.89 -14.22 41.95
CA TYR A 411 -23.31 -15.43 41.23
C TYR A 411 -22.13 -16.38 41.07
N ASN A 412 -21.12 -15.91 40.36
CA ASN A 412 -19.92 -16.69 40.05
C ASN A 412 -19.21 -17.23 41.29
N ARG A 413 -19.51 -16.65 42.45
CA ARG A 413 -18.93 -17.05 43.73
C ARG A 413 -18.96 -18.55 43.95
N HIS A 414 -20.08 -19.17 43.62
CA HIS A 414 -20.24 -20.62 43.70
C HIS A 414 -19.23 -21.39 42.86
N LYS A 415 -19.32 -21.22 41.55
CA LYS A 415 -18.55 -22.05 40.61
C LYS A 415 -17.09 -21.60 40.44
N LEU A 416 -16.83 -20.30 40.47
CA LEU A 416 -15.49 -19.79 40.21
C LEU A 416 -14.48 -20.19 41.29
N GLN A 417 -14.96 -20.34 42.52
CA GLN A 417 -14.09 -20.78 43.61
C GLN A 417 -13.74 -22.26 43.42
N GLU A 418 -14.59 -22.97 42.69
CA GLU A 418 -14.33 -24.36 42.36
C GLU A 418 -13.33 -24.44 41.21
N LEU A 419 -13.34 -23.44 40.34
CA LEU A 419 -12.40 -23.35 39.24
C LEU A 419 -10.99 -23.06 39.74
N ILE A 420 -10.90 -22.39 40.89
CA ILE A 420 -9.61 -22.05 41.49
C ILE A 420 -8.92 -23.31 42.03
N VAL A 421 -9.67 -24.13 42.75
CA VAL A 421 -9.12 -25.33 43.37
C VAL A 421 -8.89 -26.43 42.33
N ASN A 422 -9.39 -26.21 41.12
CA ASN A 422 -9.28 -27.20 40.05
C ASN A 422 -7.86 -27.31 39.52
N GLY A 423 -7.22 -26.16 39.30
CA GLY A 423 -5.84 -26.14 38.84
C GLY A 423 -5.70 -25.85 37.35
N PRO A 424 -4.56 -25.25 36.97
CA PRO A 424 -4.28 -24.89 35.57
C PRO A 424 -3.67 -26.04 34.78
N ASN A 425 -4.31 -27.20 34.85
CA ASN A 425 -3.89 -28.36 34.06
C ASN A 425 -5.08 -28.93 33.31
N VAL A 426 -6.08 -29.40 34.07
CA VAL A 426 -7.34 -29.81 33.49
C VAL A 426 -8.04 -28.58 32.90
N HIS A 427 -8.94 -28.81 31.94
CA HIS A 427 -9.57 -27.72 31.20
C HIS A 427 -10.33 -26.70 32.08
N PRO A 428 -11.22 -27.16 32.98
CA PRO A 428 -11.96 -26.14 33.73
C PRO A 428 -11.15 -25.56 34.90
N GLY A 429 -10.27 -24.60 34.62
CA GLY A 429 -9.46 -24.00 35.66
C GLY A 429 -9.06 -22.57 35.36
N ALA A 430 -8.27 -21.97 36.25
CA ALA A 430 -7.84 -20.58 36.09
C ALA A 430 -6.32 -20.46 36.22
N ASN A 431 -5.71 -19.74 35.29
CA ASN A 431 -4.26 -19.56 35.28
C ASN A 431 -3.79 -18.35 36.08
N TYR A 432 -4.72 -17.48 36.45
CA TYR A 432 -4.35 -16.24 37.12
C TYR A 432 -5.42 -15.78 38.12
N LEU A 433 -5.00 -14.95 39.08
CA LEU A 433 -5.89 -14.39 40.08
C LEU A 433 -5.46 -12.97 40.41
N LEU A 434 -6.42 -12.06 40.56
CA LEU A 434 -6.11 -10.69 40.90
C LEU A 434 -7.02 -10.16 42.01
N LYS A 435 -6.41 -9.81 43.14
CA LYS A 435 -7.16 -9.29 44.29
C LYS A 435 -7.33 -7.77 44.22
N ARG A 436 -8.46 -7.30 44.72
CA ARG A 436 -8.82 -5.87 44.66
C ARG A 436 -7.88 -4.99 45.49
N ASN A 437 -7.00 -5.62 46.26
CA ASN A 437 -6.04 -4.88 47.08
C ASN A 437 -4.82 -4.45 46.27
N GLU A 438 -4.86 -4.78 44.98
CA GLU A 438 -3.84 -4.36 44.02
C GLU A 438 -2.45 -4.87 44.39
N ASP A 439 -2.25 -6.17 44.27
CA ASP A 439 -0.93 -6.75 44.35
C ASP A 439 -0.27 -6.60 42.98
N ALA A 440 0.93 -7.16 42.82
CA ALA A 440 1.53 -7.26 41.49
C ALA A 440 0.57 -8.04 40.60
N ARG A 441 0.42 -9.32 40.94
CA ARG A 441 -0.60 -10.21 40.39
C ARG A 441 -0.42 -11.57 41.06
N ARG A 442 -1.46 -12.40 41.04
CA ARG A 442 -1.32 -13.75 41.54
C ARG A 442 -1.47 -14.74 40.40
N ASN A 443 -0.34 -15.34 40.02
CA ASN A 443 -0.34 -16.41 39.03
C ASN A 443 -0.46 -17.73 39.74
N LEU A 444 -1.46 -18.52 39.39
CA LEU A 444 -1.60 -19.79 40.06
C LEU A 444 -1.06 -20.89 39.16
N ARG A 445 0.20 -21.24 39.40
CA ARG A 445 0.86 -22.41 38.83
C ARG A 445 1.75 -23.04 39.90
N TYR A 446 2.72 -22.23 40.30
CA TYR A 446 3.84 -22.60 41.15
C TYR A 446 3.47 -23.25 42.48
N GLY A 447 2.24 -23.04 42.93
CA GLY A 447 1.85 -23.49 44.25
C GLY A 447 0.50 -22.95 44.70
N ASP A 448 0.34 -22.83 46.01
CA ASP A 448 -0.88 -22.30 46.62
C ASP A 448 -2.12 -23.11 46.29
N ARG A 449 -3.09 -22.47 45.63
CA ARG A 449 -4.45 -23.00 45.47
C ARG A 449 -5.03 -23.29 46.84
N MET A 450 -5.76 -24.40 46.95
CA MET A 450 -6.29 -24.87 48.23
C MET A 450 -7.04 -23.78 49.00
N LYS A 451 -6.49 -23.42 50.17
CA LYS A 451 -7.07 -22.42 51.05
C LYS A 451 -7.36 -21.08 50.37
N LEU A 452 -6.60 -20.76 49.33
CA LEU A 452 -6.74 -19.48 48.63
C LEU A 452 -8.14 -19.28 48.06
N ALA A 453 -8.85 -20.37 47.81
CA ALA A 453 -10.19 -20.30 47.25
C ALA A 453 -11.26 -20.11 48.31
N LYS A 454 -10.85 -20.08 49.57
CA LYS A 454 -11.80 -19.94 50.68
C LYS A 454 -12.27 -18.49 50.85
N ASN A 455 -11.37 -17.54 50.65
CA ASN A 455 -11.71 -16.14 50.83
C ASN A 455 -12.41 -15.55 49.62
N LEU A 456 -11.64 -15.31 48.56
CA LEU A 456 -12.15 -14.81 47.28
C LEU A 456 -13.17 -13.69 47.42
N GLN A 457 -12.71 -12.50 47.83
CA GLN A 457 -13.59 -11.37 48.03
C GLN A 457 -14.19 -10.91 46.69
N ILE A 458 -15.34 -10.23 46.77
CA ILE A 458 -16.14 -9.87 45.60
C ILE A 458 -15.39 -9.05 44.55
N GLY A 459 -14.61 -8.07 45.00
CA GLY A 459 -14.00 -7.12 44.09
C GLY A 459 -12.79 -7.62 43.33
N ASP A 460 -12.54 -8.93 43.36
CA ASP A 460 -11.37 -9.49 42.70
C ASP A 460 -11.61 -9.78 41.22
N VAL A 461 -10.56 -10.24 40.55
CA VAL A 461 -10.63 -10.58 39.13
C VAL A 461 -9.84 -11.86 38.87
N VAL A 462 -10.47 -12.83 38.20
CA VAL A 462 -9.83 -14.11 37.92
C VAL A 462 -10.03 -14.51 36.46
N GLU A 463 -8.97 -14.96 35.81
CA GLU A 463 -9.05 -15.34 34.40
C GLU A 463 -9.29 -16.84 34.23
N ARG A 464 -10.50 -17.17 33.79
CA ARG A 464 -10.88 -18.56 33.51
C ARG A 464 -10.41 -19.01 32.13
N HIS A 465 -10.24 -20.32 31.97
CA HIS A 465 -9.97 -20.90 30.65
C HIS A 465 -11.17 -20.68 29.72
N LEU A 466 -10.90 -20.62 28.42
CA LEU A 466 -11.96 -20.48 27.44
C LEU A 466 -12.86 -21.71 27.43
N GLU A 467 -14.18 -21.49 27.38
CA GLU A 467 -15.13 -22.59 27.40
C GLU A 467 -16.35 -22.28 26.54
N ASP A 468 -17.36 -23.15 26.62
CA ASP A 468 -18.57 -23.01 25.83
C ASP A 468 -19.40 -21.82 26.29
N GLY A 469 -20.17 -21.25 25.37
CA GLY A 469 -21.04 -20.13 25.68
C GLY A 469 -20.36 -18.78 25.64
N ASP A 470 -19.15 -18.76 25.08
CA ASP A 470 -18.38 -17.52 24.97
C ASP A 470 -18.51 -16.91 23.58
N VAL A 471 -17.87 -15.76 23.38
CA VAL A 471 -17.92 -15.06 22.11
C VAL A 471 -16.53 -14.82 21.54
N VAL A 472 -16.30 -15.28 20.32
CA VAL A 472 -15.01 -15.08 19.66
C VAL A 472 -15.21 -14.75 18.18
N LEU A 473 -14.53 -13.70 17.72
CA LEU A 473 -14.66 -13.27 16.33
C LEU A 473 -13.65 -14.01 15.44
N PHE A 474 -14.09 -14.39 14.24
CA PHE A 474 -13.28 -15.17 13.32
C PHE A 474 -12.79 -14.32 12.16
N ASN A 475 -11.58 -14.61 11.67
CA ASN A 475 -10.97 -13.80 10.62
C ASN A 475 -10.08 -14.59 9.67
N ARG A 476 -10.11 -14.19 8.39
CA ARG A 476 -9.12 -14.67 7.42
C ARG A 476 -8.25 -13.50 7.01
N GLN A 477 -6.94 -13.75 6.93
CA GLN A 477 -5.96 -12.67 6.77
C GLN A 477 -6.09 -11.86 5.46
N PRO A 478 -6.22 -12.55 4.30
CA PRO A 478 -6.43 -11.72 3.11
C PRO A 478 -7.84 -11.13 3.06
N SER A 479 -8.06 -10.06 3.82
CA SER A 479 -9.39 -9.44 3.91
C SER A 479 -9.77 -8.73 2.61
N LEU A 480 -11.04 -8.85 2.25
CA LEU A 480 -11.55 -8.21 1.03
C LEU A 480 -12.71 -7.26 1.35
N HIS A 481 -13.80 -7.81 1.85
CA HIS A 481 -15.01 -7.02 2.09
C HIS A 481 -15.53 -7.15 3.52
N ARG A 482 -16.70 -6.56 3.76
CA ARG A 482 -17.32 -6.50 5.09
C ARG A 482 -17.63 -7.88 5.67
N LEU A 483 -17.74 -8.88 4.81
CA LEU A 483 -18.14 -10.22 5.24
C LEU A 483 -16.94 -11.05 5.67
N SER A 484 -15.78 -10.42 5.73
CA SER A 484 -14.57 -11.09 6.18
C SER A 484 -14.63 -11.32 7.69
N ILE A 485 -14.66 -10.24 8.46
CA ILE A 485 -14.75 -10.34 9.90
C ILE A 485 -16.15 -10.72 10.36
N LEU A 486 -16.26 -11.84 11.05
CA LEU A 486 -17.52 -12.27 11.66
C LEU A 486 -17.27 -12.65 13.11
N SER A 487 -18.34 -13.06 13.81
CA SER A 487 -18.23 -13.46 15.21
C SER A 487 -19.10 -14.67 15.49
N HIS A 488 -18.52 -15.66 16.17
CA HIS A 488 -19.25 -16.89 16.48
C HIS A 488 -19.17 -17.23 17.97
N TYR A 489 -19.89 -18.28 18.36
CA TYR A 489 -19.72 -18.90 19.66
C TYR A 489 -18.53 -19.86 19.60
N ALA A 490 -17.89 -20.11 20.74
CA ALA A 490 -16.78 -21.05 20.76
C ALA A 490 -17.22 -22.41 21.30
N LYS A 491 -16.30 -23.37 21.25
CA LYS A 491 -16.56 -24.73 21.70
C LYS A 491 -15.25 -25.41 22.07
N ILE A 492 -15.32 -26.52 22.79
CA ILE A 492 -14.12 -27.25 23.18
C ILE A 492 -14.15 -28.68 22.65
N ARG A 493 -13.21 -29.01 21.77
CA ARG A 493 -13.17 -30.33 21.15
C ARG A 493 -11.74 -30.91 21.16
N PRO A 494 -11.57 -32.17 20.73
CA PRO A 494 -10.22 -32.75 20.78
C PRO A 494 -9.31 -32.45 19.59
N TRP A 495 -8.17 -33.13 19.58
CA TRP A 495 -7.09 -32.97 18.60
C TRP A 495 -6.60 -31.53 18.47
N ARG A 496 -6.23 -31.14 17.25
CA ARG A 496 -5.87 -29.75 16.97
C ARG A 496 -6.33 -29.33 15.57
N THR A 497 -7.18 -28.29 15.52
CA THR A 497 -7.59 -27.64 14.28
C THR A 497 -8.64 -26.58 14.56
N PHE A 498 -8.86 -25.68 13.61
CA PHE A 498 -10.00 -24.78 13.68
C PHE A 498 -11.08 -25.29 12.72
N ARG A 499 -12.15 -25.82 13.28
CA ARG A 499 -13.22 -26.40 12.47
C ARG A 499 -14.52 -25.63 12.61
N LEU A 500 -15.16 -25.36 11.48
CA LEU A 500 -16.42 -24.63 11.45
C LEU A 500 -17.40 -25.28 10.48
N ASN A 501 -18.65 -24.84 10.54
CA ASN A 501 -19.69 -25.41 9.69
C ASN A 501 -19.39 -25.23 8.21
N GLU A 502 -19.76 -26.22 7.41
CA GLU A 502 -19.53 -26.19 5.98
C GLU A 502 -20.60 -25.38 5.26
N CYS A 503 -21.63 -24.99 6.01
CA CYS A 503 -22.69 -24.16 5.47
C CYS A 503 -22.13 -22.84 4.94
N VAL A 504 -21.10 -22.32 5.61
CA VAL A 504 -20.45 -21.12 5.11
C VAL A 504 -19.00 -21.38 4.67
N CYS A 505 -18.79 -21.50 3.37
CA CYS A 505 -17.46 -21.30 2.79
C CYS A 505 -17.40 -19.95 2.08
N THR A 506 -18.55 -19.30 1.97
CA THR A 506 -18.70 -18.11 1.14
C THR A 506 -18.03 -16.83 1.65
N PRO A 507 -18.27 -16.44 2.92
CA PRO A 507 -17.74 -15.12 3.31
C PRO A 507 -16.22 -15.09 3.37
N TYR A 508 -15.62 -16.18 3.82
CA TYR A 508 -14.17 -16.26 3.97
C TYR A 508 -13.50 -16.72 2.68
N ASN A 509 -14.31 -17.21 1.74
CA ASN A 509 -13.82 -17.85 0.53
C ASN A 509 -12.84 -18.96 0.91
N ALA A 510 -13.35 -19.97 1.60
CA ALA A 510 -12.51 -21.03 2.14
C ALA A 510 -12.62 -22.32 1.32
N ASP A 511 -11.52 -22.69 0.69
CA ASP A 511 -11.43 -23.94 -0.07
C ASP A 511 -10.88 -25.06 0.81
N PHE A 512 -10.74 -24.77 2.10
CA PHE A 512 -10.00 -25.64 3.02
C PHE A 512 -8.58 -25.78 2.50
N ASP A 513 -8.19 -27.00 2.11
CA ASP A 513 -6.92 -27.22 1.44
C ASP A 513 -5.72 -27.02 2.38
N GLY A 514 -6.03 -26.73 3.64
CA GLY A 514 -5.01 -26.37 4.61
C GLY A 514 -4.60 -24.91 4.57
N ASP A 515 -5.59 -24.04 4.46
CA ASP A 515 -5.38 -22.59 4.61
C ASP A 515 -5.18 -22.23 6.08
N GLU A 516 -5.08 -20.94 6.35
CA GLU A 516 -4.89 -20.48 7.73
C GLU A 516 -6.02 -19.53 8.15
N MET A 517 -6.31 -19.51 9.45
CA MET A 517 -7.39 -18.69 9.98
C MET A 517 -7.02 -17.99 11.28
N ASN A 518 -7.28 -16.69 11.35
CA ASN A 518 -7.01 -15.89 12.55
C ASN A 518 -8.07 -16.07 13.62
N LEU A 519 -7.69 -15.84 14.87
CA LEU A 519 -8.61 -15.97 16.00
C LEU A 519 -8.41 -14.83 17.01
N HIS A 520 -9.49 -14.14 17.35
CA HIS A 520 -9.43 -13.02 18.28
C HIS A 520 -10.51 -13.10 19.36
N VAL A 521 -10.08 -13.08 20.63
CA VAL A 521 -11.01 -13.09 21.75
C VAL A 521 -11.02 -11.76 22.49
N PRO A 522 -12.21 -11.14 22.59
CA PRO A 522 -12.38 -9.85 23.27
C PRO A 522 -12.07 -9.92 24.77
N GLN A 523 -12.18 -8.78 25.46
CA GLN A 523 -11.85 -8.72 26.88
C GLN A 523 -13.01 -8.24 27.73
N THR A 524 -13.33 -6.96 27.62
CA THR A 524 -14.39 -6.36 28.43
C THR A 524 -15.77 -6.89 28.03
N GLU A 525 -16.72 -6.80 28.96
CA GLU A 525 -18.08 -7.26 28.72
C GLU A 525 -18.76 -6.40 27.66
N GLU A 526 -18.37 -5.13 27.60
CA GLU A 526 -18.88 -4.18 26.62
C GLU A 526 -18.64 -4.67 25.18
N ALA A 527 -17.36 -4.78 24.82
CA ALA A 527 -16.97 -5.18 23.47
C ALA A 527 -17.43 -6.59 23.10
N ARG A 528 -17.58 -7.45 24.11
CA ARG A 528 -18.01 -8.82 23.86
C ARG A 528 -19.47 -8.86 23.44
N ALA A 529 -20.31 -8.10 24.13
CA ALA A 529 -21.73 -8.01 23.78
C ALA A 529 -21.91 -7.26 22.47
N GLU A 530 -20.96 -6.39 22.15
CA GLU A 530 -20.97 -5.64 20.90
C GLU A 530 -20.75 -6.54 19.70
N ALA A 531 -19.83 -7.49 19.83
CA ALA A 531 -19.44 -8.35 18.73
C ALA A 531 -20.55 -9.31 18.31
N ILE A 532 -21.15 -9.99 19.28
CA ILE A 532 -22.12 -11.04 18.99
C ILE A 532 -23.50 -10.49 18.63
N ASN A 533 -23.91 -9.40 19.25
CA ASN A 533 -25.25 -8.87 19.06
C ASN A 533 -25.37 -7.96 17.84
N LEU A 534 -24.23 -7.69 17.19
CA LEU A 534 -24.21 -6.82 16.02
C LEU A 534 -23.51 -7.51 14.85
N MET A 535 -22.22 -7.78 15.03
CA MET A 535 -21.39 -8.39 14.00
C MET A 535 -21.69 -9.88 13.82
N GLY A 536 -22.59 -10.40 14.66
CA GLY A 536 -22.94 -11.81 14.65
C GLY A 536 -23.42 -12.34 13.31
N VAL A 537 -23.25 -13.64 13.11
CA VAL A 537 -23.55 -14.29 11.83
C VAL A 537 -25.01 -14.16 11.41
N LYS A 538 -25.93 -14.35 12.35
CA LYS A 538 -27.35 -14.33 12.07
C LYS A 538 -27.80 -13.00 11.45
N ASN A 539 -27.21 -11.91 11.92
CA ASN A 539 -27.51 -10.58 11.38
C ASN A 539 -26.78 -10.32 10.07
N ASN A 540 -25.67 -11.01 9.87
CA ASN A 540 -24.83 -10.82 8.69
C ASN A 540 -25.18 -11.78 7.55
N LEU A 541 -26.25 -12.55 7.73
CA LEU A 541 -26.68 -13.56 6.77
C LEU A 541 -26.84 -12.99 5.36
N LEU A 542 -27.16 -11.71 5.26
CA LEU A 542 -27.34 -11.05 3.96
C LEU A 542 -26.11 -10.25 3.56
N THR A 543 -25.81 -10.24 2.27
CA THR A 543 -24.67 -9.48 1.76
C THR A 543 -24.93 -7.98 1.91
N PRO A 544 -23.87 -7.21 2.19
CA PRO A 544 -24.03 -5.77 2.41
C PRO A 544 -24.43 -4.99 1.15
N LYS A 545 -24.08 -5.49 -0.02
CA LYS A 545 -24.33 -4.75 -1.26
C LYS A 545 -25.64 -5.16 -1.96
N SER A 546 -25.66 -6.37 -2.53
CA SER A 546 -26.76 -6.80 -3.37
C SER A 546 -28.08 -6.97 -2.61
N GLY A 547 -27.99 -7.23 -1.31
CA GLY A 547 -29.17 -7.45 -0.50
C GLY A 547 -29.73 -8.84 -0.71
N GLU A 548 -28.87 -9.76 -1.15
CA GLU A 548 -29.24 -11.14 -1.39
C GLU A 548 -28.50 -12.04 -0.41
N PRO A 549 -29.07 -13.22 -0.07
CA PRO A 549 -28.36 -14.09 0.87
C PRO A 549 -27.02 -14.54 0.31
N ILE A 550 -25.95 -14.32 1.08
CA ILE A 550 -24.61 -14.66 0.65
C ILE A 550 -24.22 -16.05 1.15
N ILE A 551 -25.02 -16.61 2.04
CA ILE A 551 -24.69 -17.90 2.64
C ILE A 551 -25.85 -18.89 2.57
N ALA A 552 -25.54 -20.11 2.15
CA ALA A 552 -26.53 -21.18 2.01
C ALA A 552 -25.83 -22.52 1.82
N ALA A 553 -26.61 -23.56 1.57
CA ALA A 553 -26.07 -24.89 1.28
C ALA A 553 -25.21 -24.85 0.03
N THR A 554 -24.14 -25.64 0.01
CA THR A 554 -23.20 -25.63 -1.11
C THR A 554 -22.72 -27.03 -1.49
N GLN A 555 -22.45 -27.21 -2.78
CA GLN A 555 -21.91 -28.45 -3.33
C GLN A 555 -22.73 -29.68 -2.96
N ASP A 556 -22.13 -30.59 -2.21
CA ASP A 556 -22.75 -31.86 -1.83
C ASP A 556 -24.13 -31.68 -1.18
N PHE A 557 -24.31 -30.57 -0.48
CA PHE A 557 -25.58 -30.27 0.16
C PHE A 557 -26.66 -30.00 -0.86
N ILE A 558 -26.28 -29.36 -1.97
CA ILE A 558 -27.21 -29.01 -3.03
C ILE A 558 -27.62 -30.23 -3.85
N THR A 559 -26.63 -30.99 -4.30
CA THR A 559 -26.87 -32.18 -5.12
C THR A 559 -27.46 -33.31 -4.28
N GLY A 560 -27.26 -33.23 -2.96
CA GLY A 560 -27.81 -34.22 -2.06
C GLY A 560 -29.30 -34.02 -1.86
N SER A 561 -29.71 -32.76 -1.76
CA SER A 561 -31.13 -32.43 -1.60
C SER A 561 -31.90 -32.76 -2.87
N TYR A 562 -31.22 -32.67 -4.01
CA TYR A 562 -31.79 -33.03 -5.30
C TYR A 562 -32.29 -34.47 -5.32
N LEU A 563 -31.37 -35.41 -5.14
CA LEU A 563 -31.68 -36.83 -5.17
C LEU A 563 -32.76 -37.22 -4.15
N ILE A 564 -32.81 -36.51 -3.03
CA ILE A 564 -33.84 -36.75 -2.02
C ILE A 564 -35.21 -36.32 -2.53
N SER A 565 -35.28 -35.11 -3.07
CA SER A 565 -36.53 -34.54 -3.54
C SER A 565 -36.79 -34.89 -5.00
N HIS A 566 -35.93 -35.71 -5.58
CA HIS A 566 -36.06 -36.14 -6.97
C HIS A 566 -37.42 -36.76 -7.23
N LYS A 567 -38.03 -36.38 -8.35
CA LYS A 567 -39.39 -36.80 -8.69
C LYS A 567 -39.53 -38.32 -8.83
N ASP A 568 -38.41 -38.98 -9.12
CA ASP A 568 -38.41 -40.42 -9.36
C ASP A 568 -38.45 -41.24 -8.06
N SER A 569 -37.74 -40.76 -7.04
CA SER A 569 -37.54 -41.53 -5.82
C SER A 569 -38.78 -41.62 -4.93
N PHE A 570 -38.93 -42.77 -4.27
CA PHE A 570 -39.99 -42.97 -3.28
C PHE A 570 -39.39 -43.57 -2.01
N TYR A 571 -40.11 -43.48 -0.91
CA TYR A 571 -39.62 -44.01 0.37
C TYR A 571 -40.73 -44.66 1.19
N ASP A 572 -40.33 -45.43 2.19
CA ASP A 572 -41.28 -46.17 3.02
C ASP A 572 -41.20 -45.68 4.47
N ARG A 573 -42.25 -45.94 5.24
CA ARG A 573 -42.38 -45.45 6.61
C ARG A 573 -41.16 -45.72 7.48
N ALA A 574 -40.65 -46.95 7.42
CA ALA A 574 -39.48 -47.32 8.20
C ALA A 574 -38.24 -46.55 7.74
N THR A 575 -38.12 -46.38 6.43
CA THR A 575 -37.01 -45.63 5.86
C THR A 575 -37.18 -44.14 6.13
N LEU A 576 -38.41 -43.66 6.01
CA LEU A 576 -38.73 -42.27 6.28
C LEU A 576 -38.57 -41.95 7.76
N THR A 577 -38.80 -42.95 8.60
CA THR A 577 -38.67 -42.80 10.05
C THR A 577 -37.28 -42.30 10.45
N GLN A 578 -36.27 -43.11 10.16
CA GLN A 578 -34.89 -42.77 10.52
C GLN A 578 -34.43 -41.51 9.80
N LEU A 579 -34.92 -41.29 8.58
CA LEU A 579 -34.59 -40.09 7.83
C LEU A 579 -35.06 -38.84 8.56
N LEU A 580 -36.24 -38.90 9.14
CA LEU A 580 -36.74 -37.82 10.00
C LEU A 580 -35.94 -37.78 11.29
N SER A 581 -35.47 -38.94 11.73
CA SER A 581 -34.65 -39.03 12.93
C SER A 581 -33.21 -38.63 12.60
N MET A 582 -32.87 -38.65 11.32
CA MET A 582 -31.58 -38.13 10.87
C MET A 582 -31.65 -36.61 10.78
N MET A 583 -32.83 -36.10 10.43
CA MET A 583 -33.08 -34.67 10.40
C MET A 583 -32.91 -34.09 11.80
N SER A 584 -33.60 -34.69 12.77
CA SER A 584 -33.40 -34.36 14.17
C SER A 584 -33.04 -35.62 14.94
N ASP A 585 -31.82 -35.65 15.47
CA ASP A 585 -31.33 -36.81 16.21
C ASP A 585 -32.19 -37.11 17.44
N GLY A 586 -32.97 -36.12 17.87
CA GLY A 586 -33.88 -36.26 18.98
C GLY A 586 -34.45 -34.92 19.38
N ILE A 587 -34.93 -34.84 20.62
CA ILE A 587 -35.37 -33.59 21.25
C ILE A 587 -36.63 -33.00 20.60
N GLU A 588 -37.03 -33.53 19.45
CA GLU A 588 -38.16 -32.96 18.72
C GLU A 588 -39.24 -34.00 18.38
N HIS A 589 -40.49 -33.55 18.36
CA HIS A 589 -41.62 -34.40 18.04
C HIS A 589 -42.18 -34.09 16.65
N PHE A 590 -42.53 -35.13 15.91
CA PHE A 590 -43.01 -34.97 14.54
C PHE A 590 -44.43 -35.49 14.35
N ASP A 591 -45.10 -35.01 13.30
CA ASP A 591 -46.39 -35.55 12.90
C ASP A 591 -46.33 -35.92 11.41
N ILE A 592 -46.45 -37.22 11.14
CA ILE A 592 -46.36 -37.72 9.76
C ILE A 592 -47.68 -37.50 9.02
N PRO A 593 -47.63 -36.72 7.93
CA PRO A 593 -48.81 -36.44 7.10
C PRO A 593 -49.30 -37.71 6.39
N PRO A 594 -50.57 -37.74 5.95
CA PRO A 594 -51.08 -38.89 5.21
C PRO A 594 -50.23 -39.21 3.98
N PRO A 595 -50.07 -40.50 3.67
CA PRO A 595 -49.21 -40.93 2.55
C PRO A 595 -49.62 -40.32 1.22
N ALA A 596 -48.68 -40.24 0.29
CA ALA A 596 -48.94 -39.62 -1.00
C ALA A 596 -49.84 -40.53 -1.85
N ILE A 597 -49.33 -41.70 -2.20
CA ILE A 597 -50.14 -42.72 -2.86
C ILE A 597 -50.99 -43.44 -1.82
N MET A 598 -51.79 -44.40 -2.28
CA MET A 598 -52.57 -45.24 -1.38
C MET A 598 -52.85 -46.57 -2.08
N LYS A 599 -53.20 -47.60 -1.31
CA LYS A 599 -53.23 -48.99 -1.84
C LYS A 599 -51.72 -49.32 -1.99
N PRO A 600 -51.36 -50.53 -2.48
CA PRO A 600 -50.31 -51.36 -1.86
C PRO A 600 -49.08 -50.58 -1.43
N TYR A 601 -48.46 -50.97 -0.32
CA TYR A 601 -47.49 -50.13 0.39
C TYR A 601 -48.19 -48.94 1.04
N TYR A 602 -48.26 -47.77 0.41
CA TYR A 602 -48.22 -46.41 1.02
C TYR A 602 -46.80 -45.89 1.19
N LEU A 603 -46.00 -46.08 0.15
CA LEU A 603 -44.72 -45.38 0.04
C LEU A 603 -44.93 -43.86 0.10
N TRP A 604 -44.05 -43.17 0.82
CA TRP A 604 -44.06 -41.71 0.85
C TRP A 604 -43.10 -41.14 -0.20
N THR A 605 -43.50 -40.04 -0.83
CA THR A 605 -42.68 -39.44 -1.88
C THR A 605 -41.56 -38.57 -1.29
N GLY A 606 -40.77 -37.97 -2.18
CA GLY A 606 -39.64 -37.16 -1.76
C GLY A 606 -40.05 -35.77 -1.32
N LYS A 607 -41.32 -35.42 -1.56
CA LYS A 607 -41.84 -34.12 -1.16
C LYS A 607 -42.22 -34.10 0.31
N GLN A 608 -43.18 -34.94 0.68
CA GLN A 608 -43.70 -35.02 2.04
C GLN A 608 -42.61 -35.19 3.10
N VAL A 609 -41.55 -35.91 2.75
CA VAL A 609 -40.44 -36.10 3.68
C VAL A 609 -39.60 -34.82 3.78
N PHE A 610 -39.44 -34.13 2.67
CA PHE A 610 -38.68 -32.88 2.64
C PHE A 610 -39.51 -31.71 3.17
N SER A 611 -40.83 -31.84 3.04
CA SER A 611 -41.74 -30.78 3.47
C SER A 611 -41.76 -30.66 5.00
N LEU A 612 -41.40 -31.74 5.68
CA LEU A 612 -41.37 -31.76 7.13
C LEU A 612 -40.12 -31.09 7.70
N LEU A 613 -39.21 -30.74 6.80
CA LEU A 613 -38.01 -29.99 7.19
C LEU A 613 -38.39 -28.60 7.67
N ILE A 614 -39.17 -27.90 6.85
CA ILE A 614 -39.67 -26.57 7.18
C ILE A 614 -40.48 -26.55 8.47
N LYS A 615 -41.62 -27.23 8.47
CA LYS A 615 -42.52 -27.22 9.62
C LYS A 615 -42.75 -28.63 10.16
N PRO A 616 -41.77 -29.17 10.89
CA PRO A 616 -41.90 -30.50 11.50
C PRO A 616 -42.93 -30.55 12.62
N ASN A 617 -42.97 -29.49 13.43
CA ASN A 617 -43.85 -29.45 14.60
C ASN A 617 -45.12 -28.65 14.35
N HIS A 618 -46.23 -29.09 14.94
CA HIS A 618 -47.50 -28.38 14.82
C HIS A 618 -47.43 -27.04 15.54
N ASN A 619 -46.59 -26.98 16.58
CA ASN A 619 -46.43 -25.76 17.36
C ASN A 619 -45.53 -24.75 16.68
N SER A 620 -44.71 -25.22 15.74
CA SER A 620 -43.80 -24.35 15.01
C SER A 620 -44.55 -23.43 14.06
N PRO A 621 -44.42 -22.11 14.28
CA PRO A 621 -45.13 -21.09 13.49
C PRO A 621 -44.34 -20.64 12.27
N VAL A 622 -44.33 -21.45 11.22
CA VAL A 622 -43.64 -21.10 9.99
C VAL A 622 -44.51 -21.33 8.75
N VAL A 623 -44.73 -20.29 7.98
CA VAL A 623 -45.54 -20.37 6.78
C VAL A 623 -44.76 -19.84 5.56
N ILE A 624 -44.54 -20.71 4.59
CA ILE A 624 -43.79 -20.35 3.40
C ILE A 624 -44.59 -20.52 2.12
N ASN A 625 -44.63 -19.46 1.32
CA ASN A 625 -45.17 -19.57 -0.04
C ASN A 625 -44.31 -18.80 -1.02
N LEU A 626 -43.80 -19.49 -2.04
CA LEU A 626 -42.95 -18.84 -3.02
C LEU A 626 -43.03 -19.55 -4.37
N ASP A 627 -42.90 -18.78 -5.45
CA ASP A 627 -42.85 -19.33 -6.79
C ASP A 627 -41.58 -18.88 -7.49
N ALA A 628 -40.70 -19.82 -7.81
CA ALA A 628 -39.42 -19.50 -8.42
C ALA A 628 -39.23 -20.21 -9.75
N LYS A 629 -38.72 -19.47 -10.73
CA LYS A 629 -38.42 -20.04 -12.04
C LYS A 629 -36.95 -20.44 -12.09
N ASN A 630 -36.70 -21.75 -12.15
CA ASN A 630 -35.34 -22.26 -12.02
C ASN A 630 -34.66 -22.54 -13.37
N LYS A 631 -33.45 -23.08 -13.29
CA LYS A 631 -32.61 -23.25 -14.47
C LYS A 631 -33.02 -24.39 -15.41
N VAL A 632 -32.53 -24.29 -16.64
CA VAL A 632 -32.66 -25.25 -17.75
C VAL A 632 -34.07 -25.24 -18.36
N PHE A 633 -35.06 -24.81 -17.57
CA PHE A 633 -36.32 -24.23 -18.05
C PHE A 633 -36.87 -24.81 -19.36
N VAL A 634 -37.30 -26.07 -19.36
CA VAL A 634 -37.84 -26.65 -20.59
C VAL A 634 -39.29 -26.20 -20.80
N PRO A 635 -39.53 -25.42 -21.87
CA PRO A 635 -40.84 -24.81 -22.14
C PRO A 635 -41.92 -25.81 -22.54
N PRO A 636 -43.12 -25.65 -21.98
CA PRO A 636 -44.31 -26.40 -22.38
C PRO A 636 -44.99 -25.74 -23.57
N LYS A 637 -46.18 -26.21 -23.94
CA LYS A 637 -46.94 -25.59 -25.02
C LYS A 637 -47.16 -24.11 -24.74
N SER A 638 -46.81 -23.27 -25.71
CA SER A 638 -46.88 -21.82 -25.55
C SER A 638 -48.32 -21.34 -25.37
N LYS A 639 -49.26 -22.07 -25.96
CA LYS A 639 -50.67 -21.72 -25.85
C LYS A 639 -51.19 -22.00 -24.43
N SER A 640 -50.67 -23.07 -23.83
CA SER A 640 -51.08 -23.45 -22.48
C SER A 640 -50.56 -22.44 -21.44
N LEU A 641 -51.46 -21.96 -20.60
CA LEU A 641 -51.11 -20.96 -19.59
C LEU A 641 -50.17 -21.47 -18.48
N PRO A 642 -50.50 -22.60 -17.82
CA PRO A 642 -49.60 -22.98 -16.72
C PRO A 642 -48.23 -23.48 -17.20
N ASN A 643 -47.17 -22.98 -16.58
CA ASN A 643 -45.81 -23.39 -16.93
C ASN A 643 -45.25 -24.44 -15.96
N GLU A 644 -46.04 -24.80 -14.95
CA GLU A 644 -45.58 -25.67 -13.87
C GLU A 644 -45.36 -27.11 -14.30
N MET A 645 -45.88 -27.47 -15.47
CA MET A 645 -45.93 -28.86 -15.92
C MET A 645 -44.73 -29.29 -16.73
N SER A 646 -43.72 -28.42 -16.82
CA SER A 646 -42.49 -28.71 -17.56
C SER A 646 -41.90 -30.07 -17.17
N GLN A 647 -41.41 -30.79 -18.17
CA GLN A 647 -40.96 -32.18 -18.01
C GLN A 647 -39.98 -32.38 -16.86
N ASN A 648 -38.95 -31.55 -16.79
CA ASN A 648 -37.99 -31.63 -15.70
C ASN A 648 -37.97 -30.33 -14.89
N ASP A 649 -37.68 -30.46 -13.60
CA ASP A 649 -37.64 -29.32 -12.68
C ASP A 649 -38.97 -28.56 -12.70
N GLY A 650 -38.91 -27.29 -13.11
CA GLY A 650 -40.10 -26.47 -13.19
C GLY A 650 -40.21 -25.49 -12.05
N PHE A 651 -41.36 -24.82 -11.96
CA PHE A 651 -41.56 -23.82 -10.91
C PHE A 651 -41.67 -24.48 -9.55
N VAL A 652 -40.84 -24.05 -8.61
CA VAL A 652 -40.99 -24.48 -7.23
C VAL A 652 -42.07 -23.63 -6.60
N ILE A 653 -43.15 -24.28 -6.17
CA ILE A 653 -44.30 -23.57 -5.64
C ILE A 653 -44.73 -24.16 -4.30
N ILE A 654 -44.85 -23.30 -3.30
CA ILE A 654 -45.14 -23.74 -1.95
C ILE A 654 -46.45 -23.13 -1.43
N ARG A 655 -47.31 -23.96 -0.86
CA ARG A 655 -48.56 -23.50 -0.28
C ARG A 655 -48.76 -24.07 1.12
N GLY A 656 -48.81 -23.20 2.12
CA GLY A 656 -48.94 -23.62 3.50
C GLY A 656 -47.75 -24.43 3.96
N SER A 657 -46.57 -24.02 3.50
CA SER A 657 -45.31 -24.73 3.75
C SER A 657 -45.40 -26.20 3.36
N GLN A 658 -45.64 -26.45 2.07
CA GLN A 658 -45.63 -27.79 1.49
C GLN A 658 -45.10 -27.71 0.07
N ILE A 659 -44.20 -28.62 -0.30
CA ILE A 659 -43.64 -28.60 -1.65
C ILE A 659 -44.60 -29.24 -2.64
N LEU A 660 -45.08 -28.43 -3.59
CA LEU A 660 -46.03 -28.91 -4.59
C LEU A 660 -45.38 -29.66 -5.74
N SER A 661 -44.32 -29.08 -6.29
CA SER A 661 -43.73 -29.61 -7.51
C SER A 661 -42.21 -29.51 -7.58
N GLY A 662 -41.58 -30.62 -7.96
CA GLY A 662 -40.17 -30.63 -8.31
C GLY A 662 -39.18 -30.38 -7.20
N VAL A 663 -37.90 -30.46 -7.55
CA VAL A 663 -36.81 -30.22 -6.62
C VAL A 663 -36.55 -28.73 -6.41
N MET A 664 -35.97 -28.38 -5.27
CA MET A 664 -35.61 -26.99 -4.98
C MET A 664 -34.29 -26.68 -5.69
N ASP A 665 -33.19 -27.21 -5.17
CA ASP A 665 -32.04 -27.47 -6.03
C ASP A 665 -31.38 -26.29 -6.75
N LYS A 666 -30.52 -25.54 -6.05
CA LYS A 666 -29.68 -24.52 -6.72
C LYS A 666 -30.41 -23.30 -7.29
N SER A 667 -30.51 -22.27 -6.46
CA SER A 667 -31.33 -21.07 -6.64
C SER A 667 -32.80 -21.36 -6.37
N VAL A 668 -32.99 -22.25 -5.41
CA VAL A 668 -34.18 -22.22 -4.56
C VAL A 668 -33.66 -22.29 -3.13
N LEU A 669 -32.97 -23.37 -2.77
CA LEU A 669 -32.20 -23.39 -1.52
C LEU A 669 -30.71 -23.15 -1.77
N GLY A 670 -30.36 -22.90 -3.02
CA GLY A 670 -28.97 -22.92 -3.51
C GLY A 670 -28.23 -21.60 -3.70
N ASP A 671 -28.59 -20.57 -2.93
CA ASP A 671 -28.15 -19.18 -3.11
C ASP A 671 -28.58 -18.64 -4.49
N GLY A 672 -27.81 -17.76 -5.09
CA GLY A 672 -28.01 -17.34 -6.47
C GLY A 672 -29.01 -16.25 -6.80
N LYS A 673 -30.05 -16.07 -5.97
CA LYS A 673 -31.19 -15.19 -6.30
C LYS A 673 -31.96 -14.69 -5.08
N LYS A 674 -32.81 -13.69 -5.31
CA LYS A 674 -33.73 -13.19 -4.29
C LYS A 674 -34.64 -14.30 -3.75
N HIS A 675 -35.36 -14.95 -4.66
CA HIS A 675 -36.29 -16.02 -4.29
C HIS A 675 -35.57 -17.20 -3.64
N SER A 676 -36.14 -17.72 -2.56
CA SER A 676 -35.53 -18.79 -1.79
C SER A 676 -36.43 -19.29 -0.65
N VAL A 677 -36.10 -20.45 -0.10
CA VAL A 677 -36.79 -20.98 1.06
C VAL A 677 -36.10 -20.47 2.33
N PHE A 678 -34.93 -19.88 2.14
CA PHE A 678 -34.15 -19.32 3.23
C PHE A 678 -34.46 -17.84 3.40
N TYR A 679 -34.20 -17.07 2.34
CA TYR A 679 -34.46 -15.63 2.32
C TYR A 679 -35.93 -15.30 2.64
N THR A 680 -36.80 -16.29 2.52
CA THR A 680 -38.21 -16.11 2.83
C THR A 680 -38.41 -16.02 4.34
N ILE A 681 -38.06 -17.10 5.04
CA ILE A 681 -38.13 -17.14 6.50
C ILE A 681 -37.41 -15.98 7.16
N LEU A 682 -36.20 -15.69 6.67
CA LEU A 682 -35.36 -14.64 7.22
C LEU A 682 -36.03 -13.26 7.16
N ARG A 683 -36.55 -12.93 5.99
CA ARG A 683 -37.20 -11.63 5.78
C ARG A 683 -38.55 -11.57 6.51
N ASP A 684 -39.04 -12.74 6.92
CA ASP A 684 -40.34 -12.82 7.57
C ASP A 684 -40.23 -13.04 9.08
N TYR A 685 -39.77 -14.23 9.47
CA TYR A 685 -39.79 -14.64 10.87
C TYR A 685 -38.48 -14.38 11.62
N GLY A 686 -37.48 -13.87 10.92
CA GLY A 686 -36.23 -13.51 11.55
C GLY A 686 -35.09 -14.49 11.32
N PRO A 687 -33.87 -14.11 11.75
CA PRO A 687 -32.64 -14.89 11.57
C PRO A 687 -32.61 -16.19 12.37
N GLN A 688 -33.22 -16.20 13.55
CA GLN A 688 -33.19 -17.37 14.44
C GLN A 688 -33.71 -18.63 13.78
N GLU A 689 -35.00 -18.64 13.44
CA GLU A 689 -35.64 -19.79 12.84
C GLU A 689 -35.03 -20.11 11.47
N ALA A 690 -34.64 -19.07 10.74
CA ALA A 690 -34.04 -19.23 9.42
C ALA A 690 -32.71 -19.98 9.52
N ALA A 691 -31.93 -19.67 10.55
CA ALA A 691 -30.66 -20.33 10.77
C ALA A 691 -30.87 -21.76 11.25
N ASN A 692 -31.96 -21.97 11.97
CA ASN A 692 -32.30 -23.29 12.51
C ASN A 692 -32.60 -24.28 11.40
N ALA A 693 -33.24 -23.81 10.33
CA ALA A 693 -33.61 -24.66 9.21
C ALA A 693 -32.39 -25.14 8.44
N MET A 694 -31.40 -24.26 8.27
CA MET A 694 -30.19 -24.59 7.55
C MET A 694 -29.31 -25.56 8.32
N ASN A 695 -29.44 -25.55 9.65
CA ASN A 695 -28.67 -26.46 10.50
C ASN A 695 -29.18 -27.89 10.38
N ARG A 696 -30.47 -28.03 10.11
CA ARG A 696 -31.07 -29.34 9.91
C ARG A 696 -30.68 -29.89 8.55
N MET A 697 -30.51 -28.99 7.59
CA MET A 697 -30.10 -29.35 6.23
C MET A 697 -28.77 -30.09 6.20
N ALA A 698 -27.71 -29.41 6.63
CA ALA A 698 -26.35 -29.94 6.59
C ALA A 698 -26.21 -31.30 7.26
N LYS A 699 -26.89 -31.47 8.40
CA LYS A 699 -26.81 -32.71 9.15
C LYS A 699 -27.50 -33.86 8.43
N LEU A 700 -28.60 -33.55 7.76
CA LEU A 700 -29.38 -34.57 7.05
C LEU A 700 -28.65 -35.08 5.81
N CYS A 701 -28.20 -34.16 4.97
CA CYS A 701 -27.56 -34.52 3.70
C CYS A 701 -26.22 -35.22 3.90
N ALA A 702 -25.55 -34.91 5.01
CA ALA A 702 -24.24 -35.48 5.30
C ALA A 702 -24.31 -36.99 5.49
N ARG A 703 -25.24 -37.43 6.33
CA ARG A 703 -25.39 -38.86 6.63
C ARG A 703 -26.07 -39.60 5.50
N PHE A 704 -27.10 -38.99 4.92
CA PHE A 704 -27.87 -39.60 3.84
C PHE A 704 -27.01 -39.99 2.64
N LEU A 705 -26.44 -38.99 1.98
CA LEU A 705 -25.67 -39.20 0.76
C LEU A 705 -24.50 -40.15 0.99
N GLY A 706 -24.03 -40.22 2.24
CA GLY A 706 -23.00 -41.17 2.61
C GLY A 706 -23.55 -42.59 2.63
N ASN A 707 -24.81 -42.72 3.01
CA ASN A 707 -25.46 -44.02 3.08
C ASN A 707 -25.91 -44.52 1.70
N ARG A 708 -26.47 -43.61 0.90
CA ARG A 708 -26.98 -43.97 -0.41
C ARG A 708 -25.87 -44.30 -1.40
N GLY A 709 -24.92 -43.39 -1.53
CA GLY A 709 -23.79 -43.59 -2.44
C GLY A 709 -23.95 -42.89 -3.77
N PHE A 710 -22.82 -42.64 -4.43
CA PHE A 710 -22.77 -41.94 -5.71
C PHE A 710 -21.32 -41.90 -6.17
N SER A 711 -21.11 -41.69 -7.48
CA SER A 711 -19.76 -41.73 -8.05
C SER A 711 -19.73 -41.43 -9.54
N ILE A 712 -18.51 -41.26 -10.07
CA ILE A 712 -18.28 -41.13 -11.50
C ILE A 712 -17.48 -42.35 -11.96
N GLY A 713 -17.10 -42.38 -13.23
CA GLY A 713 -16.30 -43.47 -13.74
C GLY A 713 -15.88 -43.30 -15.18
N ILE A 714 -14.98 -44.17 -15.64
CA ILE A 714 -14.55 -44.17 -17.03
C ILE A 714 -15.73 -44.50 -17.95
N ASN A 715 -16.54 -45.46 -17.50
CA ASN A 715 -17.76 -45.84 -18.21
C ASN A 715 -18.63 -44.63 -18.53
N ASP A 716 -18.77 -43.75 -17.55
CA ASP A 716 -19.57 -42.53 -17.69
C ASP A 716 -19.08 -41.65 -18.83
N VAL A 717 -17.87 -41.11 -18.69
CA VAL A 717 -17.33 -40.15 -19.64
C VAL A 717 -17.15 -40.74 -21.04
N THR A 718 -16.82 -42.03 -21.10
CA THR A 718 -16.54 -42.71 -22.36
C THR A 718 -17.71 -42.65 -23.34
N PRO A 719 -17.48 -42.10 -24.54
CA PRO A 719 -18.48 -42.08 -25.61
C PRO A 719 -18.67 -43.46 -26.23
N ALA A 720 -19.90 -43.80 -26.60
CA ALA A 720 -20.19 -45.10 -27.18
C ALA A 720 -20.76 -44.98 -28.59
N ASP A 721 -19.99 -45.46 -29.57
CA ASP A 721 -20.35 -45.35 -30.99
C ASP A 721 -20.68 -43.89 -31.32
N ASP A 722 -21.75 -43.69 -32.08
CA ASP A 722 -22.33 -42.35 -32.24
C ASP A 722 -21.32 -41.31 -32.71
N LEU A 723 -21.03 -40.37 -31.81
CA LEU A 723 -20.26 -39.16 -32.08
C LEU A 723 -19.00 -39.35 -32.92
N LYS A 724 -18.28 -40.45 -32.71
CA LYS A 724 -17.06 -40.74 -33.46
C LYS A 724 -17.29 -40.56 -34.97
N GLN A 725 -18.40 -41.11 -35.45
CA GLN A 725 -18.89 -40.82 -36.80
C GLN A 725 -19.14 -39.33 -36.97
N LYS A 726 -20.08 -38.80 -36.19
CA LYS A 726 -20.51 -37.41 -36.29
C LYS A 726 -19.38 -36.40 -36.16
N LYS A 727 -18.51 -36.59 -35.17
CA LYS A 727 -17.41 -35.65 -34.92
C LYS A 727 -16.45 -35.60 -36.09
N GLU A 728 -16.03 -36.78 -36.56
CA GLU A 728 -15.06 -36.87 -37.65
C GLU A 728 -15.56 -36.19 -38.92
N GLU A 729 -16.83 -36.40 -39.24
CA GLU A 729 -17.41 -35.84 -40.46
C GLU A 729 -17.56 -34.32 -40.36
N LEU A 730 -18.05 -33.84 -39.23
CA LEU A 730 -18.29 -32.41 -39.04
C LEU A 730 -16.99 -31.62 -38.93
N VAL A 731 -15.94 -32.28 -38.46
CA VAL A 731 -14.63 -31.62 -38.35
C VAL A 731 -13.94 -31.53 -39.71
N GLU A 732 -13.99 -32.61 -40.47
CA GLU A 732 -13.36 -32.66 -41.79
C GLU A 732 -14.08 -31.75 -42.79
N ILE A 733 -15.39 -31.62 -42.64
CA ILE A 733 -16.18 -30.79 -43.55
C ILE A 733 -15.94 -29.31 -43.25
N ALA A 734 -15.39 -29.03 -42.08
CA ALA A 734 -15.10 -27.66 -41.67
C ALA A 734 -13.66 -27.27 -41.98
N TYR A 735 -12.90 -28.22 -42.53
CA TYR A 735 -11.50 -27.99 -42.86
C TYR A 735 -11.32 -27.48 -44.29
N HIS A 736 -11.68 -28.32 -45.26
CA HIS A 736 -11.46 -27.99 -46.66
C HIS A 736 -12.25 -26.76 -47.10
N LYS A 737 -13.31 -26.43 -46.39
CA LYS A 737 -14.07 -25.21 -46.64
C LYS A 737 -13.22 -23.99 -46.36
N CYS A 738 -12.49 -24.03 -45.25
CA CYS A 738 -11.56 -22.96 -44.91
C CYS A 738 -10.34 -23.01 -45.83
N ASP A 739 -9.98 -24.22 -46.24
CA ASP A 739 -8.88 -24.43 -47.17
C ASP A 739 -9.23 -23.85 -48.53
N GLU A 740 -10.52 -23.85 -48.84
CA GLU A 740 -11.02 -23.24 -50.08
C GLU A 740 -11.02 -21.73 -49.95
N LEU A 741 -11.21 -21.24 -48.72
CA LEU A 741 -11.21 -19.81 -48.45
C LEU A 741 -9.78 -19.27 -48.40
N ILE A 742 -8.85 -20.09 -47.92
CA ILE A 742 -7.47 -19.66 -47.73
C ILE A 742 -6.67 -19.70 -49.04
N THR A 743 -7.16 -20.46 -50.01
CA THR A 743 -6.50 -20.53 -51.32
C THR A 743 -6.91 -19.32 -52.14
N LEU A 744 -8.00 -18.67 -51.74
CA LEU A 744 -8.46 -17.46 -52.39
C LEU A 744 -7.89 -16.21 -51.70
N PHE A 745 -7.18 -16.43 -50.60
CA PHE A 745 -6.56 -15.34 -49.85
C PHE A 745 -5.59 -14.52 -50.69
N ASN A 746 -4.47 -15.15 -51.05
CA ASN A 746 -3.43 -14.46 -51.80
C ASN A 746 -3.70 -14.35 -53.29
N LYS A 747 -4.23 -15.42 -53.88
CA LYS A 747 -4.37 -15.51 -55.33
C LYS A 747 -5.77 -15.09 -55.81
N GLY A 748 -6.61 -14.62 -54.89
CA GLY A 748 -7.98 -14.27 -55.26
C GLY A 748 -8.57 -13.10 -54.49
N GLU A 749 -9.75 -12.67 -54.92
CA GLU A 749 -10.43 -11.52 -54.34
C GLU A 749 -11.76 -11.92 -53.71
N LEU A 750 -12.10 -11.28 -52.59
CA LEU A 750 -13.36 -11.54 -51.91
C LEU A 750 -13.88 -10.29 -51.21
N GLU A 751 -15.18 -10.30 -50.90
CA GLU A 751 -15.79 -9.19 -50.18
C GLU A 751 -15.27 -9.11 -48.75
N THR A 752 -14.82 -7.93 -48.35
CA THR A 752 -14.28 -7.74 -47.01
C THR A 752 -15.22 -6.92 -46.14
N GLN A 753 -15.39 -7.36 -44.89
CA GLN A 753 -16.18 -6.63 -43.92
C GLN A 753 -15.46 -5.34 -43.54
N PRO A 754 -16.16 -4.41 -42.88
CA PRO A 754 -15.44 -3.24 -42.36
C PRO A 754 -14.54 -3.60 -41.18
N GLY A 755 -13.70 -4.61 -41.37
CA GLY A 755 -12.74 -5.07 -40.39
C GLY A 755 -11.35 -4.57 -40.73
N CYS A 756 -11.32 -3.45 -41.45
CA CYS A 756 -10.09 -2.87 -41.99
C CYS A 756 -9.40 -3.76 -43.01
N ASN A 757 -8.09 -3.95 -42.85
CA ASN A 757 -7.26 -4.53 -43.91
C ASN A 757 -7.44 -6.03 -44.13
N GLU A 758 -6.70 -6.54 -45.11
CA GLU A 758 -6.78 -7.94 -45.52
C GLU A 758 -6.11 -8.90 -44.53
N GLU A 759 -6.49 -10.17 -44.62
CA GLU A 759 -6.00 -11.27 -43.78
C GLU A 759 -6.64 -11.25 -42.40
N GLN A 760 -7.22 -10.10 -42.02
CA GLN A 760 -8.08 -10.03 -40.85
C GLN A 760 -9.49 -10.48 -41.21
N THR A 761 -9.83 -10.31 -42.49
CA THR A 761 -11.16 -10.65 -42.99
C THR A 761 -11.49 -12.12 -42.79
N LEU A 762 -10.64 -13.00 -43.31
CA LEU A 762 -10.83 -14.43 -43.16
C LEU A 762 -10.51 -14.89 -41.75
N GLU A 763 -9.69 -14.10 -41.04
CA GLU A 763 -9.32 -14.40 -39.66
C GLU A 763 -10.55 -14.35 -38.78
N ALA A 764 -11.47 -13.43 -39.09
CA ALA A 764 -12.74 -13.34 -38.39
C ALA A 764 -13.69 -14.43 -38.88
N LYS A 765 -13.50 -14.86 -40.12
CA LYS A 765 -14.33 -15.91 -40.71
C LYS A 765 -13.92 -17.30 -40.23
N ILE A 766 -12.61 -17.54 -40.15
CA ILE A 766 -12.11 -18.83 -39.67
C ILE A 766 -12.40 -18.97 -38.18
N GLY A 767 -12.48 -17.83 -37.49
CA GLY A 767 -12.79 -17.82 -36.07
C GLY A 767 -14.26 -18.08 -35.84
N GLY A 768 -15.09 -17.58 -36.76
CA GLY A 768 -16.53 -17.77 -36.66
C GLY A 768 -16.99 -19.15 -37.07
N LEU A 769 -16.39 -19.68 -38.14
CA LEU A 769 -16.76 -20.99 -38.66
C LEU A 769 -16.40 -22.11 -37.68
N LEU A 770 -15.13 -22.15 -37.27
CA LEU A 770 -14.66 -23.20 -36.38
C LEU A 770 -15.32 -23.13 -35.01
N SER A 771 -15.73 -21.93 -34.61
CA SER A 771 -16.47 -21.73 -33.37
C SER A 771 -17.76 -22.55 -33.37
N LYS A 772 -18.65 -22.22 -34.30
CA LYS A 772 -19.94 -22.90 -34.43
C LYS A 772 -19.80 -24.41 -34.56
N VAL A 773 -18.85 -24.85 -35.39
CA VAL A 773 -18.63 -26.28 -35.61
C VAL A 773 -18.27 -26.98 -34.31
N ARG A 774 -17.39 -26.36 -33.52
CA ARG A 774 -17.03 -26.85 -32.20
C ARG A 774 -18.27 -27.09 -31.34
N GLU A 775 -19.00 -26.02 -31.06
CA GLU A 775 -20.22 -26.08 -30.26
C GLU A 775 -21.24 -27.07 -30.82
N GLU A 776 -21.33 -27.15 -32.14
CA GLU A 776 -22.28 -28.05 -32.80
C GLU A 776 -21.96 -29.51 -32.51
N VAL A 777 -20.68 -29.86 -32.57
CA VAL A 777 -20.24 -31.22 -32.29
C VAL A 777 -20.54 -31.60 -30.84
N GLY A 778 -20.27 -30.66 -29.93
CA GLY A 778 -20.52 -30.88 -28.52
C GLY A 778 -21.98 -30.80 -28.14
N ASP A 779 -22.78 -30.26 -29.06
CA ASP A 779 -24.22 -30.10 -28.82
C ASP A 779 -24.94 -31.44 -28.86
N VAL A 780 -24.69 -32.21 -29.91
CA VAL A 780 -25.33 -33.52 -30.07
C VAL A 780 -24.76 -34.53 -29.08
N CYS A 781 -23.55 -34.26 -28.59
CA CYS A 781 -22.90 -35.13 -27.61
C CYS A 781 -23.71 -35.29 -26.34
N ILE A 782 -23.87 -34.19 -25.60
CA ILE A 782 -24.55 -34.20 -24.32
C ILE A 782 -26.04 -34.55 -24.48
N ASN A 783 -26.60 -34.22 -25.64
CA ASN A 783 -28.01 -34.48 -25.92
C ASN A 783 -28.34 -35.98 -25.90
N GLU A 784 -27.43 -36.78 -26.45
CA GLU A 784 -27.67 -38.21 -26.56
C GLU A 784 -27.05 -38.99 -25.40
N LEU A 785 -26.43 -38.29 -24.46
CA LEU A 785 -25.77 -38.92 -23.34
C LEU A 785 -26.78 -39.57 -22.40
N ASP A 786 -26.40 -40.71 -21.82
CA ASP A 786 -27.30 -41.51 -21.00
C ASP A 786 -27.67 -40.83 -19.68
N ASN A 787 -28.82 -41.21 -19.13
CA ASN A 787 -29.28 -40.70 -17.85
C ASN A 787 -28.50 -41.30 -16.68
N TRP A 788 -28.60 -40.65 -15.52
CA TRP A 788 -28.03 -41.12 -14.25
C TRP A 788 -26.51 -40.96 -14.16
N ASN A 789 -25.90 -40.49 -15.24
CA ASN A 789 -24.47 -40.21 -15.25
C ASN A 789 -24.11 -39.09 -14.28
N ALA A 790 -22.94 -39.17 -13.68
CA ALA A 790 -22.51 -38.20 -12.67
C ALA A 790 -22.26 -36.78 -13.21
N PRO A 791 -21.43 -36.63 -14.26
CA PRO A 791 -21.09 -35.25 -14.68
C PRO A 791 -22.31 -34.45 -15.14
N LEU A 792 -23.24 -35.10 -15.81
CA LEU A 792 -24.46 -34.44 -16.26
C LEU A 792 -25.26 -33.92 -15.08
N ILE A 793 -25.61 -34.82 -14.16
CA ILE A 793 -26.39 -34.47 -12.97
C ILE A 793 -25.66 -33.45 -12.10
N MET A 794 -24.35 -33.60 -11.97
CA MET A 794 -23.55 -32.69 -11.17
C MET A 794 -23.48 -31.30 -11.80
N ALA A 795 -23.29 -31.25 -13.11
CA ALA A 795 -23.27 -29.98 -13.82
C ALA A 795 -24.69 -29.49 -14.07
N THR A 796 -25.67 -30.34 -13.79
CA THR A 796 -27.07 -29.98 -13.97
C THR A 796 -27.51 -28.95 -12.95
N CYS A 797 -27.25 -29.19 -11.67
CA CYS A 797 -27.88 -28.34 -10.68
C CYS A 797 -26.95 -27.34 -9.99
N GLY A 798 -26.34 -27.73 -8.87
CA GLY A 798 -25.45 -26.84 -8.16
C GLY A 798 -23.98 -27.16 -8.00
N SER A 799 -23.61 -28.41 -8.23
CA SER A 799 -22.33 -28.91 -7.73
C SER A 799 -21.10 -28.19 -8.27
N LYS A 800 -20.76 -28.48 -9.52
CA LYS A 800 -19.52 -28.01 -10.12
C LYS A 800 -19.65 -27.84 -11.62
N GLY A 801 -18.98 -26.82 -12.17
CA GLY A 801 -18.85 -26.66 -13.61
C GLY A 801 -20.14 -26.44 -14.38
N SER A 802 -20.04 -26.51 -15.70
CA SER A 802 -21.18 -26.30 -16.59
C SER A 802 -21.15 -27.28 -17.75
N THR A 803 -22.23 -27.32 -18.52
CA THR A 803 -22.33 -28.18 -19.70
C THR A 803 -21.18 -27.97 -20.69
N LEU A 804 -20.60 -26.79 -20.69
CA LEU A 804 -19.47 -26.48 -21.54
C LEU A 804 -18.23 -27.27 -21.14
N ASN A 805 -18.08 -27.50 -19.84
CA ASN A 805 -16.92 -28.20 -19.30
C ASN A 805 -16.93 -29.68 -19.67
N VAL A 806 -18.07 -30.34 -19.46
CA VAL A 806 -18.20 -31.76 -19.73
C VAL A 806 -18.14 -32.03 -21.23
N SER A 807 -18.50 -31.03 -22.03
CA SER A 807 -18.46 -31.15 -23.48
C SER A 807 -17.02 -31.23 -24.00
N GLN A 808 -16.12 -30.56 -23.30
CA GLN A 808 -14.71 -30.57 -23.68
C GLN A 808 -14.06 -31.90 -23.30
N MET A 809 -14.58 -32.53 -22.25
CA MET A 809 -14.07 -33.82 -21.79
C MET A 809 -14.38 -34.92 -22.79
N VAL A 810 -15.59 -34.89 -23.33
CA VAL A 810 -16.09 -35.99 -24.15
C VAL A 810 -15.95 -35.74 -25.65
N ALA A 811 -16.63 -34.73 -26.14
CA ALA A 811 -16.77 -34.57 -27.59
C ALA A 811 -15.57 -33.92 -28.26
N VAL A 812 -15.44 -32.60 -28.12
CA VAL A 812 -14.34 -31.89 -28.76
C VAL A 812 -14.00 -30.59 -28.04
N VAL A 813 -12.72 -30.20 -28.11
CA VAL A 813 -12.31 -28.87 -27.69
C VAL A 813 -12.05 -28.07 -28.96
N GLY A 814 -11.71 -26.79 -28.83
CA GLY A 814 -11.37 -26.00 -29.99
C GLY A 814 -10.93 -24.58 -29.73
N GLN A 815 -10.21 -24.01 -30.70
CA GLN A 815 -9.80 -22.62 -30.71
C GLN A 815 -9.24 -22.10 -29.38
N GLN A 816 -8.05 -22.57 -29.02
CA GLN A 816 -7.35 -22.00 -27.88
C GLN A 816 -6.85 -20.61 -28.27
N ILE A 817 -7.27 -19.61 -27.52
CA ILE A 817 -6.99 -18.22 -27.89
C ILE A 817 -6.56 -17.36 -26.71
N ILE A 818 -5.35 -16.83 -26.78
CA ILE A 818 -4.91 -15.80 -25.84
C ILE A 818 -4.90 -14.44 -26.52
N SER A 819 -4.63 -13.40 -25.74
CA SER A 819 -4.32 -12.06 -26.27
C SER A 819 -5.46 -11.42 -27.07
N GLY A 820 -6.51 -12.19 -27.36
CA GLY A 820 -7.59 -11.73 -28.21
C GLY A 820 -7.43 -12.17 -29.65
N ASN A 821 -6.40 -12.96 -29.92
CA ASN A 821 -6.15 -13.45 -31.27
C ASN A 821 -5.58 -14.88 -31.26
N ARG A 822 -5.16 -15.36 -32.42
CA ARG A 822 -4.74 -16.76 -32.54
C ARG A 822 -3.22 -16.94 -32.58
N VAL A 823 -2.68 -17.47 -31.48
CA VAL A 823 -1.31 -18.03 -31.39
C VAL A 823 -0.26 -17.37 -32.29
N PRO A 824 0.12 -16.11 -31.96
CA PRO A 824 1.09 -15.35 -32.76
C PRO A 824 2.39 -16.13 -33.01
N ASP A 825 2.93 -15.99 -34.21
CA ASP A 825 4.07 -16.80 -34.65
C ASP A 825 5.32 -16.56 -33.79
N GLY A 826 5.88 -17.64 -33.26
CA GLY A 826 7.14 -17.57 -32.55
C GLY A 826 8.30 -17.46 -33.52
N PHE A 827 8.27 -18.30 -34.55
CA PHE A 827 9.26 -18.27 -35.61
C PHE A 827 8.80 -17.34 -36.73
N GLN A 828 9.51 -17.35 -37.85
CA GLN A 828 9.13 -16.50 -38.98
C GLN A 828 7.99 -17.12 -39.79
N ASP A 829 6.85 -16.44 -39.78
CA ASP A 829 5.68 -16.81 -40.56
C ASP A 829 5.21 -18.25 -40.32
N ARG A 830 5.54 -18.80 -39.16
CA ARG A 830 5.11 -20.15 -38.83
C ARG A 830 4.97 -20.36 -37.31
N SER A 831 3.94 -21.10 -36.91
CA SER A 831 3.77 -21.50 -35.52
C SER A 831 4.95 -22.34 -35.04
N LEU A 832 5.06 -23.54 -35.59
CA LEU A 832 6.11 -24.48 -35.22
C LEU A 832 6.87 -24.97 -36.45
N PRO A 833 8.12 -25.40 -36.27
CA PRO A 833 8.92 -25.95 -37.38
C PRO A 833 8.30 -27.21 -37.98
N HIS A 834 7.38 -27.84 -37.26
CA HIS A 834 6.73 -29.05 -37.73
C HIS A 834 5.71 -28.77 -38.83
N PHE A 835 5.46 -27.49 -39.10
CA PHE A 835 4.48 -27.08 -40.09
C PHE A 835 5.16 -26.32 -41.24
N PRO A 836 4.61 -26.44 -42.46
CA PRO A 836 5.13 -25.75 -43.64
C PRO A 836 5.14 -24.24 -43.48
N LYS A 837 5.95 -23.55 -44.29
CA LYS A 837 6.05 -22.10 -44.23
C LYS A 837 4.72 -21.45 -44.60
N ASN A 838 4.53 -20.22 -44.12
CA ASN A 838 3.27 -19.49 -44.28
C ASN A 838 2.11 -20.29 -43.69
N SER A 839 2.12 -20.45 -42.36
CA SER A 839 1.09 -21.24 -41.70
C SER A 839 -0.25 -20.49 -41.71
N LYS A 840 -1.26 -21.14 -42.30
CA LYS A 840 -2.58 -20.54 -42.45
C LYS A 840 -3.69 -21.48 -42.01
N THR A 841 -3.77 -22.62 -42.69
CA THR A 841 -4.85 -23.59 -42.54
C THR A 841 -5.10 -23.97 -41.09
N PRO A 842 -6.36 -24.32 -40.75
CA PRO A 842 -6.67 -24.74 -39.39
C PRO A 842 -5.88 -25.98 -38.98
N GLN A 843 -5.78 -26.21 -37.67
CA GLN A 843 -4.97 -27.26 -37.05
C GLN A 843 -3.48 -26.89 -37.04
N SER A 844 -3.10 -25.94 -37.90
CA SER A 844 -1.73 -25.43 -37.88
C SER A 844 -1.57 -24.34 -36.83
N LYS A 845 -2.70 -23.73 -36.45
CA LYS A 845 -2.69 -22.67 -35.45
C LYS A 845 -3.83 -22.82 -34.45
N GLY A 846 -3.47 -23.01 -33.18
CA GLY A 846 -4.40 -22.95 -32.07
C GLY A 846 -5.72 -23.71 -32.20
N PHE A 847 -5.67 -24.90 -32.80
CA PHE A 847 -6.88 -25.71 -32.93
C PHE A 847 -6.62 -27.19 -32.66
N VAL A 848 -7.51 -27.80 -31.91
CA VAL A 848 -7.40 -29.21 -31.56
C VAL A 848 -8.74 -29.92 -31.72
N ARG A 849 -8.75 -31.00 -32.51
CA ARG A 849 -9.97 -31.75 -32.76
C ARG A 849 -10.11 -32.92 -31.79
N ASN A 850 -9.13 -33.09 -30.92
CA ASN A 850 -9.12 -34.20 -29.96
C ASN A 850 -9.60 -33.78 -28.58
N SER A 851 -10.33 -34.67 -27.91
CA SER A 851 -10.80 -34.43 -26.56
C SER A 851 -9.71 -34.73 -25.54
N PHE A 852 -10.04 -34.58 -24.27
CA PHE A 852 -9.12 -34.93 -23.19
C PHE A 852 -9.06 -36.44 -23.02
N PHE A 853 -10.13 -37.12 -23.45
CA PHE A 853 -10.24 -38.57 -23.31
C PHE A 853 -9.39 -39.30 -24.35
N SER A 854 -9.47 -38.85 -25.59
CA SER A 854 -8.79 -39.53 -26.70
C SER A 854 -7.28 -39.27 -26.70
N GLY A 855 -6.85 -38.24 -26.00
CA GLY A 855 -5.45 -37.88 -25.96
C GLY A 855 -5.14 -36.67 -26.82
N LEU A 856 -3.90 -36.21 -26.78
CA LEU A 856 -3.50 -35.01 -27.52
C LEU A 856 -2.35 -35.28 -28.48
N SER A 857 -2.53 -34.88 -29.74
CA SER A 857 -1.47 -34.93 -30.73
C SER A 857 -0.33 -34.03 -30.28
N PRO A 858 0.92 -34.36 -30.68
CA PRO A 858 2.06 -33.60 -30.14
C PRO A 858 1.98 -32.07 -30.37
N PRO A 859 1.69 -31.60 -31.59
CA PRO A 859 1.48 -30.15 -31.52
C PRO A 859 0.02 -29.76 -31.32
N GLU A 860 -0.70 -30.50 -30.47
CA GLU A 860 -1.96 -30.03 -29.90
C GLU A 860 -1.76 -29.61 -28.45
N PHE A 861 -0.53 -29.81 -27.98
CA PHE A 861 -0.21 -29.69 -26.57
C PHE A 861 0.30 -28.30 -26.22
N LEU A 862 1.41 -27.92 -26.84
CA LEU A 862 2.04 -26.62 -26.61
C LEU A 862 1.04 -25.46 -26.70
N PHE A 863 0.10 -25.56 -27.64
CA PHE A 863 -0.96 -24.58 -27.79
C PHE A 863 -1.79 -24.47 -26.51
N HIS A 864 -2.09 -25.61 -25.91
CA HIS A 864 -2.88 -25.65 -24.67
C HIS A 864 -2.03 -25.18 -23.49
N ALA A 865 -0.72 -25.39 -23.57
CA ALA A 865 0.20 -24.96 -22.54
C ALA A 865 0.27 -23.43 -22.50
N ILE A 866 0.19 -22.82 -23.67
CA ILE A 866 0.15 -21.36 -23.78
C ILE A 866 -1.01 -20.76 -23.00
N SER A 867 -2.23 -21.12 -23.40
CA SER A 867 -3.44 -20.62 -22.76
C SER A 867 -3.46 -20.91 -21.26
N GLY A 868 -2.91 -22.04 -20.86
CA GLY A 868 -2.81 -22.40 -19.46
C GLY A 868 -1.85 -21.49 -18.71
N ARG A 869 -0.71 -21.22 -19.32
CA ARG A 869 0.29 -20.33 -18.74
C ARG A 869 -0.23 -18.89 -18.69
N GLU A 870 -0.91 -18.49 -19.75
CA GLU A 870 -1.43 -17.12 -19.87
C GLU A 870 -2.47 -16.82 -18.80
N GLY A 871 -3.42 -17.74 -18.62
CA GLY A 871 -4.48 -17.56 -17.65
C GLY A 871 -3.98 -17.69 -16.21
N LEU A 872 -2.90 -18.44 -16.03
CA LEU A 872 -2.33 -18.66 -14.71
C LEU A 872 -1.59 -17.42 -14.21
N VAL A 873 -0.75 -16.84 -15.07
CA VAL A 873 0.02 -15.67 -14.70
C VAL A 873 -0.89 -14.44 -14.59
N ASP A 874 -2.01 -14.48 -15.29
CA ASP A 874 -3.01 -13.42 -15.24
C ASP A 874 -3.50 -13.16 -13.82
N THR A 875 -4.15 -14.16 -13.25
CA THR A 875 -4.70 -14.06 -11.90
C THR A 875 -3.62 -13.77 -10.85
N ALA A 876 -2.45 -14.36 -11.04
CA ALA A 876 -1.34 -14.21 -10.10
C ALA A 876 -0.92 -12.75 -9.93
N VAL A 877 -0.90 -12.01 -11.04
CA VAL A 877 -0.53 -10.60 -11.01
C VAL A 877 -1.71 -9.76 -10.50
N LYS A 878 -2.92 -10.19 -10.82
CA LYS A 878 -4.13 -9.47 -10.45
C LYS A 878 -4.33 -9.41 -8.94
N THR A 879 -3.79 -10.39 -8.23
CA THR A 879 -3.91 -10.45 -6.78
C THR A 879 -3.21 -9.29 -6.08
N ALA A 880 -2.19 -8.74 -6.75
CA ALA A 880 -1.42 -7.63 -6.20
C ALA A 880 -2.14 -6.29 -6.36
N GLU A 881 -2.83 -6.14 -7.49
CA GLU A 881 -3.50 -4.89 -7.82
C GLU A 881 -4.80 -4.71 -7.04
N THR A 882 -5.33 -5.82 -6.53
CA THR A 882 -6.61 -5.84 -5.84
C THR A 882 -6.66 -4.88 -4.65
N GLY A 883 -5.56 -4.76 -3.93
CA GLY A 883 -5.53 -3.99 -2.70
C GLY A 883 -5.45 -2.48 -2.87
N TYR A 884 -4.79 -2.02 -3.92
CA TYR A 884 -4.53 -0.60 -4.12
C TYR A 884 -5.80 0.20 -4.39
N MET A 885 -6.63 -0.29 -5.30
CA MET A 885 -7.85 0.40 -5.69
C MET A 885 -8.78 0.69 -4.52
N SER A 886 -9.27 -0.37 -3.89
CA SER A 886 -10.21 -0.25 -2.77
C SER A 886 -9.66 0.62 -1.64
N ARG A 887 -8.36 0.51 -1.38
CA ARG A 887 -7.71 1.30 -0.36
C ARG A 887 -7.87 2.80 -0.58
N ARG A 888 -7.31 3.30 -1.68
CA ARG A 888 -7.34 4.72 -1.98
C ARG A 888 -8.77 5.24 -2.16
N LEU A 889 -9.67 4.36 -2.59
CA LEU A 889 -11.07 4.73 -2.73
C LEU A 889 -11.71 4.88 -1.36
N MET A 890 -11.23 4.09 -0.40
CA MET A 890 -11.72 4.16 0.97
C MET A 890 -11.33 5.47 1.65
N LYS A 891 -10.03 5.79 1.65
CA LYS A 891 -9.49 6.92 2.40
C LYS A 891 -10.18 8.24 2.09
N SER A 892 -10.78 8.34 0.90
CA SER A 892 -11.58 9.49 0.53
C SER A 892 -12.93 9.44 1.24
N LEU A 893 -13.69 8.39 0.96
CA LEU A 893 -15.05 8.23 1.46
C LEU A 893 -15.08 7.63 2.87
N GLU A 894 -13.90 7.43 3.45
CA GLU A 894 -13.76 6.78 4.75
C GLU A 894 -14.68 7.32 5.84
N ASP A 895 -14.72 8.63 5.99
CA ASP A 895 -15.56 9.23 7.03
C ASP A 895 -16.84 9.81 6.43
N LEU A 896 -17.95 9.12 6.68
CA LEU A 896 -19.27 9.59 6.29
C LEU A 896 -20.32 8.93 7.18
N SER A 897 -21.46 9.58 7.35
CA SER A 897 -22.52 9.03 8.19
C SER A 897 -23.89 9.62 7.86
N CYS A 898 -24.91 9.14 8.57
CA CYS A 898 -26.27 9.63 8.40
C CYS A 898 -26.83 10.11 9.73
N GLN A 899 -27.12 11.40 9.81
CA GLN A 899 -27.59 12.00 11.05
C GLN A 899 -29.09 11.79 11.24
N TYR A 900 -29.61 12.33 12.35
CA TYR A 900 -31.03 12.20 12.67
C TYR A 900 -31.88 13.18 11.87
N ASP A 901 -31.23 14.06 11.13
CA ASP A 901 -31.91 14.99 10.24
C ASP A 901 -32.16 14.34 8.87
N ASN A 902 -31.79 13.06 8.78
CA ASN A 902 -31.94 12.25 7.57
C ASN A 902 -30.96 12.66 6.46
N THR A 903 -30.20 13.72 6.71
CA THR A 903 -29.19 14.18 5.77
C THR A 903 -27.85 13.50 6.02
N VAL A 904 -27.21 13.05 4.95
CA VAL A 904 -25.89 12.44 5.06
C VAL A 904 -24.82 13.52 5.04
N ARG A 905 -24.03 13.58 6.12
CA ARG A 905 -23.06 14.65 6.27
C ARG A 905 -21.66 14.12 6.57
N THR A 906 -20.67 14.99 6.40
CA THR A 906 -19.27 14.62 6.58
C THR A 906 -18.74 14.97 7.97
N SER A 907 -17.44 14.81 8.16
CA SER A 907 -16.79 15.09 9.43
C SER A 907 -16.75 16.58 9.74
N ALA A 908 -16.77 17.39 8.70
CA ALA A 908 -16.77 18.84 8.86
C ALA A 908 -18.18 19.38 9.05
N ASN A 909 -19.14 18.45 9.11
CA ASN A 909 -20.56 18.75 9.25
C ASN A 909 -21.09 19.55 8.06
N GLY A 910 -20.42 19.41 6.92
CA GLY A 910 -20.93 19.93 5.68
C GLY A 910 -21.89 18.92 5.08
N ILE A 911 -22.95 19.39 4.42
CA ILE A 911 -23.93 18.49 3.86
C ILE A 911 -23.64 18.22 2.37
N VAL A 912 -23.26 16.99 2.07
CA VAL A 912 -23.00 16.60 0.69
C VAL A 912 -24.31 16.27 -0.04
N GLN A 913 -25.26 15.70 0.67
CA GLN A 913 -26.54 15.33 0.10
C GLN A 913 -27.66 15.46 1.13
N PHE A 914 -28.83 15.90 0.68
CA PHE A 914 -29.97 16.11 1.57
C PHE A 914 -30.66 14.79 1.93
N THR A 915 -30.82 13.93 0.92
CA THR A 915 -31.42 12.62 1.15
C THR A 915 -30.67 11.55 0.35
N TYR A 916 -30.43 10.41 0.98
CA TYR A 916 -29.63 9.36 0.38
C TYR A 916 -30.35 8.69 -0.79
N GLY A 917 -29.71 8.72 -1.96
CA GLY A 917 -30.26 8.11 -3.16
C GLY A 917 -31.57 8.71 -3.64
N GLY A 918 -31.93 9.87 -3.08
CA GLY A 918 -33.19 10.50 -3.39
C GLY A 918 -34.37 9.75 -2.80
N ASP A 919 -34.07 8.75 -1.98
CA ASP A 919 -35.09 7.90 -1.39
C ASP A 919 -34.91 7.82 0.13
N GLY A 920 -33.77 7.28 0.56
CA GLY A 920 -33.50 7.09 1.97
C GLY A 920 -33.64 5.64 2.37
N LEU A 921 -33.79 4.77 1.38
CA LEU A 921 -33.91 3.33 1.63
C LEU A 921 -32.57 2.64 1.44
N ASP A 922 -32.26 1.71 2.35
CA ASP A 922 -30.97 1.02 2.34
C ASP A 922 -31.04 -0.26 1.51
N PRO A 923 -30.08 -0.44 0.60
CA PRO A 923 -30.03 -1.63 -0.27
C PRO A 923 -29.74 -2.92 0.50
N LEU A 924 -29.21 -2.82 1.72
CA LEU A 924 -28.94 -3.99 2.53
C LEU A 924 -30.25 -4.69 2.89
N GLU A 925 -31.18 -3.94 3.46
CA GLU A 925 -32.50 -4.47 3.76
C GLU A 925 -33.51 -3.95 2.72
N MET A 926 -33.93 -4.85 1.84
CA MET A 926 -34.81 -4.49 0.73
C MET A 926 -35.31 -5.77 0.05
N GLU A 927 -36.08 -5.61 -1.01
CA GLU A 927 -36.62 -6.77 -1.74
C GLU A 927 -36.37 -6.65 -3.24
N GLY A 928 -36.94 -7.58 -4.00
CA GLY A 928 -36.70 -7.68 -5.43
C GLY A 928 -37.04 -6.45 -6.24
N ASN A 929 -36.44 -6.36 -7.43
CA ASN A 929 -36.65 -5.25 -8.35
C ASN A 929 -36.27 -3.90 -7.76
N ALA A 930 -35.28 -3.91 -6.87
CA ALA A 930 -34.73 -2.70 -6.25
C ALA A 930 -35.79 -1.91 -5.46
N GLN A 931 -36.85 -2.60 -5.04
CA GLN A 931 -37.85 -2.01 -4.16
C GLN A 931 -38.29 -3.02 -3.10
N PRO A 932 -38.52 -2.55 -1.87
CA PRO A 932 -38.92 -3.43 -0.76
C PRO A 932 -40.43 -3.73 -0.74
N VAL A 933 -40.95 -4.26 -1.84
CA VAL A 933 -42.38 -4.54 -1.92
C VAL A 933 -42.66 -6.00 -2.27
N ASN A 934 -42.36 -6.37 -3.51
CA ASN A 934 -42.67 -7.70 -4.04
C ASN A 934 -44.16 -8.02 -3.87
N PHE A 935 -44.99 -7.33 -4.64
CA PHE A 935 -46.45 -7.45 -4.57
C PHE A 935 -46.96 -8.89 -4.60
N ASN A 936 -46.70 -9.57 -5.71
CA ASN A 936 -47.19 -10.93 -5.94
C ASN A 936 -46.91 -11.89 -4.78
N ARG A 937 -45.71 -11.78 -4.20
CA ARG A 937 -45.34 -12.61 -3.06
C ARG A 937 -46.19 -12.28 -1.84
N SER A 938 -46.26 -10.99 -1.50
CA SER A 938 -46.97 -10.54 -0.31
C SER A 938 -48.48 -10.77 -0.41
N TRP A 939 -49.00 -10.76 -1.64
CA TRP A 939 -50.41 -10.99 -1.85
C TRP A 939 -50.80 -12.43 -1.53
N ASP A 940 -50.06 -13.38 -2.10
CA ASP A 940 -50.31 -14.78 -1.84
C ASP A 940 -49.92 -15.15 -0.40
N HIS A 941 -49.03 -14.35 0.19
CA HIS A 941 -48.57 -14.59 1.55
C HIS A 941 -49.70 -14.43 2.54
N ALA A 942 -50.45 -13.35 2.40
CA ALA A 942 -51.60 -13.09 3.26
C ALA A 942 -52.79 -13.92 2.83
N TYR A 943 -52.83 -14.29 1.55
CA TYR A 943 -53.96 -15.00 0.98
C TYR A 943 -54.20 -16.36 1.63
N ASN A 944 -53.17 -17.22 1.62
CA ASN A 944 -53.32 -18.58 2.13
C ASN A 944 -53.35 -18.63 3.66
N ILE A 945 -52.83 -17.59 4.30
CA ILE A 945 -52.80 -17.54 5.76
C ILE A 945 -54.18 -17.20 6.34
N THR A 946 -54.82 -16.18 5.78
CA THR A 946 -56.13 -15.76 6.26
C THR A 946 -57.25 -16.54 5.57
N PHE A 947 -56.87 -17.45 4.69
CA PHE A 947 -57.84 -18.25 3.93
C PHE A 947 -58.76 -19.03 4.86
N ASN A 948 -60.06 -18.96 4.58
CA ASN A 948 -61.06 -19.64 5.38
C ASN A 948 -62.25 -20.07 4.53
N ASN A 949 -62.91 -21.15 4.96
CA ASN A 949 -64.05 -21.70 4.23
C ASN A 949 -65.37 -21.31 4.89
N GLN A 950 -66.40 -21.16 4.07
CA GLN A 950 -67.78 -20.90 4.51
C GLN A 950 -67.98 -19.45 4.95
N ASP A 951 -66.90 -18.67 4.95
CA ASP A 951 -66.97 -17.29 5.45
C ASP A 951 -66.71 -16.24 4.37
N LYS A 952 -67.58 -15.23 4.33
CA LYS A 952 -67.41 -14.02 3.52
C LYS A 952 -67.18 -14.25 2.03
N GLY A 953 -66.27 -13.47 1.47
CA GLY A 953 -65.95 -13.54 0.05
C GLY A 953 -66.97 -12.85 -0.84
N LEU A 954 -67.75 -11.94 -0.26
CA LEU A 954 -68.86 -11.31 -0.97
C LEU A 954 -68.47 -10.14 -1.88
N LEU A 955 -67.61 -9.25 -1.39
CA LEU A 955 -67.41 -7.94 -2.01
C LEU A 955 -66.73 -7.95 -3.38
N PRO A 956 -67.48 -7.56 -4.42
CA PRO A 956 -67.02 -7.36 -5.81
C PRO A 956 -66.20 -6.09 -6.05
N TYR A 957 -66.55 -5.01 -5.35
CA TYR A 957 -66.10 -3.66 -5.71
C TYR A 957 -65.44 -2.94 -4.53
N ALA A 958 -66.15 -2.87 -3.41
CA ALA A 958 -65.84 -1.98 -2.30
C ALA A 958 -64.42 -2.12 -1.75
N ILE A 959 -63.68 -3.11 -2.24
CA ILE A 959 -62.25 -3.23 -1.98
C ILE A 959 -61.54 -1.89 -2.17
N MET A 960 -61.97 -1.13 -3.18
CA MET A 960 -61.45 0.21 -3.41
C MET A 960 -61.70 1.13 -2.21
N GLU A 961 -62.86 0.96 -1.58
CA GLU A 961 -63.21 1.77 -0.41
C GLU A 961 -62.36 1.37 0.78
N THR A 962 -62.00 0.09 0.85
CA THR A 962 -61.08 -0.39 1.87
C THR A 962 -59.66 0.04 1.52
N ALA A 963 -59.45 0.35 0.25
CA ALA A 963 -58.17 0.87 -0.22
C ALA A 963 -58.13 2.39 -0.01
N ASN A 964 -59.29 2.96 0.29
CA ASN A 964 -59.37 4.38 0.63
C ASN A 964 -59.06 4.60 2.10
N GLU A 965 -59.02 3.50 2.86
CA GLU A 965 -58.59 3.53 4.24
C GLU A 965 -57.10 3.84 4.31
N ILE A 966 -56.39 3.41 3.27
CA ILE A 966 -54.96 3.71 3.12
C ILE A 966 -54.68 5.20 3.06
N LEU A 967 -55.17 5.83 1.99
CA LEU A 967 -54.80 7.20 1.63
C LEU A 967 -55.09 8.25 2.70
N GLY A 968 -56.32 8.27 3.21
CA GLY A 968 -56.79 9.34 4.07
C GLY A 968 -55.92 9.66 5.28
N PRO A 969 -55.64 8.66 6.13
CA PRO A 969 -54.73 8.87 7.27
C PRO A 969 -53.28 9.10 6.84
N LEU A 970 -52.85 8.44 5.78
CA LEU A 970 -51.45 8.50 5.36
C LEU A 970 -51.10 9.78 4.59
N GLU A 971 -52.04 10.30 3.82
CA GLU A 971 -51.79 11.47 2.99
C GLU A 971 -52.09 12.78 3.71
N GLU A 972 -52.72 12.68 4.88
CA GLU A 972 -53.08 13.88 5.65
C GLU A 972 -51.89 14.43 6.42
N ARG A 973 -50.91 13.57 6.70
CA ARG A 973 -49.74 13.98 7.47
C ARG A 973 -48.81 14.85 6.62
N LEU A 974 -48.66 14.48 5.36
CA LEU A 974 -47.71 15.13 4.46
C LEU A 974 -48.23 16.47 3.93
N VAL A 975 -49.55 16.52 3.68
CA VAL A 975 -50.25 17.66 3.07
C VAL A 975 -49.44 18.24 1.89
N ARG A 976 -49.33 19.56 1.82
CA ARG A 976 -48.55 20.20 0.76
C ARG A 976 -47.89 21.48 1.26
N TYR A 977 -46.65 21.72 0.82
CA TYR A 977 -45.95 22.96 1.14
C TYR A 977 -45.42 23.62 -0.13
N ASP A 978 -45.96 24.80 -0.43
CA ASP A 978 -45.56 25.55 -1.62
C ASP A 978 -44.44 26.52 -1.28
N ASN A 979 -43.31 26.37 -1.97
CA ASN A 979 -42.18 27.29 -1.83
C ASN A 979 -41.71 27.41 -0.39
N SER A 980 -41.83 28.63 0.15
CA SER A 980 -41.40 28.89 1.51
C SER A 980 -42.54 29.36 2.41
N GLY A 981 -42.90 28.51 3.38
CA GLY A 981 -43.91 28.85 4.37
C GLY A 981 -45.29 29.14 3.83
N CYS A 982 -45.66 28.48 2.74
CA CYS A 982 -46.98 28.68 2.13
C CYS A 982 -47.55 27.37 1.58
N LEU A 983 -48.86 27.22 1.69
CA LEU A 983 -49.56 26.09 1.08
C LEU A 983 -49.83 26.34 -0.40
N VAL A 984 -49.94 25.27 -1.18
CA VAL A 984 -50.30 25.40 -2.58
C VAL A 984 -51.81 25.22 -2.72
N LYS A 985 -52.37 25.43 -3.92
CA LYS A 985 -53.81 25.30 -4.10
C LYS A 985 -54.25 24.52 -5.34
N ARG A 986 -54.84 23.35 -5.13
CA ARG A 986 -55.80 22.75 -6.05
C ARG A 986 -55.32 22.40 -7.46
N GLU A 987 -54.13 22.88 -7.83
CA GLU A 987 -53.67 22.77 -9.22
C GLU A 987 -52.27 22.18 -9.33
N ASP A 988 -51.30 22.87 -8.75
CA ASP A 988 -49.88 22.51 -8.89
C ASP A 988 -49.56 21.10 -8.41
N LEU A 989 -50.51 20.46 -7.75
CA LEU A 989 -50.40 19.05 -7.36
C LEU A 989 -49.97 18.19 -8.53
N ASN A 990 -50.54 18.48 -9.70
CA ASN A 990 -50.14 17.81 -10.94
C ASN A 990 -48.88 18.43 -11.51
N LYS A 991 -48.80 19.76 -11.46
CA LYS A 991 -47.67 20.51 -12.00
C LYS A 991 -46.37 20.15 -11.26
N ALA A 992 -46.38 20.34 -9.94
CA ALA A 992 -45.29 19.93 -9.06
C ALA A 992 -43.93 20.50 -9.46
N GLU A 993 -43.89 21.80 -9.76
CA GLU A 993 -42.63 22.48 -9.99
C GLU A 993 -41.96 22.77 -8.65
N TYR A 994 -42.77 22.80 -7.61
CA TYR A 994 -42.34 23.17 -6.27
C TYR A 994 -41.97 21.97 -5.41
N VAL A 995 -41.93 20.78 -6.01
CA VAL A 995 -41.56 19.52 -5.33
C VAL A 995 -42.36 19.34 -4.02
N ASP A 996 -41.71 19.50 -2.85
CA ASP A 996 -42.10 18.93 -1.54
C ASP A 996 -41.37 17.60 -1.31
N GLN A 997 -40.59 17.20 -2.31
CA GLN A 997 -39.78 15.98 -2.23
C GLN A 997 -40.70 14.81 -1.90
N TYR A 998 -40.23 13.87 -1.08
CA TYR A 998 -41.09 12.85 -0.48
C TYR A 998 -41.77 11.95 -1.51
N ASP A 999 -41.58 12.24 -2.79
CA ASP A 999 -42.31 11.59 -3.89
C ASP A 999 -42.20 10.08 -3.84
N ALA A 1000 -41.15 9.59 -3.21
CA ALA A 1000 -40.97 8.16 -3.00
C ALA A 1000 -42.08 7.61 -2.09
N GLU A 1001 -42.57 8.45 -1.18
CA GLU A 1001 -43.62 8.05 -0.25
C GLU A 1001 -45.00 8.07 -0.91
N ARG A 1002 -45.26 9.10 -1.70
CA ARG A 1002 -46.55 9.23 -2.39
C ARG A 1002 -46.70 8.19 -3.49
N ASP A 1003 -45.70 8.09 -4.35
CA ASP A 1003 -45.75 7.18 -5.50
C ASP A 1003 -45.85 5.72 -5.06
N PHE A 1004 -45.38 5.43 -3.85
CA PHE A 1004 -45.50 4.10 -3.29
C PHE A 1004 -46.95 3.80 -2.94
N TYR A 1005 -47.61 4.76 -2.29
CA TYR A 1005 -49.02 4.62 -1.94
C TYR A 1005 -49.87 4.57 -3.20
N HIS A 1006 -49.51 5.41 -4.18
CA HIS A 1006 -50.19 5.45 -5.46
C HIS A 1006 -50.16 4.09 -6.17
N SER A 1007 -48.95 3.63 -6.49
CA SER A 1007 -48.75 2.37 -7.20
C SER A 1007 -49.38 1.18 -6.46
N LEU A 1008 -49.35 1.24 -5.13
CA LEU A 1008 -49.95 0.19 -4.31
C LEU A 1008 -51.46 0.18 -4.47
N ARG A 1009 -52.04 1.37 -4.57
CA ARG A 1009 -53.49 1.51 -4.73
C ARG A 1009 -53.95 1.04 -6.10
N GLU A 1010 -53.24 1.46 -7.14
CA GLU A 1010 -53.62 1.13 -8.51
C GLU A 1010 -53.38 -0.36 -8.81
N TYR A 1011 -52.48 -0.98 -8.05
CA TYR A 1011 -52.24 -2.41 -8.18
C TYR A 1011 -53.48 -3.20 -7.75
N ILE A 1012 -54.12 -2.75 -6.69
CA ILE A 1012 -55.35 -3.36 -6.22
C ILE A 1012 -56.47 -3.10 -7.22
N ASN A 1013 -56.41 -1.93 -7.86
CA ASN A 1013 -57.39 -1.55 -8.88
C ASN A 1013 -57.28 -2.48 -10.09
N GLY A 1014 -56.05 -2.79 -10.49
CA GLY A 1014 -55.82 -3.68 -11.62
C GLY A 1014 -56.35 -5.08 -11.36
N LYS A 1015 -56.28 -5.51 -10.12
CA LYS A 1015 -56.81 -6.81 -9.73
C LYS A 1015 -58.33 -6.74 -9.58
N ALA A 1016 -58.83 -5.56 -9.22
CA ALA A 1016 -60.26 -5.35 -9.06
C ALA A 1016 -60.96 -5.29 -10.41
N THR A 1017 -60.36 -4.60 -11.36
CA THR A 1017 -60.92 -4.48 -12.70
C THR A 1017 -60.77 -5.80 -13.46
N ALA A 1018 -59.87 -6.65 -12.98
CA ALA A 1018 -59.70 -7.98 -13.55
C ALA A 1018 -60.89 -8.85 -13.18
N LEU A 1019 -61.43 -8.62 -11.98
CA LEU A 1019 -62.61 -9.33 -11.52
C LEU A 1019 -63.84 -8.88 -12.31
N ALA A 1020 -63.81 -7.64 -12.78
CA ALA A 1020 -64.89 -7.07 -13.57
C ALA A 1020 -65.10 -7.83 -14.88
N ASN A 1021 -64.04 -7.91 -15.67
CA ASN A 1021 -64.09 -8.60 -16.95
C ASN A 1021 -64.38 -10.09 -16.78
N LEU A 1022 -63.95 -10.63 -15.64
CA LEU A 1022 -64.17 -12.04 -15.32
C LEU A 1022 -65.62 -12.29 -14.93
N ARG A 1023 -66.25 -11.30 -14.30
CA ARG A 1023 -67.63 -11.42 -13.85
C ARG A 1023 -68.60 -11.22 -15.02
N LYS A 1024 -68.26 -10.31 -15.93
CA LYS A 1024 -69.13 -10.02 -17.07
C LYS A 1024 -68.94 -11.02 -18.21
N SER A 1025 -67.88 -11.82 -18.10
CA SER A 1025 -67.62 -12.86 -19.10
C SER A 1025 -68.63 -14.00 -18.96
N ARG A 1026 -69.22 -14.12 -17.77
CA ARG A 1026 -70.22 -15.13 -17.49
C ARG A 1026 -71.63 -14.66 -17.86
N GLY A 1027 -71.71 -13.46 -18.42
CA GLY A 1027 -72.99 -12.87 -18.77
C GLY A 1027 -73.68 -12.27 -17.58
N MET A 1028 -72.89 -11.70 -16.66
CA MET A 1028 -73.42 -11.05 -15.48
C MET A 1028 -73.19 -9.55 -15.56
N LEU A 1029 -74.05 -8.79 -14.90
CA LEU A 1029 -74.04 -7.33 -15.03
C LEU A 1029 -72.78 -6.69 -14.45
N GLY A 1030 -72.53 -5.45 -14.86
CA GLY A 1030 -71.28 -4.76 -14.64
C GLY A 1030 -71.18 -3.98 -13.34
N LEU A 1031 -71.91 -4.44 -12.33
CA LEU A 1031 -72.19 -3.66 -11.12
C LEU A 1031 -71.00 -2.98 -10.45
N LEU A 1032 -69.78 -3.47 -10.64
CA LEU A 1032 -68.68 -2.94 -9.84
C LEU A 1032 -68.10 -1.69 -10.48
N GLU A 1033 -68.34 -0.58 -9.80
CA GLU A 1033 -68.07 0.78 -10.23
C GLU A 1033 -68.34 1.60 -8.96
N PRO A 1034 -68.37 2.95 -9.04
CA PRO A 1034 -68.97 3.60 -7.87
C PRO A 1034 -70.31 2.99 -7.45
N PRO A 1035 -70.50 2.77 -6.15
CA PRO A 1035 -71.53 1.90 -5.54
C PRO A 1035 -72.96 2.16 -5.98
N ALA A 1036 -73.79 1.12 -5.91
CA ALA A 1036 -75.21 1.20 -6.25
C ALA A 1036 -75.89 2.31 -5.45
N LYS A 1037 -76.73 3.09 -6.12
CA LYS A 1037 -77.28 4.31 -5.54
C LYS A 1037 -78.43 4.07 -4.56
N GLU A 1038 -79.29 3.10 -4.86
CA GLU A 1038 -80.48 2.86 -4.05
C GLU A 1038 -80.06 2.54 -2.61
N LEU A 1039 -80.94 2.83 -1.66
CA LEU A 1039 -80.64 2.65 -0.25
C LEU A 1039 -80.18 1.21 -0.04
N GLN A 1040 -78.97 1.07 0.51
CA GLN A 1040 -78.22 -0.18 0.43
C GLN A 1040 -78.87 -1.31 1.22
N GLY A 1041 -78.50 -2.55 0.89
CA GLY A 1041 -79.15 -3.71 1.45
C GLY A 1041 -80.07 -4.33 0.42
N ILE A 1042 -79.91 -3.91 -0.83
CA ILE A 1042 -80.70 -4.40 -1.95
C ILE A 1042 -80.49 -5.90 -2.19
N ASP A 1043 -79.27 -6.36 -1.92
CA ASP A 1043 -78.84 -7.70 -2.29
C ASP A 1043 -79.05 -7.91 -3.80
N PRO A 1044 -78.26 -7.20 -4.62
CA PRO A 1044 -78.44 -7.11 -6.07
C PRO A 1044 -78.23 -8.43 -6.80
N ASP A 1045 -77.56 -9.38 -6.14
CA ASP A 1045 -77.25 -10.67 -6.75
C ASP A 1045 -78.46 -11.58 -6.91
N GLU A 1046 -79.60 -11.12 -6.39
CA GLU A 1046 -80.85 -11.89 -6.39
C GLU A 1046 -81.23 -12.48 -7.75
N THR A 1047 -81.46 -11.61 -8.73
CA THR A 1047 -81.99 -12.03 -10.03
C THR A 1047 -81.10 -13.02 -10.79
N VAL A 1048 -79.85 -13.17 -10.35
CA VAL A 1048 -78.93 -14.12 -10.96
C VAL A 1048 -79.37 -15.55 -10.69
N PRO A 1049 -79.49 -16.37 -11.76
CA PRO A 1049 -80.03 -17.73 -11.68
C PRO A 1049 -79.12 -18.75 -10.98
N ASP A 1050 -79.09 -18.71 -9.65
CA ASP A 1050 -78.52 -19.77 -8.83
C ASP A 1050 -77.04 -20.06 -9.09
N ASN A 1051 -76.76 -21.30 -9.47
CA ASN A 1051 -75.39 -21.84 -9.49
C ASN A 1051 -74.40 -21.10 -10.38
N VAL A 1052 -74.91 -20.36 -11.36
CA VAL A 1052 -74.05 -19.60 -12.27
C VAL A 1052 -73.21 -18.59 -11.49
N LYS A 1053 -73.81 -17.99 -10.47
CA LYS A 1053 -73.11 -17.06 -9.60
C LYS A 1053 -72.17 -17.81 -8.65
N THR A 1054 -72.66 -18.91 -8.10
CA THR A 1054 -71.90 -19.71 -7.15
C THR A 1054 -70.68 -20.33 -7.81
N SER A 1055 -70.79 -20.59 -9.11
CA SER A 1055 -69.69 -21.16 -9.89
C SER A 1055 -68.53 -20.18 -10.00
N VAL A 1056 -68.85 -18.89 -10.12
CA VAL A 1056 -67.83 -17.85 -10.22
C VAL A 1056 -67.15 -17.66 -8.86
N SER A 1057 -67.91 -17.88 -7.80
CA SER A 1057 -67.43 -17.66 -6.44
C SER A 1057 -66.32 -18.64 -6.05
N GLN A 1058 -66.33 -19.83 -6.63
CA GLN A 1058 -65.32 -20.83 -6.31
C GLN A 1058 -64.01 -20.58 -7.07
N LEU A 1059 -64.11 -20.03 -8.28
CA LEU A 1059 -62.94 -19.85 -9.13
C LEU A 1059 -62.04 -18.73 -8.60
N TYR A 1060 -62.61 -17.55 -8.41
CA TYR A 1060 -61.90 -16.46 -7.76
C TYR A 1060 -62.68 -16.02 -6.53
N ARG A 1061 -62.09 -15.11 -5.75
CA ARG A 1061 -62.76 -14.45 -4.63
C ARG A 1061 -61.81 -13.51 -3.90
N ILE A 1062 -62.37 -12.54 -3.19
CA ILE A 1062 -61.61 -11.67 -2.31
C ILE A 1062 -62.44 -11.38 -1.06
N SER A 1063 -61.86 -11.57 0.12
CA SER A 1063 -62.62 -11.38 1.35
C SER A 1063 -61.92 -10.58 2.44
N GLU A 1064 -62.45 -9.39 2.73
CA GLU A 1064 -62.22 -8.70 4.00
C GLU A 1064 -60.76 -8.62 4.42
N LYS A 1065 -60.46 -9.29 5.53
CA LYS A 1065 -59.14 -9.29 6.17
C LYS A 1065 -58.00 -9.59 5.19
N SER A 1066 -58.29 -10.37 4.16
CA SER A 1066 -57.31 -10.65 3.10
C SER A 1066 -56.64 -9.37 2.62
N VAL A 1067 -57.44 -8.45 2.08
CA VAL A 1067 -56.97 -7.13 1.70
C VAL A 1067 -56.29 -6.43 2.88
N ARG A 1068 -56.89 -6.53 4.05
CA ARG A 1068 -56.34 -5.90 5.25
C ARG A 1068 -55.00 -6.52 5.65
N LYS A 1069 -54.92 -7.84 5.62
CA LYS A 1069 -53.67 -8.53 5.91
C LYS A 1069 -52.63 -8.22 4.85
N PHE A 1070 -53.10 -7.99 3.61
CA PHE A 1070 -52.22 -7.59 2.52
C PHE A 1070 -51.67 -6.19 2.77
N LEU A 1071 -52.54 -5.27 3.16
CA LEU A 1071 -52.14 -3.90 3.44
C LEU A 1071 -51.38 -3.81 4.75
N GLU A 1072 -51.64 -4.76 5.64
CA GLU A 1072 -50.89 -4.88 6.89
C GLU A 1072 -49.40 -5.04 6.60
N ILE A 1073 -49.04 -6.13 5.95
CA ILE A 1073 -47.66 -6.44 5.61
C ILE A 1073 -47.07 -5.41 4.63
N ALA A 1074 -47.94 -4.79 3.84
CA ALA A 1074 -47.52 -3.83 2.82
C ALA A 1074 -46.68 -2.69 3.36
N LEU A 1075 -47.30 -1.82 4.16
CA LEU A 1075 -46.59 -0.67 4.71
C LEU A 1075 -45.69 -1.07 5.87
N PHE A 1076 -45.88 -2.28 6.37
CA PHE A 1076 -45.04 -2.81 7.44
C PHE A 1076 -43.62 -3.03 6.95
N LYS A 1077 -43.49 -3.74 5.83
CA LYS A 1077 -42.18 -3.99 5.24
C LYS A 1077 -41.57 -2.70 4.70
N TYR A 1078 -42.42 -1.77 4.27
CA TYR A 1078 -41.95 -0.49 3.77
C TYR A 1078 -41.33 0.34 4.87
N ARG A 1079 -41.96 0.33 6.04
CA ARG A 1079 -41.44 1.04 7.20
C ARG A 1079 -40.21 0.33 7.77
N LYS A 1080 -40.22 -1.00 7.70
CA LYS A 1080 -39.11 -1.81 8.21
C LYS A 1080 -37.82 -1.57 7.41
N ALA A 1081 -37.96 -1.17 6.15
CA ALA A 1081 -36.78 -0.88 5.34
C ALA A 1081 -36.59 0.62 5.18
N ARG A 1082 -35.61 1.15 5.89
CA ARG A 1082 -35.23 2.56 5.82
C ARG A 1082 -33.81 2.71 6.37
N LEU A 1083 -33.16 3.83 6.06
CA LEU A 1083 -31.83 4.08 6.60
C LEU A 1083 -31.90 4.36 8.09
N GLU A 1084 -31.15 3.58 8.87
CA GLU A 1084 -31.06 3.79 10.31
C GLU A 1084 -29.84 4.66 10.61
N PRO A 1085 -30.07 5.82 11.26
CA PRO A 1085 -29.06 6.85 11.52
C PRO A 1085 -27.81 6.32 12.23
N GLY A 1086 -26.67 6.93 11.92
CA GLY A 1086 -25.39 6.47 12.44
C GLY A 1086 -24.83 5.37 11.56
N THR A 1087 -25.27 5.35 10.31
CA THR A 1087 -24.91 4.29 9.38
C THR A 1087 -23.47 4.42 8.89
N ALA A 1088 -22.92 3.29 8.43
CA ALA A 1088 -21.52 3.19 8.00
C ALA A 1088 -21.34 3.44 6.50
N ILE A 1089 -22.41 3.91 5.85
CA ILE A 1089 -22.50 3.95 4.37
C ILE A 1089 -21.24 4.43 3.67
N GLY A 1090 -20.57 5.43 4.23
CA GLY A 1090 -19.31 5.92 3.68
C GLY A 1090 -18.28 4.82 3.51
N ALA A 1091 -18.16 3.96 4.52
CA ALA A 1091 -17.25 2.81 4.46
C ALA A 1091 -17.87 1.67 3.66
N ILE A 1092 -19.19 1.56 3.72
CA ILE A 1092 -19.92 0.50 3.03
C ILE A 1092 -19.80 0.63 1.51
N GLY A 1093 -19.96 1.85 1.01
CA GLY A 1093 -19.88 2.11 -0.41
C GLY A 1093 -18.52 1.81 -1.01
N ALA A 1094 -17.48 1.93 -0.19
CA ALA A 1094 -16.11 1.68 -0.64
C ALA A 1094 -15.86 0.18 -0.83
N GLN A 1095 -16.42 -0.62 0.06
CA GLN A 1095 -16.23 -2.07 0.02
C GLN A 1095 -17.08 -2.73 -1.06
N SER A 1096 -18.20 -2.11 -1.39
CA SER A 1096 -19.11 -2.65 -2.40
C SER A 1096 -18.57 -2.45 -3.82
N ILE A 1097 -18.00 -1.27 -4.07
CA ILE A 1097 -17.53 -0.91 -5.39
C ILE A 1097 -16.17 -1.53 -5.73
N GLY A 1098 -15.27 -1.54 -4.75
CA GLY A 1098 -13.90 -1.99 -4.97
C GLY A 1098 -13.76 -3.40 -5.51
N GLU A 1099 -14.31 -4.38 -4.79
CA GLU A 1099 -14.35 -5.75 -5.28
C GLU A 1099 -15.78 -6.12 -5.64
N PRO A 1100 -16.04 -6.56 -6.88
CA PRO A 1100 -15.33 -6.97 -8.11
C PRO A 1100 -13.81 -6.77 -8.16
N MET A 1117 -13.11 -2.10 -33.48
CA MET A 1117 -12.70 -0.80 -32.97
C MET A 1117 -12.19 -0.92 -31.53
N ASN A 1118 -11.06 -0.27 -31.25
CA ASN A 1118 -10.47 -0.31 -29.93
C ASN A 1118 -11.26 0.51 -28.91
N VAL A 1119 -11.69 -0.16 -27.83
CA VAL A 1119 -12.40 0.52 -26.75
C VAL A 1119 -12.05 -0.10 -25.40
N THR A 1120 -11.81 0.75 -24.41
CA THR A 1120 -11.52 0.28 -23.06
C THR A 1120 -12.81 -0.07 -22.32
N LEU A 1121 -12.79 -1.17 -21.56
CA LEU A 1121 -13.98 -1.68 -20.90
C LEU A 1121 -13.77 -1.91 -19.40
N GLY A 1122 -12.83 -2.81 -19.08
CA GLY A 1122 -12.67 -3.31 -17.73
C GLY A 1122 -12.04 -2.34 -16.75
N VAL A 1123 -11.47 -2.88 -15.67
CA VAL A 1123 -10.97 -2.10 -14.56
C VAL A 1123 -10.01 -0.93 -14.90
N PRO A 1124 -9.16 -1.05 -15.95
CA PRO A 1124 -8.36 0.16 -16.18
C PRO A 1124 -9.17 1.36 -16.65
N ARG A 1125 -10.38 1.12 -17.15
CA ARG A 1125 -11.27 2.21 -17.53
C ARG A 1125 -11.81 2.92 -16.30
N ILE A 1126 -12.12 2.13 -15.27
CA ILE A 1126 -12.58 2.69 -14.00
C ILE A 1126 -11.45 3.51 -13.37
N LYS A 1127 -10.22 3.09 -13.61
CA LYS A 1127 -9.05 3.83 -13.17
C LYS A 1127 -8.99 5.19 -13.83
N GLU A 1128 -9.36 5.24 -15.11
CA GLU A 1128 -9.38 6.49 -15.87
C GLU A 1128 -10.42 7.45 -15.34
N ILE A 1129 -11.53 6.90 -14.87
CA ILE A 1129 -12.62 7.71 -14.30
C ILE A 1129 -12.26 8.21 -12.92
N ILE A 1130 -12.05 7.27 -12.00
CA ILE A 1130 -11.69 7.56 -10.62
C ILE A 1130 -10.55 8.58 -10.50
N ASN A 1131 -9.50 8.40 -11.30
CA ASN A 1131 -8.38 9.33 -11.29
C ASN A 1131 -8.78 10.71 -11.80
N ALA A 1132 -9.74 10.75 -12.71
CA ALA A 1132 -10.24 11.99 -13.32
C ALA A 1132 -9.10 12.78 -13.96
N SER A 1133 -8.25 12.07 -14.71
CA SER A 1133 -7.12 12.70 -15.39
C SER A 1133 -7.58 13.51 -16.60
N LYS A 1134 -6.74 14.46 -17.01
CA LYS A 1134 -7.04 15.29 -18.17
C LYS A 1134 -7.24 14.46 -19.43
N VAL A 1135 -6.17 13.81 -19.89
CA VAL A 1135 -6.23 12.99 -21.09
C VAL A 1135 -6.76 11.59 -20.77
N ILE A 1136 -6.85 10.75 -21.80
CA ILE A 1136 -7.41 9.41 -21.69
C ILE A 1136 -7.28 8.69 -23.04
N SER A 1137 -7.43 7.37 -23.03
CA SER A 1137 -7.27 6.58 -24.25
C SER A 1137 -8.58 6.46 -25.02
N THR A 1138 -8.48 6.61 -26.34
CA THR A 1138 -9.60 6.51 -27.30
C THR A 1138 -10.94 7.02 -26.78
N PRO A 1139 -11.04 8.34 -26.57
CA PRO A 1139 -12.25 8.98 -26.04
C PRO A 1139 -13.30 9.22 -27.12
N ILE A 1140 -14.09 8.19 -27.42
CA ILE A 1140 -15.10 8.29 -28.47
C ILE A 1140 -16.20 9.29 -28.12
N ILE A 1141 -16.76 9.93 -29.15
CA ILE A 1141 -17.85 10.88 -28.98
C ILE A 1141 -19.04 10.45 -29.84
N ASN A 1142 -20.23 10.46 -29.24
CA ASN A 1142 -21.45 10.09 -29.97
C ASN A 1142 -22.27 11.31 -30.36
N ALA A 1143 -22.81 11.29 -31.57
CA ALA A 1143 -23.62 12.40 -32.06
C ALA A 1143 -24.71 11.94 -33.01
N VAL A 1144 -25.83 12.64 -33.00
CA VAL A 1144 -26.94 12.36 -33.92
C VAL A 1144 -26.99 13.44 -35.00
N LEU A 1145 -27.42 13.07 -36.20
CA LEU A 1145 -27.26 13.95 -37.35
C LEU A 1145 -28.55 14.69 -37.73
N VAL A 1146 -29.42 14.02 -38.48
CA VAL A 1146 -30.76 14.51 -38.75
C VAL A 1146 -31.78 13.39 -38.62
N ASN A 1147 -31.66 12.44 -39.55
CA ASN A 1147 -32.58 11.33 -39.69
C ASN A 1147 -31.83 10.11 -40.20
N ASP A 1148 -32.56 9.08 -40.63
CA ASP A 1148 -31.93 7.88 -41.14
C ASP A 1148 -31.92 7.86 -42.67
N ASN A 1149 -30.73 8.03 -43.24
CA ASN A 1149 -30.54 7.98 -44.69
C ASN A 1149 -29.12 7.55 -45.06
N ASP A 1150 -28.99 6.91 -46.23
CA ASP A 1150 -27.70 6.43 -46.70
C ASP A 1150 -26.86 7.51 -47.36
N GLU A 1151 -27.49 8.34 -48.18
CA GLU A 1151 -26.77 9.28 -49.04
C GLU A 1151 -26.66 10.67 -48.42
N ARG A 1152 -25.97 11.56 -49.13
CA ARG A 1152 -25.86 12.98 -48.77
C ARG A 1152 -25.33 13.21 -47.35
N ALA A 1153 -26.16 13.81 -46.51
CA ALA A 1153 -25.76 14.30 -45.19
C ALA A 1153 -24.98 13.30 -44.36
N ALA A 1154 -25.28 12.01 -44.54
CA ALA A 1154 -24.54 10.95 -43.88
C ALA A 1154 -23.05 11.03 -44.20
N ARG A 1155 -22.73 11.07 -45.49
CA ARG A 1155 -21.34 11.17 -45.93
C ARG A 1155 -20.84 12.61 -46.00
N VAL A 1156 -21.76 13.58 -45.95
CA VAL A 1156 -21.38 14.98 -46.01
C VAL A 1156 -20.67 15.40 -44.73
N VAL A 1157 -21.31 15.16 -43.59
CA VAL A 1157 -20.73 15.51 -42.30
C VAL A 1157 -19.59 14.57 -41.96
N LYS A 1158 -19.47 13.48 -42.71
CA LYS A 1158 -18.38 12.54 -42.54
C LYS A 1158 -17.09 13.12 -43.12
N GLY A 1159 -17.20 13.79 -44.25
CA GLY A 1159 -16.03 14.36 -44.91
C GLY A 1159 -15.74 15.79 -44.51
N ARG A 1160 -16.61 16.36 -43.68
CA ARG A 1160 -16.47 17.75 -43.25
C ARG A 1160 -15.40 17.99 -42.18
N VAL A 1161 -15.43 17.17 -41.13
CA VAL A 1161 -14.80 17.54 -39.86
C VAL A 1161 -13.35 17.09 -39.63
N GLU A 1162 -12.80 16.23 -40.48
CA GLU A 1162 -11.53 15.60 -40.10
C GLU A 1162 -10.30 15.84 -40.99
N LYS A 1163 -9.17 16.08 -40.31
CA LYS A 1163 -7.83 16.03 -40.88
C LYS A 1163 -7.53 16.94 -42.06
N THR A 1164 -6.76 16.38 -42.98
CA THR A 1164 -6.30 17.09 -44.17
C THR A 1164 -6.37 16.18 -45.40
N LEU A 1165 -7.14 16.61 -46.39
CA LEU A 1165 -7.21 15.89 -47.65
C LEU A 1165 -6.24 16.50 -48.66
N LEU A 1166 -5.48 17.50 -48.19
CA LEU A 1166 -4.52 18.20 -49.03
C LEU A 1166 -3.50 17.25 -49.64
N SER A 1167 -2.93 16.37 -48.81
CA SER A 1167 -1.93 15.42 -49.27
C SER A 1167 -2.53 14.34 -50.17
N ASP A 1168 -3.85 14.24 -50.14
CA ASP A 1168 -4.57 13.25 -50.95
C ASP A 1168 -4.88 13.78 -52.34
N VAL A 1169 -5.68 14.84 -52.39
CA VAL A 1169 -6.16 15.42 -53.64
C VAL A 1169 -5.06 16.17 -54.42
N ALA A 1170 -3.87 16.27 -53.82
CA ALA A 1170 -2.79 17.10 -54.37
C ALA A 1170 -2.33 16.70 -55.77
N PHE A 1171 -2.72 15.53 -56.25
CA PHE A 1171 -2.26 15.00 -57.53
C PHE A 1171 -0.74 14.92 -57.50
N TYR A 1172 -0.06 15.67 -58.37
CA TYR A 1172 1.40 15.70 -58.31
C TYR A 1172 1.92 17.05 -57.82
N VAL A 1173 2.97 17.02 -57.00
CA VAL A 1173 3.59 18.24 -56.51
C VAL A 1173 4.90 18.50 -57.26
N GLN A 1174 4.97 19.65 -57.93
CA GLN A 1174 6.11 19.96 -58.77
C GLN A 1174 6.94 21.13 -58.23
N ASP A 1175 8.26 20.99 -58.32
CA ASP A 1175 9.17 22.04 -57.90
C ASP A 1175 9.99 22.54 -59.09
N VAL A 1176 9.75 23.79 -59.49
CA VAL A 1176 10.36 24.33 -60.70
C VAL A 1176 11.17 25.59 -60.42
N TYR A 1177 12.36 25.68 -61.02
CA TYR A 1177 13.16 26.88 -60.96
C TYR A 1177 13.48 27.38 -62.37
N LYS A 1178 12.94 28.55 -62.71
CA LYS A 1178 13.17 29.15 -64.03
C LYS A 1178 13.63 30.59 -63.91
N ASP A 1179 14.79 30.88 -64.47
CA ASP A 1179 15.38 32.22 -64.46
C ASP A 1179 15.53 32.77 -63.05
N ASN A 1180 14.93 33.93 -62.79
CA ASN A 1180 15.06 34.61 -61.50
C ASN A 1180 13.92 34.32 -60.53
N LEU A 1181 12.95 33.51 -60.97
CA LEU A 1181 11.78 33.23 -60.15
C LEU A 1181 11.82 31.84 -59.52
N SER A 1182 11.35 31.75 -58.28
CA SER A 1182 11.24 30.48 -57.59
C SER A 1182 9.79 30.01 -57.57
N PHE A 1183 9.56 28.77 -57.98
CA PHE A 1183 8.19 28.28 -58.15
C PHE A 1183 7.89 27.01 -57.36
N ILE A 1184 6.84 27.07 -56.53
CA ILE A 1184 6.23 25.88 -55.97
C ILE A 1184 4.96 25.59 -56.76
N GLN A 1185 4.88 24.39 -57.33
CA GLN A 1185 3.73 24.07 -58.19
C GLN A 1185 2.93 22.89 -57.66
N VAL A 1186 1.70 23.18 -57.24
CA VAL A 1186 0.77 22.14 -56.81
C VAL A 1186 -0.53 22.25 -57.61
N ARG A 1187 -0.82 21.25 -58.42
CA ARG A 1187 -2.01 21.25 -59.25
C ARG A 1187 -3.02 20.22 -58.76
N ILE A 1188 -4.16 20.71 -58.30
CA ILE A 1188 -5.18 19.85 -57.70
C ILE A 1188 -6.06 19.19 -58.76
N ASP A 1189 -6.29 17.88 -58.59
CA ASP A 1189 -7.20 17.15 -59.46
C ASP A 1189 -8.63 17.28 -58.94
N LEU A 1190 -9.52 17.77 -59.80
CA LEU A 1190 -10.90 18.05 -59.40
C LEU A 1190 -11.72 16.78 -59.17
N GLY A 1191 -11.20 15.64 -59.63
CA GLY A 1191 -11.91 14.38 -59.57
C GLY A 1191 -12.26 13.90 -58.17
N THR A 1192 -11.37 14.16 -57.21
CA THR A 1192 -11.56 13.68 -55.85
C THR A 1192 -12.56 14.53 -55.07
N ILE A 1193 -12.51 15.84 -55.27
CA ILE A 1193 -13.40 16.76 -54.57
C ILE A 1193 -14.85 16.58 -55.05
N ASP A 1194 -15.01 16.02 -56.24
CA ASP A 1194 -16.34 15.75 -56.77
C ASP A 1194 -16.97 14.52 -56.11
N LYS A 1195 -16.20 13.45 -56.02
CA LYS A 1195 -16.67 12.21 -55.40
C LYS A 1195 -16.73 12.32 -53.88
N LEU A 1196 -15.63 12.77 -53.28
CA LEU A 1196 -15.60 13.03 -51.85
C LEU A 1196 -16.06 14.45 -51.58
N GLN A 1197 -17.14 14.59 -50.81
CA GLN A 1197 -17.78 15.89 -50.65
C GLN A 1197 -17.05 16.79 -49.66
N LEU A 1198 -16.57 17.92 -50.16
CA LEU A 1198 -15.99 18.99 -49.35
C LEU A 1198 -16.45 20.30 -49.99
N GLU A 1199 -16.85 21.27 -49.17
CA GLU A 1199 -17.49 22.46 -49.74
C GLU A 1199 -16.49 23.58 -50.01
N LEU A 1200 -16.20 23.78 -51.29
CA LEU A 1200 -15.36 24.85 -51.82
C LEU A 1200 -15.16 24.63 -53.31
N THR A 1201 -14.49 25.57 -53.97
CA THR A 1201 -14.07 25.34 -55.35
C THR A 1201 -12.55 25.33 -55.44
N ILE A 1202 -11.96 26.52 -55.36
CA ILE A 1202 -10.50 26.65 -55.35
C ILE A 1202 -10.04 27.58 -54.22
N GLU A 1203 -10.48 28.83 -54.26
CA GLU A 1203 -10.00 29.91 -53.38
C GLU A 1203 -9.98 29.57 -51.89
N ASP A 1204 -10.85 28.67 -51.46
CA ASP A 1204 -10.93 28.33 -50.04
C ASP A 1204 -9.80 27.42 -49.58
N ILE A 1205 -9.17 26.69 -50.49
CA ILE A 1205 -7.92 26.01 -50.14
C ILE A 1205 -6.79 27.01 -50.24
N ALA A 1206 -6.96 28.01 -51.12
CA ALA A 1206 -5.96 29.04 -51.31
C ALA A 1206 -5.86 29.91 -50.07
N VAL A 1207 -6.99 30.11 -49.40
CA VAL A 1207 -6.99 30.81 -48.13
C VAL A 1207 -6.54 29.84 -47.04
N ALA A 1208 -6.66 28.54 -47.31
CA ALA A 1208 -6.14 27.53 -46.40
C ALA A 1208 -4.63 27.35 -46.61
N ILE A 1209 -4.19 27.60 -47.84
CA ILE A 1209 -2.77 27.61 -48.15
C ILE A 1209 -2.10 28.80 -47.46
N THR A 1210 -2.79 29.94 -47.46
CA THR A 1210 -2.25 31.13 -46.82
C THR A 1210 -2.40 31.03 -45.31
N ARG A 1211 -3.26 30.12 -44.84
CA ARG A 1211 -3.32 29.81 -43.42
C ARG A 1211 -2.01 29.18 -43.00
N ALA A 1212 -1.63 28.13 -43.71
CA ALA A 1212 -0.36 27.44 -43.50
C ALA A 1212 0.81 28.42 -43.59
N SER A 1213 0.72 29.32 -44.56
CA SER A 1213 1.73 30.35 -44.74
C SER A 1213 1.82 31.24 -43.50
N LYS A 1214 0.66 31.66 -43.00
CA LYS A 1214 0.60 32.50 -41.81
C LYS A 1214 1.06 31.78 -40.56
N LEU A 1215 0.86 30.46 -40.51
CA LEU A 1215 1.16 29.72 -39.28
C LEU A 1215 2.65 29.46 -39.09
N LYS A 1216 3.20 28.52 -39.84
CA LYS A 1216 4.58 28.11 -39.63
C LYS A 1216 5.63 28.65 -40.62
N ILE A 1217 5.22 29.37 -41.66
CA ILE A 1217 6.20 29.68 -42.71
C ILE A 1217 6.42 31.17 -43.01
N GLN A 1218 5.52 31.79 -43.78
CA GLN A 1218 5.79 33.12 -44.31
C GLN A 1218 4.53 33.83 -44.80
N ALA A 1219 4.58 35.17 -44.89
CA ALA A 1219 3.59 35.90 -45.65
C ALA A 1219 4.27 36.61 -46.82
N SER A 1220 4.08 36.09 -48.03
CA SER A 1220 4.70 36.69 -49.21
C SER A 1220 3.73 36.91 -50.37
N ASP A 1221 3.34 35.81 -51.01
CA ASP A 1221 2.52 35.89 -52.22
C ASP A 1221 1.79 34.57 -52.49
N VAL A 1222 0.76 34.64 -53.34
CA VAL A 1222 0.03 33.45 -53.76
C VAL A 1222 -0.49 33.67 -55.19
N ASN A 1223 -0.56 32.59 -55.97
CA ASN A 1223 -0.98 32.70 -57.36
C ASN A 1223 -2.05 31.68 -57.76
N ILE A 1224 -2.96 32.11 -58.64
CA ILE A 1224 -4.02 31.25 -59.15
C ILE A 1224 -4.18 31.43 -60.66
N ILE A 1225 -4.10 30.33 -61.41
CA ILE A 1225 -4.21 30.41 -62.86
C ILE A 1225 -5.24 29.43 -63.44
N GLY A 1226 -4.99 28.12 -63.30
CA GLY A 1226 -5.89 27.12 -63.84
C GLY A 1226 -5.59 25.73 -63.30
N LYS A 1227 -6.60 24.87 -63.36
CA LYS A 1227 -6.52 23.51 -62.80
C LYS A 1227 -6.05 23.54 -61.35
N ASP A 1228 -6.45 24.60 -60.63
CA ASP A 1228 -6.09 24.79 -59.23
C ASP A 1228 -4.59 24.71 -58.98
N ARG A 1229 -3.81 25.49 -59.74
CA ARG A 1229 -2.37 25.55 -59.51
C ARG A 1229 -2.04 26.73 -58.59
N ILE A 1230 -1.24 26.45 -57.56
CA ILE A 1230 -0.88 27.48 -56.59
C ILE A 1230 0.64 27.67 -56.57
N ALA A 1231 1.08 28.90 -56.87
CA ALA A 1231 2.50 29.20 -56.94
C ALA A 1231 2.96 29.98 -55.71
N ILE A 1232 4.09 29.57 -55.15
CA ILE A 1232 4.67 30.24 -53.99
C ILE A 1232 6.05 30.80 -54.32
N ASN A 1233 6.25 32.08 -54.02
CA ASN A 1233 7.52 32.75 -54.33
C ASN A 1233 8.26 33.18 -53.06
N VAL A 1234 9.57 32.97 -53.05
CA VAL A 1234 10.40 33.33 -51.90
C VAL A 1234 11.67 34.06 -52.33
N PHE A 1235 12.21 34.86 -51.41
CA PHE A 1235 13.45 35.60 -51.62
C PHE A 1235 13.83 36.34 -50.33
N PRO A 1236 15.14 36.47 -50.07
CA PRO A 1236 15.60 37.16 -48.85
C PRO A 1236 15.33 38.65 -48.90
N SER A 1252 24.98 30.87 -43.73
CA SER A 1252 23.76 31.60 -44.06
C SER A 1252 23.64 31.84 -45.56
N GLU A 1253 24.75 31.62 -46.27
CA GLU A 1253 24.76 31.80 -47.72
C GLU A 1253 23.90 30.74 -48.41
N ASN A 1254 23.34 31.11 -49.56
CA ASN A 1254 22.46 30.23 -50.33
C ASN A 1254 21.31 29.70 -49.48
N ASP A 1255 20.71 30.58 -48.70
CA ASP A 1255 19.64 30.21 -47.79
C ASP A 1255 18.37 29.81 -48.54
N VAL A 1256 18.18 30.40 -49.71
CA VAL A 1256 16.99 30.17 -50.52
C VAL A 1256 16.80 28.68 -50.85
N PHE A 1257 17.88 28.01 -51.22
CA PHE A 1257 17.83 26.59 -51.52
C PHE A 1257 17.48 25.76 -50.28
N TYR A 1258 18.06 26.13 -49.15
CA TYR A 1258 17.81 25.44 -47.89
C TYR A 1258 16.43 25.79 -47.36
N ARG A 1259 16.02 27.05 -47.58
CA ARG A 1259 14.67 27.50 -47.25
C ARG A 1259 13.63 26.64 -47.96
N MET A 1260 13.65 26.70 -49.29
CA MET A 1260 12.69 26.00 -50.13
C MET A 1260 12.70 24.49 -49.88
N GLN A 1261 13.86 23.95 -49.55
CA GLN A 1261 14.01 22.52 -49.29
C GLN A 1261 13.11 22.07 -48.14
N GLN A 1262 13.03 22.90 -47.10
CA GLN A 1262 12.20 22.59 -45.94
C GLN A 1262 10.73 22.88 -46.20
N LEU A 1263 10.46 23.95 -46.95
CA LEU A 1263 9.09 24.33 -47.28
C LEU A 1263 8.46 23.32 -48.22
N ARG A 1264 9.29 22.69 -49.03
CA ARG A 1264 8.87 21.63 -49.95
C ARG A 1264 8.19 20.48 -49.22
N ARG A 1265 8.95 19.81 -48.35
CA ARG A 1265 8.48 18.62 -47.65
C ARG A 1265 7.32 18.90 -46.70
N ALA A 1266 7.24 20.14 -46.21
CA ALA A 1266 6.24 20.50 -45.22
C ALA A 1266 4.89 20.85 -45.87
N LEU A 1267 4.90 21.05 -47.18
CA LEU A 1267 3.70 21.46 -47.91
C LEU A 1267 2.59 20.39 -47.94
N PRO A 1268 2.91 19.13 -48.31
CA PRO A 1268 1.79 18.17 -48.37
C PRO A 1268 1.36 17.67 -46.99
N ASP A 1269 1.10 18.59 -46.08
CA ASP A 1269 0.68 18.26 -44.72
C ASP A 1269 -0.56 19.04 -44.31
N VAL A 1270 -0.42 20.36 -44.29
CA VAL A 1270 -1.35 21.29 -43.66
C VAL A 1270 -2.84 21.11 -44.01
N VAL A 1271 -3.68 21.28 -43.00
CA VAL A 1271 -5.12 21.05 -43.08
C VAL A 1271 -5.84 21.96 -44.07
N VAL A 1272 -6.59 21.35 -44.98
CA VAL A 1272 -7.45 22.08 -45.91
C VAL A 1272 -8.80 22.42 -45.27
N LYS A 1273 -9.38 21.47 -44.54
CA LYS A 1273 -10.70 21.65 -43.94
C LYS A 1273 -10.81 20.73 -42.72
N GLY A 1274 -11.92 20.83 -41.99
CA GLY A 1274 -12.10 20.05 -40.78
C GLY A 1274 -11.40 20.66 -39.59
N LEU A 1275 -11.34 19.93 -38.48
CA LEU A 1275 -10.72 20.46 -37.28
C LEU A 1275 -9.31 19.89 -37.10
N PRO A 1276 -8.55 20.42 -36.12
CA PRO A 1276 -7.30 19.77 -35.73
C PRO A 1276 -7.43 18.87 -34.50
N ASP A 1277 -8.34 17.90 -34.53
CA ASP A 1277 -8.56 17.04 -33.37
C ASP A 1277 -8.63 15.55 -33.71
N ILE A 1278 -9.68 15.19 -34.45
CA ILE A 1278 -10.06 13.80 -34.69
C ILE A 1278 -8.95 12.91 -35.24
N SER A 1279 -8.79 11.74 -34.61
CA SER A 1279 -7.85 10.73 -35.09
C SER A 1279 -8.47 9.90 -36.22
N ARG A 1280 -9.79 9.69 -36.15
CA ARG A 1280 -10.58 9.01 -37.17
C ARG A 1280 -12.05 9.00 -36.77
N ALA A 1281 -12.93 8.75 -37.74
CA ALA A 1281 -14.35 8.61 -37.43
C ALA A 1281 -14.91 7.34 -38.04
N VAL A 1282 -16.17 7.05 -37.72
CA VAL A 1282 -16.84 5.84 -38.18
C VAL A 1282 -18.33 6.09 -38.37
N ILE A 1283 -18.91 5.53 -39.43
CA ILE A 1283 -20.35 5.52 -39.60
C ILE A 1283 -20.88 4.12 -39.30
N ASN A 1284 -21.68 4.00 -38.24
CA ASN A 1284 -22.18 2.71 -37.79
C ASN A 1284 -23.70 2.65 -37.81
N ILE A 1285 -24.23 1.43 -37.85
CA ILE A 1285 -25.67 1.24 -37.83
C ILE A 1285 -26.20 1.37 -36.40
N ARG A 1286 -27.09 2.34 -36.18
CA ARG A 1286 -27.59 2.63 -34.85
C ARG A 1286 -28.91 1.92 -34.58
N ASP A 1287 -29.03 1.37 -33.37
CA ASP A 1287 -30.21 0.63 -32.94
C ASP A 1287 -30.61 -0.47 -33.92
N ASP A 1288 -31.91 -0.66 -34.12
CA ASP A 1288 -32.38 -1.71 -35.02
C ASP A 1288 -31.95 -1.50 -36.47
N GLY A 1289 -32.60 -0.56 -37.15
CA GLY A 1289 -32.29 -0.26 -38.54
C GLY A 1289 -31.67 1.11 -38.80
N LYS A 1290 -31.53 1.91 -37.76
CA LYS A 1290 -31.16 3.32 -37.95
C LYS A 1290 -29.67 3.50 -38.17
N ARG A 1291 -29.25 4.74 -38.40
CA ARG A 1291 -27.85 5.05 -38.67
C ARG A 1291 -27.41 6.28 -37.89
N GLU A 1292 -26.10 6.34 -37.61
CA GLU A 1292 -25.47 7.44 -36.89
C GLU A 1292 -23.96 7.24 -36.86
N LEU A 1293 -23.24 8.23 -36.36
CA LEU A 1293 -21.77 8.15 -36.34
C LEU A 1293 -21.19 8.30 -34.94
N LEU A 1294 -20.00 7.75 -34.75
CA LEU A 1294 -19.25 7.92 -33.52
C LEU A 1294 -17.85 8.45 -33.85
N VAL A 1295 -17.42 9.48 -33.13
CA VAL A 1295 -16.17 10.16 -33.45
C VAL A 1295 -15.19 10.09 -32.28
N GLU A 1296 -13.89 10.00 -32.62
CA GLU A 1296 -12.85 9.98 -31.60
C GLU A 1296 -12.05 11.28 -31.61
N GLY A 1297 -12.20 12.07 -30.55
CA GLY A 1297 -11.48 13.34 -30.44
C GLY A 1297 -11.88 14.15 -29.22
N TYR A 1298 -11.16 15.25 -29.00
CA TYR A 1298 -11.43 16.14 -27.87
C TYR A 1298 -12.35 17.29 -28.27
N GLY A 1299 -12.81 17.28 -29.51
CA GLY A 1299 -13.54 18.41 -30.07
C GLY A 1299 -14.82 18.82 -29.36
N LEU A 1300 -15.76 17.88 -29.22
CA LEU A 1300 -17.05 18.16 -28.58
C LEU A 1300 -17.75 19.38 -29.20
N ARG A 1301 -17.86 20.45 -28.42
CA ARG A 1301 -18.68 21.63 -28.77
C ARG A 1301 -18.52 22.10 -30.21
N ASP A 1302 -17.30 22.07 -30.72
CA ASP A 1302 -17.03 22.50 -32.10
C ASP A 1302 -17.71 21.57 -33.12
N VAL A 1303 -17.69 20.27 -32.87
CA VAL A 1303 -18.35 19.33 -33.76
C VAL A 1303 -19.86 19.33 -33.49
N MET A 1304 -20.23 19.82 -32.31
CA MET A 1304 -21.64 20.00 -31.97
C MET A 1304 -22.16 21.27 -32.62
N CYS A 1305 -21.29 22.28 -32.69
CA CYS A 1305 -21.61 23.55 -33.33
C CYS A 1305 -21.68 23.38 -34.85
N THR A 1306 -20.96 22.38 -35.35
CA THR A 1306 -20.92 22.10 -36.78
C THR A 1306 -22.32 21.84 -37.33
N ASP A 1307 -22.67 22.56 -38.39
CA ASP A 1307 -24.00 22.46 -39.00
C ASP A 1307 -24.21 21.10 -39.65
N GLY A 1308 -25.47 20.67 -39.73
CA GLY A 1308 -25.82 19.42 -40.35
C GLY A 1308 -26.18 18.34 -39.35
N VAL A 1309 -25.77 18.53 -38.10
CA VAL A 1309 -26.07 17.56 -37.05
C VAL A 1309 -26.84 18.21 -35.90
N ILE A 1310 -27.83 17.51 -35.37
CA ILE A 1310 -28.56 17.98 -34.21
C ILE A 1310 -27.76 17.68 -32.96
N GLY A 1311 -27.41 18.73 -32.21
CA GLY A 1311 -26.56 18.57 -31.06
C GLY A 1311 -27.31 18.47 -29.75
N SER A 1312 -28.64 18.48 -29.83
CA SER A 1312 -29.49 18.45 -28.64
C SER A 1312 -29.20 17.26 -27.75
N ARG A 1313 -29.31 16.05 -28.31
CA ARG A 1313 -28.98 14.85 -27.56
C ARG A 1313 -27.66 14.26 -28.03
N THR A 1314 -26.64 14.36 -27.18
CA THR A 1314 -25.32 13.81 -27.49
C THR A 1314 -24.66 13.26 -26.22
N THR A 1315 -23.47 12.69 -26.39
CA THR A 1315 -22.72 12.13 -25.27
C THR A 1315 -21.22 12.19 -25.55
N THR A 1316 -20.43 12.28 -24.49
CA THR A 1316 -18.98 12.29 -24.62
C THR A 1316 -18.30 11.69 -23.39
N ASN A 1317 -17.15 11.06 -23.60
CA ASN A 1317 -16.40 10.44 -22.52
C ASN A 1317 -15.48 11.43 -21.82
N HIS A 1318 -14.59 10.91 -20.97
CA HIS A 1318 -13.65 11.71 -20.17
C HIS A 1318 -14.34 12.92 -19.55
N VAL A 1319 -15.14 12.64 -18.52
CA VAL A 1319 -16.06 13.58 -17.89
C VAL A 1319 -15.47 14.96 -17.58
N LEU A 1320 -14.19 14.99 -17.19
CA LEU A 1320 -13.51 16.24 -16.86
C LEU A 1320 -13.70 17.33 -17.91
N GLU A 1321 -13.68 16.95 -19.18
CA GLU A 1321 -13.85 17.91 -20.27
C GLU A 1321 -15.33 18.30 -20.43
N VAL A 1322 -16.23 17.41 -20.04
CA VAL A 1322 -17.66 17.71 -20.05
C VAL A 1322 -17.96 18.79 -19.01
N PHE A 1323 -17.11 18.84 -17.98
CA PHE A 1323 -17.21 19.87 -16.95
C PHE A 1323 -16.79 21.22 -17.50
N SER A 1324 -15.99 21.20 -18.57
CA SER A 1324 -15.50 22.43 -19.18
C SER A 1324 -16.51 23.05 -20.12
N VAL A 1325 -17.61 22.35 -20.37
CA VAL A 1325 -18.65 22.85 -21.27
C VAL A 1325 -20.03 22.91 -20.59
N LEU A 1326 -20.59 21.76 -20.24
CA LEU A 1326 -21.85 21.73 -19.51
C LEU A 1326 -21.62 22.04 -18.03
N GLY A 1327 -20.67 21.33 -17.43
CA GLY A 1327 -20.20 21.64 -16.09
C GLY A 1327 -21.03 21.06 -14.95
N ILE A 1328 -20.36 20.80 -13.84
CA ILE A 1328 -21.01 20.46 -12.56
C ILE A 1328 -22.03 19.33 -12.71
N GLU A 1329 -23.30 19.66 -12.50
CA GLU A 1329 -24.41 18.71 -12.50
C GLU A 1329 -24.38 17.72 -13.67
N ALA A 1330 -24.48 18.24 -14.88
CA ALA A 1330 -24.46 17.41 -16.09
C ALA A 1330 -23.26 16.48 -16.14
N ALA A 1331 -22.13 16.94 -15.62
CA ALA A 1331 -20.92 16.12 -15.55
C ALA A 1331 -21.09 15.01 -14.51
N ARG A 1332 -21.73 15.35 -13.39
CA ARG A 1332 -21.97 14.38 -12.33
C ARG A 1332 -22.96 13.32 -12.79
N TYR A 1333 -23.89 13.72 -13.65
CA TYR A 1333 -24.88 12.79 -14.20
C TYR A 1333 -24.23 11.86 -15.21
N SER A 1334 -23.16 12.35 -15.85
CA SER A 1334 -22.44 11.58 -16.85
C SER A 1334 -21.48 10.57 -16.22
N ILE A 1335 -20.85 10.96 -15.12
CA ILE A 1335 -19.84 10.11 -14.48
C ILE A 1335 -20.49 8.92 -13.77
N ILE A 1336 -21.73 9.10 -13.32
CA ILE A 1336 -22.46 8.00 -12.69
C ILE A 1336 -23.11 7.13 -13.76
N ARG A 1337 -23.20 7.68 -14.97
CA ARG A 1337 -23.78 6.97 -16.10
C ARG A 1337 -22.80 5.96 -16.69
N GLU A 1338 -21.53 6.36 -16.75
CA GLU A 1338 -20.48 5.50 -17.30
C GLU A 1338 -20.05 4.43 -16.30
N ILE A 1339 -19.94 4.83 -15.04
CA ILE A 1339 -19.57 3.91 -13.96
C ILE A 1339 -20.56 2.76 -13.87
N ASN A 1340 -21.86 3.09 -13.93
CA ASN A 1340 -22.91 2.07 -13.89
C ASN A 1340 -22.84 1.15 -15.11
N TYR A 1341 -22.66 1.73 -16.28
CA TYR A 1341 -22.61 0.99 -17.54
C TYR A 1341 -21.52 -0.08 -17.56
N THR A 1342 -20.26 0.34 -17.51
CA THR A 1342 -19.13 -0.57 -17.66
C THR A 1342 -19.07 -1.64 -16.57
N MET A 1343 -19.71 -1.38 -15.44
CA MET A 1343 -19.70 -2.31 -14.33
C MET A 1343 -20.95 -3.20 -14.33
N SER A 1344 -21.86 -2.93 -15.26
CA SER A 1344 -23.08 -3.72 -15.39
C SER A 1344 -22.95 -4.80 -16.46
N ASN A 1345 -21.79 -4.83 -17.12
CA ASN A 1345 -21.56 -5.78 -18.21
C ASN A 1345 -20.87 -7.05 -17.74
N HIS A 1346 -19.65 -6.89 -17.22
CA HIS A 1346 -18.82 -8.02 -16.82
C HIS A 1346 -19.49 -8.96 -15.81
N GLY A 1347 -20.32 -8.41 -14.93
CA GLY A 1347 -21.04 -9.26 -13.99
C GLY A 1347 -21.72 -8.61 -12.80
N MET A 1348 -22.47 -9.45 -12.09
CA MET A 1348 -23.15 -9.16 -10.82
C MET A 1348 -23.97 -7.85 -10.81
N SER A 1349 -24.00 -7.18 -9.66
CA SER A 1349 -24.63 -5.87 -9.54
C SER A 1349 -24.02 -5.07 -8.40
N VAL A 1350 -23.83 -3.77 -8.62
CA VAL A 1350 -23.36 -2.88 -7.55
C VAL A 1350 -24.49 -2.07 -6.91
N ASP A 1351 -25.70 -2.23 -7.46
CA ASP A 1351 -26.90 -1.48 -7.05
C ASP A 1351 -26.79 0.00 -7.41
N PRO A 1352 -27.94 0.66 -7.64
CA PRO A 1352 -27.95 2.08 -8.02
C PRO A 1352 -27.56 3.05 -6.91
N ARG A 1353 -27.80 2.66 -5.65
CA ARG A 1353 -27.62 3.57 -4.52
C ARG A 1353 -26.16 3.97 -4.28
N HIS A 1354 -25.28 2.97 -4.23
CA HIS A 1354 -23.89 3.19 -3.86
C HIS A 1354 -23.11 4.01 -4.90
N ILE A 1355 -23.58 4.00 -6.14
CA ILE A 1355 -22.90 4.71 -7.21
C ILE A 1355 -23.15 6.22 -7.13
N GLN A 1356 -24.41 6.59 -6.89
CA GLN A 1356 -24.80 8.00 -6.85
C GLN A 1356 -24.06 8.79 -5.78
N LEU A 1357 -23.77 8.13 -4.65
CA LEU A 1357 -23.09 8.78 -3.54
C LEU A 1357 -21.61 9.02 -3.87
N LEU A 1358 -21.03 8.11 -4.64
CA LEU A 1358 -19.63 8.22 -5.04
C LEU A 1358 -19.39 9.42 -5.96
N GLY A 1359 -20.32 9.62 -6.90
CA GLY A 1359 -20.21 10.72 -7.84
C GLY A 1359 -20.57 12.06 -7.22
N ASP A 1360 -21.35 12.02 -6.16
CA ASP A 1360 -21.81 13.25 -5.51
C ASP A 1360 -20.72 13.85 -4.63
N VAL A 1361 -20.03 13.02 -3.86
CA VAL A 1361 -19.00 13.49 -2.94
C VAL A 1361 -17.80 14.05 -3.70
N MET A 1362 -17.65 13.64 -4.95
CA MET A 1362 -16.60 14.16 -5.82
C MET A 1362 -17.00 15.51 -6.42
N THR A 1363 -18.25 15.60 -6.87
CA THR A 1363 -18.74 16.77 -7.60
C THR A 1363 -19.19 17.93 -6.70
N TYR A 1364 -19.69 17.61 -5.51
CA TYR A 1364 -20.42 18.57 -4.68
C TYR A 1364 -19.69 19.89 -4.42
N LYS A 1365 -18.37 19.87 -4.45
CA LYS A 1365 -17.59 21.09 -4.21
C LYS A 1365 -17.70 22.06 -5.37
N GLY A 1366 -18.18 21.58 -6.51
CA GLY A 1366 -18.37 22.41 -7.68
C GLY A 1366 -17.32 22.17 -8.76
N GLU A 1367 -16.38 21.28 -8.47
CA GLU A 1367 -15.36 20.89 -9.44
C GLU A 1367 -15.04 19.41 -9.29
N VAL A 1368 -14.84 18.72 -10.40
CA VAL A 1368 -14.56 17.29 -10.34
C VAL A 1368 -13.08 17.04 -10.04
N LEU A 1369 -12.83 16.43 -8.88
CA LEU A 1369 -11.49 16.06 -8.48
C LEU A 1369 -11.56 15.01 -7.37
N GLY A 1370 -10.50 14.22 -7.19
CA GLY A 1370 -10.43 13.35 -6.04
C GLY A 1370 -9.67 12.05 -6.15
N ILE A 1371 -9.61 11.34 -5.03
CA ILE A 1371 -9.10 9.96 -4.91
C ILE A 1371 -7.60 9.83 -5.18
N THR A 1372 -6.98 10.88 -5.73
CA THR A 1372 -5.54 10.87 -5.97
C THR A 1372 -4.85 11.88 -5.06
N ARG A 1373 -3.60 11.60 -4.71
CA ARG A 1373 -2.86 12.40 -3.73
C ARG A 1373 -2.88 13.90 -4.04
N PHE A 1374 -2.77 14.25 -5.32
CA PHE A 1374 -2.85 15.64 -5.74
C PHE A 1374 -4.28 16.16 -5.61
N GLY A 1375 -5.24 15.28 -5.85
CA GLY A 1375 -6.64 15.64 -5.79
C GLY A 1375 -7.29 15.29 -4.47
N LEU A 1376 -6.56 14.59 -3.61
CA LEU A 1376 -7.10 14.20 -2.31
C LEU A 1376 -7.07 15.37 -1.33
N SER A 1377 -6.23 16.37 -1.60
CA SER A 1377 -6.32 17.57 -0.80
C SER A 1377 -7.21 18.54 -1.55
N LYS A 1378 -8.46 18.61 -1.08
CA LYS A 1378 -9.46 19.53 -1.58
C LYS A 1378 -10.22 20.12 -0.41
N MET A 1379 -10.94 19.25 0.28
CA MET A 1379 -11.83 19.57 1.37
C MET A 1379 -11.17 19.38 2.74
N ARG A 1380 -10.78 18.13 3.02
CA ARG A 1380 -10.29 17.75 4.34
C ARG A 1380 -9.13 18.61 4.81
N ASP A 1381 -9.29 19.21 5.99
CA ASP A 1381 -8.27 20.06 6.57
C ASP A 1381 -7.44 19.28 7.60
N SER A 1382 -7.78 18.01 7.78
CA SER A 1382 -7.09 17.19 8.76
C SER A 1382 -5.75 16.71 8.19
N VAL A 1383 -4.67 17.08 8.86
CA VAL A 1383 -3.33 16.83 8.37
C VAL A 1383 -2.83 15.40 8.63
N LEU A 1384 -3.29 14.80 9.72
CA LEU A 1384 -2.80 13.48 10.13
C LEU A 1384 -3.30 12.37 9.21
N GLN A 1385 -4.56 12.45 8.79
CA GLN A 1385 -5.15 11.43 7.93
C GLN A 1385 -4.65 11.58 6.49
N LEU A 1386 -4.27 12.78 6.12
CA LEU A 1386 -3.71 13.03 4.79
C LEU A 1386 -2.24 12.60 4.75
N ALA A 1387 -1.55 12.77 5.87
CA ALA A 1387 -0.18 12.29 6.00
C ALA A 1387 -0.19 10.79 6.26
N SER A 1388 -1.37 10.25 6.52
CA SER A 1388 -1.54 8.82 6.74
C SER A 1388 -1.56 8.06 5.42
N PHE A 1389 -2.56 8.35 4.58
CA PHE A 1389 -2.74 7.65 3.31
C PHE A 1389 -1.50 7.71 2.44
N GLU A 1390 -1.25 8.86 1.82
CA GLU A 1390 0.04 9.09 1.19
C GLU A 1390 0.56 10.50 1.40
N LYS A 1391 1.61 10.62 2.23
CA LYS A 1391 2.59 11.71 2.27
C LYS A 1391 3.43 11.52 3.52
N THR A 1392 4.58 12.17 3.60
CA THR A 1392 5.37 12.12 4.82
C THR A 1392 5.87 13.48 5.30
N THR A 1393 6.82 14.05 4.57
CA THR A 1393 7.53 15.24 5.02
C THR A 1393 6.76 16.55 4.81
N ASP A 1394 6.16 16.71 3.64
CA ASP A 1394 5.59 18.00 3.23
C ASP A 1394 4.46 18.48 4.13
N HIS A 1395 3.46 17.63 4.37
CA HIS A 1395 2.27 18.03 5.11
C HIS A 1395 2.57 18.44 6.55
N LEU A 1396 3.54 17.79 7.16
CA LEU A 1396 3.91 18.08 8.54
C LEU A 1396 4.57 19.45 8.66
N PHE A 1397 5.49 19.74 7.74
CA PHE A 1397 6.20 21.02 7.74
C PHE A 1397 5.32 22.16 7.22
N ASP A 1398 4.46 21.84 6.25
CA ASP A 1398 3.58 22.85 5.66
C ASP A 1398 2.57 23.35 6.67
N ALA A 1399 1.98 22.43 7.43
CA ALA A 1399 0.99 22.79 8.44
C ALA A 1399 1.61 23.58 9.58
N ALA A 1400 2.89 23.33 9.83
CA ALA A 1400 3.62 24.05 10.87
C ALA A 1400 4.00 25.45 10.42
N PHE A 1401 4.40 25.56 9.14
CA PHE A 1401 4.74 26.84 8.54
C PHE A 1401 3.56 27.82 8.62
N TYR A 1402 2.47 27.48 7.94
CA TYR A 1402 1.26 28.31 7.92
C TYR A 1402 0.58 28.39 9.29
N MET A 1403 1.08 27.61 10.25
CA MET A 1403 0.54 27.56 11.60
C MET A 1403 -0.93 27.15 11.61
N LYS A 1404 -1.22 26.01 10.98
CA LYS A 1404 -2.57 25.48 10.91
C LYS A 1404 -3.03 24.92 12.25
N LYS A 1405 -4.33 24.80 12.43
CA LYS A 1405 -4.92 24.33 13.68
C LYS A 1405 -5.83 23.12 13.45
N ASP A 1406 -6.91 23.35 12.72
CA ASP A 1406 -7.94 22.35 12.43
C ASP A 1406 -8.51 21.75 13.72
N ALA A 1407 -8.80 20.45 13.69
CA ALA A 1407 -9.42 19.76 14.82
C ALA A 1407 -9.24 18.24 14.72
N VAL A 1408 -9.43 17.55 15.84
CA VAL A 1408 -9.57 16.10 15.79
C VAL A 1408 -11.05 15.74 15.71
N GLU A 1409 -11.47 15.24 14.56
CA GLU A 1409 -12.88 15.00 14.29
C GLU A 1409 -13.13 13.59 13.74
N GLY A 1410 -12.55 13.33 12.58
CA GLY A 1410 -12.83 12.11 11.83
C GLY A 1410 -12.41 10.81 12.48
N VAL A 1411 -12.67 9.71 11.79
CA VAL A 1411 -12.46 8.37 12.33
C VAL A 1411 -10.97 8.00 12.42
N SER A 1412 -10.28 7.97 11.28
CA SER A 1412 -8.86 7.67 11.24
C SER A 1412 -8.04 8.64 12.09
N GLU A 1413 -8.62 9.80 12.37
CA GLU A 1413 -7.99 10.81 13.21
C GLU A 1413 -8.09 10.41 14.68
N CYS A 1414 -9.23 9.83 15.06
CA CYS A 1414 -9.48 9.47 16.46
C CYS A 1414 -8.77 8.18 16.89
N ILE A 1415 -8.58 7.26 15.95
CA ILE A 1415 -7.94 5.98 16.26
C ILE A 1415 -6.46 6.17 16.57
N ILE A 1416 -5.93 7.33 16.21
CA ILE A 1416 -4.56 7.70 16.55
C ILE A 1416 -4.47 8.08 18.01
N LEU A 1417 -5.19 9.13 18.38
CA LEU A 1417 -5.22 9.63 19.76
C LEU A 1417 -5.87 8.63 20.73
N GLY A 1418 -6.48 7.58 20.18
CA GLY A 1418 -7.05 6.52 20.98
C GLY A 1418 -8.27 6.90 21.80
N GLN A 1419 -9.30 7.41 21.13
CA GLN A 1419 -10.55 7.75 21.79
C GLN A 1419 -11.76 7.24 21.01
N THR A 1420 -12.95 7.63 21.44
CA THR A 1420 -14.19 7.09 20.89
C THR A 1420 -14.47 7.57 19.47
N MET A 1421 -15.59 7.12 18.91
CA MET A 1421 -15.96 7.45 17.54
C MET A 1421 -17.32 8.16 17.51
N SER A 1422 -17.50 9.05 16.55
CA SER A 1422 -18.72 9.87 16.48
C SER A 1422 -19.82 9.22 15.64
N ILE A 1423 -19.55 8.05 15.09
CA ILE A 1423 -20.53 7.35 14.27
C ILE A 1423 -20.82 5.96 14.82
N GLY A 1424 -21.92 5.37 14.37
CA GLY A 1424 -22.33 4.05 14.81
C GLY A 1424 -22.79 4.00 16.24
N THR A 1425 -22.20 3.12 17.03
CA THR A 1425 -22.59 2.91 18.43
C THR A 1425 -22.35 4.16 19.28
N GLY A 1426 -21.36 4.96 18.90
CA GLY A 1426 -21.01 6.14 19.66
C GLY A 1426 -21.73 7.40 19.21
N SER A 1427 -22.87 7.22 18.55
CA SER A 1427 -23.62 8.35 18.02
C SER A 1427 -24.56 8.96 19.07
N PHE A 1428 -24.71 8.27 20.19
CA PHE A 1428 -25.62 8.74 21.24
C PHE A 1428 -25.03 8.56 22.64
N LYS A 1429 -25.57 9.31 23.59
CA LYS A 1429 -25.10 9.25 24.97
C LYS A 1429 -26.10 8.53 25.87
N VAL A 1430 -25.64 7.51 26.57
CA VAL A 1430 -26.50 6.75 27.48
C VAL A 1430 -26.65 7.48 28.82
N VAL A 1431 -27.88 7.54 29.31
CA VAL A 1431 -28.19 8.26 30.55
C VAL A 1431 -29.22 7.49 31.38
N LYS A 1432 -29.05 7.48 32.69
CA LYS A 1432 -30.02 6.85 33.59
C LYS A 1432 -30.72 7.90 34.46
N GLY A 1433 -31.96 7.62 34.84
CA GLY A 1433 -32.73 8.54 35.66
C GLY A 1433 -32.35 8.48 37.12
N THR A 1434 -32.39 9.64 37.79
CA THR A 1434 -32.02 9.73 39.19
C THR A 1434 -33.17 9.32 40.12
N ASN A 1435 -34.40 9.39 39.60
CA ASN A 1435 -35.60 8.93 40.30
C ASN A 1435 -35.96 9.76 41.54
N ILE A 1436 -35.10 10.73 41.88
CA ILE A 1436 -35.31 11.54 43.07
C ILE A 1436 -36.52 12.47 42.93
N SER A 1437 -37.23 12.68 44.02
CA SER A 1437 -38.40 13.54 44.04
C SER A 1437 -38.03 15.02 43.99
N GLU A 1438 -38.97 15.85 43.57
CA GLU A 1438 -38.72 17.29 43.43
C GLU A 1438 -39.16 18.07 44.67
N LYS A 1439 -39.73 17.36 45.64
CA LYS A 1439 -40.36 18.01 46.80
C LYS A 1439 -39.42 18.15 47.99
N ASP A 1440 -38.98 17.03 48.54
CA ASP A 1440 -38.25 16.97 49.81
C ASP A 1440 -36.97 17.81 49.85
N LEU A 1441 -36.47 18.20 48.68
CA LEU A 1441 -35.20 18.92 48.57
C LEU A 1441 -35.14 20.22 49.38
N VAL A 1442 -36.29 20.85 49.59
CA VAL A 1442 -36.34 22.15 50.26
C VAL A 1442 -35.81 22.11 51.69
N PRO A 1443 -34.91 23.06 52.02
CA PRO A 1443 -34.26 23.17 53.34
C PRO A 1443 -35.21 23.73 54.41
N LYS A 1444 -34.82 23.55 55.67
CA LYS A 1444 -35.58 24.11 56.79
C LYS A 1444 -34.68 24.94 57.71
N ARG A 1445 -35.03 26.20 57.90
CA ARG A 1445 -34.27 27.09 58.77
C ARG A 1445 -35.09 27.45 60.01
N CYS A 1446 -34.44 27.44 61.17
CA CYS A 1446 -35.14 27.72 62.41
C CYS A 1446 -34.30 28.51 63.42
N LEU A 1447 -34.93 29.52 64.01
CA LEU A 1447 -34.41 30.27 65.16
C LEU A 1447 -33.28 31.25 64.81
N PHE A 1448 -32.66 31.07 63.65
CA PHE A 1448 -31.61 31.98 63.20
C PHE A 1448 -32.14 33.22 62.49
N GLU A 1449 -33.19 33.03 61.68
CA GLU A 1449 -33.70 34.11 60.84
C GLU A 1449 -34.79 34.91 61.56
N SER A 1450 -35.05 34.56 62.81
CA SER A 1450 -36.07 35.23 63.60
C SER A 1450 -35.50 36.37 64.44
N LEU A 1451 -34.65 36.03 65.39
CA LEU A 1451 -34.07 36.99 66.31
C LEU A 1451 -33.17 38.01 65.61
N SER A 1452 -32.34 37.52 64.68
CA SER A 1452 -31.33 38.33 64.03
C SER A 1452 -31.89 39.57 63.30
N ASN A 1453 -32.62 39.32 62.22
CA ASN A 1453 -33.05 40.39 61.33
C ASN A 1453 -34.14 41.29 61.92
N GLU A 1454 -35.09 40.67 62.62
CA GLU A 1454 -36.24 41.41 63.16
C GLU A 1454 -35.85 42.41 64.25
N ALA A 1455 -34.67 42.20 64.84
CA ALA A 1455 -34.18 43.08 65.89
C ALA A 1455 -33.72 44.42 65.32
N ALA A 1456 -33.03 44.37 64.19
CA ALA A 1456 -32.48 45.57 63.56
C ALA A 1456 -33.51 46.31 62.74
N LEU A 1457 -34.60 45.63 62.37
CA LEU A 1457 -35.57 46.20 61.45
C LEU A 1457 -36.73 46.93 62.12
N LYS A 1458 -36.74 46.96 63.45
CA LYS A 1458 -37.79 47.66 64.17
C LYS A 1458 -37.38 49.08 64.54
N ALA A 1459 -38.16 50.06 64.05
CA ALA A 1459 -38.00 51.48 64.33
C ALA A 1459 -36.72 52.08 63.73
N ASN A 1460 -35.82 51.23 63.26
CA ASN A 1460 -34.58 51.68 62.61
C ASN A 1460 -33.86 50.52 61.94
N ASP B 36 11.61 -61.66 -31.31
CA ASP B 36 10.94 -60.56 -31.99
C ASP B 36 11.88 -59.86 -32.96
N GLU B 37 11.39 -59.59 -34.17
CA GLU B 37 12.17 -58.90 -35.18
C GLU B 37 12.35 -57.43 -34.81
N ILE B 38 13.36 -56.79 -35.39
CA ILE B 38 13.63 -55.38 -35.13
C ILE B 38 12.80 -54.48 -36.04
N ASN B 39 11.97 -53.63 -35.43
CA ASN B 39 11.11 -52.73 -36.20
C ASN B 39 11.66 -51.30 -36.16
N THR B 40 10.99 -50.40 -36.89
CA THR B 40 11.45 -49.02 -36.98
C THR B 40 10.83 -48.15 -35.89
N ALA B 41 9.79 -48.64 -35.26
CA ALA B 41 9.04 -47.88 -34.25
C ALA B 41 9.48 -48.22 -32.83
N GLN B 42 10.52 -49.04 -32.71
CA GLN B 42 10.97 -49.51 -31.41
C GLN B 42 12.34 -48.95 -31.02
N ASP B 43 13.35 -49.29 -31.83
CA ASP B 43 14.72 -48.87 -31.58
C ASP B 43 14.91 -47.36 -31.47
N LYS B 44 13.95 -46.58 -31.98
CA LYS B 44 13.98 -45.13 -31.86
C LYS B 44 13.93 -44.70 -30.39
N TRP B 45 13.21 -45.49 -29.59
CA TRP B 45 13.11 -45.23 -28.16
C TRP B 45 14.37 -45.68 -27.44
N HIS B 46 15.07 -46.65 -28.02
CA HIS B 46 16.30 -47.18 -27.43
C HIS B 46 17.47 -46.22 -27.58
N LEU B 47 17.27 -45.15 -28.33
CA LEU B 47 18.33 -44.19 -28.61
C LEU B 47 18.68 -43.32 -27.40
N LEU B 48 17.67 -42.96 -26.62
CA LEU B 48 17.88 -42.11 -25.44
C LEU B 48 18.76 -42.77 -24.36
N PRO B 49 18.49 -44.05 -24.02
CA PRO B 49 19.38 -44.66 -23.02
C PRO B 49 20.85 -44.73 -23.47
N ALA B 50 21.08 -44.86 -24.77
CA ALA B 50 22.44 -44.88 -25.30
C ALA B 50 23.08 -43.50 -25.22
N PHE B 51 22.25 -42.48 -25.37
CA PHE B 51 22.72 -41.09 -25.33
C PHE B 51 22.94 -40.61 -23.90
N LEU B 52 22.03 -40.98 -23.00
CA LEU B 52 22.06 -40.48 -21.63
C LEU B 52 23.05 -41.25 -20.75
N LYS B 53 23.48 -42.41 -21.22
CA LYS B 53 24.45 -43.22 -20.46
C LYS B 53 25.86 -42.66 -20.60
N VAL B 54 26.16 -42.10 -21.77
CA VAL B 54 27.46 -41.49 -22.02
C VAL B 54 27.55 -40.16 -21.29
N LYS B 55 26.73 -39.20 -21.73
CA LYS B 55 26.64 -37.91 -21.05
C LYS B 55 25.52 -37.95 -20.01
N GLY B 56 25.87 -37.70 -18.76
CA GLY B 56 24.91 -37.78 -17.66
C GLY B 56 23.79 -36.78 -17.77
N LEU B 57 22.82 -36.89 -16.87
CA LEU B 57 21.66 -36.00 -16.88
C LEU B 57 22.09 -34.56 -16.66
N VAL B 58 23.06 -34.34 -15.78
CA VAL B 58 23.63 -33.01 -15.63
C VAL B 58 25.00 -32.93 -16.31
N LYS B 59 25.01 -32.30 -17.48
CA LYS B 59 26.24 -31.99 -18.20
C LYS B 59 26.87 -30.68 -17.74
N GLN B 60 26.00 -29.72 -17.46
CA GLN B 60 26.37 -28.31 -17.32
C GLN B 60 27.57 -28.03 -16.41
N HIS B 61 27.39 -28.26 -15.12
CA HIS B 61 28.42 -27.95 -14.13
C HIS B 61 29.69 -28.77 -14.36
N LEU B 62 29.51 -30.07 -14.61
CA LEU B 62 30.62 -30.98 -14.85
C LEU B 62 31.50 -30.54 -16.03
N ASP B 63 30.91 -30.56 -17.23
CA ASP B 63 31.65 -30.29 -18.46
C ASP B 63 32.35 -28.93 -18.47
N SER B 64 31.71 -27.93 -17.87
CA SER B 64 32.28 -26.59 -17.84
C SER B 64 33.46 -26.49 -16.88
N PHE B 65 33.34 -27.14 -15.74
CA PHE B 65 34.39 -27.11 -14.72
C PHE B 65 35.63 -27.87 -15.20
N ASN B 66 35.41 -28.90 -16.01
CA ASN B 66 36.50 -29.68 -16.57
C ASN B 66 37.26 -28.89 -17.62
N TYR B 67 36.52 -28.15 -18.44
CA TYR B 67 37.12 -27.28 -19.45
C TYR B 67 37.83 -26.11 -18.78
N PHE B 68 37.24 -25.63 -17.68
CA PHE B 68 37.80 -24.54 -16.89
C PHE B 68 39.21 -24.85 -16.39
N VAL B 69 39.32 -25.87 -15.54
CA VAL B 69 40.58 -26.18 -14.84
C VAL B 69 41.74 -26.49 -15.77
N ASP B 70 41.46 -26.74 -17.05
CA ASP B 70 42.51 -27.04 -18.00
C ASP B 70 42.77 -25.87 -18.95
N THR B 71 41.80 -25.57 -19.80
CA THR B 71 41.94 -24.54 -20.82
C THR B 71 42.05 -23.14 -20.22
N ASP B 72 41.09 -22.77 -19.38
CA ASP B 72 41.04 -21.44 -18.79
C ASP B 72 42.24 -21.15 -17.90
N LEU B 73 42.62 -22.14 -17.09
CA LEU B 73 43.73 -21.99 -16.16
C LEU B 73 45.04 -21.69 -16.87
N LYS B 74 45.29 -22.39 -17.97
CA LYS B 74 46.53 -22.20 -18.73
C LYS B 74 46.51 -20.91 -19.54
N LYS B 75 45.32 -20.45 -19.90
CA LYS B 75 45.17 -19.24 -20.68
C LYS B 75 45.28 -17.98 -19.82
N ILE B 76 44.66 -18.02 -18.65
CA ILE B 76 44.66 -16.86 -17.75
C ILE B 76 46.07 -16.56 -17.22
N ILE B 77 46.81 -17.60 -16.88
CA ILE B 77 48.18 -17.43 -16.40
C ILE B 77 49.09 -16.95 -17.54
N LYS B 78 48.65 -17.16 -18.77
CA LYS B 78 49.42 -16.73 -19.93
C LYS B 78 49.21 -15.24 -20.21
N ALA B 79 48.11 -14.70 -19.69
CA ALA B 79 47.82 -13.28 -19.83
C ALA B 79 48.92 -12.45 -19.16
N ASN B 80 49.11 -12.68 -17.87
CA ASN B 80 50.28 -12.14 -17.18
C ASN B 80 51.18 -13.26 -16.69
N GLN B 81 52.30 -13.46 -17.37
CA GLN B 81 53.28 -14.45 -16.96
C GLN B 81 54.44 -13.80 -16.21
N LEU B 82 54.40 -12.48 -16.10
CA LEU B 82 55.54 -11.72 -15.59
C LEU B 82 55.12 -10.63 -14.60
N ILE B 83 56.03 -10.33 -13.68
CA ILE B 83 55.89 -9.15 -12.83
C ILE B 83 57.17 -8.32 -12.90
N LEU B 84 57.03 -7.06 -13.29
CA LEU B 84 58.18 -6.18 -13.45
C LEU B 84 58.00 -4.90 -12.62
N SER B 85 58.92 -4.68 -11.69
CA SER B 85 58.86 -3.51 -10.82
C SER B 85 60.06 -2.59 -11.06
N ASP B 86 59.91 -1.30 -10.75
CA ASP B 86 60.99 -0.35 -10.99
C ASP B 86 61.73 0.01 -9.71
N VAL B 87 62.94 -0.54 -9.60
CA VAL B 87 64.01 -0.20 -8.65
C VAL B 87 65.02 -1.33 -8.91
N ASP B 88 66.28 -1.18 -8.49
CA ASP B 88 67.31 -2.23 -8.60
C ASP B 88 67.76 -2.28 -10.06
N PRO B 89 69.01 -2.73 -10.31
CA PRO B 89 69.46 -2.69 -11.72
C PRO B 89 68.59 -3.53 -12.66
N GLU B 90 68.31 -4.78 -12.31
CA GLU B 90 67.35 -5.58 -13.05
C GLU B 90 66.63 -6.59 -12.17
N PHE B 91 65.32 -6.73 -12.37
CA PHE B 91 64.56 -7.80 -11.75
C PHE B 91 63.44 -8.25 -12.67
N TYR B 92 63.28 -9.56 -12.84
CA TYR B 92 62.17 -10.10 -13.59
C TYR B 92 61.77 -11.48 -13.07
N LEU B 93 60.48 -11.75 -13.06
CA LEU B 93 59.94 -12.98 -12.50
C LEU B 93 58.91 -13.60 -13.43
N LYS B 94 59.10 -14.87 -13.77
CA LYS B 94 58.23 -15.52 -14.74
C LYS B 94 57.58 -16.81 -14.23
N TYR B 95 56.26 -16.91 -14.41
CA TYR B 95 55.53 -18.12 -14.07
C TYR B 95 55.44 -19.00 -15.31
N VAL B 96 56.13 -20.14 -15.29
CA VAL B 96 56.16 -21.01 -16.46
C VAL B 96 54.93 -21.91 -16.56
N ASP B 97 54.47 -22.45 -15.43
CA ASP B 97 53.32 -23.36 -15.45
C ASP B 97 52.53 -23.32 -14.14
N ILE B 98 51.22 -23.51 -14.26
CA ILE B 98 50.34 -23.58 -13.10
C ILE B 98 49.44 -24.81 -13.22
N ARG B 99 49.49 -25.67 -12.20
CA ARG B 99 48.71 -26.91 -12.20
C ARG B 99 47.95 -27.08 -10.89
N VAL B 100 47.01 -28.02 -10.87
CA VAL B 100 46.21 -28.26 -9.68
C VAL B 100 46.58 -29.57 -8.98
N GLY B 101 47.22 -29.45 -7.82
CA GLY B 101 47.53 -30.58 -6.96
C GLY B 101 48.24 -31.77 -7.59
N LYS B 102 49.01 -31.52 -8.63
CA LYS B 102 49.71 -32.60 -9.33
C LYS B 102 51.15 -32.26 -9.70
N LYS B 103 52.08 -33.07 -9.21
CA LYS B 103 53.49 -33.00 -9.62
C LYS B 103 54.25 -34.23 -9.15
N SER B 104 55.53 -34.29 -9.49
CA SER B 104 56.42 -35.39 -9.10
C SER B 104 55.87 -36.76 -9.48
N SER B 105 56.04 -37.72 -8.59
CA SER B 105 55.56 -39.09 -8.82
C SER B 105 54.21 -39.32 -8.16
N SER B 106 53.72 -38.30 -7.44
CA SER B 106 52.44 -38.42 -6.75
C SER B 106 51.28 -38.23 -7.71
N SER B 107 50.40 -39.23 -7.76
CA SER B 107 49.21 -39.17 -8.61
C SER B 107 48.28 -38.06 -8.15
N THR B 108 48.24 -37.86 -6.83
CA THR B 108 47.41 -36.82 -6.23
C THR B 108 47.89 -36.54 -4.80
N LYS B 109 47.11 -35.74 -4.08
CA LYS B 109 47.35 -35.51 -2.65
C LYS B 109 47.31 -36.86 -1.93
N ASP B 110 48.10 -37.01 -0.88
CA ASP B 110 48.17 -38.27 -0.13
C ASP B 110 46.77 -38.76 0.23
N TYR B 111 46.07 -38.00 1.05
CA TYR B 111 44.63 -38.18 1.19
C TYR B 111 43.90 -36.84 1.14
N LEU B 112 43.07 -36.68 0.11
CA LEU B 112 42.20 -35.52 0.00
C LEU B 112 40.89 -35.86 0.70
N THR B 113 40.47 -35.00 1.62
CA THR B 113 39.28 -35.26 2.43
C THR B 113 38.05 -35.55 1.57
N PRO B 114 37.35 -36.66 1.87
CA PRO B 114 36.18 -37.09 1.11
C PRO B 114 35.03 -36.09 1.23
N PRO B 115 33.93 -36.29 0.48
CA PRO B 115 32.80 -35.35 0.62
C PRO B 115 32.12 -35.45 2.00
N HIS B 116 31.95 -36.67 2.49
CA HIS B 116 31.30 -36.91 3.78
C HIS B 116 32.01 -36.21 4.93
N GLU B 117 33.23 -36.65 5.21
CA GLU B 117 34.03 -36.12 6.32
C GLU B 117 34.19 -34.60 6.24
N CYS B 118 34.28 -34.08 5.03
CA CYS B 118 34.36 -32.64 4.80
C CYS B 118 33.11 -31.93 5.30
N ARG B 119 31.96 -32.60 5.17
CA ARG B 119 30.68 -32.03 5.56
C ARG B 119 30.48 -32.07 7.07
N LEU B 120 31.07 -33.07 7.72
CA LEU B 120 30.90 -33.26 9.16
C LEU B 120 31.76 -32.32 9.98
N ARG B 121 32.97 -32.04 9.51
CA ARG B 121 33.91 -31.20 10.24
C ARG B 121 33.78 -29.72 9.91
N ASP B 122 32.79 -29.41 9.06
CA ASP B 122 32.50 -28.03 8.64
C ASP B 122 33.62 -27.45 7.76
N MET B 123 34.69 -28.21 7.56
CA MET B 123 35.78 -27.81 6.69
C MET B 123 35.32 -27.68 5.25
N THR B 124 36.05 -26.89 4.47
CA THR B 124 35.72 -26.73 3.05
C THR B 124 36.24 -27.91 2.23
N TYR B 125 35.93 -27.91 0.95
CA TYR B 125 36.42 -28.93 0.04
C TYR B 125 37.34 -28.28 -1.00
N SER B 126 38.63 -28.56 -0.92
CA SER B 126 39.60 -27.87 -1.75
C SER B 126 40.84 -28.68 -2.07
N ALA B 127 41.52 -28.29 -3.15
CA ALA B 127 42.79 -28.88 -3.54
C ALA B 127 43.81 -27.78 -3.77
N PRO B 128 45.07 -28.03 -3.39
CA PRO B 128 46.12 -27.00 -3.49
C PRO B 128 46.46 -26.61 -4.92
N ILE B 129 46.89 -25.37 -5.11
CA ILE B 129 47.29 -24.88 -6.42
C ILE B 129 48.80 -24.86 -6.57
N TYR B 130 49.32 -25.70 -7.46
CA TYR B 130 50.75 -25.77 -7.69
C TYR B 130 51.20 -24.79 -8.76
N VAL B 131 52.22 -24.00 -8.45
CA VAL B 131 52.77 -23.03 -9.39
C VAL B 131 54.27 -23.22 -9.56
N ASP B 132 54.79 -22.85 -10.73
CA ASP B 132 56.22 -22.95 -11.02
C ASP B 132 56.75 -21.60 -11.50
N ILE B 133 57.67 -21.01 -10.75
CA ILE B 133 58.15 -19.66 -11.06
C ILE B 133 59.68 -19.62 -11.18
N GLU B 134 60.19 -18.62 -11.89
CA GLU B 134 61.62 -18.48 -12.11
C GLU B 134 62.15 -17.16 -11.53
N TYR B 135 63.00 -17.25 -10.51
CA TYR B 135 63.46 -16.07 -9.77
C TYR B 135 64.85 -15.63 -10.22
N THR B 136 65.02 -14.31 -10.32
CA THR B 136 66.30 -13.72 -10.75
C THR B 136 66.71 -12.56 -9.85
N ARG B 137 67.91 -12.65 -9.28
CA ARG B 137 68.45 -11.61 -8.41
C ARG B 137 69.54 -10.81 -9.12
N GLY B 138 70.12 -9.84 -8.42
CA GLY B 138 71.27 -9.10 -8.90
C GLY B 138 72.55 -9.90 -8.71
N ARG B 139 72.38 -11.14 -8.26
CA ARG B 139 73.47 -12.09 -8.11
C ARG B 139 73.62 -12.87 -9.42
N ASN B 140 72.89 -12.40 -10.43
CA ASN B 140 72.80 -13.00 -11.77
C ASN B 140 72.52 -14.50 -11.73
N ILE B 141 71.31 -14.83 -11.29
CA ILE B 141 70.89 -16.22 -11.18
C ILE B 141 69.62 -16.48 -12.00
N ILE B 142 69.49 -17.70 -12.50
CA ILE B 142 68.22 -18.17 -13.04
C ILE B 142 67.91 -19.54 -12.45
N MET B 143 66.85 -19.62 -11.66
CA MET B 143 66.52 -20.85 -10.96
C MET B 143 65.00 -21.06 -10.92
N HIS B 144 64.57 -22.18 -10.33
CA HIS B 144 63.16 -22.52 -10.33
C HIS B 144 62.73 -23.11 -9.00
N LYS B 145 61.42 -23.39 -8.88
CA LYS B 145 60.87 -24.06 -7.71
C LYS B 145 59.42 -24.48 -7.93
N ASP B 146 58.84 -25.10 -6.93
CA ASP B 146 57.42 -25.44 -6.93
C ASP B 146 56.76 -24.96 -5.65
N VAL B 147 55.85 -23.99 -5.77
CA VAL B 147 55.23 -23.37 -4.60
C VAL B 147 53.71 -23.48 -4.67
N GLU B 148 53.06 -23.25 -3.54
CA GLU B 148 51.59 -23.24 -3.48
C GLU B 148 51.10 -21.83 -3.15
N ILE B 149 50.43 -21.21 -4.12
CA ILE B 149 49.94 -19.84 -3.95
C ILE B 149 48.68 -19.78 -3.10
N GLY B 150 48.00 -20.91 -2.96
CA GLY B 150 46.78 -20.97 -2.17
C GLY B 150 45.88 -22.13 -2.55
N ARG B 151 44.70 -22.16 -1.93
CA ARG B 151 43.74 -23.24 -2.16
C ARG B 151 42.74 -22.86 -3.26
N MET B 152 41.72 -23.71 -3.42
CA MET B 152 40.69 -23.53 -4.43
C MET B 152 39.66 -24.64 -4.30
N PRO B 153 38.37 -24.28 -4.36
CA PRO B 153 37.29 -25.26 -4.23
C PRO B 153 37.17 -26.17 -5.44
N ILE B 154 36.95 -27.46 -5.20
CA ILE B 154 36.77 -28.43 -6.27
C ILE B 154 35.34 -28.98 -6.23
N MET B 155 34.68 -28.98 -7.38
CA MET B 155 33.30 -29.45 -7.47
C MET B 155 33.25 -30.98 -7.48
N LEU B 156 32.16 -31.52 -6.94
CA LEU B 156 31.97 -32.97 -6.90
C LEU B 156 31.81 -33.55 -8.30
N ARG B 157 32.13 -34.83 -8.44
CA ARG B 157 32.06 -35.53 -9.73
C ARG B 157 32.87 -34.81 -10.81
N SER B 158 34.13 -34.52 -10.50
CA SER B 158 35.03 -33.87 -11.44
C SER B 158 36.29 -34.70 -11.64
N ASN B 159 37.04 -34.41 -12.70
CA ASN B 159 38.25 -35.14 -13.02
C ASN B 159 39.29 -35.11 -11.91
N LYS B 160 39.28 -34.03 -11.13
CA LYS B 160 40.25 -33.86 -10.05
C LYS B 160 39.71 -34.34 -8.71
N CYS B 161 38.47 -34.83 -8.70
CA CYS B 161 37.87 -35.32 -7.46
C CYS B 161 38.24 -36.78 -7.21
N ILE B 162 37.82 -37.30 -6.06
CA ILE B 162 38.08 -38.69 -5.70
C ILE B 162 36.94 -39.59 -6.14
N LEU B 163 35.82 -38.99 -6.54
CA LEU B 163 34.62 -39.75 -6.86
C LEU B 163 34.49 -40.04 -8.35
N TYR B 164 35.48 -39.58 -9.13
CA TYR B 164 35.44 -39.79 -10.57
C TYR B 164 35.76 -41.24 -10.93
N ASP B 165 34.83 -41.86 -11.67
CA ASP B 165 34.95 -43.27 -12.07
C ASP B 165 35.19 -44.19 -10.89
N ALA B 166 34.20 -44.28 -10.00
CA ALA B 166 34.27 -45.18 -8.86
C ALA B 166 33.00 -46.04 -8.80
N ASP B 167 33.13 -47.26 -8.28
CA ASP B 167 32.00 -48.19 -8.30
C ASP B 167 31.86 -49.01 -7.02
N GLU B 168 30.64 -49.08 -6.51
CA GLU B 168 30.28 -49.97 -5.40
C GLU B 168 31.13 -49.79 -4.15
N SER B 169 31.89 -50.83 -3.80
CA SER B 169 32.64 -50.90 -2.55
C SER B 169 33.54 -49.68 -2.30
N LYS B 170 33.96 -49.03 -3.37
CA LYS B 170 34.74 -47.79 -3.26
C LYS B 170 33.92 -46.71 -2.55
N MET B 171 32.62 -46.70 -2.79
CA MET B 171 31.71 -45.76 -2.16
C MET B 171 31.40 -46.18 -0.72
N ALA B 172 31.31 -47.49 -0.51
CA ALA B 172 31.02 -48.03 0.81
C ALA B 172 32.17 -47.74 1.78
N LYS B 173 33.38 -47.75 1.26
CA LYS B 173 34.56 -47.45 2.06
C LYS B 173 34.67 -45.94 2.30
N LEU B 174 34.24 -45.16 1.32
CA LEU B 174 34.29 -43.70 1.42
C LEU B 174 33.04 -43.13 2.08
N ASN B 175 32.10 -44.01 2.42
CA ASN B 175 30.90 -43.63 3.17
C ASN B 175 30.08 -42.54 2.49
N GLU B 176 29.37 -42.92 1.41
CA GLU B 176 28.64 -41.95 0.60
C GLU B 176 27.81 -42.69 -0.45
N CYS B 177 26.82 -42.00 -1.01
CA CYS B 177 25.85 -42.63 -1.91
C CYS B 177 26.28 -42.58 -3.37
N PRO B 178 26.14 -43.72 -4.08
CA PRO B 178 26.48 -43.83 -5.50
C PRO B 178 25.51 -43.07 -6.41
N LEU B 179 24.28 -42.85 -5.94
CA LEU B 179 23.23 -42.27 -6.79
C LEU B 179 23.14 -40.75 -6.68
N ASP B 180 24.04 -40.14 -5.92
CA ASP B 180 24.05 -38.69 -5.78
C ASP B 180 24.35 -38.02 -7.12
N PRO B 181 23.58 -36.97 -7.45
CA PRO B 181 23.72 -36.27 -8.74
C PRO B 181 25.09 -35.64 -8.94
N GLY B 182 25.60 -34.99 -7.90
CA GLY B 182 26.90 -34.33 -7.98
C GLY B 182 26.81 -33.00 -8.72
N GLY B 183 27.95 -32.32 -8.83
CA GLY B 183 28.00 -31.06 -9.54
C GLY B 183 27.75 -29.85 -8.65
N TYR B 184 27.97 -30.02 -7.34
CA TYR B 184 27.77 -28.93 -6.39
C TYR B 184 29.01 -28.65 -5.56
N PHE B 185 29.15 -27.42 -5.09
CA PHE B 185 30.28 -27.01 -4.27
C PHE B 185 29.94 -27.06 -2.78
N ILE B 186 30.76 -27.77 -2.01
CA ILE B 186 30.56 -27.85 -0.57
C ILE B 186 31.65 -27.07 0.17
N VAL B 187 31.24 -26.00 0.85
CA VAL B 187 32.17 -25.14 1.58
C VAL B 187 31.58 -24.67 2.90
N ASN B 188 32.41 -24.65 3.94
CA ASN B 188 32.02 -24.09 5.24
C ASN B 188 30.73 -24.69 5.81
N GLY B 189 30.80 -25.92 6.29
CA GLY B 189 29.60 -26.62 6.69
C GLY B 189 28.78 -27.05 5.48
N THR B 190 27.54 -26.59 5.40
CA THR B 190 26.61 -27.10 4.38
C THR B 190 27.02 -26.67 2.97
N GLU B 191 26.24 -27.11 1.99
CA GLU B 191 26.63 -27.00 0.59
C GLU B 191 25.72 -26.09 -0.23
N LYS B 192 26.32 -25.33 -1.14
CA LYS B 192 25.58 -24.43 -2.01
C LYS B 192 25.82 -24.76 -3.48
N VAL B 193 24.92 -24.31 -4.35
CA VAL B 193 25.01 -24.62 -5.78
C VAL B 193 25.00 -23.35 -6.62
N ILE B 194 25.90 -23.27 -7.61
CA ILE B 194 25.88 -22.16 -8.56
C ILE B 194 24.79 -22.40 -9.59
N LEU B 195 23.85 -21.46 -9.68
CA LEU B 195 22.69 -21.61 -10.56
C LEU B 195 22.98 -21.09 -11.96
N VAL B 196 22.46 -21.79 -12.97
CA VAL B 196 22.62 -21.37 -14.36
C VAL B 196 21.93 -20.03 -14.60
N GLN B 197 22.66 -19.08 -15.16
CA GLN B 197 22.14 -17.73 -15.35
C GLN B 197 22.00 -17.37 -16.83
N GLU B 198 20.81 -16.90 -17.21
CA GLU B 198 20.55 -16.48 -18.57
C GLU B 198 21.07 -15.08 -18.82
N GLN B 199 21.52 -14.82 -20.05
CA GLN B 199 22.05 -13.51 -20.42
C GLN B 199 21.52 -13.08 -21.78
N LEU B 200 21.34 -11.77 -21.96
CA LEU B 200 20.92 -11.23 -23.25
C LEU B 200 22.02 -11.46 -24.29
N SER B 201 21.63 -11.46 -25.57
CA SER B 201 22.57 -11.68 -26.66
C SER B 201 23.75 -10.73 -26.60
N LYS B 202 24.96 -11.28 -26.64
CA LYS B 202 26.17 -10.49 -26.53
C LYS B 202 26.82 -10.30 -27.90
N ASN B 203 27.30 -9.09 -28.15
CA ASN B 203 27.97 -8.74 -29.40
C ASN B 203 27.10 -9.00 -30.63
N ARG B 204 25.87 -8.49 -30.59
CA ARG B 204 24.94 -8.67 -31.69
C ARG B 204 23.95 -7.51 -31.78
N ILE B 205 23.53 -7.19 -33.00
CA ILE B 205 22.61 -6.08 -33.23
C ILE B 205 21.16 -6.47 -32.97
N ILE B 206 20.47 -5.66 -32.16
CA ILE B 206 19.05 -5.85 -31.91
C ILE B 206 18.30 -4.54 -32.13
N VAL B 207 17.18 -4.61 -32.86
CA VAL B 207 16.44 -3.41 -33.24
C VAL B 207 15.01 -3.42 -32.70
N GLU B 208 14.66 -2.37 -31.96
CA GLU B 208 13.31 -2.25 -31.40
C GLU B 208 12.62 -0.98 -31.89
N ALA B 209 11.29 -1.05 -32.05
CA ALA B 209 10.52 0.08 -32.50
C ALA B 209 9.62 0.60 -31.38
N ASP B 210 9.33 1.91 -31.42
CA ASP B 210 8.54 2.53 -30.37
C ASP B 210 7.54 3.53 -30.92
N GLU B 211 6.45 3.72 -30.19
CA GLU B 211 5.46 4.77 -30.47
C GLU B 211 6.12 6.13 -30.21
N LYS B 212 5.52 7.19 -30.73
CA LYS B 212 6.07 8.54 -30.60
C LYS B 212 7.46 8.65 -31.22
N LYS B 213 8.47 8.89 -30.37
CA LYS B 213 9.80 9.33 -30.78
C LYS B 213 10.41 8.60 -31.99
N GLY B 214 10.44 7.27 -31.95
CA GLY B 214 10.96 6.54 -33.09
C GLY B 214 11.57 5.18 -32.82
N ILE B 215 12.43 4.75 -33.74
CA ILE B 215 13.05 3.43 -33.69
C ILE B 215 14.43 3.47 -33.03
N VAL B 216 14.75 2.42 -32.25
CA VAL B 216 16.01 2.35 -31.54
C VAL B 216 16.67 0.98 -31.69
N GLN B 217 17.97 0.98 -31.95
CA GLN B 217 18.73 -0.27 -31.96
C GLN B 217 19.86 -0.20 -30.93
N ALA B 218 20.05 -1.28 -30.18
CA ALA B 218 21.07 -1.31 -29.14
C ALA B 218 22.21 -2.26 -29.48
N SER B 219 23.43 -1.86 -29.12
CA SER B 219 24.60 -2.69 -29.37
C SER B 219 25.50 -2.75 -28.13
N VAL B 220 25.73 -3.97 -27.65
CA VAL B 220 26.58 -4.17 -26.49
C VAL B 220 27.66 -5.21 -26.76
N THR B 221 28.83 -5.02 -26.16
CA THR B 221 29.90 -6.00 -26.26
C THR B 221 30.90 -5.84 -25.13
N SER B 222 31.87 -6.76 -25.08
CA SER B 222 32.95 -6.67 -24.11
C SER B 222 34.28 -7.13 -24.72
N SER B 223 35.30 -6.28 -24.64
CA SER B 223 36.63 -6.69 -25.03
C SER B 223 37.55 -6.66 -23.82
N THR B 224 37.92 -7.84 -23.34
CA THR B 224 38.81 -7.98 -22.17
C THR B 224 38.31 -7.18 -20.98
N HIS B 225 39.11 -6.19 -20.58
CA HIS B 225 38.89 -5.41 -19.36
C HIS B 225 37.53 -4.73 -19.21
N GLU B 226 37.00 -4.18 -20.30
CA GLU B 226 35.81 -3.33 -20.18
C GLU B 226 34.60 -3.81 -20.97
N ARG B 227 33.42 -3.42 -20.49
CA ARG B 227 32.16 -3.64 -21.18
C ARG B 227 31.53 -2.30 -21.52
N LYS B 228 31.00 -2.18 -22.74
CA LYS B 228 30.49 -0.89 -23.19
C LYS B 228 29.30 -1.03 -24.13
N SER B 229 28.36 -0.09 -24.02
CA SER B 229 27.12 -0.13 -24.79
C SER B 229 26.96 1.07 -25.71
N LYS B 230 26.50 0.83 -26.93
CA LYS B 230 26.23 1.90 -27.89
C LYS B 230 24.73 2.02 -28.15
N THR B 231 24.25 3.26 -28.24
CA THR B 231 22.83 3.50 -28.50
C THR B 231 22.61 4.41 -29.70
N TYR B 232 22.01 3.86 -30.75
CA TYR B 232 21.63 4.62 -31.93
C TYR B 232 20.21 5.15 -31.74
N VAL B 233 19.97 6.39 -32.15
CA VAL B 233 18.67 7.01 -31.90
C VAL B 233 18.25 7.97 -33.01
N ILE B 234 16.95 7.98 -33.31
CA ILE B 234 16.38 9.00 -34.18
C ILE B 234 15.42 9.87 -33.38
N THR B 235 15.81 11.11 -33.12
CA THR B 235 14.97 12.01 -32.35
C THR B 235 13.84 12.61 -33.17
N LYS B 236 14.19 13.17 -34.33
CA LYS B 236 13.25 13.92 -35.16
C LYS B 236 13.69 13.99 -36.62
N ASN B 237 12.75 14.38 -37.48
CA ASN B 237 13.03 14.77 -38.87
C ASN B 237 13.45 13.62 -39.78
N GLY B 238 13.73 12.46 -39.20
CA GLY B 238 14.26 11.34 -39.96
C GLY B 238 15.77 11.37 -39.94
N LYS B 239 16.31 12.55 -39.67
CA LYS B 239 17.74 12.71 -39.44
C LYS B 239 18.10 12.01 -38.13
N ILE B 240 19.11 11.16 -38.18
CA ILE B 240 19.37 10.24 -37.09
C ILE B 240 20.67 10.55 -36.34
N TYR B 241 20.69 10.21 -35.06
CA TYR B 241 21.78 10.57 -34.16
C TYR B 241 22.49 9.36 -33.57
N LEU B 242 23.72 9.57 -33.10
CA LEU B 242 24.46 8.52 -32.39
C LEU B 242 24.74 8.95 -30.95
N LYS B 243 24.14 8.23 -30.00
CA LYS B 243 24.35 8.53 -28.59
C LYS B 243 25.34 7.57 -27.95
N HIS B 244 26.19 8.09 -27.09
CA HIS B 244 27.18 7.29 -26.37
C HIS B 244 27.62 7.99 -25.09
N ASN B 245 28.19 7.23 -24.17
CA ASN B 245 28.69 7.80 -22.93
C ASN B 245 30.04 8.47 -23.14
N SER B 246 30.70 8.13 -24.23
CA SER B 246 32.00 8.71 -24.56
C SER B 246 31.83 10.10 -25.16
N ILE B 247 31.22 10.14 -26.35
CA ILE B 247 30.94 11.42 -27.01
C ILE B 247 29.79 12.13 -26.32
N ALA B 248 29.92 13.44 -26.14
CA ALA B 248 28.94 14.23 -25.39
C ALA B 248 27.52 14.15 -25.97
N GLU B 249 27.32 14.77 -27.13
CA GLU B 249 25.96 14.89 -27.67
C GLU B 249 25.78 14.47 -29.12
N GLU B 250 25.06 13.36 -29.32
CA GLU B 250 24.25 13.10 -30.52
C GLU B 250 24.83 13.58 -31.86
N ILE B 251 25.87 12.90 -32.34
CA ILE B 251 26.50 13.30 -33.59
C ILE B 251 25.61 13.04 -34.81
N PRO B 252 25.68 13.93 -35.82
CA PRO B 252 25.07 13.77 -37.14
C PRO B 252 25.79 12.73 -37.99
N ILE B 253 25.36 11.46 -37.88
CA ILE B 253 26.05 10.29 -38.41
C ILE B 253 26.62 10.46 -39.82
N ALA B 254 25.91 11.18 -40.69
CA ALA B 254 26.41 11.49 -42.02
C ALA B 254 27.81 12.14 -41.94
N ILE B 255 28.08 12.84 -40.84
CA ILE B 255 29.42 13.35 -40.57
C ILE B 255 30.33 12.25 -40.02
N VAL B 256 29.78 11.41 -39.15
CA VAL B 256 30.53 10.27 -38.61
C VAL B 256 31.02 9.36 -39.71
N LEU B 257 30.14 9.09 -40.68
CA LEU B 257 30.48 8.20 -41.78
C LEU B 257 31.61 8.81 -42.61
N LYS B 258 31.66 10.14 -42.66
CA LYS B 258 32.79 10.83 -43.28
C LYS B 258 34.05 10.54 -42.49
N ALA B 259 33.93 10.52 -41.16
CA ALA B 259 35.06 10.18 -40.30
C ALA B 259 35.33 8.67 -40.34
N CYS B 260 34.42 7.93 -40.97
CA CYS B 260 34.57 6.49 -41.12
C CYS B 260 35.34 6.16 -42.41
N GLY B 261 35.83 7.20 -43.09
CA GLY B 261 36.71 7.01 -44.22
C GLY B 261 36.12 7.25 -45.59
N ILE B 262 34.80 7.35 -45.68
CA ILE B 262 34.16 7.54 -46.97
C ILE B 262 33.89 9.03 -47.23
N LEU B 263 34.05 9.43 -48.49
CA LEU B 263 33.97 10.81 -48.94
C LEU B 263 32.78 11.03 -49.85
N SER B 264 32.72 10.22 -50.91
CA SER B 264 32.03 10.52 -52.16
C SER B 264 30.54 10.82 -52.10
N ASP B 265 29.94 10.83 -50.91
CA ASP B 265 28.50 11.04 -50.77
C ASP B 265 27.76 9.92 -51.48
N LEU B 266 27.14 10.20 -52.63
CA LEU B 266 26.13 9.34 -53.25
C LEU B 266 26.41 7.84 -53.17
N GLU B 267 27.69 7.47 -53.16
CA GLU B 267 28.10 6.11 -52.79
C GLU B 267 27.45 5.69 -51.46
N ILE B 268 27.46 6.60 -50.49
CA ILE B 268 26.77 6.41 -49.21
C ILE B 268 25.29 6.11 -49.44
N MET B 269 24.59 7.07 -50.05
CA MET B 269 23.18 6.90 -50.38
C MET B 269 22.92 5.58 -51.11
N GLN B 270 23.77 5.24 -52.06
CA GLN B 270 23.61 4.02 -52.83
C GLN B 270 23.95 2.78 -51.99
N LEU B 271 24.43 3.00 -50.78
CA LEU B 271 24.77 1.90 -49.88
C LEU B 271 23.63 1.63 -48.89
N VAL B 272 23.34 2.60 -48.03
CA VAL B 272 22.31 2.44 -47.01
C VAL B 272 20.90 2.44 -47.58
N CYS B 273 20.75 2.99 -48.78
CA CYS B 273 19.48 3.06 -49.48
C CYS B 273 19.50 2.16 -50.71
N GLY B 274 20.43 2.46 -51.61
CA GLY B 274 20.56 1.72 -52.85
C GLY B 274 19.58 2.09 -53.95
N ASN B 275 18.97 1.07 -54.56
CA ASN B 275 18.37 1.22 -55.87
C ASN B 275 17.09 2.05 -55.96
N ASP B 276 16.01 1.57 -55.36
CA ASP B 276 14.69 2.10 -55.72
C ASP B 276 13.73 2.34 -54.55
N SER B 277 12.47 2.60 -54.92
CA SER B 277 11.36 2.91 -54.02
C SER B 277 11.56 4.13 -53.12
N SER B 278 11.11 4.01 -51.88
CA SER B 278 10.96 5.17 -51.00
C SER B 278 12.11 5.38 -50.02
N TYR B 279 13.11 4.53 -50.08
CA TYR B 279 14.21 4.57 -49.12
C TYR B 279 15.14 5.76 -49.33
N GLN B 280 14.91 6.50 -50.42
CA GLN B 280 15.76 7.63 -50.77
C GLN B 280 15.49 8.89 -49.94
N ASP B 281 14.30 9.44 -50.10
CA ASP B 281 13.96 10.75 -49.52
C ASP B 281 14.15 10.85 -48.01
N ILE B 282 13.94 9.74 -47.30
CA ILE B 282 14.06 9.74 -45.85
C ILE B 282 15.47 10.03 -45.39
N PHE B 283 16.44 9.28 -45.91
CA PHE B 283 17.84 9.46 -45.53
C PHE B 283 18.45 10.67 -46.25
N ALA B 284 17.78 11.12 -47.31
CA ALA B 284 18.26 12.25 -48.09
C ALA B 284 18.15 13.57 -47.30
N VAL B 285 17.27 13.58 -46.31
CA VAL B 285 17.09 14.76 -45.46
C VAL B 285 18.36 15.03 -44.64
N ASN B 286 18.84 14.00 -43.95
CA ASN B 286 20.06 14.11 -43.17
C ASN B 286 21.26 14.37 -44.07
N LEU B 287 21.27 13.69 -45.22
CA LEU B 287 22.34 13.86 -46.20
C LEU B 287 22.44 15.31 -46.66
N GLU B 288 21.28 15.94 -46.85
CA GLU B 288 21.21 17.34 -47.24
C GLU B 288 21.88 18.28 -46.25
N GLU B 289 21.35 18.35 -45.03
CA GLU B 289 21.76 19.37 -44.08
C GLU B 289 23.06 19.03 -43.33
N SER B 290 23.58 17.84 -43.55
CA SER B 290 24.86 17.47 -42.96
C SER B 290 26.03 18.05 -43.75
N SER B 291 25.86 18.13 -45.07
CA SER B 291 26.93 18.56 -45.96
C SER B 291 26.89 20.05 -46.29
N LYS B 292 25.85 20.74 -45.81
CA LYS B 292 25.74 22.17 -46.10
C LYS B 292 26.68 23.03 -45.24
N LEU B 293 26.65 22.82 -43.93
CA LEU B 293 27.47 23.60 -43.02
C LEU B 293 28.92 23.15 -43.05
N ASP B 294 29.12 21.84 -42.87
CA ASP B 294 30.46 21.26 -42.84
C ASP B 294 30.55 20.00 -43.70
N ILE B 295 31.37 20.04 -44.74
CA ILE B 295 31.49 18.88 -45.64
C ILE B 295 32.92 18.50 -46.01
N TYR B 296 33.33 17.31 -45.54
CA TYR B 296 34.32 16.42 -46.17
C TYR B 296 34.66 15.31 -45.20
N THR B 297 35.42 14.31 -45.65
CA THR B 297 35.71 13.15 -44.83
C THR B 297 36.87 13.32 -43.86
N GLN B 298 37.72 14.31 -44.09
CA GLN B 298 38.95 14.43 -43.30
C GLN B 298 38.93 15.59 -42.31
N GLN B 299 38.89 16.81 -42.84
CA GLN B 299 39.09 18.01 -42.04
C GLN B 299 38.16 18.17 -40.84
N GLN B 300 36.89 18.43 -41.10
CA GLN B 300 35.92 18.74 -40.05
C GLN B 300 35.40 17.48 -39.38
N ALA B 301 35.54 16.35 -40.06
CA ALA B 301 35.04 15.08 -39.55
C ALA B 301 35.61 14.75 -38.16
N LEU B 302 36.93 14.60 -38.10
CA LEU B 302 37.59 14.23 -36.87
C LEU B 302 37.59 15.36 -35.84
N GLU B 303 37.82 16.58 -36.29
CA GLU B 303 37.94 17.73 -35.39
C GLU B 303 36.64 18.03 -34.66
N TYR B 304 35.52 17.82 -35.35
CA TYR B 304 34.19 17.98 -34.75
C TYR B 304 34.05 17.11 -33.50
N ILE B 305 34.17 15.80 -33.70
CA ILE B 305 34.04 14.83 -32.61
C ILE B 305 35.01 15.09 -31.47
N GLY B 306 36.25 15.44 -31.82
CA GLY B 306 37.31 15.64 -30.84
C GLY B 306 37.09 16.82 -29.93
N ALA B 307 36.50 17.90 -30.45
CA ALA B 307 36.23 19.09 -29.66
C ALA B 307 34.99 18.89 -28.80
N LYS B 308 34.09 18.03 -29.25
CA LYS B 308 32.82 17.79 -28.58
C LYS B 308 32.88 16.60 -27.62
N VAL B 309 34.08 16.06 -27.41
CA VAL B 309 34.25 14.81 -26.67
C VAL B 309 34.47 15.04 -25.17
N LYS B 310 33.98 14.09 -24.38
CA LYS B 310 33.98 14.17 -22.91
C LYS B 310 35.36 13.93 -22.28
N THR B 311 35.36 13.72 -20.97
CA THR B 311 36.57 13.74 -20.14
C THR B 311 37.73 12.90 -20.65
N MET B 312 38.93 13.42 -20.45
CA MET B 312 40.14 12.94 -21.09
C MET B 312 40.99 11.96 -20.28
N ARG B 313 40.53 11.62 -19.06
CA ARG B 313 41.20 10.66 -18.17
C ARG B 313 42.54 11.18 -17.61
N ARG B 314 42.95 12.37 -18.05
CA ARG B 314 43.98 13.17 -17.38
C ARG B 314 45.44 12.74 -17.53
N GLN B 315 45.71 11.58 -18.12
CA GLN B 315 47.10 11.12 -18.21
C GLN B 315 47.54 10.74 -19.62
N LYS B 316 48.76 11.15 -19.97
CA LYS B 316 49.34 10.92 -21.30
C LYS B 316 48.36 11.35 -22.39
N LEU B 317 47.69 12.47 -22.14
CA LEU B 317 46.56 12.88 -22.94
C LEU B 317 46.94 13.56 -24.26
N THR B 318 47.94 14.43 -24.26
CA THR B 318 48.04 15.32 -25.39
C THR B 318 48.92 14.77 -26.50
N ILE B 319 48.24 14.25 -27.51
CA ILE B 319 48.73 14.15 -28.87
C ILE B 319 48.02 15.24 -29.67
N LEU B 320 47.24 16.05 -28.95
CA LEU B 320 45.98 16.56 -29.46
C LEU B 320 46.06 17.19 -30.84
N GLN B 321 45.28 16.59 -31.73
CA GLN B 321 45.30 16.80 -33.17
C GLN B 321 44.07 16.09 -33.71
N GLU B 322 44.00 15.95 -35.03
CA GLU B 322 43.01 15.05 -35.63
C GLU B 322 43.21 13.60 -35.15
N GLY B 323 44.35 13.35 -34.52
CA GLY B 323 44.70 12.02 -34.06
C GLY B 323 44.05 11.53 -32.77
N ILE B 324 43.44 12.43 -32.01
CA ILE B 324 42.72 12.01 -30.81
C ILE B 324 41.47 11.25 -31.23
N GLU B 325 40.91 11.63 -32.37
CA GLU B 325 39.73 10.97 -32.91
C GLU B 325 40.12 9.64 -33.57
N ALA B 326 41.37 9.55 -34.00
CA ALA B 326 41.91 8.31 -34.56
C ALA B 326 41.74 7.16 -33.57
N ILE B 327 42.37 7.28 -32.40
CA ILE B 327 42.19 6.33 -31.32
C ILE B 327 40.71 6.16 -31.00
N ALA B 328 39.97 7.27 -30.95
CA ALA B 328 38.54 7.23 -30.73
C ALA B 328 37.85 6.38 -31.80
N THR B 329 37.93 6.83 -33.06
CA THR B 329 37.24 6.17 -34.18
C THR B 329 37.56 4.67 -34.25
N THR B 330 38.73 4.29 -33.75
CA THR B 330 39.08 2.87 -33.67
C THR B 330 38.30 2.21 -32.54
N VAL B 331 38.59 2.59 -31.29
CA VAL B 331 37.85 2.05 -30.16
C VAL B 331 37.01 3.13 -29.46
N ILE B 332 35.69 3.07 -29.68
CA ILE B 332 34.72 3.87 -28.94
C ILE B 332 33.53 3.02 -28.50
N ALA B 333 32.79 2.55 -29.50
CA ALA B 333 31.55 1.81 -29.34
C ALA B 333 31.64 0.51 -30.14
N HIS B 334 31.87 0.69 -31.43
CA HIS B 334 31.90 -0.38 -32.42
C HIS B 334 33.22 -1.16 -32.39
N LEU B 335 34.01 -0.91 -31.35
CA LEU B 335 35.38 -1.43 -31.23
C LEU B 335 35.53 -2.93 -31.53
N THR B 336 34.41 -3.66 -31.48
CA THR B 336 34.39 -5.07 -31.86
C THR B 336 35.11 -5.36 -33.18
N VAL B 337 34.82 -4.56 -34.21
CA VAL B 337 35.47 -4.75 -35.51
C VAL B 337 36.88 -4.16 -35.51
N GLU B 338 36.98 -2.84 -35.43
CA GLU B 338 38.26 -2.15 -35.24
C GLU B 338 39.31 -2.49 -36.31
N ALA B 339 40.38 -3.13 -35.86
CA ALA B 339 41.62 -3.35 -36.60
C ALA B 339 42.24 -2.05 -37.10
N LEU B 340 42.88 -2.09 -38.27
CA LEU B 340 43.63 -0.92 -38.74
C LEU B 340 43.00 -0.06 -39.83
N ASP B 341 41.89 -0.51 -40.42
CA ASP B 341 41.32 0.27 -41.52
C ASP B 341 40.05 1.01 -41.14
N PHE B 342 39.57 1.86 -42.05
CA PHE B 342 38.29 2.54 -41.88
C PHE B 342 37.16 1.92 -42.69
N ARG B 343 37.47 0.96 -43.55
CA ARG B 343 36.47 0.46 -44.50
C ARG B 343 35.52 -0.54 -43.85
N GLU B 344 36.08 -1.45 -43.06
CA GLU B 344 35.30 -2.46 -42.35
C GLU B 344 34.21 -1.83 -41.49
N LYS B 345 34.64 -1.05 -40.50
CA LYS B 345 33.74 -0.40 -39.57
C LYS B 345 32.70 0.49 -40.24
N ALA B 346 33.11 1.20 -41.29
CA ALA B 346 32.23 2.10 -42.03
C ALA B 346 30.98 1.39 -42.54
N LEU B 347 31.18 0.42 -43.43
CA LEU B 347 30.08 -0.31 -44.04
C LEU B 347 29.19 -0.98 -43.00
N TYR B 348 29.79 -1.44 -41.90
CA TYR B 348 29.05 -2.09 -40.84
C TYR B 348 28.06 -1.11 -40.17
N ILE B 349 28.55 0.09 -39.88
CA ILE B 349 27.69 1.13 -39.34
C ILE B 349 26.65 1.54 -40.37
N ALA B 350 27.04 1.52 -41.64
CA ALA B 350 26.13 1.83 -42.73
C ALA B 350 25.05 0.76 -42.84
N MET B 351 25.43 -0.50 -42.71
CA MET B 351 24.48 -1.60 -42.74
C MET B 351 23.63 -1.61 -41.47
N MET B 352 24.17 -1.03 -40.40
CA MET B 352 23.42 -0.87 -39.16
C MET B 352 22.36 0.22 -39.36
N THR B 353 22.67 1.18 -40.22
CA THR B 353 21.74 2.24 -40.58
C THR B 353 20.73 1.71 -41.59
N ARG B 354 21.15 0.71 -42.36
CA ARG B 354 20.33 0.12 -43.42
C ARG B 354 19.02 -0.46 -42.89
N ARG B 355 19.08 -1.16 -41.76
CA ARG B 355 17.90 -1.87 -41.27
C ARG B 355 16.88 -0.96 -40.60
N VAL B 356 17.36 0.02 -39.84
CA VAL B 356 16.47 0.88 -39.07
C VAL B 356 15.67 1.83 -39.95
N VAL B 357 16.19 2.16 -41.12
CA VAL B 357 15.50 3.05 -42.04
C VAL B 357 14.40 2.27 -42.78
N MET B 358 14.52 0.95 -42.78
CA MET B 358 13.53 0.09 -43.40
C MET B 358 12.28 -0.03 -42.53
N ALA B 359 12.49 -0.10 -41.22
CA ALA B 359 11.38 -0.19 -40.28
C ALA B 359 10.85 1.20 -39.94
N MET B 360 11.57 2.23 -40.37
CA MET B 360 11.11 3.61 -40.22
C MET B 360 10.05 3.89 -41.28
N TYR B 361 10.22 3.28 -42.44
CA TYR B 361 9.25 3.34 -43.53
C TYR B 361 7.88 2.83 -43.08
N ASN B 362 7.81 1.55 -42.74
CA ASN B 362 6.56 0.93 -42.29
C ASN B 362 6.76 0.18 -40.97
N PRO B 363 5.65 -0.06 -40.24
CA PRO B 363 5.71 -0.85 -39.01
C PRO B 363 6.10 -2.31 -39.26
N LYS B 364 6.06 -3.12 -38.20
CA LYS B 364 6.56 -4.49 -38.23
C LYS B 364 8.03 -4.46 -38.67
N MET B 365 8.44 -5.44 -39.50
CA MET B 365 9.79 -5.52 -40.04
C MET B 365 10.89 -5.29 -39.00
N ILE B 366 10.69 -5.82 -37.80
CA ILE B 366 11.64 -5.62 -36.71
C ILE B 366 12.00 -6.92 -36.01
N ASP B 367 12.89 -6.83 -35.02
CA ASP B 367 13.23 -7.97 -34.20
C ASP B 367 12.91 -7.69 -32.74
N ASP B 368 11.90 -8.38 -32.22
CA ASP B 368 11.54 -8.25 -30.81
C ASP B 368 12.51 -9.06 -29.96
N ARG B 369 12.71 -8.65 -28.72
CA ARG B 369 13.52 -9.46 -27.83
C ARG B 369 12.61 -10.24 -26.89
N ASP B 370 12.39 -11.51 -27.22
CA ASP B 370 11.65 -12.42 -26.37
C ASP B 370 12.28 -13.81 -26.35
N TYR B 371 12.21 -14.45 -27.51
CA TYR B 371 12.43 -15.89 -27.65
C TYR B 371 13.89 -16.33 -27.56
N VAL B 372 14.07 -17.63 -27.31
CA VAL B 372 15.37 -18.24 -27.09
C VAL B 372 16.38 -17.97 -28.20
N GLY B 373 15.89 -17.75 -29.41
CA GLY B 373 16.75 -17.47 -30.55
C GLY B 373 17.66 -16.28 -30.33
N ASN B 374 17.15 -15.26 -29.64
CA ASN B 374 17.94 -14.08 -29.34
C ASN B 374 18.57 -14.16 -27.95
N LYS B 375 18.35 -15.28 -27.26
CA LYS B 375 18.86 -15.44 -25.90
C LYS B 375 19.94 -16.52 -25.80
N ARG B 376 20.91 -16.29 -24.93
CA ARG B 376 21.99 -17.25 -24.71
C ARG B 376 22.29 -17.40 -23.22
N LEU B 377 22.50 -18.65 -22.79
CA LEU B 377 22.77 -18.93 -21.39
C LEU B 377 24.25 -19.24 -21.16
N GLU B 378 24.76 -18.83 -20.01
CA GLU B 378 26.17 -18.99 -19.69
C GLU B 378 26.38 -19.83 -18.43
N LEU B 379 27.09 -20.94 -18.59
CA LEU B 379 27.37 -21.85 -17.48
C LEU B 379 28.42 -21.29 -16.53
N ALA B 380 28.46 -21.84 -15.32
CA ALA B 380 29.32 -21.35 -14.25
C ALA B 380 30.81 -21.31 -14.61
N GLY B 381 31.21 -22.11 -15.60
CA GLY B 381 32.59 -22.19 -16.02
C GLY B 381 33.24 -20.85 -16.35
N GLN B 382 32.47 -19.95 -16.97
CA GLN B 382 32.97 -18.63 -17.30
C GLN B 382 32.96 -17.69 -16.10
N LEU B 383 31.96 -17.84 -15.24
CA LEU B 383 31.80 -16.97 -14.08
C LEU B 383 32.91 -17.17 -13.05
N ILE B 384 33.30 -18.43 -12.84
CA ILE B 384 34.37 -18.75 -11.90
C ILE B 384 35.70 -18.18 -12.40
N SER B 385 35.89 -18.19 -13.71
CA SER B 385 37.10 -17.66 -14.32
C SER B 385 37.19 -16.15 -14.12
N LEU B 386 36.05 -15.47 -14.21
CA LEU B 386 35.99 -14.02 -14.02
C LEU B 386 36.30 -13.63 -12.58
N LEU B 387 35.86 -14.47 -11.64
CA LEU B 387 36.06 -14.20 -10.22
C LEU B 387 37.48 -14.54 -9.77
N PHE B 388 38.06 -15.57 -10.40
CA PHE B 388 39.41 -16.01 -10.04
C PHE B 388 40.48 -15.08 -10.57
N GLU B 389 40.24 -14.50 -11.75
CA GLU B 389 41.22 -13.63 -12.39
C GLU B 389 41.31 -12.28 -11.69
N ASP B 390 40.23 -11.89 -11.01
CA ASP B 390 40.20 -10.61 -10.30
C ASP B 390 41.05 -10.65 -9.04
N LEU B 391 40.96 -11.75 -8.30
CA LEU B 391 41.72 -11.91 -7.07
C LEU B 391 43.20 -12.11 -7.36
N PHE B 392 43.50 -12.68 -8.54
CA PHE B 392 44.88 -12.89 -8.96
C PHE B 392 45.52 -11.56 -9.35
N LYS B 393 44.73 -10.69 -9.96
CA LYS B 393 45.20 -9.36 -10.35
C LYS B 393 45.48 -8.50 -9.12
N LYS B 394 44.65 -8.66 -8.10
CA LYS B 394 44.81 -7.91 -6.85
C LYS B 394 46.09 -8.31 -6.13
N PHE B 395 46.44 -9.59 -6.25
CA PHE B 395 47.63 -10.12 -5.60
C PHE B 395 48.90 -9.56 -6.24
N ASN B 396 48.86 -9.38 -7.56
CA ASN B 396 50.01 -8.91 -8.33
C ASN B 396 50.61 -7.60 -7.80
N ASN B 397 49.82 -6.53 -7.88
CA ASN B 397 50.28 -5.21 -7.44
C ASN B 397 50.74 -5.19 -5.99
N ASP B 398 50.08 -5.99 -5.14
CA ASP B 398 50.47 -6.10 -3.75
C ASP B 398 51.78 -6.87 -3.62
N PHE B 399 51.94 -7.89 -4.45
CA PHE B 399 53.17 -8.69 -4.46
C PHE B 399 54.32 -7.91 -5.06
N LYS B 400 54.04 -7.10 -6.07
CA LYS B 400 55.04 -6.23 -6.68
C LYS B 400 55.53 -5.20 -5.68
N LEU B 401 54.60 -4.64 -4.92
CA LEU B 401 54.93 -3.62 -3.93
C LEU B 401 55.55 -4.24 -2.69
N SER B 402 55.33 -5.53 -2.50
CA SER B 402 55.87 -6.26 -1.36
C SER B 402 57.40 -6.27 -1.38
N ILE B 403 57.97 -6.50 -2.56
CA ILE B 403 59.41 -6.51 -2.72
C ILE B 403 59.96 -5.09 -2.77
N ASP B 404 59.09 -4.14 -3.10
CA ASP B 404 59.49 -2.73 -3.23
C ASP B 404 59.98 -2.16 -1.90
N LYS B 405 59.55 -2.76 -0.80
CA LYS B 405 59.99 -2.36 0.53
C LYS B 405 61.52 -2.42 0.66
N VAL B 406 62.04 -3.64 0.60
CA VAL B 406 63.49 -3.87 0.69
C VAL B 406 64.21 -3.24 -0.49
N LEU B 407 63.48 -3.11 -1.61
CA LEU B 407 64.02 -2.48 -2.81
C LEU B 407 64.43 -1.03 -2.54
N LYS B 408 63.62 -0.32 -1.76
CA LYS B 408 63.94 1.05 -1.39
C LYS B 408 64.86 1.10 -0.16
N LYS B 409 65.12 -0.08 0.42
CA LYS B 409 66.03 -0.17 1.55
C LYS B 409 67.47 -0.28 1.05
N PRO B 410 68.40 0.41 1.73
CA PRO B 410 69.77 0.68 1.26
C PRO B 410 70.61 -0.54 0.89
N ASN B 411 70.64 -1.58 1.70
CA ASN B 411 71.62 -2.64 1.52
C ASN B 411 71.04 -4.05 1.42
N ARG B 412 71.96 -5.02 1.28
CA ARG B 412 71.67 -6.46 1.25
C ARG B 412 70.44 -6.83 0.41
N ALA B 413 70.59 -6.74 -0.92
CA ALA B 413 69.54 -7.15 -1.84
C ALA B 413 69.08 -8.58 -1.54
N MET B 414 67.78 -8.81 -1.65
CA MET B 414 67.18 -10.03 -1.12
C MET B 414 66.82 -11.05 -2.20
N GLU B 415 67.27 -12.28 -2.01
CA GLU B 415 66.99 -13.37 -2.92
C GLU B 415 65.57 -13.92 -2.76
N TYR B 416 65.18 -14.10 -1.50
CA TYR B 416 63.90 -14.72 -1.17
C TYR B 416 63.08 -13.81 -0.26
N ASP B 417 61.99 -14.36 0.29
CA ASP B 417 60.88 -13.63 0.94
C ASP B 417 59.91 -13.20 -0.14
N ALA B 418 60.28 -13.49 -1.39
CA ALA B 418 59.32 -13.53 -2.47
C ALA B 418 58.76 -14.95 -2.52
N LEU B 419 59.19 -15.74 -1.54
CA LEU B 419 58.71 -17.10 -1.32
C LEU B 419 57.94 -17.22 -0.01
N LEU B 420 58.66 -17.15 1.10
CA LEU B 420 58.08 -17.39 2.41
C LEU B 420 57.19 -16.24 2.89
N SER B 421 57.57 -15.01 2.56
CA SER B 421 56.81 -13.85 3.01
C SER B 421 55.55 -13.66 2.17
N ILE B 422 55.57 -14.19 0.95
CA ILE B 422 54.38 -14.12 0.10
C ILE B 422 53.50 -15.35 0.34
N ASN B 423 54.04 -16.33 1.06
CA ASN B 423 53.27 -17.50 1.46
C ASN B 423 52.36 -17.17 2.63
N VAL B 424 52.86 -16.35 3.54
CA VAL B 424 52.04 -15.87 4.65
C VAL B 424 51.17 -14.71 4.15
N HIS B 425 51.57 -14.11 3.03
CA HIS B 425 50.77 -13.09 2.38
C HIS B 425 49.74 -13.76 1.49
N SER B 426 49.94 -15.05 1.25
CA SER B 426 49.02 -15.83 0.44
C SER B 426 47.76 -16.18 1.23
N ASN B 427 46.94 -17.07 0.66
CA ASN B 427 45.67 -17.54 1.23
C ASN B 427 44.60 -16.45 1.19
N ASN B 428 44.98 -15.25 0.77
CA ASN B 428 44.02 -14.19 0.49
C ASN B 428 43.08 -14.63 -0.63
N ILE B 429 43.63 -15.41 -1.55
CA ILE B 429 42.84 -16.01 -2.63
C ILE B 429 41.86 -17.03 -2.07
N THR B 430 42.32 -17.80 -1.08
CA THR B 430 41.49 -18.80 -0.43
C THR B 430 40.23 -18.20 0.19
N SER B 431 40.43 -17.36 1.21
CA SER B 431 39.31 -16.74 1.91
C SER B 431 38.51 -15.81 1.00
N GLY B 432 39.20 -15.14 0.09
CA GLY B 432 38.54 -14.23 -0.84
C GLY B 432 37.57 -14.95 -1.76
N LEU B 433 37.97 -16.13 -2.24
CA LEU B 433 37.12 -16.92 -3.12
C LEU B 433 36.06 -17.68 -2.32
N ASN B 434 36.41 -18.10 -1.10
CA ASN B 434 35.48 -18.82 -0.24
C ASN B 434 34.35 -17.94 0.25
N ARG B 435 34.67 -16.70 0.61
CA ARG B 435 33.65 -15.75 1.04
C ARG B 435 32.73 -15.37 -0.12
N ALA B 436 33.30 -15.26 -1.30
CA ALA B 436 32.55 -14.87 -2.50
C ALA B 436 31.53 -15.94 -2.89
N ILE B 437 31.92 -17.20 -2.79
CA ILE B 437 31.07 -18.30 -3.19
C ILE B 437 30.02 -18.61 -2.11
N SER B 438 30.35 -18.32 -0.86
CA SER B 438 29.44 -18.55 0.26
C SER B 438 28.39 -17.46 0.38
N THR B 439 28.81 -16.22 0.12
CA THR B 439 27.93 -15.06 0.22
C THR B 439 26.98 -14.99 -0.96
N GLY B 440 27.55 -14.86 -2.16
CA GLY B 440 26.77 -14.66 -3.37
C GLY B 440 26.91 -13.25 -3.88
N ASN B 441 27.72 -12.45 -3.20
CA ASN B 441 28.04 -11.11 -3.67
C ASN B 441 29.46 -11.07 -4.25
N TRP B 442 29.55 -10.89 -5.57
CA TRP B 442 30.83 -10.89 -6.24
C TRP B 442 31.31 -9.47 -6.53
N SER B 443 32.50 -9.14 -6.04
CA SER B 443 33.08 -7.81 -6.23
C SER B 443 34.17 -7.82 -7.30
N LEU B 444 33.91 -7.12 -8.40
CA LEU B 444 34.87 -7.05 -9.49
C LEU B 444 35.44 -5.63 -9.61
N LYS B 445 36.76 -5.52 -9.80
CA LYS B 445 37.38 -4.22 -10.03
C LYS B 445 37.64 -3.96 -11.51
N ARG B 446 37.29 -4.92 -12.36
CA ARG B 446 37.55 -4.79 -13.79
C ARG B 446 36.29 -4.35 -14.54
N PHE B 447 35.32 -5.25 -14.66
CA PHE B 447 34.01 -4.90 -15.20
C PHE B 447 33.25 -4.04 -14.21
N LYS B 448 33.63 -4.17 -12.94
CA LYS B 448 32.91 -3.58 -11.81
C LYS B 448 31.43 -3.89 -11.89
N MET B 449 31.12 -5.18 -11.80
CA MET B 449 29.73 -5.64 -11.77
C MET B 449 29.50 -6.44 -10.51
N GLU B 450 28.64 -5.94 -9.63
CA GLU B 450 28.36 -6.62 -8.38
C GLU B 450 27.04 -7.37 -8.51
N ARG B 451 27.13 -8.70 -8.53
CA ARG B 451 25.98 -9.54 -8.79
C ARG B 451 25.54 -10.28 -7.53
N ALA B 452 24.25 -10.21 -7.23
CA ALA B 452 23.70 -10.85 -6.04
C ALA B 452 22.69 -11.93 -6.40
N GLY B 453 22.52 -12.89 -5.51
CA GLY B 453 21.58 -13.97 -5.72
C GLY B 453 22.02 -14.96 -6.79
N VAL B 454 23.29 -15.33 -6.74
CA VAL B 454 23.85 -16.29 -7.70
C VAL B 454 23.82 -17.70 -7.12
N THR B 455 24.59 -17.92 -6.07
CA THR B 455 24.68 -19.23 -5.44
C THR B 455 23.45 -19.51 -4.58
N HIS B 456 22.97 -20.76 -4.64
CA HIS B 456 21.82 -21.17 -3.85
C HIS B 456 22.11 -22.46 -3.11
N VAL B 457 21.61 -22.56 -1.88
CA VAL B 457 21.77 -23.77 -1.08
C VAL B 457 20.88 -24.88 -1.62
N LEU B 458 21.48 -26.05 -1.87
CA LEU B 458 20.73 -27.18 -2.39
C LEU B 458 19.78 -27.70 -1.33
N SER B 459 18.50 -27.76 -1.68
CA SER B 459 17.47 -28.19 -0.75
C SER B 459 17.25 -29.69 -0.83
N ARG B 460 17.49 -30.39 0.28
CA ARG B 460 17.31 -31.83 0.31
C ARG B 460 16.08 -32.24 1.10
N LEU B 461 15.05 -32.70 0.38
CA LEU B 461 13.83 -33.21 0.98
C LEU B 461 13.57 -34.59 0.40
N SER B 462 13.33 -34.64 -0.90
CA SER B 462 13.20 -35.89 -1.63
C SER B 462 14.37 -36.03 -2.61
N TYR B 463 14.38 -37.12 -3.37
CA TYR B 463 15.42 -37.35 -4.36
C TYR B 463 15.23 -36.44 -5.57
N ILE B 464 13.97 -36.06 -5.81
CA ILE B 464 13.64 -35.20 -6.95
C ILE B 464 14.14 -33.78 -6.74
N SER B 465 13.94 -33.25 -5.54
CA SER B 465 14.30 -31.87 -5.23
C SER B 465 15.78 -31.57 -5.47
N ALA B 466 16.63 -32.57 -5.25
CA ALA B 466 18.06 -32.42 -5.48
C ALA B 466 18.35 -32.35 -6.98
N LEU B 467 17.75 -33.25 -7.74
CA LEU B 467 17.93 -33.29 -9.18
C LEU B 467 17.08 -32.22 -9.87
N GLY B 468 16.02 -31.80 -9.19
CA GLY B 468 15.09 -30.82 -9.76
C GLY B 468 15.59 -29.39 -9.72
N MET B 469 16.29 -29.03 -8.66
CA MET B 469 16.80 -27.67 -8.53
C MET B 469 17.91 -27.42 -9.54
N MET B 470 18.73 -28.44 -9.77
CA MET B 470 19.70 -28.41 -10.85
C MET B 470 19.00 -28.57 -12.19
N THR B 471 19.67 -28.19 -13.27
CA THR B 471 19.08 -28.16 -14.60
C THR B 471 17.90 -27.20 -14.61
N ARG B 472 18.13 -26.02 -14.06
CA ARG B 472 17.11 -24.98 -13.95
C ARG B 472 17.66 -23.64 -14.42
N ILE B 473 16.91 -22.97 -15.30
CA ILE B 473 17.37 -21.72 -15.88
C ILE B 473 16.88 -20.51 -15.10
N SER B 474 17.81 -19.71 -14.59
CA SER B 474 17.48 -18.47 -13.90
C SER B 474 17.54 -17.29 -14.86
N SER B 475 17.30 -16.09 -14.36
CA SER B 475 17.33 -14.89 -15.17
C SER B 475 17.83 -13.69 -14.38
N GLN B 476 18.27 -12.65 -15.08
CA GLN B 476 18.79 -11.45 -14.42
C GLN B 476 18.22 -10.17 -15.00
N PHE B 477 18.13 -9.14 -14.15
CA PHE B 477 17.66 -7.81 -14.52
C PHE B 477 16.32 -7.80 -15.26
N GLU B 478 16.21 -6.92 -16.25
CA GLU B 478 15.02 -6.77 -17.10
C GLU B 478 13.78 -6.32 -16.32
N LYS B 479 13.90 -6.23 -14.99
CA LYS B 479 12.85 -5.76 -14.08
C LYS B 479 11.47 -6.33 -14.44
N SER B 480 10.49 -5.43 -14.58
CA SER B 480 9.19 -5.77 -15.16
C SER B 480 8.40 -6.82 -14.37
N ARG B 481 7.95 -6.45 -13.18
CA ARG B 481 6.98 -7.26 -12.48
C ARG B 481 5.61 -6.98 -13.09
N LYS B 482 5.48 -5.79 -13.65
CA LYS B 482 4.24 -5.33 -14.28
C LYS B 482 4.08 -5.86 -15.71
N VAL B 483 5.16 -5.83 -16.48
CA VAL B 483 5.13 -6.22 -17.88
C VAL B 483 4.91 -7.71 -18.06
N SER B 484 3.92 -8.06 -18.89
CA SER B 484 3.59 -9.46 -19.14
C SER B 484 4.31 -9.99 -20.38
N GLY B 485 5.17 -9.18 -20.97
CA GLY B 485 5.88 -9.57 -22.18
C GLY B 485 6.84 -10.72 -21.99
N PRO B 486 7.82 -10.56 -21.08
CA PRO B 486 8.72 -11.69 -20.77
C PRO B 486 8.15 -12.59 -19.69
N ARG B 487 6.90 -13.02 -19.86
CA ARG B 487 6.24 -13.88 -18.89
C ARG B 487 5.63 -15.10 -19.58
N ALA B 488 4.65 -14.85 -20.44
CA ALA B 488 3.96 -15.91 -21.17
C ALA B 488 4.91 -16.74 -22.03
N LEU B 489 4.58 -18.01 -22.19
CA LEU B 489 5.41 -18.95 -22.95
C LEU B 489 5.34 -18.64 -24.44
N GLN B 490 6.41 -18.97 -25.16
CA GLN B 490 6.47 -18.76 -26.60
C GLN B 490 6.74 -20.08 -27.33
N PRO B 491 6.14 -20.25 -28.52
CA PRO B 491 6.22 -21.50 -29.30
C PRO B 491 7.65 -21.94 -29.63
N SER B 492 8.59 -21.02 -29.65
CA SER B 492 9.98 -21.35 -29.97
C SER B 492 10.66 -22.14 -28.86
N GLN B 493 10.07 -22.09 -27.66
CA GLN B 493 10.61 -22.75 -26.49
C GLN B 493 10.52 -24.28 -26.63
N PHE B 494 9.66 -24.75 -27.51
CA PHE B 494 9.35 -26.17 -27.64
C PHE B 494 10.59 -27.04 -27.88
N GLY B 495 10.76 -28.04 -27.02
CA GLY B 495 11.82 -29.03 -27.15
C GLY B 495 13.16 -28.60 -26.61
N MET B 496 13.37 -27.28 -26.49
CA MET B 496 14.61 -26.76 -25.94
C MET B 496 14.48 -26.49 -24.44
N LEU B 497 13.25 -26.54 -23.94
CA LEU B 497 12.96 -26.23 -22.54
C LEU B 497 11.70 -26.97 -22.08
N CYS B 498 11.52 -27.05 -20.76
CA CYS B 498 10.33 -27.67 -20.21
C CYS B 498 9.13 -26.75 -20.30
N THR B 499 8.04 -27.25 -20.88
CA THR B 499 6.82 -26.47 -21.04
C THR B 499 5.85 -26.69 -19.88
N ALA B 500 6.27 -27.48 -18.91
CA ALA B 500 5.41 -27.84 -17.79
C ALA B 500 5.88 -27.21 -16.48
N ASP B 501 7.08 -27.58 -16.04
CA ASP B 501 7.63 -27.12 -14.77
C ASP B 501 7.70 -25.61 -14.67
N THR B 502 7.34 -25.09 -13.51
CA THR B 502 7.36 -23.65 -13.21
C THR B 502 6.96 -23.42 -11.75
N PRO B 503 7.70 -22.57 -11.03
CA PRO B 503 7.44 -22.20 -9.64
C PRO B 503 6.30 -21.20 -9.49
N GLU B 504 5.06 -21.68 -9.47
CA GLU B 504 3.90 -20.81 -9.27
C GLU B 504 4.05 -19.96 -8.02
N GLY B 505 3.85 -18.65 -8.17
CA GLY B 505 4.06 -17.71 -7.09
C GLY B 505 4.36 -16.31 -7.62
N GLU B 506 5.07 -15.52 -6.83
CA GLU B 506 5.45 -14.17 -7.22
C GLU B 506 6.20 -14.15 -8.55
N ALA B 507 7.16 -15.06 -8.69
CA ALA B 507 7.92 -15.19 -9.93
C ALA B 507 7.32 -16.28 -10.82
N CYS B 508 6.78 -15.87 -11.96
CA CYS B 508 6.13 -16.81 -12.86
C CYS B 508 6.69 -16.69 -14.28
N GLY B 509 7.31 -17.78 -14.75
CA GLY B 509 7.85 -17.82 -16.10
C GLY B 509 9.24 -17.20 -16.20
N LEU B 510 9.71 -16.64 -15.10
CA LEU B 510 11.03 -16.01 -15.07
C LEU B 510 12.12 -17.05 -14.84
N VAL B 511 11.71 -18.25 -14.45
CA VAL B 511 12.65 -19.35 -14.24
C VAL B 511 12.13 -20.62 -14.91
N LYS B 512 12.93 -21.16 -15.83
CA LYS B 512 12.52 -22.33 -16.61
C LYS B 512 13.44 -23.52 -16.39
N ASN B 513 13.15 -24.62 -17.07
CA ASN B 513 13.94 -25.83 -16.94
C ASN B 513 14.22 -26.49 -18.29
N LEU B 514 15.38 -27.15 -18.38
CA LEU B 514 15.78 -27.83 -19.62
C LEU B 514 15.06 -29.16 -19.78
N ALA B 515 14.94 -29.61 -21.03
CA ALA B 515 14.30 -30.89 -21.33
C ALA B 515 15.26 -32.04 -21.05
N LEU B 516 14.85 -33.26 -21.41
CA LEU B 516 15.67 -34.44 -21.18
C LEU B 516 16.89 -34.46 -22.10
N MET B 517 16.67 -34.25 -23.40
CA MET B 517 17.77 -34.24 -24.34
C MET B 517 18.08 -32.83 -24.83
N THR B 518 19.21 -32.31 -24.37
CA THR B 518 19.67 -30.97 -24.75
C THR B 518 21.19 -30.92 -24.65
N HIS B 519 21.81 -30.01 -25.39
CA HIS B 519 23.24 -29.81 -25.29
C HIS B 519 23.61 -28.33 -25.34
N ILE B 520 24.39 -27.88 -24.38
CA ILE B 520 24.82 -26.49 -24.32
C ILE B 520 26.13 -26.30 -25.10
N THR B 521 26.12 -25.32 -25.99
CA THR B 521 27.22 -25.13 -26.94
C THR B 521 28.46 -24.48 -26.31
N THR B 522 29.62 -25.03 -26.66
CA THR B 522 30.90 -24.43 -26.26
C THR B 522 31.41 -23.49 -27.35
N ASP B 523 32.63 -23.00 -27.19
CA ASP B 523 33.24 -22.14 -28.20
C ASP B 523 34.43 -22.84 -28.85
N ASP B 524 34.54 -22.72 -30.17
CA ASP B 524 35.58 -23.43 -30.91
C ASP B 524 36.74 -22.54 -31.31
N GLU B 525 36.53 -21.70 -32.32
CA GLU B 525 37.59 -20.86 -32.88
C GLU B 525 37.03 -19.98 -34.00
N GLU B 526 37.79 -18.95 -34.37
CA GLU B 526 37.37 -18.00 -35.40
C GLU B 526 38.12 -18.20 -36.71
N GLU B 527 39.44 -17.99 -36.67
CA GLU B 527 40.28 -17.93 -37.87
C GLU B 527 40.05 -19.04 -38.92
N PRO B 528 39.91 -20.32 -38.51
CA PRO B 528 39.75 -21.30 -39.57
C PRO B 528 38.32 -21.43 -40.11
N ILE B 529 37.70 -20.31 -40.47
CA ILE B 529 36.43 -20.34 -41.19
C ILE B 529 36.52 -19.45 -42.44
N LYS B 530 36.84 -18.17 -42.23
CA LYS B 530 37.00 -17.18 -43.30
C LYS B 530 37.84 -17.70 -44.46
N LYS B 531 39.09 -18.05 -44.18
CA LYS B 531 39.99 -18.60 -45.19
C LYS B 531 39.37 -19.77 -45.95
N LEU B 532 38.62 -20.61 -45.24
CA LEU B 532 37.91 -21.72 -45.86
C LEU B 532 36.71 -21.21 -46.65
N CYS B 533 36.07 -20.18 -46.14
CA CYS B 533 34.92 -19.57 -46.80
C CYS B 533 35.35 -18.94 -48.13
N TYR B 534 36.54 -18.36 -48.14
CA TYR B 534 37.11 -17.77 -49.34
C TYR B 534 37.34 -18.82 -50.42
N VAL B 535 37.73 -20.03 -49.98
CA VAL B 535 37.94 -21.15 -50.89
C VAL B 535 36.62 -21.58 -51.52
N LEU B 536 35.53 -21.33 -50.81
CA LEU B 536 34.21 -21.80 -51.25
C LEU B 536 33.62 -20.81 -52.27
N GLY B 537 34.39 -19.78 -52.60
CA GLY B 537 34.01 -18.85 -53.65
C GLY B 537 33.63 -17.44 -53.23
N VAL B 538 33.52 -17.20 -51.92
CA VAL B 538 33.27 -15.86 -51.44
C VAL B 538 34.55 -15.03 -51.55
N GLU B 539 34.40 -13.71 -51.59
CA GLU B 539 35.54 -12.82 -51.79
C GLU B 539 35.63 -11.74 -50.70
N ASP B 540 36.81 -11.13 -50.58
CA ASP B 540 37.04 -10.11 -49.57
C ASP B 540 36.22 -8.85 -49.86
N ILE B 541 35.71 -8.22 -48.80
CA ILE B 541 34.84 -7.06 -48.93
C ILE B 541 35.59 -5.83 -49.45
N THR B 542 36.91 -5.81 -49.27
CA THR B 542 37.72 -4.66 -49.66
C THR B 542 37.74 -4.48 -51.18
N LEU B 543 37.97 -5.57 -51.91
CA LEU B 543 38.01 -5.50 -53.36
C LEU B 543 36.64 -5.23 -53.95
N ILE B 544 35.60 -5.65 -53.24
CA ILE B 544 34.24 -5.44 -53.71
C ILE B 544 33.90 -3.97 -53.75
N ASP B 545 33.47 -3.50 -54.91
CA ASP B 545 32.83 -2.20 -55.01
C ASP B 545 31.53 -2.23 -54.23
N SER B 546 31.31 -1.25 -53.33
CA SER B 546 30.04 -1.29 -52.63
C SER B 546 29.06 -0.27 -53.21
N ALA B 547 28.27 -0.74 -54.18
CA ALA B 547 26.98 -0.17 -54.52
C ALA B 547 25.87 -1.13 -54.10
N SER B 548 26.26 -2.24 -53.48
CA SER B 548 25.48 -3.46 -53.62
C SER B 548 24.55 -3.83 -52.46
N LEU B 549 23.26 -3.63 -52.67
CA LEU B 549 22.23 -4.43 -52.03
C LEU B 549 21.70 -5.44 -53.06
N HIS B 550 22.22 -5.33 -54.28
CA HIS B 550 21.57 -5.93 -55.45
C HIS B 550 21.81 -7.41 -55.69
N LEU B 551 23.01 -7.91 -55.40
CA LEU B 551 23.28 -9.31 -55.73
C LEU B 551 23.01 -10.23 -54.54
N ASN B 552 21.91 -10.98 -54.66
CA ASN B 552 21.55 -12.07 -53.76
C ASN B 552 21.76 -11.79 -52.28
N TYR B 553 22.33 -12.77 -51.58
CA TYR B 553 22.62 -12.67 -50.17
C TYR B 553 24.07 -12.29 -49.90
N GLY B 554 24.47 -12.35 -48.63
CA GLY B 554 25.84 -12.19 -48.24
C GLY B 554 26.10 -12.93 -46.95
N VAL B 555 27.35 -13.33 -46.71
CA VAL B 555 27.66 -14.17 -45.56
C VAL B 555 28.08 -13.34 -44.35
N TYR B 556 27.34 -13.50 -43.25
CA TYR B 556 27.66 -12.81 -42.01
C TYR B 556 28.37 -13.75 -41.05
N LEU B 557 29.51 -13.30 -40.52
CA LEU B 557 30.21 -14.07 -39.50
C LEU B 557 30.03 -13.40 -38.14
N ASN B 558 29.23 -14.04 -37.29
CA ASN B 558 28.88 -13.48 -35.98
C ASN B 558 28.31 -12.06 -36.07
N GLY B 559 27.60 -11.79 -37.16
CA GLY B 559 26.99 -10.49 -37.36
C GLY B 559 27.78 -9.57 -38.28
N THR B 560 29.00 -9.98 -38.63
CA THR B 560 29.88 -9.15 -39.45
C THR B 560 29.83 -9.56 -40.93
N LEU B 561 29.53 -8.58 -41.79
CA LEU B 561 29.47 -8.80 -43.23
C LEU B 561 30.88 -8.98 -43.80
N ILE B 562 31.10 -10.10 -44.49
CA ILE B 562 32.42 -10.39 -45.04
C ILE B 562 32.40 -10.63 -46.56
N GLY B 563 31.89 -11.79 -46.96
CA GLY B 563 32.02 -12.25 -48.33
C GLY B 563 31.12 -11.61 -49.38
N SER B 564 29.83 -11.53 -49.10
CA SER B 564 28.83 -11.07 -50.06
C SER B 564 28.92 -11.87 -51.37
N ILE B 565 28.54 -13.15 -51.30
CA ILE B 565 28.72 -14.06 -52.44
C ILE B 565 27.40 -14.40 -53.13
N ARG B 566 27.48 -14.63 -54.44
CA ARG B 566 26.36 -15.12 -55.23
C ARG B 566 26.20 -16.63 -54.99
N PHE B 567 25.18 -17.23 -55.59
CA PHE B 567 24.94 -18.67 -55.53
C PHE B 567 24.91 -19.22 -54.11
N PRO B 568 23.84 -18.92 -53.36
CA PRO B 568 23.69 -19.39 -51.97
C PRO B 568 23.48 -20.90 -51.87
N THR B 569 22.85 -21.49 -52.89
CA THR B 569 22.53 -22.91 -52.89
C THR B 569 23.74 -23.80 -52.67
N LYS B 570 24.68 -23.75 -53.62
CA LYS B 570 25.89 -24.57 -53.56
C LYS B 570 26.73 -24.21 -52.34
N PHE B 571 26.64 -22.95 -51.89
CA PHE B 571 27.36 -22.49 -50.72
C PHE B 571 26.89 -23.20 -49.45
N VAL B 572 25.58 -23.11 -49.20
CA VAL B 572 24.95 -23.76 -48.06
C VAL B 572 25.18 -25.27 -48.04
N THR B 573 24.66 -25.95 -49.05
CA THR B 573 24.68 -27.41 -49.12
C THR B 573 26.07 -28.02 -48.91
N GLN B 574 27.05 -27.50 -49.64
CA GLN B 574 28.42 -28.01 -49.54
C GLN B 574 29.02 -27.74 -48.17
N PHE B 575 28.67 -26.61 -47.57
CA PHE B 575 29.17 -26.24 -46.25
C PHE B 575 28.60 -27.17 -45.18
N ARG B 576 27.31 -27.46 -45.30
CA ARG B 576 26.65 -28.37 -44.36
C ARG B 576 27.18 -29.79 -44.54
N HIS B 577 27.62 -30.10 -45.75
CA HIS B 577 28.20 -31.41 -46.05
C HIS B 577 29.57 -31.56 -45.39
N LEU B 578 30.35 -30.49 -45.39
CA LEU B 578 31.66 -30.48 -44.75
C LEU B 578 31.51 -30.54 -43.23
N ARG B 579 30.35 -30.13 -42.75
CA ARG B 579 30.04 -30.17 -41.33
C ARG B 579 29.62 -31.57 -40.91
N ARG B 580 28.53 -32.05 -41.49
CA ARG B 580 27.95 -33.34 -41.15
C ARG B 580 28.91 -34.53 -41.28
N THR B 581 29.93 -34.40 -42.14
CA THR B 581 30.77 -35.55 -42.45
C THR B 581 32.14 -35.54 -41.75
N GLY B 582 33.06 -34.74 -42.26
CA GLY B 582 34.45 -34.83 -41.84
C GLY B 582 35.04 -33.77 -40.92
N LYS B 583 34.30 -32.69 -40.69
CA LYS B 583 34.88 -31.57 -39.96
C LYS B 583 33.84 -30.73 -39.22
N VAL B 584 34.30 -29.99 -38.20
CA VAL B 584 33.51 -29.03 -37.41
C VAL B 584 32.07 -29.49 -37.12
N SER B 585 31.95 -30.54 -36.31
CA SER B 585 30.65 -31.07 -35.94
C SER B 585 29.93 -30.13 -34.97
N GLU B 586 28.75 -30.53 -34.51
CA GLU B 586 27.95 -29.75 -33.58
C GLU B 586 27.65 -28.36 -34.14
N PHE B 587 28.20 -27.33 -33.50
CA PHE B 587 27.87 -25.94 -33.81
C PHE B 587 28.54 -25.47 -35.10
N ILE B 588 28.50 -24.15 -35.32
CA ILE B 588 28.81 -23.52 -36.60
C ILE B 588 27.81 -24.00 -37.64
N SER B 589 26.56 -23.59 -37.47
CA SER B 589 25.47 -23.97 -38.35
C SER B 589 25.09 -22.79 -39.26
N ILE B 590 24.69 -23.11 -40.49
CA ILE B 590 24.38 -22.08 -41.47
C ILE B 590 22.90 -22.10 -41.86
N TYR B 591 22.28 -20.92 -41.88
CA TYR B 591 20.88 -20.80 -42.26
C TYR B 591 20.62 -19.61 -43.18
N SER B 592 19.72 -19.79 -44.14
CA SER B 592 19.38 -18.74 -45.09
C SER B 592 18.35 -17.75 -44.54
N ASN B 593 18.46 -16.50 -44.97
CA ASN B 593 17.48 -15.48 -44.61
C ASN B 593 16.79 -14.94 -45.87
N SER B 594 15.51 -15.23 -46.01
CA SER B 594 14.77 -14.94 -47.25
C SER B 594 14.48 -13.45 -47.48
N HIS B 595 13.85 -12.79 -46.51
CA HIS B 595 13.44 -11.41 -46.69
C HIS B 595 14.61 -10.45 -46.51
N GLN B 596 15.10 -10.33 -45.29
CA GLN B 596 16.38 -9.65 -45.07
C GLN B 596 17.42 -10.45 -45.82
N MET B 597 18.16 -9.80 -46.71
CA MET B 597 18.98 -10.54 -47.65
C MET B 597 20.39 -10.75 -47.14
N ALA B 598 20.69 -12.00 -46.78
CA ALA B 598 21.96 -12.41 -46.21
C ALA B 598 21.93 -13.91 -45.89
N VAL B 599 23.10 -14.47 -45.62
CA VAL B 599 23.19 -15.84 -45.12
C VAL B 599 24.10 -15.86 -43.89
N HIS B 600 23.59 -16.42 -42.79
CA HIS B 600 24.29 -16.31 -41.52
C HIS B 600 25.08 -17.56 -41.14
N ILE B 601 26.30 -17.34 -40.65
CA ILE B 601 27.11 -18.40 -40.08
C ILE B 601 27.57 -17.97 -38.69
N ALA B 602 27.09 -18.66 -37.66
CA ALA B 602 27.37 -18.27 -36.29
C ALA B 602 28.17 -19.35 -35.55
N THR B 603 29.39 -19.00 -35.15
CA THR B 603 30.23 -19.90 -34.38
C THR B 603 30.18 -19.62 -32.87
N ASP B 604 29.42 -18.60 -32.48
CA ASP B 604 29.38 -18.17 -31.08
C ASP B 604 28.55 -19.13 -30.22
N GLY B 605 29.19 -19.71 -29.21
CA GLY B 605 28.57 -20.74 -28.40
C GLY B 605 27.74 -20.22 -27.24
N GLY B 606 27.60 -21.06 -26.22
CA GLY B 606 26.79 -20.71 -25.06
C GLY B 606 25.31 -20.75 -25.36
N ARG B 607 24.86 -21.82 -26.00
CA ARG B 607 23.46 -21.95 -26.40
C ARG B 607 23.00 -23.40 -26.44
N ILE B 608 21.70 -23.61 -26.34
CA ILE B 608 21.10 -24.94 -26.31
C ILE B 608 21.07 -25.60 -27.68
N CYS B 609 21.37 -26.90 -27.73
CA CYS B 609 21.28 -27.67 -28.96
C CYS B 609 20.45 -28.93 -28.74
N ARG B 610 19.69 -29.34 -29.77
CA ARG B 610 18.87 -30.54 -29.66
C ARG B 610 19.15 -31.55 -30.78
N PRO B 611 19.18 -32.84 -30.44
CA PRO B 611 19.42 -33.94 -31.37
C PRO B 611 18.19 -34.32 -32.20
N LEU B 612 18.42 -34.83 -33.41
CA LEU B 612 17.36 -35.37 -34.26
C LEU B 612 17.95 -36.17 -35.42
N ILE B 613 17.10 -36.71 -36.28
CA ILE B 613 17.54 -37.58 -37.37
C ILE B 613 17.35 -36.95 -38.74
N ILE B 614 18.37 -37.07 -39.60
CA ILE B 614 18.31 -36.60 -40.98
C ILE B 614 17.56 -37.59 -41.87
N VAL B 615 16.63 -37.08 -42.67
CA VAL B 615 15.99 -37.89 -43.71
C VAL B 615 16.47 -37.48 -45.09
N SER B 616 17.24 -38.35 -45.72
CA SER B 616 17.74 -38.10 -47.06
C SER B 616 16.76 -38.64 -48.09
N ASP B 617 16.54 -37.87 -49.16
CA ASP B 617 15.58 -38.21 -50.20
C ASP B 617 14.19 -38.42 -49.59
N GLY B 618 13.65 -39.62 -49.73
CA GLY B 618 12.31 -39.92 -49.24
C GLY B 618 12.25 -40.70 -47.93
N GLN B 619 13.39 -41.21 -47.49
CA GLN B 619 13.42 -42.10 -46.33
C GLN B 619 14.52 -41.75 -45.32
N SER B 620 14.44 -42.35 -44.14
CA SER B 620 15.39 -42.07 -43.06
C SER B 620 16.81 -42.57 -43.37
N ARG B 621 17.78 -41.98 -42.68
CA ARG B 621 19.18 -42.35 -42.85
C ARG B 621 19.56 -43.49 -41.92
N VAL B 622 18.66 -43.81 -41.00
CA VAL B 622 18.91 -44.85 -39.99
C VAL B 622 18.84 -46.25 -40.60
N LYS B 623 17.65 -46.61 -41.08
CA LYS B 623 17.43 -47.86 -41.82
C LYS B 623 17.74 -49.14 -41.05
N ASP B 624 16.89 -49.47 -40.07
CA ASP B 624 16.85 -50.83 -39.51
C ASP B 624 18.17 -51.30 -38.93
N ILE B 625 18.77 -52.29 -39.60
CA ILE B 625 19.87 -53.12 -39.10
C ILE B 625 21.01 -52.34 -38.43
N HIS B 626 21.19 -51.07 -38.81
CA HIS B 626 22.19 -50.22 -38.19
C HIS B 626 21.96 -50.09 -36.68
N LEU B 627 20.69 -50.00 -36.29
CA LEU B 627 20.34 -49.86 -34.87
C LEU B 627 20.37 -51.20 -34.13
N ARG B 628 20.19 -52.30 -34.85
CA ARG B 628 20.28 -53.61 -34.23
C ARG B 628 21.73 -53.92 -33.90
N LYS B 629 22.64 -53.41 -34.74
CA LYS B 629 24.07 -53.53 -34.51
C LYS B 629 24.45 -52.73 -33.27
N LEU B 630 23.64 -51.73 -32.95
CA LEU B 630 23.87 -50.88 -31.79
C LEU B 630 23.49 -51.60 -30.49
N LEU B 631 22.21 -51.92 -30.35
CA LEU B 631 21.69 -52.41 -29.08
C LEU B 631 22.37 -53.70 -28.61
N ASP B 632 22.62 -54.63 -29.54
CA ASP B 632 23.18 -55.93 -29.15
C ASP B 632 24.55 -55.85 -28.46
N GLY B 633 25.60 -55.68 -29.25
CA GLY B 633 26.95 -55.65 -28.68
C GLY B 633 27.81 -54.41 -28.70
N GLU B 634 27.46 -53.39 -29.48
CA GLU B 634 28.44 -52.36 -29.83
C GLU B 634 27.90 -51.06 -30.42
N LEU B 635 28.84 -50.26 -30.91
CA LEU B 635 28.60 -49.06 -31.73
C LEU B 635 28.16 -47.84 -30.92
N ASP B 636 27.71 -48.08 -29.68
CA ASP B 636 27.46 -47.03 -28.68
C ASP B 636 26.78 -45.77 -29.24
N PHE B 637 27.33 -44.61 -28.88
CA PHE B 637 26.79 -43.34 -29.37
C PHE B 637 27.93 -42.45 -29.87
N ASP B 638 27.57 -41.35 -30.52
CA ASP B 638 28.50 -40.39 -31.14
C ASP B 638 29.12 -40.95 -32.40
N ASP B 639 28.88 -42.22 -32.69
CA ASP B 639 29.34 -42.84 -33.93
C ASP B 639 28.40 -42.46 -35.07
N PHE B 640 27.14 -42.22 -34.74
CA PHE B 640 26.14 -41.83 -35.73
C PHE B 640 26.46 -40.45 -36.31
N LEU B 641 27.14 -39.62 -35.52
CA LEU B 641 27.57 -38.32 -35.98
C LEU B 641 28.68 -38.46 -37.02
N LYS B 642 29.52 -39.48 -36.83
CA LYS B 642 30.60 -39.76 -37.75
C LYS B 642 30.07 -40.32 -39.06
N LEU B 643 28.94 -41.03 -38.98
CA LEU B 643 28.31 -41.61 -40.16
C LEU B 643 27.28 -40.65 -40.74
N GLY B 644 27.07 -39.52 -40.06
CA GLY B 644 26.14 -38.51 -40.52
C GLY B 644 24.69 -38.94 -40.43
N LEU B 645 24.30 -39.49 -39.29
CA LEU B 645 22.92 -39.92 -39.07
C LEU B 645 22.18 -38.90 -38.20
N VAL B 646 22.59 -38.78 -36.94
CA VAL B 646 21.97 -37.82 -36.04
C VAL B 646 22.89 -36.62 -35.80
N GLU B 647 22.30 -35.46 -35.61
CA GLU B 647 23.06 -34.22 -35.41
C GLU B 647 22.24 -33.21 -34.61
N TYR B 648 22.77 -32.01 -34.47
CA TYR B 648 22.14 -30.97 -33.67
C TYR B 648 21.74 -29.76 -34.50
N LEU B 649 20.46 -29.41 -34.51
CA LEU B 649 20.04 -28.12 -35.03
C LEU B 649 20.29 -27.09 -33.94
N ASP B 650 20.05 -25.82 -34.24
CA ASP B 650 20.40 -24.74 -33.33
C ASP B 650 20.00 -23.36 -33.84
N VAL B 651 20.22 -22.35 -32.99
CA VAL B 651 20.05 -20.92 -33.29
C VAL B 651 18.78 -20.60 -34.09
N ASN B 652 18.92 -19.78 -35.12
CA ASN B 652 17.79 -19.45 -35.98
C ASN B 652 17.70 -20.42 -37.14
N GLU B 653 18.58 -21.41 -37.15
CA GLU B 653 18.61 -22.42 -38.19
C GLU B 653 17.46 -23.41 -38.01
N GLU B 654 17.00 -23.55 -36.78
CA GLU B 654 15.87 -24.42 -36.47
C GLU B 654 14.59 -23.90 -37.13
N ASN B 655 14.59 -22.62 -37.46
CA ASN B 655 13.48 -21.99 -38.17
C ASN B 655 13.45 -22.38 -39.64
N ASP B 656 14.63 -22.46 -40.24
CA ASP B 656 14.77 -22.74 -41.66
C ASP B 656 14.44 -24.19 -42.00
N SER B 657 14.79 -25.10 -41.10
CA SER B 657 14.61 -26.53 -41.37
C SER B 657 13.15 -26.96 -41.27
N TYR B 658 12.91 -28.24 -41.52
CA TYR B 658 11.57 -28.80 -41.45
C TYR B 658 11.60 -30.11 -40.68
N ILE B 659 10.88 -30.17 -39.57
CA ILE B 659 10.92 -31.34 -38.69
C ILE B 659 9.60 -32.12 -38.73
N ALA B 660 9.72 -33.45 -38.83
CA ALA B 660 8.56 -34.32 -38.85
C ALA B 660 8.11 -34.70 -37.44
N LEU B 661 7.13 -35.59 -37.37
CA LEU B 661 6.64 -36.10 -36.08
C LEU B 661 6.94 -37.58 -35.95
N TYR B 662 6.31 -38.38 -36.81
CA TYR B 662 6.49 -39.82 -36.80
C TYR B 662 7.04 -40.31 -38.13
N GLU B 663 7.62 -41.50 -38.14
CA GLU B 663 8.18 -42.09 -39.35
C GLU B 663 7.06 -42.37 -40.37
N LYS B 664 5.85 -42.56 -39.86
CA LYS B 664 4.69 -42.81 -40.72
C LYS B 664 4.26 -41.55 -41.46
N ASP B 665 4.49 -40.40 -40.83
CA ASP B 665 3.98 -39.12 -41.32
C ASP B 665 4.79 -38.53 -42.48
N ILE B 666 5.92 -39.16 -42.80
CA ILE B 666 6.87 -38.54 -43.73
C ILE B 666 6.31 -38.28 -45.13
N VAL B 667 6.40 -37.02 -45.53
CA VAL B 667 6.20 -36.59 -46.91
C VAL B 667 7.54 -36.07 -47.41
N PRO B 668 8.08 -36.65 -48.50
CA PRO B 668 9.49 -36.37 -48.76
C PRO B 668 9.80 -34.96 -49.25
N SER B 669 9.24 -33.96 -48.58
CA SER B 669 9.73 -32.58 -48.63
C SER B 669 10.56 -32.29 -47.39
N MET B 670 10.65 -33.27 -46.50
CA MET B 670 11.15 -33.06 -45.14
C MET B 670 12.67 -33.16 -45.02
N THR B 671 13.25 -32.22 -44.30
CA THR B 671 14.68 -32.21 -44.02
C THR B 671 15.06 -33.14 -42.86
N HIS B 672 14.26 -33.13 -41.81
CA HIS B 672 14.56 -33.91 -40.61
C HIS B 672 13.30 -34.49 -39.95
N LEU B 673 13.45 -35.62 -39.27
CA LEU B 673 12.40 -36.13 -38.39
C LEU B 673 12.81 -35.94 -36.93
N GLU B 674 11.96 -36.37 -36.00
CA GLU B 674 12.28 -36.31 -34.59
C GLU B 674 12.27 -37.69 -33.95
N ILE B 675 13.12 -37.90 -32.95
CA ILE B 675 13.28 -39.22 -32.34
C ILE B 675 12.17 -39.57 -31.36
N GLU B 676 12.16 -38.88 -30.21
CA GLU B 676 11.22 -39.19 -29.14
C GLU B 676 10.46 -37.94 -28.69
N PRO B 677 9.28 -37.72 -29.29
CA PRO B 677 8.46 -36.52 -29.09
C PRO B 677 8.03 -36.26 -27.65
N PHE B 678 8.13 -37.27 -26.79
CA PHE B 678 7.69 -37.12 -25.40
C PHE B 678 8.78 -36.50 -24.52
N THR B 679 9.90 -36.12 -25.13
CA THR B 679 10.99 -35.50 -24.41
C THR B 679 10.75 -34.01 -24.22
N ILE B 680 9.63 -33.52 -24.74
CA ILE B 680 9.25 -32.12 -24.63
C ILE B 680 9.13 -31.68 -23.17
N LEU B 681 8.57 -32.55 -22.33
CA LEU B 681 8.45 -32.27 -20.91
C LEU B 681 9.80 -32.44 -20.20
N GLY B 682 9.95 -31.76 -19.08
CA GLY B 682 11.19 -31.83 -18.31
C GLY B 682 11.35 -33.12 -17.55
N ALA B 683 12.40 -33.22 -16.75
CA ALA B 683 12.67 -34.42 -15.97
C ALA B 683 11.75 -34.52 -14.76
N VAL B 684 11.46 -33.38 -14.14
CA VAL B 684 10.61 -33.34 -12.96
C VAL B 684 9.15 -33.61 -13.33
N ALA B 685 8.77 -33.20 -14.54
CA ALA B 685 7.39 -33.33 -15.00
C ALA B 685 7.10 -34.71 -15.60
N GLY B 686 8.12 -35.57 -15.60
CA GLY B 686 7.98 -36.90 -16.16
C GLY B 686 7.37 -37.89 -15.19
N LEU B 687 7.01 -37.41 -14.01
CA LEU B 687 6.43 -38.27 -12.97
C LEU B 687 4.96 -38.54 -13.22
N ILE B 688 4.24 -37.53 -13.71
CA ILE B 688 2.80 -37.63 -13.91
C ILE B 688 2.43 -38.67 -14.98
N PRO B 689 1.60 -39.66 -14.60
CA PRO B 689 1.08 -40.62 -15.57
C PRO B 689 0.01 -39.98 -16.46
N TYR B 690 0.04 -40.31 -17.75
CA TYR B 690 -0.87 -39.74 -18.74
C TYR B 690 -1.01 -38.21 -18.63
N PRO B 691 0.08 -37.48 -18.88
CA PRO B 691 0.08 -36.01 -18.76
C PRO B 691 -0.81 -35.32 -19.79
N HIS B 692 -0.86 -35.87 -20.99
CA HIS B 692 -1.59 -35.23 -22.09
C HIS B 692 -3.09 -35.26 -21.90
N HIS B 693 -3.57 -36.20 -21.09
CA HIS B 693 -5.00 -36.30 -20.81
C HIS B 693 -5.50 -35.12 -19.99
N ASN B 694 -4.59 -34.52 -19.22
CA ASN B 694 -4.94 -33.41 -18.33
C ASN B 694 -4.78 -32.04 -19.00
N GLN B 695 -4.90 -31.00 -18.19
CA GLN B 695 -4.70 -29.63 -18.66
C GLN B 695 -3.45 -29.03 -18.01
N SER B 696 -2.83 -28.09 -18.70
CA SER B 696 -1.57 -27.48 -18.27
C SER B 696 -1.55 -26.91 -16.84
N PRO B 697 -2.65 -26.28 -16.36
CA PRO B 697 -2.56 -25.79 -14.97
C PRO B 697 -2.42 -26.91 -13.93
N ARG B 698 -2.94 -28.09 -14.24
CA ARG B 698 -2.86 -29.22 -13.31
C ARG B 698 -1.45 -29.80 -13.25
N ASN B 699 -0.80 -29.89 -14.39
CA ASN B 699 0.56 -30.42 -14.46
C ASN B 699 1.57 -29.46 -13.83
N THR B 700 1.26 -28.17 -13.85
CA THR B 700 2.13 -27.15 -13.29
C THR B 700 2.18 -27.25 -11.76
N TYR B 701 1.03 -27.47 -11.15
CA TYR B 701 0.92 -27.57 -9.70
C TYR B 701 1.67 -28.79 -9.16
N GLN B 702 1.66 -29.87 -9.93
CA GLN B 702 2.32 -31.11 -9.50
C GLN B 702 3.83 -30.96 -9.49
N CYS B 703 4.35 -30.19 -10.43
CA CYS B 703 5.79 -29.94 -10.51
C CYS B 703 6.29 -29.24 -9.27
N ALA B 704 5.47 -28.36 -8.71
CA ALA B 704 5.81 -27.64 -7.49
C ALA B 704 5.62 -28.51 -6.25
N MET B 705 4.54 -29.27 -6.21
CA MET B 705 4.23 -30.12 -5.07
C MET B 705 5.02 -31.43 -5.09
N GLY B 706 5.40 -31.88 -6.27
CA GLY B 706 6.10 -33.15 -6.43
C GLY B 706 7.48 -33.16 -5.79
N LYS B 707 8.10 -31.99 -5.69
CA LYS B 707 9.42 -31.88 -5.09
C LYS B 707 9.32 -31.67 -3.58
N GLN B 708 8.10 -31.45 -3.10
CA GLN B 708 7.86 -31.27 -1.67
C GLN B 708 7.49 -32.59 -1.00
N ALA B 709 7.42 -33.66 -1.79
CA ALA B 709 7.12 -34.97 -1.26
C ALA B 709 8.28 -35.47 -0.40
N ILE B 710 8.00 -36.42 0.49
CA ILE B 710 9.02 -36.93 1.39
C ILE B 710 9.50 -38.32 0.98
N GLY B 711 10.77 -38.42 0.60
CA GLY B 711 11.35 -39.67 0.17
C GLY B 711 12.33 -40.27 1.15
N ALA B 712 13.05 -41.29 0.71
CA ALA B 712 14.09 -41.91 1.51
C ALA B 712 15.46 -41.31 1.17
N ILE B 713 15.45 -40.37 0.22
CA ILE B 713 16.65 -39.70 -0.27
C ILE B 713 17.72 -40.72 -0.69
N ALA B 714 18.87 -40.71 -0.01
CA ALA B 714 20.00 -41.54 -0.43
C ALA B 714 20.22 -42.75 0.49
N TYR B 715 21.24 -43.53 0.18
CA TYR B 715 21.59 -44.72 0.95
C TYR B 715 22.38 -44.38 2.22
N ASN B 716 23.26 -43.39 2.11
CA ASN B 716 24.09 -42.94 3.23
C ASN B 716 23.28 -42.16 4.27
N GLN B 717 22.00 -41.99 3.97
CA GLN B 717 21.07 -41.18 4.76
C GLN B 717 21.14 -41.38 6.28
N PHE B 718 21.25 -42.63 6.72
CA PHE B 718 21.30 -42.92 8.15
C PHE B 718 22.65 -42.51 8.77
N LYS B 719 23.69 -42.49 7.95
CA LYS B 719 25.01 -42.09 8.42
C LYS B 719 25.23 -40.59 8.24
N ARG B 720 24.19 -39.90 7.76
CA ARG B 720 24.28 -38.47 7.46
C ARG B 720 23.49 -37.63 8.47
N ILE B 721 24.11 -36.56 8.94
CA ILE B 721 23.46 -35.63 9.86
C ILE B 721 23.08 -34.34 9.14
N ASP B 722 21.78 -34.11 8.96
CA ASP B 722 21.31 -32.91 8.28
C ASP B 722 20.77 -31.89 9.28
N THR B 723 20.41 -30.71 8.79
CA THR B 723 19.80 -29.69 9.64
C THR B 723 18.31 -29.95 9.83
N LEU B 724 17.61 -30.22 8.73
CA LEU B 724 16.19 -30.57 8.78
C LEU B 724 15.90 -31.65 7.74
N LEU B 725 15.27 -32.74 8.16
CA LEU B 725 14.97 -33.83 7.25
C LEU B 725 13.71 -34.59 7.63
N TYR B 726 12.96 -35.03 6.63
CA TYR B 726 11.77 -35.85 6.85
C TYR B 726 11.97 -37.23 6.21
N LEU B 727 11.56 -38.27 6.93
CA LEU B 727 11.80 -39.64 6.48
C LEU B 727 10.51 -40.41 6.26
N MET B 728 10.58 -41.48 5.48
CA MET B 728 9.43 -42.36 5.28
C MET B 728 9.78 -43.78 5.69
N THR B 729 8.81 -44.48 6.28
CA THR B 729 9.05 -45.81 6.84
C THR B 729 9.02 -46.91 5.78
N TYR B 730 7.87 -47.10 5.14
CA TYR B 730 7.71 -48.18 4.15
C TYR B 730 7.36 -47.63 2.77
N PRO B 731 8.38 -47.17 2.01
CA PRO B 731 8.16 -46.60 0.68
C PRO B 731 7.84 -47.66 -0.38
N GLN B 732 7.04 -47.27 -1.38
CA GLN B 732 6.67 -48.18 -2.47
C GLN B 732 6.65 -47.44 -3.80
N GLN B 733 6.97 -48.16 -4.87
CA GLN B 733 6.92 -47.59 -6.22
C GLN B 733 5.49 -47.33 -6.65
N PRO B 734 5.30 -46.41 -7.62
CA PRO B 734 3.97 -46.23 -8.20
C PRO B 734 3.55 -47.46 -9.01
N MET B 735 2.26 -47.80 -8.95
CA MET B 735 1.75 -48.95 -9.67
C MET B 735 1.88 -48.74 -11.18
N VAL B 736 1.71 -47.50 -11.61
CA VAL B 736 1.93 -47.13 -13.00
C VAL B 736 3.19 -46.28 -13.14
N LYS B 737 4.15 -46.78 -13.90
CA LYS B 737 5.44 -46.10 -14.06
C LYS B 737 5.48 -45.28 -15.35
N THR B 738 6.62 -44.65 -15.59
CA THR B 738 6.83 -43.85 -16.79
C THR B 738 8.19 -44.19 -17.38
N LYS B 739 8.36 -43.98 -18.69
CA LYS B 739 9.62 -44.26 -19.35
C LYS B 739 10.74 -43.35 -18.84
N THR B 740 10.35 -42.20 -18.31
CA THR B 740 11.31 -41.21 -17.82
C THR B 740 11.85 -41.55 -16.43
N ILE B 741 11.01 -42.11 -15.58
CA ILE B 741 11.37 -42.35 -14.19
C ILE B 741 12.39 -43.48 -14.03
N GLU B 742 12.48 -44.34 -15.04
CA GLU B 742 13.46 -45.43 -15.01
C GLU B 742 14.85 -44.93 -15.39
N LEU B 743 14.91 -44.00 -16.35
CA LEU B 743 16.17 -43.46 -16.82
C LEU B 743 16.80 -42.53 -15.79
N ILE B 744 15.96 -41.87 -14.99
CA ILE B 744 16.45 -40.94 -13.98
C ILE B 744 16.62 -41.64 -12.63
N ASP B 745 16.38 -42.94 -12.61
CA ASP B 745 16.45 -43.75 -11.39
C ASP B 745 15.55 -43.21 -10.30
N TYR B 746 14.25 -43.26 -10.53
CA TYR B 746 13.26 -42.79 -9.57
C TYR B 746 12.76 -43.92 -8.68
N ASP B 747 12.16 -44.93 -9.29
CA ASP B 747 11.51 -46.02 -8.58
C ASP B 747 12.47 -46.79 -7.66
N LYS B 748 13.77 -46.61 -7.85
CA LYS B 748 14.75 -47.19 -6.94
C LYS B 748 14.69 -46.47 -5.59
N LEU B 749 14.28 -45.21 -5.63
CA LEU B 749 14.11 -44.41 -4.41
C LEU B 749 12.81 -43.61 -4.47
N PRO B 750 11.67 -44.31 -4.39
CA PRO B 750 10.36 -43.68 -4.55
C PRO B 750 9.91 -42.90 -3.31
N ALA B 751 9.00 -41.94 -3.50
CA ALA B 751 8.44 -41.20 -2.38
C ALA B 751 6.92 -41.26 -2.42
N GLY B 752 6.33 -41.96 -1.46
CA GLY B 752 4.89 -42.07 -1.38
C GLY B 752 4.44 -43.38 -0.78
N GLN B 753 3.12 -43.55 -0.65
CA GLN B 753 2.55 -44.80 -0.19
C GLN B 753 1.46 -45.29 -1.14
N ASN B 754 1.72 -46.41 -1.81
CA ASN B 754 0.71 -46.99 -2.69
C ASN B 754 -0.43 -47.56 -1.87
N ALA B 755 -1.64 -47.10 -2.16
CA ALA B 755 -2.81 -47.51 -1.38
C ALA B 755 -4.07 -47.57 -2.23
N THR B 756 -5.05 -48.32 -1.75
CA THR B 756 -6.35 -48.39 -2.40
C THR B 756 -7.13 -47.10 -2.11
N VAL B 757 -8.35 -47.04 -2.61
CA VAL B 757 -9.17 -45.83 -2.50
C VAL B 757 -10.55 -46.12 -3.09
N ALA B 758 -11.50 -45.26 -2.81
CA ALA B 758 -12.83 -45.37 -3.38
C ALA B 758 -13.40 -43.99 -3.69
N VAL B 759 -14.08 -43.86 -4.82
CA VAL B 759 -14.71 -42.59 -5.16
C VAL B 759 -16.19 -42.66 -4.83
N MET B 760 -16.58 -41.96 -3.77
CA MET B 760 -17.96 -41.97 -3.29
C MET B 760 -18.22 -40.72 -2.46
N SER B 761 -19.48 -40.35 -2.30
CA SER B 761 -19.84 -39.34 -1.33
C SER B 761 -20.19 -40.03 -0.02
N TYR B 762 -19.32 -39.83 0.96
CA TYR B 762 -19.46 -40.43 2.29
C TYR B 762 -19.18 -39.33 3.28
N SER B 763 -19.10 -39.66 4.57
CA SER B 763 -18.69 -38.66 5.56
C SER B 763 -19.65 -37.47 5.55
N GLY B 764 -19.16 -36.35 5.03
CA GLY B 764 -19.78 -35.06 5.21
C GLY B 764 -18.83 -34.20 6.02
N TYR B 765 -17.77 -34.84 6.51
CA TYR B 765 -16.59 -34.13 6.96
C TYR B 765 -15.66 -33.99 5.76
N ASP B 766 -16.10 -34.52 4.63
CA ASP B 766 -15.34 -34.49 3.39
C ASP B 766 -15.61 -33.22 2.60
N ILE B 767 -16.78 -33.17 1.96
CA ILE B 767 -17.24 -31.98 1.23
C ILE B 767 -16.18 -31.44 0.26
N GLU B 768 -15.72 -30.21 0.51
CA GLU B 768 -14.85 -29.49 -0.40
C GLU B 768 -13.36 -29.66 -0.07
N ASP B 769 -12.64 -30.32 -0.98
CA ASP B 769 -11.18 -30.46 -0.89
C ASP B 769 -10.69 -31.01 0.45
N ALA B 770 -11.38 -32.00 0.98
CA ALA B 770 -10.97 -32.65 2.22
C ALA B 770 -11.18 -34.15 2.14
N LEU B 771 -10.16 -34.92 2.52
CA LEU B 771 -10.22 -36.36 2.42
C LEU B 771 -10.71 -37.03 3.72
N VAL B 772 -10.84 -38.35 3.67
CA VAL B 772 -11.20 -39.13 4.84
C VAL B 772 -10.35 -40.40 4.93
N LEU B 773 -9.67 -40.57 6.04
CA LEU B 773 -8.81 -41.73 6.23
C LEU B 773 -9.53 -42.85 6.96
N ASN B 774 -8.82 -43.96 7.19
CA ASN B 774 -9.40 -45.12 7.84
C ASN B 774 -8.48 -45.67 8.92
N LYS B 775 -9.01 -45.78 10.14
CA LYS B 775 -8.23 -46.32 11.26
C LYS B 775 -8.03 -47.81 11.08
N SER B 776 -7.05 -48.36 11.80
CA SER B 776 -6.66 -49.76 11.76
C SER B 776 -5.99 -50.14 10.43
N SER B 777 -6.18 -49.30 9.42
CA SER B 777 -5.29 -49.28 8.27
C SER B 777 -4.10 -48.41 8.64
N ILE B 778 -4.40 -47.36 9.39
CA ILE B 778 -3.41 -46.41 9.88
C ILE B 778 -2.76 -46.91 11.17
N ASP B 779 -3.39 -47.88 11.82
CA ASP B 779 -2.86 -48.42 13.07
C ASP B 779 -1.89 -49.58 12.79
N ARG B 780 -1.92 -50.09 11.56
CA ARG B 780 -0.88 -50.98 11.07
C ARG B 780 0.17 -50.09 10.44
N GLY B 781 -0.15 -48.80 10.45
CA GLY B 781 0.68 -47.73 9.96
C GLY B 781 0.34 -47.37 8.53
N PHE B 782 0.39 -46.07 8.24
CA PHE B 782 0.29 -45.58 6.88
C PHE B 782 1.11 -44.30 6.79
N GLY B 783 1.95 -44.19 5.76
CA GLY B 783 2.78 -43.01 5.58
C GLY B 783 3.52 -42.58 6.84
N ARG B 784 4.04 -43.54 7.59
CA ARG B 784 4.69 -43.24 8.86
C ARG B 784 5.98 -42.48 8.64
N CYS B 785 6.08 -41.31 9.26
CA CYS B 785 7.22 -40.43 9.02
C CYS B 785 8.22 -40.42 10.17
N GLU B 786 9.31 -39.68 9.97
CA GLU B 786 10.30 -39.41 10.99
C GLU B 786 10.88 -38.02 10.76
N THR B 787 11.15 -37.29 11.84
CA THR B 787 11.68 -35.94 11.72
C THR B 787 13.04 -35.81 12.38
N ARG B 788 14.06 -35.50 11.59
CA ARG B 788 15.41 -35.35 12.10
C ARG B 788 15.91 -33.92 12.00
N ARG B 789 16.31 -33.35 13.14
CA ARG B 789 16.92 -32.04 13.19
C ARG B 789 18.28 -32.15 13.85
N LYS B 790 18.96 -31.03 14.04
CA LYS B 790 20.26 -31.05 14.71
C LYS B 790 20.51 -29.81 15.55
N THR B 791 21.64 -29.81 16.25
CA THR B 791 22.07 -28.66 17.05
C THR B 791 23.59 -28.62 17.06
N THR B 792 24.16 -27.41 16.98
CA THR B 792 25.61 -27.26 16.97
C THR B 792 26.08 -26.25 18.02
N THR B 793 27.12 -26.63 18.75
CA THR B 793 27.72 -25.75 19.75
C THR B 793 29.23 -25.74 19.59
N VAL B 794 29.87 -24.65 19.99
CA VAL B 794 31.32 -24.51 19.86
C VAL B 794 31.94 -24.00 21.16
N LEU B 795 33.04 -24.64 21.58
CA LEU B 795 33.77 -24.20 22.75
C LEU B 795 35.01 -23.42 22.31
N LYS B 796 34.99 -22.10 22.53
CA LYS B 796 36.02 -21.23 22.02
C LYS B 796 37.07 -20.87 23.07
N ARG B 797 38.07 -20.10 22.65
CA ARG B 797 39.12 -19.64 23.54
C ARG B 797 39.44 -18.17 23.27
N TYR B 798 39.34 -17.35 24.31
CA TYR B 798 39.52 -15.91 24.17
C TYR B 798 41.00 -15.51 24.15
N ALA B 799 41.25 -14.21 24.16
CA ALA B 799 42.61 -13.69 24.20
C ALA B 799 43.18 -13.84 25.61
N ASN B 800 42.29 -14.04 26.57
CA ASN B 800 42.69 -14.29 27.96
C ASN B 800 43.22 -15.70 28.15
N HIS B 801 43.11 -16.51 27.09
CA HIS B 801 43.53 -17.90 27.09
C HIS B 801 42.74 -18.71 28.12
N THR B 802 41.46 -18.38 28.26
CA THR B 802 40.57 -19.11 29.15
C THR B 802 39.48 -19.79 28.34
N GLN B 803 39.38 -21.12 28.49
CA GLN B 803 38.44 -21.90 27.70
C GLN B 803 37.08 -22.02 28.40
N ASP B 804 36.13 -22.68 27.74
CA ASP B 804 34.82 -22.94 28.32
C ASP B 804 34.58 -24.43 28.44
N ILE B 805 34.17 -24.87 29.62
CA ILE B 805 34.04 -26.30 29.92
C ILE B 805 32.56 -26.73 29.95
N ILE B 806 32.30 -27.95 29.53
CA ILE B 806 30.94 -28.48 29.44
C ILE B 806 30.50 -29.18 30.74
N GLY B 807 31.33 -29.08 31.77
CA GLY B 807 31.06 -29.69 33.06
C GLY B 807 29.69 -29.38 33.65
N GLY B 808 29.15 -30.34 34.40
CA GLY B 808 27.77 -30.27 34.86
C GLY B 808 27.39 -31.41 35.78
N MET B 809 26.09 -31.69 35.85
CA MET B 809 25.54 -32.76 36.69
C MET B 809 25.82 -32.56 38.18
N ARG B 810 25.08 -31.61 38.77
CA ARG B 810 25.21 -31.26 40.17
C ARG B 810 24.71 -32.33 41.15
N VAL B 811 24.21 -33.46 40.62
CA VAL B 811 23.73 -34.57 41.46
C VAL B 811 22.56 -34.11 42.35
N ASP B 812 22.82 -34.00 43.66
CA ASP B 812 21.84 -33.75 44.75
C ASP B 812 21.30 -35.02 45.41
N GLU B 813 21.71 -36.20 44.94
CA GLU B 813 21.66 -37.39 45.80
C GLU B 813 20.28 -37.82 46.32
N ASN B 814 19.58 -38.61 45.50
CA ASN B 814 18.19 -39.10 45.69
C ASN B 814 17.13 -38.23 45.03
N GLY B 815 17.55 -37.13 44.42
CA GLY B 815 16.76 -36.53 43.37
C GLY B 815 16.94 -37.43 42.16
N ASP B 816 18.08 -38.11 42.16
CA ASP B 816 18.45 -39.14 41.19
C ASP B 816 18.48 -38.73 39.70
N PRO B 817 19.42 -37.86 39.31
CA PRO B 817 20.17 -36.92 40.16
C PRO B 817 19.22 -35.83 40.63
N ILE B 818 18.42 -35.34 39.69
CA ILE B 818 17.28 -34.47 39.92
C ILE B 818 16.36 -34.57 38.70
N TRP B 819 15.11 -34.16 38.84
CA TRP B 819 14.15 -34.31 37.74
C TRP B 819 14.45 -33.36 36.57
N GLN B 820 14.72 -32.11 36.89
CA GLN B 820 14.93 -31.09 35.86
C GLN B 820 16.21 -31.31 35.07
N HIS B 821 17.28 -31.68 35.74
CA HIS B 821 18.58 -31.84 35.11
C HIS B 821 18.60 -33.08 34.20
N GLN B 822 17.94 -34.14 34.67
CA GLN B 822 17.72 -35.36 33.90
C GLN B 822 19.01 -36.10 33.53
N SER B 823 19.17 -36.39 32.24
CA SER B 823 20.00 -37.50 31.78
C SER B 823 21.42 -37.19 31.30
N LEU B 824 21.88 -35.95 31.47
CA LEU B 824 23.19 -35.52 30.96
C LEU B 824 24.32 -36.49 31.25
N GLY B 825 24.35 -37.04 32.46
CA GLY B 825 25.32 -38.06 32.79
C GLY B 825 26.69 -37.55 33.20
N PRO B 826 27.58 -38.47 33.58
CA PRO B 826 28.92 -38.18 34.11
C PRO B 826 29.79 -37.32 33.20
N ASP B 827 29.75 -37.58 31.90
CA ASP B 827 30.60 -36.88 30.95
C ASP B 827 30.18 -35.42 30.79
N GLY B 828 28.93 -35.12 31.12
CA GLY B 828 28.39 -33.79 30.99
C GLY B 828 27.64 -33.62 29.68
N LEU B 829 27.92 -34.50 28.73
CA LEU B 829 27.23 -34.49 27.44
C LEU B 829 26.16 -35.57 27.41
N GLY B 830 25.04 -35.28 26.78
CA GLY B 830 23.89 -36.16 26.76
C GLY B 830 24.17 -37.56 26.26
N GLU B 831 23.36 -38.51 26.72
CA GLU B 831 23.53 -39.91 26.37
C GLU B 831 22.93 -40.23 25.00
N VAL B 832 22.89 -41.50 24.66
CA VAL B 832 22.33 -41.94 23.38
C VAL B 832 21.13 -42.86 23.58
N GLY B 833 20.01 -42.54 22.95
CA GLY B 833 18.85 -43.41 22.95
C GLY B 833 17.87 -43.24 24.10
N MET B 834 17.78 -42.04 24.66
CA MET B 834 16.87 -41.81 25.78
C MET B 834 15.90 -40.65 25.50
N LYS B 835 14.76 -40.68 26.18
CA LYS B 835 13.67 -39.72 25.97
C LYS B 835 13.88 -38.41 26.73
N VAL B 836 13.42 -37.31 26.14
CA VAL B 836 13.48 -36.00 26.79
C VAL B 836 12.18 -35.21 26.57
N GLN B 837 11.55 -34.80 27.67
CA GLN B 837 10.31 -34.02 27.58
C GLN B 837 10.51 -32.59 28.06
N SER B 838 10.53 -31.66 27.11
CA SER B 838 10.85 -30.25 27.35
C SER B 838 12.14 -30.16 28.17
N GLY B 839 12.19 -29.19 29.08
CA GLY B 839 13.09 -29.22 30.23
C GLY B 839 14.51 -29.67 29.91
N GLN B 840 15.07 -30.42 30.86
CA GLN B 840 16.07 -31.46 30.58
C GLN B 840 17.12 -31.11 29.54
N ILE B 841 18.04 -30.21 29.91
CA ILE B 841 19.11 -29.82 29.01
C ILE B 841 19.90 -31.04 28.54
N TYR B 842 20.06 -31.19 27.22
CA TYR B 842 20.77 -32.34 26.69
C TYR B 842 22.28 -32.12 26.63
N ILE B 843 22.70 -30.87 26.69
CA ILE B 843 24.13 -30.56 26.81
C ILE B 843 24.36 -29.36 27.73
N ASN B 844 25.21 -29.52 28.72
CA ASN B 844 25.53 -28.45 29.65
C ASN B 844 26.71 -27.62 29.16
N LYS B 845 26.51 -26.32 29.03
CA LYS B 845 27.57 -25.44 28.55
C LYS B 845 27.84 -24.29 29.53
N SER B 846 29.04 -24.29 30.09
CA SER B 846 29.46 -23.22 31.00
C SER B 846 30.35 -22.23 30.26
N VAL B 847 30.10 -20.94 30.46
CA VAL B 847 30.84 -19.91 29.76
C VAL B 847 31.61 -19.00 30.73
N PRO B 848 32.80 -18.54 30.31
CA PRO B 848 33.61 -17.63 31.12
C PRO B 848 32.91 -16.31 31.44
N THR B 849 33.13 -15.79 32.64
CA THR B 849 32.51 -14.55 33.07
C THR B 849 33.57 -13.51 33.47
N ASN B 850 34.38 -13.84 34.48
CA ASN B 850 35.44 -12.96 34.93
C ASN B 850 36.47 -12.68 33.83
N SER B 851 36.70 -13.68 32.99
CA SER B 851 37.69 -13.58 31.91
C SER B 851 37.08 -13.16 30.58
N ALA B 852 35.78 -12.87 30.59
CA ALA B 852 35.05 -12.51 29.36
C ALA B 852 35.65 -11.30 28.66
N ASP B 853 36.03 -10.29 29.44
CA ASP B 853 36.66 -9.09 28.89
C ASP B 853 38.11 -9.38 28.51
N ALA B 854 38.85 -8.36 28.11
CA ALA B 854 40.27 -8.56 27.83
C ALA B 854 41.23 -7.60 28.57
N PRO B 855 41.20 -7.59 29.91
CA PRO B 855 42.33 -7.11 30.70
C PRO B 855 43.31 -8.26 30.91
N ASN B 856 44.25 -8.46 29.98
CA ASN B 856 44.98 -9.72 29.85
C ASN B 856 45.44 -10.31 31.18
N PRO B 857 45.18 -11.62 31.37
CA PRO B 857 44.96 -12.31 32.65
C PRO B 857 45.94 -11.99 33.79
N ASN B 858 45.37 -11.78 34.97
CA ASN B 858 46.12 -11.67 36.21
C ASN B 858 46.43 -13.07 36.75
N ASN B 859 47.59 -13.22 37.38
CA ASN B 859 48.07 -14.55 37.75
C ASN B 859 47.62 -15.05 39.12
N VAL B 860 46.76 -14.29 39.80
CA VAL B 860 46.32 -14.70 41.13
C VAL B 860 45.33 -15.86 41.05
N ASN B 861 44.11 -15.60 40.59
CA ASN B 861 43.17 -16.68 40.29
C ASN B 861 42.30 -16.32 39.08
N VAL B 862 42.21 -17.25 38.12
CA VAL B 862 41.38 -17.04 36.95
C VAL B 862 40.47 -18.23 36.64
N GLN B 863 41.09 -19.37 36.36
CA GLN B 863 40.43 -20.50 35.72
C GLN B 863 39.09 -20.91 36.34
N THR B 864 39.00 -20.96 37.67
CA THR B 864 37.71 -21.34 38.24
C THR B 864 36.93 -20.15 38.77
N GLN B 865 36.02 -19.69 37.92
CA GLN B 865 34.81 -18.95 38.28
C GLN B 865 33.95 -19.17 37.05
N TYR B 866 32.64 -19.27 37.18
CA TYR B 866 31.84 -19.57 35.99
C TYR B 866 30.42 -19.02 35.99
N ARG B 867 29.77 -19.22 34.85
CA ARG B 867 28.36 -18.89 34.66
C ARG B 867 27.76 -19.93 33.72
N GLU B 868 26.58 -20.43 34.07
CA GLU B 868 25.95 -21.48 33.26
C GLU B 868 25.16 -20.88 32.10
N ALA B 869 25.36 -21.44 30.91
CA ALA B 869 24.60 -21.04 29.74
C ALA B 869 24.08 -22.26 28.98
N PRO B 870 23.18 -23.02 29.59
CA PRO B 870 22.66 -24.24 28.96
C PRO B 870 21.67 -23.94 27.84
N VAL B 871 21.69 -24.74 26.79
CA VAL B 871 20.71 -24.59 25.72
C VAL B 871 19.51 -25.49 26.00
N ILE B 872 18.36 -24.85 26.21
CA ILE B 872 17.15 -25.57 26.63
C ILE B 872 16.33 -26.01 25.43
N TYR B 873 15.90 -27.26 25.43
CA TYR B 873 15.00 -27.76 24.40
C TYR B 873 13.55 -27.66 24.86
N ARG B 874 12.80 -26.76 24.24
CA ARG B 874 11.37 -26.68 24.50
C ARG B 874 10.57 -27.02 23.25
N GLY B 875 9.97 -28.21 23.24
CA GLY B 875 9.12 -28.61 22.14
C GLY B 875 7.66 -28.65 22.52
N PRO B 876 6.78 -28.88 21.53
CA PRO B 876 5.37 -29.19 21.75
C PRO B 876 5.20 -30.57 22.37
N GLU B 877 6.09 -31.48 22.01
CA GLU B 877 6.04 -32.86 22.47
C GLU B 877 7.47 -33.38 22.68
N PRO B 878 7.65 -34.62 23.18
CA PRO B 878 9.04 -35.00 23.40
C PRO B 878 9.71 -35.67 22.20
N SER B 879 10.99 -36.01 22.34
CA SER B 879 11.76 -36.62 21.27
C SER B 879 12.83 -37.56 21.84
N HIS B 880 13.73 -38.03 20.99
CA HIS B 880 14.78 -38.95 21.41
C HIS B 880 16.14 -38.59 20.83
N ILE B 881 17.16 -38.58 21.70
CA ILE B 881 18.54 -38.36 21.27
C ILE B 881 19.12 -39.66 20.73
N ASP B 882 19.80 -39.58 19.58
CA ASP B 882 20.36 -40.77 18.95
C ASP B 882 21.85 -40.64 18.63
N GLN B 883 22.20 -39.72 17.74
CA GLN B 883 23.58 -39.60 17.31
C GLN B 883 24.18 -38.24 17.66
N VAL B 884 25.28 -38.25 18.40
CA VAL B 884 26.00 -37.04 18.75
C VAL B 884 27.45 -37.12 18.26
N MET B 885 28.11 -35.99 18.14
CA MET B 885 29.47 -35.97 17.59
C MET B 885 30.36 -34.92 18.27
N MET B 886 31.62 -35.30 18.48
CA MET B 886 32.63 -34.38 19.00
C MET B 886 33.82 -34.32 18.04
N SER B 887 34.31 -33.12 17.75
CA SER B 887 35.38 -32.95 16.77
C SER B 887 36.33 -31.83 17.15
N VAL B 888 37.24 -31.51 16.23
CA VAL B 888 38.26 -30.49 16.47
C VAL B 888 38.33 -29.52 15.29
N SER B 889 38.99 -28.37 15.49
CA SER B 889 39.09 -27.35 14.46
C SER B 889 40.54 -26.95 14.20
N ASP B 890 40.72 -25.93 13.37
CA ASP B 890 42.05 -25.40 13.06
C ASP B 890 42.73 -24.83 14.30
N ASN B 891 41.97 -24.08 15.09
CA ASN B 891 42.48 -23.52 16.34
C ASN B 891 42.19 -24.45 17.51
N ASP B 892 41.66 -25.62 17.17
CA ASP B 892 41.32 -26.67 18.14
C ASP B 892 40.23 -26.22 19.12
N GLN B 893 39.20 -25.59 18.60
CA GLN B 893 38.02 -25.28 19.41
C GLN B 893 37.04 -26.45 19.31
N ALA B 894 36.51 -26.87 20.44
CA ALA B 894 35.67 -28.06 20.51
C ALA B 894 34.35 -27.87 19.79
N LEU B 895 34.02 -28.80 18.90
CA LEU B 895 32.76 -28.77 18.16
C LEU B 895 31.86 -29.92 18.59
N ILE B 896 30.68 -29.59 19.11
CA ILE B 896 29.72 -30.59 19.55
C ILE B 896 28.45 -30.53 18.72
N LYS B 897 28.17 -31.61 17.99
CA LYS B 897 26.98 -31.66 17.14
C LYS B 897 26.08 -32.82 17.52
N VAL B 898 24.85 -32.50 17.92
CA VAL B 898 23.87 -33.51 18.29
C VAL B 898 22.66 -33.43 17.36
N LEU B 899 21.91 -34.53 17.26
CA LEU B 899 20.70 -34.54 16.44
C LEU B 899 19.57 -35.26 17.17
N LEU B 900 18.34 -34.87 16.89
CA LEU B 900 17.17 -35.44 17.57
C LEU B 900 16.16 -35.99 16.57
N ARG B 901 15.47 -37.05 16.97
CA ARG B 901 14.46 -37.67 16.12
C ARG B 901 13.17 -37.90 16.89
N GLN B 902 12.04 -37.82 16.18
CA GLN B 902 10.74 -38.07 16.78
C GLN B 902 9.78 -38.66 15.75
N ASN B 903 8.88 -39.54 16.22
CA ASN B 903 7.90 -40.16 15.34
C ASN B 903 6.65 -39.29 15.23
N ARG B 904 6.18 -39.09 14.01
CA ARG B 904 4.96 -38.32 13.77
C ARG B 904 3.89 -39.14 13.07
N ARG B 905 2.79 -39.39 13.78
CA ARG B 905 1.65 -40.10 13.21
C ARG B 905 0.88 -39.16 12.28
N PRO B 906 0.35 -39.71 11.17
CA PRO B 906 -0.46 -38.91 10.25
C PRO B 906 -1.76 -38.44 10.92
N GLU B 907 -1.61 -37.52 11.86
CA GLU B 907 -2.70 -36.99 12.67
C GLU B 907 -3.73 -36.24 11.83
N LEU B 908 -4.95 -36.13 12.36
CA LEU B 908 -6.00 -35.34 11.74
C LEU B 908 -5.54 -33.92 11.44
N GLY B 909 -5.76 -33.47 10.21
CA GLY B 909 -5.34 -32.14 9.79
C GLY B 909 -4.15 -32.16 8.85
N ASP B 910 -3.56 -33.33 8.65
CA ASP B 910 -2.42 -33.48 7.76
C ASP B 910 -2.83 -33.36 6.29
N LYS B 911 -1.86 -33.04 5.44
CA LYS B 911 -2.13 -32.79 4.03
C LYS B 911 -1.49 -33.83 3.12
N PHE B 912 -2.32 -34.50 2.32
CA PHE B 912 -1.84 -35.47 1.35
C PHE B 912 -1.89 -34.93 -0.07
N SER B 913 -1.47 -35.75 -1.03
CA SER B 913 -1.53 -35.39 -2.44
C SER B 913 -1.71 -36.65 -3.30
N SER B 914 -2.43 -36.50 -4.40
CA SER B 914 -2.76 -37.63 -5.25
C SER B 914 -1.74 -37.86 -6.37
N ARG B 915 -0.65 -37.08 -6.34
CA ARG B 915 0.44 -37.17 -7.32
C ARG B 915 -0.01 -36.67 -8.71
N HIS B 916 -1.31 -36.48 -8.87
CA HIS B 916 -1.86 -36.05 -10.14
C HIS B 916 -2.05 -34.53 -10.16
N GLY B 917 -1.64 -33.88 -9.08
CA GLY B 917 -1.79 -32.44 -8.95
C GLY B 917 -2.89 -32.05 -7.99
N GLN B 918 -3.56 -33.06 -7.44
CA GLN B 918 -4.63 -32.83 -6.47
C GLN B 918 -4.06 -32.44 -5.11
N LYS B 919 -4.88 -31.79 -4.29
CA LYS B 919 -4.46 -31.34 -2.97
C LYS B 919 -5.63 -31.43 -1.99
N GLY B 920 -5.35 -31.85 -0.76
CA GLY B 920 -6.41 -32.02 0.22
C GLY B 920 -5.93 -32.29 1.64
N VAL B 921 -6.88 -32.26 2.58
CA VAL B 921 -6.59 -32.48 3.99
C VAL B 921 -7.54 -33.52 4.57
N CYS B 922 -7.03 -34.39 5.43
CA CYS B 922 -7.85 -35.41 6.07
C CYS B 922 -8.76 -34.79 7.13
N GLY B 923 -10.06 -34.98 6.98
CA GLY B 923 -11.02 -34.38 7.89
C GLY B 923 -11.58 -35.26 9.00
N ILE B 924 -11.47 -36.58 8.84
CA ILE B 924 -12.02 -37.49 9.84
C ILE B 924 -11.38 -38.88 9.72
N ILE B 925 -11.49 -39.68 10.80
CA ILE B 925 -10.96 -41.03 10.83
C ILE B 925 -12.01 -42.03 11.32
N VAL B 926 -12.29 -43.04 10.51
CA VAL B 926 -13.28 -44.06 10.85
C VAL B 926 -12.60 -45.37 11.27
N LYS B 927 -13.02 -45.92 12.40
CA LYS B 927 -12.28 -47.02 13.03
C LYS B 927 -12.09 -48.26 12.17
N GLN B 928 -13.10 -49.12 12.11
CA GLN B 928 -13.05 -50.31 11.26
C GLN B 928 -14.37 -50.58 10.53
N GLU B 929 -15.38 -50.91 11.32
CA GLU B 929 -16.63 -51.52 10.88
C GLU B 929 -17.33 -50.79 9.73
N ASP B 930 -17.26 -49.47 9.73
CA ASP B 930 -17.91 -48.69 8.68
C ASP B 930 -17.14 -48.79 7.37
N MET B 931 -17.59 -48.05 6.36
CA MET B 931 -17.03 -48.06 5.01
C MET B 931 -17.32 -49.40 4.31
N PRO B 932 -17.37 -49.37 2.97
CA PRO B 932 -17.70 -50.57 2.18
C PRO B 932 -16.71 -51.73 2.32
N PHE B 933 -17.21 -52.94 2.11
CA PHE B 933 -16.44 -54.18 2.18
C PHE B 933 -16.65 -55.02 0.92
N ASN B 934 -17.93 -55.30 0.65
CA ASN B 934 -18.44 -56.14 -0.45
C ASN B 934 -17.93 -57.59 -0.49
N ASP B 935 -17.70 -58.11 -1.69
CA ASP B 935 -17.51 -59.54 -1.89
C ASP B 935 -16.14 -60.04 -1.46
N GLN B 936 -15.10 -59.32 -1.87
CA GLN B 936 -13.73 -59.71 -1.54
C GLN B 936 -13.43 -59.45 -0.07
N GLY B 937 -14.25 -58.62 0.56
CA GLY B 937 -14.07 -58.28 1.96
C GLY B 937 -13.06 -57.16 2.13
N ILE B 938 -12.60 -56.62 1.01
CA ILE B 938 -11.61 -55.54 1.03
C ILE B 938 -12.23 -54.22 1.47
N VAL B 939 -11.49 -53.49 2.31
CA VAL B 939 -11.97 -52.20 2.80
C VAL B 939 -11.08 -51.06 2.30
N PRO B 940 -11.65 -50.15 1.51
CA PRO B 940 -10.92 -49.00 0.97
C PRO B 940 -10.33 -48.11 2.07
N ASP B 941 -9.05 -47.78 1.94
CA ASP B 941 -8.36 -46.98 2.95
C ASP B 941 -8.79 -45.53 2.91
N ILE B 942 -8.87 -44.97 1.71
CA ILE B 942 -9.24 -43.56 1.53
C ILE B 942 -10.50 -43.45 0.68
N ILE B 943 -11.30 -42.42 0.94
CA ILE B 943 -12.47 -42.14 0.12
C ILE B 943 -12.43 -40.71 -0.41
N MET B 944 -12.36 -40.57 -1.73
CA MET B 944 -12.26 -39.26 -2.36
C MET B 944 -13.63 -38.60 -2.54
N ASN B 945 -13.65 -37.51 -3.30
CA ASN B 945 -14.90 -36.79 -3.56
C ASN B 945 -15.17 -36.69 -5.06
N PRO B 946 -16.44 -36.87 -5.45
CA PRO B 946 -16.85 -36.83 -6.86
C PRO B 946 -16.78 -35.45 -7.50
N HIS B 947 -16.91 -34.40 -6.69
CA HIS B 947 -17.05 -33.05 -7.23
C HIS B 947 -15.72 -32.41 -7.62
N GLY B 948 -14.61 -33.11 -7.33
CA GLY B 948 -13.30 -32.60 -7.66
C GLY B 948 -12.98 -32.69 -9.14
N PHE B 949 -13.49 -33.71 -9.80
CA PHE B 949 -13.19 -33.97 -11.21
C PHE B 949 -13.73 -32.95 -12.24
N PRO B 950 -15.05 -32.63 -12.18
CA PRO B 950 -15.62 -31.87 -13.31
C PRO B 950 -15.01 -30.49 -13.58
N SER B 951 -14.82 -29.69 -12.56
CA SER B 951 -14.32 -28.33 -12.76
C SER B 951 -12.80 -28.29 -12.98
N ARG B 952 -12.08 -29.08 -12.18
CA ARG B 952 -10.63 -29.14 -12.29
C ARG B 952 -10.23 -29.83 -13.59
N MET B 953 -11.12 -30.67 -14.10
CA MET B 953 -11.01 -31.25 -15.44
C MET B 953 -9.72 -32.03 -15.67
N THR B 954 -9.59 -33.18 -15.01
CA THR B 954 -8.50 -34.10 -15.31
C THR B 954 -9.01 -35.53 -15.45
N VAL B 955 -8.91 -36.08 -16.66
CA VAL B 955 -9.33 -37.44 -16.92
C VAL B 955 -8.19 -38.44 -16.80
N GLY B 956 -6.97 -37.92 -16.67
CA GLY B 956 -5.80 -38.77 -16.61
C GLY B 956 -5.72 -39.58 -15.34
N LYS B 957 -6.29 -39.06 -14.27
CA LYS B 957 -6.29 -39.74 -12.98
C LYS B 957 -7.27 -40.90 -12.96
N MET B 958 -8.45 -40.68 -13.56
CA MET B 958 -9.52 -41.67 -13.54
C MET B 958 -9.13 -42.93 -14.34
N ILE B 959 -8.26 -42.75 -15.32
CA ILE B 959 -7.77 -43.88 -16.11
C ILE B 959 -6.71 -44.67 -15.34
N GLU B 960 -5.98 -43.97 -14.47
CA GLU B 960 -4.88 -44.56 -13.70
C GLU B 960 -5.32 -45.76 -12.86
N LEU B 961 -6.53 -45.70 -12.34
CA LEU B 961 -7.05 -46.77 -11.49
C LEU B 961 -7.21 -48.09 -12.26
N ILE B 962 -7.76 -48.00 -13.47
CA ILE B 962 -7.96 -49.18 -14.30
C ILE B 962 -6.63 -49.79 -14.72
N SER B 963 -5.73 -48.95 -15.23
CA SER B 963 -4.40 -49.40 -15.64
C SER B 963 -3.62 -49.94 -14.45
N GLY B 964 -3.88 -49.38 -13.28
CA GLY B 964 -3.23 -49.81 -12.05
C GLY B 964 -3.78 -51.14 -11.56
N LYS B 965 -5.11 -51.26 -11.57
CA LYS B 965 -5.78 -52.47 -11.11
C LYS B 965 -5.43 -53.67 -12.00
N ALA B 966 -5.38 -53.43 -13.30
CA ALA B 966 -5.07 -54.48 -14.26
C ALA B 966 -3.64 -54.98 -14.08
N GLY B 967 -2.75 -54.08 -13.68
CA GLY B 967 -1.35 -54.42 -13.48
C GLY B 967 -1.13 -55.35 -12.30
N VAL B 968 -1.92 -55.17 -11.25
CA VAL B 968 -1.80 -55.99 -10.05
C VAL B 968 -2.27 -57.42 -10.33
N LEU B 969 -3.33 -57.55 -11.11
CA LEU B 969 -3.90 -58.84 -11.43
C LEU B 969 -2.96 -59.68 -12.29
N ASN B 970 -2.18 -59.00 -13.13
CA ASN B 970 -1.20 -59.69 -13.98
C ASN B 970 0.16 -59.80 -13.30
N GLY B 971 0.29 -59.17 -12.15
CA GLY B 971 1.54 -59.21 -11.39
C GLY B 971 2.66 -58.45 -12.07
N THR B 972 2.31 -57.45 -12.85
CA THR B 972 3.29 -56.65 -13.58
C THR B 972 3.07 -55.16 -13.41
N LEU B 973 4.16 -54.40 -13.33
CA LEU B 973 4.07 -52.94 -13.29
C LEU B 973 3.64 -52.42 -14.65
N GLU B 974 2.56 -51.65 -14.67
CA GLU B 974 1.98 -51.20 -15.93
C GLU B 974 2.56 -49.86 -16.37
N TYR B 975 3.09 -49.83 -17.59
CA TYR B 975 3.70 -48.62 -18.13
C TYR B 975 2.67 -47.57 -18.55
N GLY B 976 3.08 -46.31 -18.49
CA GLY B 976 2.29 -45.23 -19.04
C GLY B 976 3.20 -44.05 -19.38
N THR B 977 2.79 -43.25 -20.37
CA THR B 977 3.60 -42.14 -20.83
C THR B 977 2.75 -41.11 -21.57
N CYS B 978 3.29 -39.92 -21.77
CA CYS B 978 2.63 -38.90 -22.57
C CYS B 978 2.64 -39.29 -24.05
N PHE B 979 1.59 -38.90 -24.76
CA PHE B 979 1.48 -39.09 -26.21
C PHE B 979 1.34 -40.56 -26.65
N GLY B 980 1.39 -41.48 -25.70
CA GLY B 980 1.38 -42.89 -26.01
C GLY B 980 1.34 -43.78 -24.78
N GLY B 981 1.77 -45.03 -24.94
CA GLY B 981 1.81 -45.96 -23.82
C GLY B 981 0.70 -46.99 -23.86
N SER B 982 0.55 -47.71 -22.74
CA SER B 982 -0.42 -48.80 -22.63
C SER B 982 -1.86 -48.37 -22.95
N LYS B 983 -2.53 -49.15 -23.78
CA LYS B 983 -3.89 -48.86 -24.20
C LYS B 983 -4.88 -49.14 -23.07
N LEU B 984 -5.99 -48.43 -23.08
CA LEU B 984 -7.03 -48.61 -22.06
C LEU B 984 -7.91 -49.81 -22.38
N GLU B 985 -8.09 -50.08 -23.67
CA GLU B 985 -9.01 -51.13 -24.11
C GLU B 985 -8.58 -52.53 -23.70
N ASP B 986 -7.28 -52.81 -23.80
CA ASP B 986 -6.77 -54.14 -23.47
C ASP B 986 -6.90 -54.42 -21.98
N MET B 987 -6.94 -53.37 -21.17
CA MET B 987 -7.11 -53.51 -19.73
C MET B 987 -8.50 -54.02 -19.39
N SER B 988 -9.47 -53.65 -20.23
CA SER B 988 -10.86 -54.04 -20.01
C SER B 988 -11.05 -55.55 -20.19
N LYS B 989 -10.40 -56.12 -21.19
CA LYS B 989 -10.52 -57.55 -21.45
C LYS B 989 -9.67 -58.36 -20.47
N ILE B 990 -8.65 -57.72 -19.90
CA ILE B 990 -7.84 -58.35 -18.86
C ILE B 990 -8.64 -58.42 -17.57
N LEU B 991 -9.51 -57.44 -17.37
CA LEU B 991 -10.40 -57.40 -16.21
C LEU B 991 -11.56 -58.38 -16.37
N VAL B 992 -12.36 -58.15 -17.40
CA VAL B 992 -13.64 -58.84 -17.60
C VAL B 992 -13.55 -60.37 -17.59
N ASP B 993 -12.38 -60.93 -17.92
CA ASP B 993 -12.23 -62.38 -17.94
C ASP B 993 -12.02 -62.96 -16.55
N GLN B 994 -11.61 -62.10 -15.62
CA GLN B 994 -11.37 -62.53 -14.24
C GLN B 994 -12.58 -62.28 -13.34
N GLY B 995 -13.66 -61.75 -13.93
CA GLY B 995 -14.89 -61.56 -13.20
C GLY B 995 -15.16 -60.15 -12.71
N PHE B 996 -14.39 -59.19 -13.23
CA PHE B 996 -14.57 -57.79 -12.87
C PHE B 996 -15.23 -57.01 -13.99
N ASN B 997 -16.03 -56.00 -13.63
CA ASN B 997 -16.64 -55.12 -14.62
C ASN B 997 -15.56 -54.44 -15.45
N TYR B 998 -15.84 -54.19 -16.73
CA TYR B 998 -14.79 -53.80 -17.66
C TYR B 998 -14.12 -52.48 -17.26
N SER B 999 -14.88 -51.43 -16.96
CA SER B 999 -14.26 -50.24 -16.40
C SER B 999 -14.73 -49.92 -14.98
N GLY B 1000 -13.88 -50.24 -14.00
CA GLY B 1000 -13.91 -49.64 -12.68
C GLY B 1000 -15.10 -49.89 -11.77
N LYS B 1001 -16.18 -50.46 -12.32
CA LYS B 1001 -17.42 -50.60 -11.57
C LYS B 1001 -17.47 -51.84 -10.68
N ASP B 1002 -18.26 -51.75 -9.61
CA ASP B 1002 -18.49 -52.87 -8.71
C ASP B 1002 -19.72 -52.60 -7.84
N MET B 1003 -20.08 -53.56 -7.00
CA MET B 1003 -21.21 -53.39 -6.09
C MET B 1003 -20.74 -53.56 -4.65
N LEU B 1004 -20.97 -52.54 -3.83
CA LEU B 1004 -20.50 -52.54 -2.45
C LEU B 1004 -21.65 -52.53 -1.47
N TYR B 1005 -21.34 -52.58 -0.18
CA TYR B 1005 -22.36 -52.55 0.86
C TYR B 1005 -22.02 -51.50 1.92
N SER B 1006 -23.06 -50.91 2.50
CA SER B 1006 -22.87 -49.87 3.52
C SER B 1006 -22.23 -50.45 4.78
N GLY B 1007 -21.41 -49.64 5.45
CA GLY B 1007 -20.70 -50.08 6.63
C GLY B 1007 -21.50 -49.96 7.91
N ILE B 1008 -22.72 -49.47 7.81
CA ILE B 1008 -23.59 -49.31 8.97
C ILE B 1008 -24.83 -50.20 8.89
N THR B 1009 -25.69 -49.95 7.91
CA THR B 1009 -26.92 -50.73 7.77
C THR B 1009 -26.65 -52.08 7.12
N GLY B 1010 -25.53 -52.18 6.41
CA GLY B 1010 -25.09 -53.42 5.81
C GLY B 1010 -25.99 -53.94 4.69
N GLU B 1011 -26.24 -53.10 3.69
CA GLU B 1011 -27.03 -53.52 2.54
C GLU B 1011 -26.48 -52.92 1.25
N CYS B 1012 -27.10 -53.26 0.13
CA CYS B 1012 -26.62 -52.81 -1.18
C CYS B 1012 -26.79 -51.31 -1.37
N LEU B 1013 -25.73 -50.64 -1.80
CA LEU B 1013 -25.80 -49.23 -2.12
C LEU B 1013 -26.57 -49.05 -3.44
N GLN B 1014 -27.44 -48.05 -3.48
CA GLN B 1014 -28.37 -47.87 -4.59
C GLN B 1014 -27.67 -47.59 -5.92
N ALA B 1015 -26.41 -47.16 -5.87
CA ALA B 1015 -25.64 -46.95 -7.08
C ALA B 1015 -24.36 -47.79 -7.04
N TYR B 1016 -23.57 -47.71 -8.11
CA TYR B 1016 -22.30 -48.42 -8.15
C TYR B 1016 -21.17 -47.51 -7.70
N ILE B 1017 -19.96 -48.06 -7.61
CA ILE B 1017 -18.81 -47.31 -7.13
C ILE B 1017 -17.54 -47.63 -7.92
N PHE B 1018 -16.88 -46.58 -8.39
CA PHE B 1018 -15.62 -46.73 -9.11
C PHE B 1018 -14.44 -46.60 -8.15
N PHE B 1019 -13.63 -47.65 -8.06
CA PHE B 1019 -12.48 -47.65 -7.15
C PHE B 1019 -11.33 -48.49 -7.68
N GLY B 1020 -10.14 -48.24 -7.15
CA GLY B 1020 -8.93 -48.95 -7.55
C GLY B 1020 -7.71 -48.31 -6.95
N PRO B 1021 -6.57 -49.02 -6.97
CA PRO B 1021 -5.33 -48.51 -6.37
C PRO B 1021 -4.77 -47.28 -7.10
N ILE B 1022 -4.40 -46.26 -6.34
CA ILE B 1022 -3.71 -45.09 -6.88
C ILE B 1022 -2.44 -44.85 -6.07
N TYR B 1023 -1.69 -43.81 -6.42
CA TYR B 1023 -0.45 -43.49 -5.73
C TYR B 1023 -0.57 -42.19 -4.95
N TYR B 1024 -0.57 -42.29 -3.63
CA TYR B 1024 -0.66 -41.12 -2.76
C TYR B 1024 0.66 -40.85 -2.05
N GLN B 1025 0.99 -39.58 -1.89
CA GLN B 1025 2.23 -39.17 -1.23
C GLN B 1025 1.97 -38.11 -0.17
N LYS B 1026 2.48 -38.36 1.04
CA LYS B 1026 2.34 -37.41 2.13
C LYS B 1026 3.28 -36.23 1.94
N LEU B 1027 2.76 -35.01 2.07
CA LEU B 1027 3.54 -33.81 1.81
C LEU B 1027 4.08 -33.18 3.09
N LYS B 1028 4.70 -32.02 2.91
CA LYS B 1028 5.26 -31.25 4.02
C LYS B 1028 4.16 -30.42 4.68
N HIS B 1029 4.56 -29.49 5.54
CA HIS B 1029 3.64 -28.60 6.24
C HIS B 1029 2.65 -29.37 7.11
N MET B 1030 3.15 -29.96 8.19
CA MET B 1030 2.32 -30.74 9.10
C MET B 1030 1.43 -29.81 9.93
N VAL B 1031 0.56 -30.41 10.75
CA VAL B 1031 -0.33 -29.64 11.61
C VAL B 1031 0.30 -29.43 12.98
N LEU B 1032 1.40 -30.14 13.24
CA LEU B 1032 2.04 -30.13 14.54
C LEU B 1032 2.82 -28.84 14.76
N ASP B 1033 3.65 -28.48 13.79
CA ASP B 1033 4.48 -27.28 13.88
C ASP B 1033 3.70 -26.01 13.54
N LYS B 1034 2.63 -26.16 12.76
CA LYS B 1034 1.90 -25.02 12.23
C LYS B 1034 0.97 -24.39 13.27
N MET B 1035 0.61 -25.15 14.30
CA MET B 1035 -0.28 -24.65 15.34
C MET B 1035 0.39 -23.55 16.16
N HIS B 1036 -0.35 -22.50 16.45
CA HIS B 1036 0.19 -21.36 17.19
C HIS B 1036 -0.88 -20.68 18.06
N ALA B 1037 -0.46 -20.18 19.22
CA ALA B 1037 -1.35 -19.46 20.12
C ALA B 1037 -0.57 -18.43 20.95
N ARG B 1038 -1.27 -17.39 21.40
CA ARG B 1038 -0.64 -16.31 22.14
C ARG B 1038 -1.50 -15.85 23.32
N ALA B 1039 -0.89 -15.79 24.50
CA ALA B 1039 -1.55 -15.26 25.68
C ALA B 1039 -0.99 -13.88 26.01
N ARG B 1040 0.21 -13.86 26.58
CA ARG B 1040 0.95 -12.63 26.80
C ARG B 1040 2.43 -12.94 26.96
N GLY B 1041 3.28 -11.94 26.77
CA GLY B 1041 4.71 -12.17 26.85
C GLY B 1041 5.55 -10.96 26.46
N PRO B 1042 6.81 -11.21 26.08
CA PRO B 1042 7.81 -10.19 25.73
C PRO B 1042 7.34 -9.20 24.68
N ARG B 1043 7.74 -7.95 24.82
CA ARG B 1043 7.41 -6.90 23.87
C ARG B 1043 8.67 -6.20 23.38
N ALA B 1044 8.55 -5.48 22.27
CA ALA B 1044 9.70 -4.74 21.72
C ALA B 1044 10.07 -3.58 22.64
N VAL B 1045 11.33 -3.16 22.57
CA VAL B 1045 11.84 -2.12 23.44
C VAL B 1045 11.44 -0.71 22.99
N LEU B 1046 11.48 -0.48 21.67
CA LEU B 1046 11.18 0.84 21.11
C LEU B 1046 9.70 0.95 20.75
N THR B 1047 8.95 -0.10 21.07
CA THR B 1047 7.55 -0.20 20.69
C THR B 1047 6.67 -0.49 21.90
N ARG B 1048 6.98 -1.60 22.58
CA ARG B 1048 6.18 -2.14 23.68
C ARG B 1048 4.84 -2.65 23.20
N GLN B 1049 4.87 -3.35 22.08
CA GLN B 1049 3.76 -4.17 21.62
C GLN B 1049 4.35 -5.54 21.28
N PRO B 1050 3.52 -6.60 21.24
CA PRO B 1050 4.03 -7.95 21.00
C PRO B 1050 4.88 -8.08 19.72
N THR B 1051 5.79 -9.04 19.71
CA THR B 1051 6.66 -9.26 18.56
C THR B 1051 6.02 -10.21 17.56
N GLU B 1052 6.79 -10.62 16.55
CA GLU B 1052 6.28 -11.49 15.50
C GLU B 1052 7.16 -12.73 15.32
N GLY B 1053 6.59 -13.76 14.72
CA GLY B 1053 7.33 -14.98 14.42
C GLY B 1053 7.27 -16.02 15.52
N ARG B 1054 8.31 -16.86 15.57
CA ARG B 1054 8.39 -17.93 16.55
C ARG B 1054 9.76 -17.91 17.21
N SER B 1055 9.92 -18.71 18.28
CA SER B 1055 11.13 -18.82 19.09
C SER B 1055 11.27 -17.61 20.03
N ARG B 1056 10.36 -16.66 19.89
CA ARG B 1056 10.25 -15.55 20.83
C ARG B 1056 8.85 -15.57 21.44
N ASP B 1057 7.88 -15.17 20.63
CA ASP B 1057 6.46 -15.24 20.95
C ASP B 1057 5.67 -14.71 19.76
N GLY B 1058 4.38 -15.02 19.72
CA GLY B 1058 3.56 -14.69 18.56
C GLY B 1058 2.56 -13.58 18.73
N GLY B 1059 1.54 -13.60 17.89
CA GLY B 1059 0.50 -12.59 17.86
C GLY B 1059 -0.16 -12.57 16.50
N LEU B 1060 -1.05 -11.61 16.27
CA LEU B 1060 -1.72 -11.48 14.98
C LEU B 1060 -1.70 -10.04 14.48
N ARG B 1061 -2.25 -9.82 13.29
CA ARG B 1061 -2.14 -8.52 12.63
C ARG B 1061 -3.47 -8.02 12.07
N LEU B 1062 -3.89 -6.86 12.52
CA LEU B 1062 -5.02 -6.17 11.91
C LEU B 1062 -4.51 -5.16 10.89
N GLY B 1063 -4.75 -5.43 9.63
CA GLY B 1063 -4.26 -4.57 8.56
C GLY B 1063 -5.20 -3.45 8.23
N GLU B 1064 -4.70 -2.45 7.52
CA GLU B 1064 -5.51 -1.31 7.10
C GLU B 1064 -6.61 -1.78 6.16
N MET B 1065 -6.33 -2.83 5.41
CA MET B 1065 -7.32 -3.45 4.53
C MET B 1065 -8.45 -4.05 5.35
N GLU B 1066 -8.08 -4.73 6.44
CA GLU B 1066 -9.05 -5.34 7.33
C GLU B 1066 -9.67 -4.30 8.27
N ARG B 1067 -8.94 -3.23 8.53
CA ARG B 1067 -9.37 -2.20 9.47
C ARG B 1067 -10.70 -1.56 9.07
N ASP B 1068 -10.94 -1.46 7.77
CA ASP B 1068 -12.17 -0.84 7.27
C ASP B 1068 -13.40 -1.70 7.53
N CYS B 1069 -13.18 -3.00 7.67
CA CYS B 1069 -14.28 -3.95 7.87
C CYS B 1069 -15.02 -3.68 9.18
N VAL B 1070 -14.27 -3.58 10.27
CA VAL B 1070 -14.86 -3.31 11.58
C VAL B 1070 -15.39 -1.88 11.67
N ILE B 1071 -14.95 -1.02 10.75
CA ILE B 1071 -15.50 0.32 10.64
C ILE B 1071 -16.86 0.27 9.97
N ALA B 1072 -16.99 -0.62 8.98
CA ALA B 1072 -18.22 -0.75 8.20
C ALA B 1072 -19.36 -1.35 9.03
N TYR B 1073 -19.02 -2.00 10.13
CA TYR B 1073 -20.04 -2.52 11.03
C TYR B 1073 -20.59 -1.42 11.95
N GLY B 1074 -19.80 -0.37 12.13
CA GLY B 1074 -20.20 0.75 12.96
C GLY B 1074 -20.06 0.47 14.44
N ALA B 1075 -19.07 -0.34 14.80
CA ALA B 1075 -18.83 -0.68 16.20
C ALA B 1075 -17.64 0.10 16.75
N SER B 1076 -17.93 1.05 17.64
CA SER B 1076 -16.90 1.87 18.26
C SER B 1076 -16.22 1.16 19.42
N GLN B 1077 -17.01 0.46 20.24
CA GLN B 1077 -16.53 -0.14 21.47
C GLN B 1077 -15.47 -1.22 21.23
N LEU B 1078 -15.65 -2.00 20.18
CA LEU B 1078 -14.71 -3.08 19.86
C LEU B 1078 -13.34 -2.53 19.51
N LEU B 1079 -13.32 -1.36 18.89
CA LEU B 1079 -12.07 -0.74 18.44
C LEU B 1079 -11.31 -0.10 19.61
N LEU B 1080 -12.06 0.35 20.61
CA LEU B 1080 -11.46 0.95 21.80
C LEU B 1080 -10.68 -0.08 22.60
N GLU B 1081 -11.23 -1.28 22.71
CA GLU B 1081 -10.62 -2.35 23.48
C GLU B 1081 -9.44 -3.01 22.75
N ARG B 1082 -9.64 -3.28 21.47
CA ARG B 1082 -8.68 -4.08 20.70
C ARG B 1082 -7.39 -3.33 20.37
N LEU B 1083 -7.51 -2.12 19.86
CA LEU B 1083 -6.34 -1.38 19.39
C LEU B 1083 -5.70 -0.52 20.47
N MET B 1084 -6.23 -0.58 21.69
CA MET B 1084 -5.69 0.21 22.79
C MET B 1084 -5.37 -0.65 24.01
N ILE B 1085 -6.41 -1.15 24.67
CA ILE B 1085 -6.22 -1.93 25.89
C ILE B 1085 -5.51 -3.25 25.62
N SER B 1086 -5.93 -3.94 24.57
CA SER B 1086 -5.39 -5.25 24.25
C SER B 1086 -3.92 -5.22 23.83
N SER B 1087 -3.49 -4.12 23.24
CA SER B 1087 -2.12 -4.02 22.74
C SER B 1087 -1.22 -3.23 23.69
N ASP B 1088 -1.38 -1.91 23.69
CA ASP B 1088 -0.59 -1.06 24.58
C ASP B 1088 -1.44 0.01 25.25
N ALA B 1089 -1.53 -0.03 26.57
CA ALA B 1089 -2.27 0.96 27.34
C ALA B 1089 -1.31 1.83 28.12
N PHE B 1090 -1.39 3.14 27.92
CA PHE B 1090 -0.43 4.05 28.51
C PHE B 1090 -1.07 5.34 29.02
N GLU B 1091 -0.60 5.83 30.16
CA GLU B 1091 -1.09 7.07 30.74
C GLU B 1091 -0.07 8.18 30.56
N VAL B 1092 -0.54 9.39 30.25
CA VAL B 1092 0.34 10.51 30.00
C VAL B 1092 -0.12 11.77 30.72
N ASP B 1093 0.80 12.40 31.45
CA ASP B 1093 0.50 13.64 32.16
C ASP B 1093 0.58 14.84 31.22
N VAL B 1094 -0.52 15.58 31.11
CA VAL B 1094 -0.59 16.74 30.23
C VAL B 1094 -1.18 17.96 30.95
N CYS B 1095 -0.65 19.14 30.65
CA CYS B 1095 -1.18 20.38 31.20
C CYS B 1095 -2.06 21.09 30.18
N ASP B 1096 -3.15 21.69 30.66
CA ASP B 1096 -4.09 22.38 29.78
C ASP B 1096 -3.43 23.56 29.10
N LYS B 1097 -2.77 24.40 29.89
CA LYS B 1097 -1.98 25.50 29.35
C LYS B 1097 -0.63 24.96 28.87
N CYS B 1098 -0.11 25.56 27.80
CA CYS B 1098 1.09 25.08 27.11
C CYS B 1098 1.08 23.56 26.94
N GLY B 1099 0.13 23.06 26.14
CA GLY B 1099 -0.09 21.63 26.03
C GLY B 1099 1.16 20.87 25.62
N LEU B 1100 1.58 19.95 26.49
CA LEU B 1100 2.81 19.17 26.31
C LEU B 1100 2.74 17.93 27.18
N MET B 1101 3.84 17.19 27.26
CA MET B 1101 3.91 16.01 28.10
C MET B 1101 5.00 16.17 29.15
N GLY B 1102 4.80 15.53 30.30
CA GLY B 1102 5.76 15.61 31.39
C GLY B 1102 5.74 14.40 32.30
N TYR B 1103 6.66 14.37 33.25
CA TYR B 1103 6.75 13.27 34.20
C TYR B 1103 6.14 13.66 35.55
N SER B 1104 5.36 12.75 36.12
CA SER B 1104 4.68 12.97 37.39
C SER B 1104 3.86 14.25 37.40
N GLY B 1105 4.19 15.16 38.31
CA GLY B 1105 3.44 16.39 38.47
C GLY B 1105 4.17 17.63 37.97
N TRP B 1106 5.23 17.45 37.19
CA TRP B 1106 6.01 18.59 36.73
C TRP B 1106 5.97 18.77 35.21
N CYS B 1107 5.64 19.98 34.78
CA CYS B 1107 5.52 20.33 33.36
C CYS B 1107 6.84 20.85 32.79
N THR B 1108 7.92 20.74 33.55
CA THR B 1108 9.19 21.37 33.18
C THR B 1108 9.00 22.88 33.10
N THR B 1109 9.04 23.44 31.89
CA THR B 1109 9.12 24.88 31.66
C THR B 1109 8.22 25.73 32.56
N CYS B 1110 7.01 25.27 32.85
CA CYS B 1110 6.22 25.89 33.92
C CYS B 1110 6.10 24.91 35.08
N LYS B 1111 6.38 25.40 36.29
CA LYS B 1111 6.21 24.55 37.47
C LYS B 1111 4.94 24.94 38.21
N SER B 1112 3.93 24.09 38.11
CA SER B 1112 2.63 24.34 38.71
C SER B 1112 2.11 23.12 39.47
N ALA B 1113 1.85 22.05 38.72
CA ALA B 1113 1.23 20.81 39.18
C ALA B 1113 -0.26 21.01 39.49
N GLU B 1114 -0.72 22.25 39.40
CA GLU B 1114 -2.12 22.57 39.64
C GLU B 1114 -2.99 22.30 38.42
N ASN B 1115 -2.46 22.55 37.23
CA ASN B 1115 -3.23 22.43 36.00
C ASN B 1115 -3.05 21.09 35.29
N ILE B 1116 -2.21 20.23 35.85
CA ILE B 1116 -1.90 18.96 35.20
C ILE B 1116 -3.05 17.96 35.30
N ILE B 1117 -3.47 17.43 34.15
CA ILE B 1117 -4.53 16.44 34.10
C ILE B 1117 -4.01 15.14 33.50
N LYS B 1118 -4.27 14.02 34.18
CA LYS B 1118 -3.77 12.73 33.73
C LYS B 1118 -4.87 11.90 33.05
N MET B 1119 -4.55 11.42 31.85
CA MET B 1119 -5.49 10.61 31.09
C MET B 1119 -4.76 9.47 30.37
N THR B 1120 -5.47 8.76 29.50
CA THR B 1120 -4.89 7.62 28.80
C THR B 1120 -4.79 7.88 27.30
N ILE B 1121 -3.86 7.18 26.64
CA ILE B 1121 -3.52 7.43 25.24
C ILE B 1121 -2.49 6.40 24.78
N PRO B 1122 -2.65 5.89 23.54
CA PRO B 1122 -1.75 4.88 22.97
C PRO B 1122 -0.27 5.26 23.02
N TYR B 1123 0.59 4.26 23.16
CA TYR B 1123 2.03 4.48 23.28
C TYR B 1123 2.62 4.98 21.97
N ALA B 1124 2.03 4.58 20.86
CA ALA B 1124 2.48 5.01 19.53
C ALA B 1124 2.32 6.52 19.38
N ALA B 1125 1.24 7.05 19.94
CA ALA B 1125 0.97 8.48 19.95
C ALA B 1125 2.11 9.24 20.62
N LYS B 1126 2.33 8.97 21.90
CA LYS B 1126 3.39 9.61 22.67
C LYS B 1126 4.75 9.49 22.00
N LEU B 1127 5.04 8.31 21.46
CA LEU B 1127 6.30 8.07 20.77
C LEU B 1127 6.39 8.94 19.52
N LEU B 1128 5.28 9.07 18.80
CA LEU B 1128 5.22 9.91 17.62
C LEU B 1128 5.42 11.39 17.99
N PHE B 1129 4.87 11.78 19.12
CA PHE B 1129 5.02 13.15 19.61
C PHE B 1129 6.46 13.43 20.01
N GLN B 1130 7.11 12.44 20.63
CA GLN B 1130 8.51 12.58 21.01
C GLN B 1130 9.41 12.56 19.79
N GLU B 1131 8.92 11.95 18.71
CA GLU B 1131 9.61 11.97 17.43
C GLU B 1131 9.47 13.33 16.77
N LEU B 1132 8.23 13.72 16.51
CA LEU B 1132 7.91 15.04 15.95
C LEU B 1132 8.66 16.16 16.67
N LEU B 1133 8.39 16.30 17.97
CA LEU B 1133 8.98 17.37 18.79
C LEU B 1133 10.52 17.37 18.79
N SER B 1134 11.13 16.21 18.53
CA SER B 1134 12.58 16.13 18.42
C SER B 1134 13.07 16.98 17.26
N MET B 1135 12.49 16.75 16.08
CA MET B 1135 12.62 17.66 14.95
C MET B 1135 11.86 18.93 15.32
N ASN B 1136 12.07 20.03 14.61
CA ASN B 1136 11.39 21.24 15.06
C ASN B 1136 10.01 21.37 14.42
N ILE B 1137 9.01 21.12 15.26
CA ILE B 1137 7.61 21.34 14.95
C ILE B 1137 6.90 21.37 16.30
N ALA B 1138 5.74 22.00 16.38
CA ALA B 1138 4.98 21.98 17.63
C ALA B 1138 3.64 21.30 17.44
N PRO B 1139 3.49 20.08 17.99
CA PRO B 1139 2.20 19.39 18.03
C PRO B 1139 1.49 19.60 19.36
N ARG B 1140 1.04 20.82 19.62
CA ARG B 1140 0.42 21.17 20.90
C ARG B 1140 -0.93 20.49 21.07
N LEU B 1141 -1.25 20.16 22.32
CA LEU B 1141 -2.52 19.51 22.64
C LEU B 1141 -3.37 20.37 23.57
N ARG B 1142 -4.66 20.44 23.30
CA ARG B 1142 -5.59 21.16 24.15
C ARG B 1142 -6.77 20.27 24.55
N LEU B 1143 -7.24 20.42 25.78
CA LEU B 1143 -8.27 19.54 26.31
C LEU B 1143 -9.52 20.30 26.74
N GLU B 1144 -10.68 19.65 26.62
CA GLU B 1144 -11.92 20.18 27.16
C GLU B 1144 -12.58 19.12 28.03
N ASP B 1145 -13.71 19.47 28.64
CA ASP B 1145 -14.41 18.55 29.52
C ASP B 1145 -15.61 17.89 28.85
N ILE B 1146 -15.84 16.62 29.17
CA ILE B 1146 -16.93 15.85 28.59
C ILE B 1146 -18.27 16.21 29.23
N PHE B 1147 -18.24 16.36 30.55
CA PHE B 1147 -19.46 16.59 31.32
C PHE B 1147 -19.90 18.05 31.29
N GLN B 1148 -20.86 18.39 32.14
CA GLN B 1148 -21.52 19.69 32.12
C GLN B 1148 -22.15 19.91 30.75
N GLN B 1149 -23.13 19.08 30.42
CA GLN B 1149 -23.83 19.11 29.14
C GLN B 1149 -22.87 19.09 27.96
N MET C 1 -39.19 -56.32 -3.53
CA MET C 1 -39.99 -57.03 -4.53
C MET C 1 -39.91 -58.54 -4.29
N SER C 2 -40.65 -59.01 -3.31
CA SER C 2 -40.70 -60.44 -2.97
C SER C 2 -39.30 -61.02 -2.72
N ASN C 3 -38.54 -60.36 -1.85
CA ASN C 3 -37.21 -60.82 -1.47
C ASN C 3 -36.26 -60.89 -2.66
N ILE C 4 -36.41 -59.96 -3.59
CA ILE C 4 -35.55 -59.91 -4.78
C ILE C 4 -35.09 -58.48 -5.08
N VAL C 5 -33.78 -58.30 -5.18
CA VAL C 5 -33.22 -57.00 -5.55
C VAL C 5 -32.97 -56.91 -7.06
N GLY C 6 -33.47 -55.86 -7.69
CA GLY C 6 -33.31 -55.67 -9.11
C GLY C 6 -31.91 -55.24 -9.49
N ILE C 7 -31.41 -55.78 -10.60
CA ILE C 7 -30.08 -55.45 -11.07
C ILE C 7 -30.12 -54.84 -12.48
N GLU C 8 -29.67 -53.59 -12.58
CA GLU C 8 -29.62 -52.90 -13.86
C GLU C 8 -28.19 -52.42 -14.09
N TYR C 9 -27.86 -52.08 -15.34
CA TYR C 9 -26.51 -51.64 -15.67
C TYR C 9 -26.17 -50.30 -15.00
N ASN C 10 -27.14 -49.39 -14.96
CA ASN C 10 -26.91 -48.10 -14.32
C ASN C 10 -27.44 -47.99 -12.88
N ARG C 11 -28.11 -49.04 -12.40
CA ARG C 11 -28.77 -48.96 -11.10
C ARG C 11 -29.03 -50.31 -10.45
N VAL C 12 -29.30 -50.29 -9.14
CA VAL C 12 -29.88 -51.44 -8.46
C VAL C 12 -31.14 -50.98 -7.74
N THR C 13 -32.16 -51.84 -7.70
CA THR C 13 -33.48 -51.41 -7.25
C THR C 13 -34.00 -52.22 -6.05
N ASN C 14 -34.76 -51.54 -5.19
CA ASN C 14 -35.48 -52.17 -4.08
C ASN C 14 -34.56 -52.90 -3.10
N THR C 15 -33.76 -52.13 -2.36
CA THR C 15 -32.89 -52.70 -1.34
C THR C 15 -33.58 -52.66 0.03
N THR C 16 -34.78 -52.10 0.06
CA THR C 16 -35.54 -51.97 1.30
C THR C 16 -35.96 -53.32 1.86
N SER C 17 -35.81 -53.49 3.17
CA SER C 17 -36.20 -54.72 3.84
C SER C 17 -37.72 -54.92 3.79
N THR C 18 -38.45 -53.89 4.23
CA THR C 18 -39.91 -53.79 4.18
C THR C 18 -40.64 -55.07 4.59
N ASP C 19 -40.10 -55.77 5.59
CA ASP C 19 -40.74 -56.97 6.12
C ASP C 19 -41.57 -56.67 7.37
N PHE C 20 -41.54 -55.43 7.81
CA PHE C 20 -42.22 -55.01 9.03
C PHE C 20 -43.73 -54.89 8.81
N PRO C 21 -44.52 -55.19 9.84
CA PRO C 21 -45.97 -55.03 9.73
C PRO C 21 -46.41 -53.57 9.88
N GLY C 22 -47.59 -53.25 9.35
CA GLY C 22 -48.17 -51.94 9.52
C GLY C 22 -48.11 -51.00 8.33
N PHE C 23 -47.17 -51.23 7.41
CA PHE C 23 -47.11 -50.39 6.22
C PHE C 23 -48.18 -50.83 5.21
N SER C 24 -48.27 -52.13 4.98
CA SER C 24 -49.32 -52.67 4.13
C SER C 24 -50.65 -52.67 4.89
N LYS C 25 -51.76 -52.71 4.15
CA LYS C 25 -53.06 -52.83 4.77
C LYS C 25 -53.14 -54.13 5.55
N ASP C 26 -52.60 -55.19 4.97
CA ASP C 26 -52.48 -56.48 5.65
C ASP C 26 -51.01 -56.86 5.80
N ALA C 27 -50.54 -56.87 7.03
CA ALA C 27 -49.15 -57.23 7.32
C ALA C 27 -49.07 -57.84 8.72
N GLU C 28 -48.05 -58.68 8.94
CA GLU C 28 -48.03 -59.51 10.14
C GLU C 28 -46.64 -59.75 10.71
N ASN C 29 -46.58 -60.72 11.63
CA ASN C 29 -45.34 -61.14 12.28
C ASN C 29 -44.63 -60.06 13.09
N GLU C 30 -45.16 -59.75 14.26
CA GLU C 30 -44.40 -58.98 15.23
C GLU C 30 -43.59 -59.97 16.05
N TRP C 31 -42.28 -59.95 15.85
CA TRP C 31 -41.33 -60.72 16.65
C TRP C 31 -41.75 -62.17 16.88
N ASN C 32 -41.95 -62.49 18.15
CA ASN C 32 -42.34 -63.82 18.62
C ASN C 32 -41.36 -64.90 18.18
N VAL C 33 -41.88 -66.08 17.84
CA VAL C 33 -41.06 -67.22 17.45
C VAL C 33 -41.88 -68.09 16.50
N GLU C 34 -41.36 -69.28 16.23
CA GLU C 34 -42.02 -70.42 15.57
C GLU C 34 -42.38 -70.16 14.10
N LYS C 35 -42.39 -68.91 13.67
CA LYS C 35 -42.25 -68.62 12.26
C LYS C 35 -40.76 -68.55 11.96
N PHE C 36 -40.03 -67.92 12.88
CA PHE C 36 -38.59 -67.74 12.78
C PHE C 36 -37.85 -69.07 12.93
N LYS C 37 -38.39 -69.94 13.76
CA LYS C 37 -37.82 -71.28 13.96
C LYS C 37 -37.83 -72.06 12.65
N LYS C 38 -38.95 -72.01 11.94
CA LYS C 38 -39.07 -72.65 10.65
C LYS C 38 -38.28 -71.87 9.60
N ASP C 39 -38.19 -70.55 9.80
CA ASP C 39 -37.51 -69.67 8.86
C ASP C 39 -36.00 -69.83 8.92
N PHE C 40 -35.44 -69.75 10.12
CA PHE C 40 -34.00 -69.74 10.30
C PHE C 40 -33.38 -71.14 10.21
N GLU C 41 -32.48 -71.32 9.25
CA GLU C 41 -31.72 -72.55 9.11
C GLU C 41 -30.24 -72.21 8.95
N VAL C 42 -29.40 -73.23 8.82
CA VAL C 42 -27.97 -73.00 8.60
C VAL C 42 -27.34 -74.13 7.79
N ASN C 43 -26.41 -73.76 6.90
CA ASN C 43 -25.67 -74.73 6.11
C ASN C 43 -24.17 -74.44 6.16
N ILE C 44 -23.40 -75.38 6.70
CA ILE C 44 -21.97 -75.15 6.91
C ILE C 44 -21.12 -76.00 5.96
N SER C 45 -20.17 -75.34 5.29
CA SER C 45 -19.22 -76.03 4.42
C SER C 45 -18.01 -76.51 5.21
N SER C 46 -16.98 -76.94 4.50
CA SER C 46 -15.76 -77.48 5.13
C SER C 46 -15.10 -76.49 6.08
N LEU C 47 -14.57 -77.00 7.19
CA LEU C 47 -13.88 -76.19 8.17
C LEU C 47 -12.40 -76.55 8.24
N ASP C 48 -11.54 -75.63 7.82
CA ASP C 48 -10.10 -75.83 7.84
C ASP C 48 -9.55 -75.59 9.25
N ALA C 49 -8.24 -75.70 9.40
CA ALA C 49 -7.60 -75.38 10.68
C ALA C 49 -7.92 -73.95 11.07
N ARG C 50 -7.54 -73.01 10.20
CA ARG C 50 -8.10 -71.67 10.30
C ARG C 50 -8.79 -71.30 8.98
N GLU C 51 -10.12 -71.34 9.00
CA GLU C 51 -10.99 -70.88 7.92
C GLU C 51 -12.42 -71.27 8.26
N ALA C 52 -13.40 -70.61 7.65
CA ALA C 52 -14.78 -71.06 7.79
C ALA C 52 -15.62 -70.67 6.58
N ASN C 53 -16.51 -71.57 6.17
CA ASN C 53 -17.50 -71.26 5.15
C ASN C 53 -18.85 -71.83 5.58
N PHE C 54 -19.84 -70.97 5.75
CA PHE C 54 -21.16 -71.41 6.15
C PHE C 54 -22.26 -70.50 5.60
N ASP C 55 -23.39 -71.10 5.26
CA ASP C 55 -24.52 -70.35 4.71
C ASP C 55 -25.48 -69.94 5.81
N LEU C 56 -25.95 -68.69 5.72
CA LEU C 56 -26.93 -68.18 6.67
C LEU C 56 -28.18 -67.74 5.92
N ILE C 57 -29.33 -68.33 6.27
CA ILE C 57 -30.54 -68.14 5.49
C ILE C 57 -31.69 -67.54 6.32
N ASN C 58 -32.47 -66.68 5.67
CA ASN C 58 -33.70 -66.12 6.24
C ASN C 58 -33.52 -65.24 7.47
N ILE C 59 -32.54 -64.36 7.43
CA ILE C 59 -32.40 -63.32 8.43
C ILE C 59 -32.04 -62.00 7.74
N ASP C 60 -32.70 -60.92 8.16
CA ASP C 60 -32.53 -59.62 7.52
C ASP C 60 -31.14 -59.04 7.74
N THR C 61 -30.75 -58.11 6.88
CA THR C 61 -29.43 -57.49 6.91
C THR C 61 -29.16 -56.71 8.20
N SER C 62 -30.22 -56.34 8.90
CA SER C 62 -30.12 -55.58 10.14
C SER C 62 -29.25 -56.28 11.17
N ILE C 63 -29.72 -57.43 11.66
CA ILE C 63 -29.00 -58.19 12.67
C ILE C 63 -27.78 -58.89 12.07
N ALA C 64 -27.81 -59.12 10.76
CA ALA C 64 -26.73 -59.80 10.07
C ALA C 64 -25.45 -58.97 10.08
N ASN C 65 -25.58 -57.70 9.70
CA ASN C 65 -24.45 -56.78 9.71
C ASN C 65 -23.97 -56.53 11.14
N ALA C 66 -24.89 -56.64 12.09
CA ALA C 66 -24.56 -56.47 13.50
C ALA C 66 -23.64 -57.59 13.97
N PHE C 67 -23.77 -58.76 13.36
CA PHE C 67 -22.93 -59.90 13.71
C PHE C 67 -21.52 -59.76 13.12
N ARG C 68 -21.41 -59.05 12.01
CA ARG C 68 -20.12 -58.84 11.37
C ARG C 68 -19.31 -57.78 12.11
N ARG C 69 -19.97 -56.68 12.44
CA ARG C 69 -19.33 -55.56 13.13
C ARG C 69 -18.86 -55.97 14.53
N ILE C 70 -19.62 -56.85 15.17
CA ILE C 70 -19.28 -57.31 16.51
C ILE C 70 -18.21 -58.39 16.44
N MET C 71 -18.05 -59.00 15.27
CA MET C 71 -17.07 -60.05 15.07
C MET C 71 -15.66 -59.49 14.84
N ILE C 72 -15.58 -58.33 14.20
CA ILE C 72 -14.31 -57.75 13.82
C ILE C 72 -13.76 -56.80 14.90
N SER C 73 -14.59 -56.51 15.91
CA SER C 73 -14.20 -55.52 16.91
C SER C 73 -14.37 -55.99 18.36
N GLU C 74 -15.61 -56.20 18.77
CA GLU C 74 -15.95 -56.40 20.17
C GLU C 74 -15.30 -57.62 20.83
N VAL C 75 -15.10 -58.69 20.07
CA VAL C 75 -14.48 -59.88 20.62
C VAL C 75 -13.05 -59.60 21.06
N PRO C 76 -12.72 -59.90 22.33
CA PRO C 76 -11.40 -59.57 22.87
C PRO C 76 -10.30 -60.48 22.33
N SER C 77 -9.07 -60.21 22.73
CA SER C 77 -7.91 -61.01 22.33
C SER C 77 -6.70 -60.67 23.17
N VAL C 78 -5.56 -61.26 22.81
CA VAL C 78 -4.35 -61.11 23.61
C VAL C 78 -3.13 -60.80 22.73
N ALA C 79 -2.47 -59.68 23.02
CA ALA C 79 -1.29 -59.27 22.28
C ALA C 79 -0.33 -58.50 23.18
N ALA C 80 0.82 -58.10 22.62
CA ALA C 80 1.84 -57.42 23.40
C ALA C 80 1.80 -55.90 23.18
N GLU C 81 2.03 -55.15 24.27
CA GLU C 81 2.05 -53.70 24.20
C GLU C 81 3.38 -53.13 24.67
N TYR C 82 3.60 -53.16 25.98
CA TYR C 82 4.81 -52.62 26.57
C TYR C 82 6.02 -53.47 26.24
N VAL C 83 7.04 -52.84 25.67
CA VAL C 83 8.26 -53.54 25.29
C VAL C 83 9.48 -52.91 25.95
N TYR C 84 10.24 -53.71 26.68
CA TYR C 84 11.44 -53.22 27.35
C TYR C 84 12.69 -53.61 26.58
N PHE C 85 13.33 -52.62 25.98
CA PHE C 85 14.57 -52.84 25.22
C PHE C 85 15.79 -52.79 26.13
N PHE C 86 16.69 -53.75 25.98
CA PHE C 86 18.02 -53.55 26.54
C PHE C 86 18.89 -53.02 25.42
N ASN C 87 19.15 -51.71 25.49
CA ASN C 87 19.87 -50.93 24.46
C ASN C 87 19.45 -51.27 23.04
N ASN C 88 20.41 -51.15 22.12
CA ASN C 88 20.52 -51.88 20.85
C ASN C 88 21.67 -51.26 20.07
N THR C 89 22.34 -52.04 19.22
CA THR C 89 23.26 -51.46 18.25
C THR C 89 22.78 -51.54 16.79
N SER C 90 21.63 -52.17 16.57
CA SER C 90 21.35 -52.74 15.25
C SER C 90 20.31 -52.03 14.38
N VAL C 91 20.80 -51.42 13.29
CA VAL C 91 19.99 -51.06 12.13
C VAL C 91 18.71 -50.30 12.47
N ILE C 92 17.57 -50.94 12.21
CA ILE C 92 16.25 -50.32 12.31
C ILE C 92 16.03 -49.61 13.64
N GLN C 93 15.39 -48.44 13.57
CA GLN C 93 15.08 -47.66 14.76
C GLN C 93 14.27 -48.48 15.75
N ASP C 94 14.59 -48.34 17.03
CA ASP C 94 13.93 -49.09 18.09
C ASP C 94 12.43 -48.83 18.14
N GLU C 95 12.03 -47.62 17.75
CA GLU C 95 10.61 -47.25 17.66
C GLU C 95 9.87 -48.18 16.71
N VAL C 96 10.24 -48.15 15.44
CA VAL C 96 9.62 -48.98 14.42
C VAL C 96 9.76 -50.48 14.74
N LEU C 97 10.89 -50.84 15.32
CA LEU C 97 11.16 -52.23 15.68
C LEU C 97 10.16 -52.70 16.74
N ALA C 98 9.80 -51.80 17.66
CA ALA C 98 8.83 -52.11 18.70
C ALA C 98 7.45 -52.33 18.12
N HIS C 99 7.16 -51.65 17.02
CA HIS C 99 5.87 -51.76 16.35
C HIS C 99 5.72 -53.13 15.68
N ARG C 100 6.84 -53.70 15.28
CA ARG C 100 6.85 -55.00 14.62
C ARG C 100 6.59 -56.14 15.61
N ILE C 101 7.13 -56.02 16.81
CA ILE C 101 7.03 -57.06 17.82
C ILE C 101 5.65 -57.06 18.50
N GLY C 102 4.99 -55.92 18.49
CA GLY C 102 3.67 -55.81 19.09
C GLY C 102 2.58 -56.37 18.21
N LEU C 103 2.80 -56.32 16.89
CA LEU C 103 1.78 -56.69 15.93
C LEU C 103 1.68 -58.20 15.70
N VAL C 104 2.81 -58.91 15.84
CA VAL C 104 2.86 -60.34 15.52
C VAL C 104 1.85 -61.15 16.34
N PRO C 105 1.02 -61.94 15.65
CA PRO C 105 0.00 -62.79 16.27
C PRO C 105 0.60 -63.85 17.19
N LEU C 106 0.05 -63.95 18.40
CA LEU C 106 0.46 -64.98 19.35
C LEU C 106 -0.66 -66.00 19.48
N LYS C 107 -0.30 -67.28 19.60
CA LYS C 107 -1.32 -68.31 19.72
C LYS C 107 -1.49 -68.76 21.16
N VAL C 108 -2.60 -68.33 21.77
CA VAL C 108 -2.98 -68.77 23.10
C VAL C 108 -4.49 -68.61 23.24
N ASP C 109 -5.13 -69.50 23.99
CA ASP C 109 -6.57 -69.40 24.20
C ASP C 109 -6.91 -68.36 25.27
N PRO C 110 -7.85 -67.47 24.97
CA PRO C 110 -8.29 -66.42 25.91
C PRO C 110 -9.10 -66.99 27.07
N ASP C 111 -9.68 -66.10 27.88
CA ASP C 111 -10.49 -66.46 29.05
C ASP C 111 -9.66 -67.12 30.15
N MET C 112 -8.37 -67.36 29.87
CA MET C 112 -7.45 -67.88 30.87
C MET C 112 -6.71 -66.72 31.52
N LEU C 113 -7.00 -65.51 31.05
CA LEU C 113 -6.38 -64.30 31.56
C LEU C 113 -7.41 -63.43 32.27
N THR C 114 -6.96 -62.27 32.75
CA THR C 114 -7.84 -61.33 33.43
C THR C 114 -7.64 -59.92 32.89
N TRP C 115 -8.71 -59.13 32.90
CA TRP C 115 -8.65 -57.75 32.42
C TRP C 115 -7.88 -56.85 33.37
N VAL C 116 -7.11 -55.93 32.80
CA VAL C 116 -6.42 -54.93 33.59
C VAL C 116 -7.33 -53.71 33.73
N ASP C 117 -6.91 -52.71 34.47
CA ASP C 117 -7.73 -51.53 34.73
C ASP C 117 -6.89 -50.26 34.69
N SER C 118 -7.53 -49.10 34.68
CA SER C 118 -6.78 -47.86 34.82
C SER C 118 -6.93 -47.42 36.27
N ASN C 119 -5.85 -47.65 37.01
CA ASN C 119 -5.84 -47.67 38.46
C ASN C 119 -4.48 -48.22 38.83
N LEU C 120 -4.24 -48.44 40.12
CA LEU C 120 -3.15 -49.32 40.56
C LEU C 120 -1.79 -48.92 39.99
N PRO C 121 -1.22 -47.83 40.53
CA PRO C 121 0.00 -47.17 40.05
C PRO C 121 1.20 -48.10 39.92
N ASP C 122 2.13 -47.73 39.03
CA ASP C 122 3.39 -48.43 38.77
C ASP C 122 3.27 -49.95 38.69
N ASP C 123 4.04 -50.67 39.50
CA ASP C 123 4.17 -52.12 39.37
C ASP C 123 2.88 -52.90 39.66
N GLU C 124 1.87 -52.20 40.16
CA GLU C 124 0.60 -52.84 40.50
C GLU C 124 -0.16 -53.32 39.26
N LYS C 125 0.31 -52.94 38.07
CA LYS C 125 -0.35 -53.31 36.83
C LYS C 125 -0.10 -54.77 36.46
N PHE C 126 1.15 -55.10 36.17
CA PHE C 126 1.49 -56.44 35.70
C PHE C 126 1.89 -57.35 36.86
N THR C 127 1.04 -58.33 37.16
CA THR C 127 1.22 -59.30 38.24
C THR C 127 0.06 -60.28 38.13
N ASP C 128 0.11 -61.37 38.90
CA ASP C 128 -0.82 -62.49 38.75
C ASP C 128 -0.75 -62.91 37.29
N GLU C 129 -1.88 -63.18 36.65
CA GLU C 129 -1.85 -63.19 35.19
C GLU C 129 -2.77 -62.11 34.60
N ASN C 130 -2.18 -60.98 34.24
CA ASN C 130 -2.73 -60.10 33.22
C ASN C 130 -1.90 -60.18 31.94
N THR C 131 -0.80 -60.93 32.02
CA THR C 131 0.32 -60.75 31.11
C THR C 131 1.13 -62.02 30.87
N ILE C 132 1.67 -62.15 29.66
CA ILE C 132 2.64 -63.19 29.35
C ILE C 132 3.92 -62.55 28.81
N VAL C 133 5.03 -62.74 29.52
CA VAL C 133 6.28 -62.10 29.13
C VAL C 133 7.06 -62.92 28.10
N LEU C 134 7.32 -62.30 26.95
CA LEU C 134 8.09 -62.94 25.90
C LEU C 134 9.46 -62.28 25.74
N SER C 135 10.51 -63.03 26.00
CA SER C 135 11.87 -62.50 25.94
C SER C 135 12.60 -62.92 24.67
N LEU C 136 13.41 -62.02 24.13
CA LEU C 136 14.21 -62.33 22.94
C LEU C 136 15.62 -61.73 23.05
N ASN C 137 16.63 -62.57 22.83
CA ASN C 137 18.01 -62.10 22.78
C ASN C 137 18.78 -62.75 21.64
N VAL C 138 19.32 -61.93 20.75
CA VAL C 138 20.06 -62.41 19.59
C VAL C 138 21.29 -61.55 19.31
N LYS C 139 22.44 -62.20 19.15
CA LYS C 139 23.66 -61.51 18.74
C LYS C 139 24.23 -62.16 17.49
N CYS C 140 24.77 -61.35 16.58
CA CYS C 140 25.30 -61.87 15.33
C CYS C 140 26.78 -62.18 15.43
N THR C 141 27.12 -63.46 15.27
CA THR C 141 28.51 -63.89 15.26
C THR C 141 28.97 -64.14 13.83
N ARG C 142 30.14 -63.63 13.47
CA ARG C 142 30.68 -63.82 12.13
C ARG C 142 30.99 -65.29 11.91
N ASN C 143 30.45 -65.85 10.84
CA ASN C 143 30.56 -67.28 10.57
C ASN C 143 31.93 -67.69 10.04
N PRO C 144 32.60 -68.62 10.74
CA PRO C 144 33.92 -69.12 10.38
C PRO C 144 33.88 -70.27 9.38
N ASP C 145 33.17 -70.08 8.27
CA ASP C 145 33.16 -71.05 7.19
C ASP C 145 33.55 -70.36 5.90
N ALA C 146 33.92 -71.12 4.87
CA ALA C 146 34.38 -70.51 3.63
C ALA C 146 33.65 -70.99 2.36
N PRO C 147 32.32 -70.79 2.28
CA PRO C 147 31.71 -70.85 0.95
C PRO C 147 32.00 -69.56 0.21
N LYS C 148 31.90 -69.56 -1.12
CA LYS C 148 32.17 -68.36 -1.90
C LYS C 148 31.19 -67.24 -1.52
N GLY C 149 31.75 -66.07 -1.21
CA GLY C 149 30.97 -64.98 -0.65
C GLY C 149 30.19 -64.17 -1.67
N SER C 150 29.85 -62.94 -1.27
CA SER C 150 29.01 -62.04 -2.06
C SER C 150 27.70 -62.72 -2.47
N THR C 151 26.91 -63.09 -1.46
CA THR C 151 25.64 -63.78 -1.68
C THR C 151 24.67 -63.50 -0.53
N ASP C 152 23.55 -64.23 -0.54
CA ASP C 152 22.60 -64.20 0.57
C ASP C 152 23.26 -64.72 1.83
N PRO C 153 22.91 -64.15 3.00
CA PRO C 153 23.49 -64.62 4.26
C PRO C 153 23.01 -66.03 4.65
N LYS C 154 23.21 -66.99 3.75
CA LYS C 154 22.88 -68.38 4.00
C LYS C 154 23.98 -69.06 4.81
N GLU C 155 25.20 -68.59 4.62
CA GLU C 155 26.38 -69.17 5.26
C GLU C 155 27.20 -68.11 5.97
N LEU C 156 27.69 -67.13 5.21
CA LEU C 156 28.66 -66.14 5.67
C LEU C 156 28.32 -65.48 7.00
N TYR C 157 27.03 -65.32 7.28
CA TYR C 157 26.61 -64.73 8.56
C TYR C 157 25.61 -65.63 9.28
N ASN C 158 26.02 -66.13 10.44
CA ASN C 158 25.16 -66.98 11.26
C ASN C 158 23.98 -66.21 11.84
N ASN C 159 22.79 -66.80 11.77
CA ASN C 159 21.54 -66.23 12.28
C ASN C 159 21.38 -64.75 11.90
N ALA C 160 21.71 -64.42 10.66
CA ALA C 160 21.66 -63.05 10.18
C ALA C 160 20.24 -62.51 10.12
N HIS C 161 19.26 -63.41 10.10
CA HIS C 161 17.86 -63.01 10.06
C HIS C 161 17.10 -63.56 11.26
N VAL C 162 16.60 -62.67 12.11
CA VAL C 162 15.81 -63.10 13.25
C VAL C 162 14.38 -63.39 12.80
N TYR C 163 13.82 -64.48 13.33
CA TYR C 163 12.49 -64.93 12.94
C TYR C 163 11.59 -65.06 14.16
N ALA C 164 10.29 -65.18 13.92
CA ALA C 164 9.31 -65.29 15.01
C ALA C 164 9.60 -66.47 15.93
N ARG C 165 10.36 -67.45 15.44
CA ARG C 165 10.74 -68.62 16.23
C ARG C 165 11.78 -68.27 17.29
N ASP C 166 12.29 -67.04 17.23
CA ASP C 166 13.30 -66.58 18.19
C ASP C 166 12.63 -65.99 19.43
N LEU C 167 11.31 -66.03 19.46
CA LEU C 167 10.56 -65.59 20.63
C LEU C 167 10.33 -66.77 21.56
N LYS C 168 10.94 -66.70 22.75
CA LYS C 168 10.82 -67.79 23.72
C LYS C 168 9.98 -67.36 24.92
N PHE C 169 9.13 -68.28 25.38
CA PHE C 169 8.20 -67.99 26.48
C PHE C 169 8.85 -68.17 27.84
N GLU C 170 8.75 -67.13 28.66
CA GLU C 170 9.22 -67.19 30.04
C GLU C 170 8.05 -67.18 31.00
N PRO C 171 7.91 -68.24 31.81
CA PRO C 171 6.80 -68.36 32.76
C PRO C 171 6.87 -67.33 33.90
N GLN C 172 5.88 -67.37 34.78
CA GLN C 172 5.86 -66.50 35.95
C GLN C 172 5.83 -67.34 37.22
N GLY C 173 6.65 -66.95 38.20
CA GLY C 173 6.88 -67.75 39.39
C GLY C 173 5.67 -68.29 40.13
N ARG C 174 4.62 -67.48 40.23
CA ARG C 174 3.42 -67.87 40.97
C ARG C 174 2.62 -68.96 40.25
N GLN C 175 2.31 -68.72 38.99
CA GLN C 175 1.43 -69.58 38.20
C GLN C 175 2.20 -70.62 37.39
N SER C 176 3.50 -70.72 37.64
CA SER C 176 4.48 -71.27 36.69
C SER C 176 4.05 -72.55 35.96
N THR C 177 3.23 -73.38 36.61
CA THR C 177 2.62 -74.50 35.92
C THR C 177 1.91 -74.03 34.64
N THR C 178 0.98 -73.08 34.77
CA THR C 178 0.31 -72.43 33.64
C THR C 178 -0.18 -73.36 32.53
N PHE C 179 0.31 -73.09 31.33
CA PHE C 179 -0.12 -73.74 30.09
C PHE C 179 0.71 -74.97 29.75
N ALA C 180 1.54 -75.41 30.68
CA ALA C 180 2.64 -76.35 30.41
C ALA C 180 2.28 -77.55 29.55
N ASP C 181 1.00 -77.94 29.54
CA ASP C 181 0.52 -78.91 28.58
C ASP C 181 0.87 -78.45 27.16
N CYS C 182 0.19 -77.39 26.70
CA CYS C 182 0.57 -76.73 25.46
C CYS C 182 0.96 -75.26 25.74
N PRO C 183 2.26 -74.94 25.60
CA PRO C 183 2.72 -73.58 25.87
C PRO C 183 2.22 -72.57 24.83
N VAL C 184 2.58 -71.31 25.00
CA VAL C 184 2.14 -70.26 24.08
C VAL C 184 3.17 -70.07 22.97
N VAL C 185 2.69 -69.83 21.75
CA VAL C 185 3.57 -69.77 20.60
C VAL C 185 3.21 -68.64 19.62
N PRO C 186 4.23 -68.10 18.95
CA PRO C 186 4.12 -67.18 17.80
C PRO C 186 3.68 -67.94 16.55
N ALA C 187 2.37 -68.08 16.37
CA ALA C 187 1.76 -69.02 15.43
C ALA C 187 2.48 -69.11 14.09
N ASP C 188 2.51 -68.02 13.33
CA ASP C 188 3.29 -68.00 12.10
C ASP C 188 4.78 -67.96 12.47
N PRO C 189 5.49 -69.05 12.18
CA PRO C 189 6.86 -69.28 12.68
C PRO C 189 7.94 -68.40 12.07
N ASP C 190 7.76 -67.98 10.81
CA ASP C 190 8.80 -67.24 10.11
C ASP C 190 8.38 -65.81 9.79
N ILE C 191 8.99 -64.84 10.47
CA ILE C 191 8.68 -63.44 10.22
C ILE C 191 9.98 -62.63 10.09
N LEU C 192 9.94 -61.61 9.24
CA LEU C 192 11.12 -60.86 8.80
C LEU C 192 11.48 -59.64 9.64
N LEU C 193 10.86 -59.50 10.82
CA LEU C 193 10.80 -58.24 11.56
C LEU C 193 12.11 -57.45 11.60
N ALA C 194 13.23 -58.14 11.73
CA ALA C 194 14.52 -57.46 11.73
C ALA C 194 15.61 -58.25 11.01
N LYS C 195 16.52 -57.53 10.36
CA LYS C 195 17.72 -58.13 9.80
C LYS C 195 18.93 -57.55 10.54
N LEU C 196 20.12 -58.03 10.20
CA LEU C 196 21.33 -57.63 10.93
C LEU C 196 22.62 -58.19 10.34
N ARG C 197 23.74 -57.70 10.85
CA ARG C 197 25.07 -58.09 10.41
C ARG C 197 26.01 -58.15 11.62
N PRO C 198 27.12 -58.90 11.53
CA PRO C 198 28.02 -59.11 12.68
C PRO C 198 28.44 -57.81 13.37
N GLY C 199 28.43 -57.84 14.70
CA GLY C 199 28.70 -56.66 15.49
C GLY C 199 27.41 -56.03 15.99
N GLN C 200 26.30 -56.75 15.84
CA GLN C 200 25.00 -56.24 16.23
C GLN C 200 24.25 -57.22 17.14
N GLU C 201 23.48 -56.67 18.08
CA GLU C 201 22.78 -57.47 19.07
C GLU C 201 21.42 -56.86 19.44
N ILE C 202 20.43 -57.72 19.64
CA ILE C 202 19.11 -57.27 20.06
C ILE C 202 18.62 -58.07 21.27
N SER C 203 18.38 -57.39 22.38
CA SER C 203 17.92 -58.04 23.60
C SER C 203 16.74 -57.30 24.22
N LEU C 204 15.61 -57.98 24.33
CA LEU C 204 14.41 -57.37 24.90
C LEU C 204 13.43 -58.42 25.42
N LYS C 205 12.55 -58.00 26.32
CA LYS C 205 11.41 -58.84 26.72
C LYS C 205 10.12 -58.02 26.73
N ALA C 206 9.20 -58.37 25.85
CA ALA C 206 7.93 -57.67 25.72
C ALA C 206 6.91 -58.10 26.77
N HIS C 207 5.98 -57.20 27.08
CA HIS C 207 4.87 -57.52 27.97
C HIS C 207 3.56 -57.67 27.19
N CYS C 208 2.86 -58.77 27.43
CA CYS C 208 1.59 -59.03 26.76
C CYS C 208 0.45 -58.32 27.48
N ILE C 209 -0.77 -58.58 27.05
CA ILE C 209 -1.96 -57.95 27.64
C ILE C 209 -3.24 -58.48 26.99
N LEU C 210 -4.37 -58.25 27.66
CA LEU C 210 -5.68 -58.57 27.12
C LEU C 210 -6.30 -57.29 26.55
N GLY C 211 -6.80 -57.35 25.32
CA GLY C 211 -7.33 -56.17 24.67
C GLY C 211 -8.46 -56.43 23.71
N ILE C 212 -9.13 -55.36 23.30
CA ILE C 212 -10.25 -55.44 22.38
C ILE C 212 -9.92 -54.71 21.07
N GLY C 213 -10.35 -55.30 19.95
CA GLY C 213 -10.05 -54.76 18.63
C GLY C 213 -10.57 -53.36 18.37
N GLY C 214 -11.48 -52.89 19.21
CA GLY C 214 -12.06 -51.58 19.04
C GLY C 214 -11.11 -50.42 19.31
N ASP C 215 -9.92 -50.74 19.80
CA ASP C 215 -8.92 -49.73 20.11
C ASP C 215 -7.74 -49.80 19.14
N HIS C 216 -6.98 -50.88 19.20
CA HIS C 216 -5.81 -51.05 18.35
C HIS C 216 -6.03 -52.17 17.34
N ALA C 217 -5.38 -52.06 16.18
CA ALA C 217 -5.58 -53.01 15.09
C ALA C 217 -4.92 -54.36 15.37
N LYS C 218 -3.89 -54.36 16.21
CA LYS C 218 -3.15 -55.60 16.52
C LYS C 218 -3.94 -56.50 17.45
N PHE C 219 -5.04 -55.97 17.98
CA PHE C 219 -5.87 -56.70 18.94
C PHE C 219 -6.82 -57.69 18.26
N SER C 220 -7.73 -57.18 17.43
CA SER C 220 -8.78 -57.99 16.81
C SER C 220 -8.25 -59.25 16.15
N PRO C 221 -8.78 -60.41 16.56
CA PRO C 221 -8.30 -61.74 16.17
C PRO C 221 -8.52 -62.06 14.68
N VAL C 222 -9.67 -61.66 14.15
CA VAL C 222 -10.03 -61.99 12.78
C VAL C 222 -9.22 -61.19 11.76
N SER C 223 -8.57 -61.90 10.85
CA SER C 223 -7.82 -61.27 9.79
C SER C 223 -8.76 -60.64 8.77
N THR C 224 -9.72 -61.43 8.29
CA THR C 224 -10.71 -60.93 7.33
C THR C 224 -12.12 -61.39 7.72
N ALA C 225 -13.00 -60.42 7.95
CA ALA C 225 -14.39 -60.72 8.31
C ALA C 225 -15.35 -60.02 7.36
N SER C 226 -16.15 -60.81 6.65
CA SER C 226 -17.12 -60.27 5.70
C SER C 226 -18.24 -61.25 5.40
N TYR C 227 -19.18 -60.83 4.56
CA TYR C 227 -20.26 -61.68 4.11
C TYR C 227 -20.69 -61.28 2.71
N ARG C 228 -21.27 -62.22 1.97
CA ARG C 228 -21.66 -61.95 0.58
C ARG C 228 -23.11 -62.36 0.31
N LEU C 229 -23.81 -61.55 -0.47
CA LEU C 229 -25.17 -61.85 -0.88
C LEU C 229 -25.14 -62.94 -1.95
N LEU C 230 -26.14 -63.82 -1.93
CA LEU C 230 -26.17 -64.94 -2.86
C LEU C 230 -26.69 -64.53 -4.23
N PRO C 231 -25.87 -64.71 -5.27
CA PRO C 231 -26.21 -64.36 -6.66
C PRO C 231 -27.28 -65.29 -7.23
N GLN C 232 -28.17 -64.73 -8.05
CA GLN C 232 -29.19 -65.52 -8.73
C GLN C 232 -29.28 -65.15 -10.22
N ILE C 233 -29.00 -66.13 -11.07
CA ILE C 233 -29.04 -65.91 -12.51
C ILE C 233 -30.28 -66.56 -13.14
N ASN C 234 -31.20 -65.72 -13.61
CA ASN C 234 -32.42 -66.21 -14.21
C ASN C 234 -32.47 -65.88 -15.70
N ILE C 235 -32.56 -66.91 -16.54
CA ILE C 235 -32.61 -66.71 -17.98
C ILE C 235 -34.00 -66.98 -18.54
N LEU C 236 -34.37 -66.24 -19.58
CA LEU C 236 -35.65 -66.42 -20.25
C LEU C 236 -35.42 -66.64 -21.74
N GLN C 237 -36.45 -67.15 -22.42
CA GLN C 237 -36.41 -67.43 -23.86
C GLN C 237 -35.45 -68.58 -24.21
N PRO C 238 -35.63 -69.20 -25.39
CA PRO C 238 -34.81 -70.34 -25.81
C PRO C 238 -33.29 -70.09 -25.83
N ILE C 239 -32.84 -68.96 -26.37
CA ILE C 239 -31.42 -68.56 -26.46
C ILE C 239 -30.61 -69.50 -27.35
N LYS C 240 -31.27 -70.52 -27.90
CA LYS C 240 -30.61 -71.62 -28.61
C LYS C 240 -29.81 -71.20 -29.82
N GLY C 241 -28.87 -72.05 -30.22
CA GLY C 241 -27.96 -71.76 -31.32
C GLY C 241 -26.59 -71.31 -30.85
N GLU C 242 -25.85 -70.67 -31.76
CA GLU C 242 -24.47 -70.24 -31.50
C GLU C 242 -24.38 -69.27 -30.32
N SER C 243 -25.49 -68.61 -30.01
CA SER C 243 -25.54 -67.64 -28.91
C SER C 243 -25.24 -68.31 -27.56
N ALA C 244 -25.49 -69.61 -27.47
CA ALA C 244 -25.23 -70.35 -26.25
C ALA C 244 -23.74 -70.42 -25.95
N ARG C 245 -22.94 -70.58 -27.00
CA ARG C 245 -21.49 -70.63 -26.87
C ARG C 245 -20.94 -69.27 -26.43
N ARG C 246 -21.52 -68.20 -26.97
CA ARG C 246 -21.11 -66.85 -26.65
C ARG C 246 -21.61 -66.44 -25.26
N PHE C 247 -22.74 -67.02 -24.86
CA PHE C 247 -23.35 -66.75 -23.56
C PHE C 247 -22.39 -67.06 -22.40
N GLN C 248 -22.03 -68.33 -22.26
CA GLN C 248 -21.18 -68.78 -21.17
C GLN C 248 -19.75 -68.25 -21.27
N LYS C 249 -19.37 -67.75 -22.45
CA LYS C 249 -18.02 -67.25 -22.68
C LYS C 249 -17.75 -65.95 -21.94
N CYS C 250 -18.70 -65.03 -21.99
CA CYS C 250 -18.57 -63.72 -21.34
C CYS C 250 -18.56 -63.85 -19.82
N PHE C 251 -19.28 -64.85 -19.34
CA PHE C 251 -19.44 -65.09 -17.91
C PHE C 251 -18.15 -65.66 -17.28
N PRO C 252 -18.14 -65.87 -15.95
CA PRO C 252 -16.98 -66.53 -15.33
C PRO C 252 -16.77 -67.97 -15.85
N PRO C 253 -15.68 -68.65 -15.44
CA PRO C 253 -15.44 -69.96 -16.04
C PRO C 253 -16.51 -71.04 -15.78
N GLY C 254 -16.89 -71.25 -14.53
CA GLY C 254 -17.83 -72.32 -14.24
C GLY C 254 -19.26 -72.05 -14.70
N VAL C 255 -19.86 -71.00 -14.14
CA VAL C 255 -21.15 -70.43 -14.55
C VAL C 255 -22.19 -71.52 -14.94
N ILE C 256 -22.79 -71.41 -16.12
CA ILE C 256 -23.75 -72.36 -16.64
C ILE C 256 -23.07 -73.35 -17.58
N GLY C 257 -23.86 -74.20 -18.23
CA GLY C 257 -23.31 -75.19 -19.13
C GLY C 257 -24.25 -75.53 -20.27
N ILE C 258 -23.74 -76.25 -21.26
CA ILE C 258 -24.53 -76.62 -22.43
C ILE C 258 -24.58 -78.13 -22.63
N ASP C 259 -25.77 -78.71 -22.48
CA ASP C 259 -25.97 -80.14 -22.72
C ASP C 259 -25.60 -80.51 -24.15
N GLU C 260 -26.41 -80.03 -25.10
CA GLU C 260 -26.18 -80.27 -26.51
C GLU C 260 -26.49 -79.00 -27.29
N GLY C 261 -26.31 -79.02 -28.60
CA GLY C 261 -26.58 -77.87 -29.44
C GLY C 261 -28.05 -77.49 -29.46
N SER C 262 -28.90 -78.43 -29.07
CA SER C 262 -30.34 -78.21 -29.08
C SER C 262 -30.83 -77.39 -27.88
N ASP C 263 -31.97 -76.74 -28.08
CA ASP C 263 -32.75 -76.02 -27.07
C ASP C 263 -31.97 -75.06 -26.17
N GLU C 264 -32.32 -75.03 -24.88
CA GLU C 264 -31.90 -73.94 -24.01
C GLU C 264 -30.87 -74.35 -22.96
N ALA C 265 -30.03 -73.39 -22.59
CA ALA C 265 -28.99 -73.60 -21.59
C ALA C 265 -29.57 -73.78 -20.20
N TYR C 266 -28.82 -74.47 -19.34
CA TYR C 266 -29.22 -74.66 -17.95
C TYR C 266 -28.10 -74.22 -17.02
N VAL C 267 -28.45 -73.94 -15.77
CA VAL C 267 -27.48 -73.38 -14.82
C VAL C 267 -26.73 -74.47 -14.06
N LYS C 268 -25.40 -74.42 -14.15
CA LYS C 268 -24.54 -75.31 -13.37
C LYS C 268 -24.37 -74.74 -11.96
N ASP C 269 -23.41 -75.29 -11.22
CA ASP C 269 -23.16 -74.86 -9.85
C ASP C 269 -22.98 -73.35 -9.74
N ALA C 270 -23.71 -72.74 -8.81
CA ALA C 270 -23.67 -71.30 -8.61
C ALA C 270 -22.57 -70.90 -7.63
N ARG C 271 -22.62 -69.65 -7.19
CA ARG C 271 -21.68 -69.10 -6.19
C ARG C 271 -20.27 -68.92 -6.75
N LYS C 272 -20.07 -69.33 -7.99
CA LYS C 272 -18.81 -69.09 -8.69
C LYS C 272 -18.86 -67.78 -9.46
N ASP C 273 -20.00 -67.11 -9.37
CA ASP C 273 -20.22 -65.85 -10.08
C ASP C 273 -20.00 -64.64 -9.18
N THR C 274 -19.25 -63.67 -9.68
CA THR C 274 -18.97 -62.44 -8.94
C THR C 274 -19.97 -61.35 -9.32
N VAL C 275 -20.90 -61.70 -10.21
CA VAL C 275 -21.91 -60.77 -10.71
C VAL C 275 -21.26 -59.53 -11.32
N SER C 276 -20.62 -59.71 -12.48
CA SER C 276 -19.93 -58.62 -13.14
C SER C 276 -20.80 -57.94 -14.19
N ARG C 277 -22.02 -58.46 -14.36
CA ARG C 277 -23.09 -57.85 -15.19
C ARG C 277 -22.61 -57.34 -16.55
N GLU C 278 -21.74 -58.10 -17.20
CA GLU C 278 -21.16 -57.68 -18.48
C GLU C 278 -22.11 -57.89 -19.65
N VAL C 279 -23.04 -58.84 -19.49
CA VAL C 279 -23.95 -59.22 -20.58
C VAL C 279 -24.96 -58.14 -20.92
N LEU C 280 -25.02 -57.09 -20.09
CA LEU C 280 -25.97 -56.01 -20.31
C LEU C 280 -25.53 -55.07 -21.43
N ARG C 281 -24.29 -55.22 -21.86
CA ARG C 281 -23.75 -54.41 -22.95
C ARG C 281 -23.97 -55.09 -24.31
N TYR C 282 -24.41 -56.33 -24.25
CA TYR C 282 -24.44 -57.22 -25.42
C TYR C 282 -25.74 -57.19 -26.22
N GLU C 283 -26.63 -56.25 -25.90
CA GLU C 283 -27.91 -56.14 -26.61
C GLU C 283 -28.74 -57.41 -26.44
N GLU C 284 -28.93 -58.15 -27.53
CA GLU C 284 -29.84 -59.30 -27.58
C GLU C 284 -29.74 -60.23 -26.37
N PHE C 285 -28.52 -60.42 -25.86
CA PHE C 285 -28.33 -61.15 -24.61
C PHE C 285 -29.06 -60.49 -23.45
N ALA C 286 -28.91 -59.17 -23.33
CA ALA C 286 -29.47 -58.43 -22.20
C ALA C 286 -30.98 -58.32 -22.26
N ASP C 287 -31.55 -58.54 -23.43
CA ASP C 287 -32.99 -58.41 -23.63
C ASP C 287 -33.78 -59.44 -22.82
N LYS C 288 -33.43 -60.70 -22.99
CA LYS C 288 -34.16 -61.80 -22.37
C LYS C 288 -33.55 -62.29 -21.07
N VAL C 289 -32.42 -61.70 -20.68
CA VAL C 289 -31.71 -62.14 -19.48
C VAL C 289 -31.82 -61.12 -18.35
N LYS C 290 -32.27 -61.58 -17.19
CA LYS C 290 -32.40 -60.74 -16.00
C LYS C 290 -31.47 -61.21 -14.89
N LEU C 291 -30.94 -60.27 -14.12
CA LEU C 291 -30.09 -60.59 -12.99
C LEU C 291 -30.70 -60.07 -11.69
N GLY C 292 -30.46 -60.78 -10.60
CA GLY C 292 -30.99 -60.40 -9.30
C GLY C 292 -30.40 -61.23 -8.17
N ARG C 293 -30.64 -60.80 -6.94
CA ARG C 293 -30.13 -61.51 -5.77
C ARG C 293 -31.22 -61.62 -4.71
N VAL C 294 -31.00 -62.49 -3.72
CA VAL C 294 -32.00 -62.71 -2.67
C VAL C 294 -31.53 -62.13 -1.34
N ARG C 295 -32.32 -61.22 -0.79
CA ARG C 295 -31.94 -60.46 0.40
C ARG C 295 -31.82 -61.30 1.66
N ASN C 296 -32.57 -62.41 1.72
CA ASN C 296 -32.52 -63.29 2.87
C ASN C 296 -31.26 -64.16 2.89
N HIS C 297 -31.12 -65.00 1.86
CA HIS C 297 -29.99 -65.91 1.74
C HIS C 297 -28.65 -65.18 1.79
N PHE C 298 -27.78 -65.62 2.70
CA PHE C 298 -26.48 -65.00 2.88
C PHE C 298 -25.34 -66.00 2.74
N ILE C 299 -24.13 -65.50 2.53
CA ILE C 299 -22.93 -66.32 2.49
C ILE C 299 -21.83 -65.66 3.31
N PHE C 300 -21.35 -66.35 4.34
CA PHE C 300 -20.35 -65.78 5.25
C PHE C 300 -19.01 -66.48 5.15
N ASN C 301 -18.04 -65.95 5.91
CA ASN C 301 -16.70 -66.54 6.05
C ASN C 301 -15.86 -65.71 7.02
N VAL C 302 -14.81 -66.32 7.55
CA VAL C 302 -13.92 -65.63 8.48
C VAL C 302 -12.48 -66.13 8.34
N GLU C 303 -11.53 -65.21 8.31
CA GLU C 303 -10.12 -65.56 8.31
C GLU C 303 -9.52 -65.35 9.70
N SER C 304 -9.13 -66.45 10.34
CA SER C 304 -8.60 -66.40 11.69
C SER C 304 -7.06 -66.32 11.69
N ALA C 305 -6.53 -65.55 12.62
CA ALA C 305 -5.07 -65.35 12.72
C ALA C 305 -4.39 -66.54 13.40
N GLY C 306 -5.18 -67.46 13.93
CA GLY C 306 -4.63 -68.63 14.61
C GLY C 306 -4.82 -68.58 16.11
N ALA C 307 -5.32 -67.45 16.61
CA ALA C 307 -5.56 -67.28 18.03
C ALA C 307 -6.59 -68.26 18.57
N MET C 308 -7.45 -68.75 17.68
CA MET C 308 -8.52 -69.67 18.04
C MET C 308 -9.28 -70.13 16.80
N THR C 309 -10.07 -71.19 16.95
CA THR C 309 -10.85 -71.72 15.84
C THR C 309 -12.03 -70.79 15.52
N PRO C 310 -12.32 -70.60 14.23
CA PRO C 310 -13.37 -69.70 13.76
C PRO C 310 -14.78 -70.10 14.23
N GLU C 311 -14.98 -71.35 14.59
CA GLU C 311 -16.27 -71.79 15.11
C GLU C 311 -16.51 -71.19 16.50
N GLU C 312 -15.42 -70.90 17.19
CA GLU C 312 -15.50 -70.24 18.50
C GLU C 312 -15.73 -68.75 18.32
N ILE C 313 -15.12 -68.19 17.26
CA ILE C 313 -15.28 -66.78 16.92
C ILE C 313 -16.75 -66.38 16.77
N PHE C 314 -17.43 -67.00 15.80
CA PHE C 314 -18.81 -66.69 15.51
C PHE C 314 -19.74 -66.95 16.71
N PHE C 315 -19.42 -67.96 17.51
CA PHE C 315 -20.25 -68.31 18.65
C PHE C 315 -20.11 -67.28 19.77
N LYS C 316 -18.88 -66.86 20.04
CA LYS C 316 -18.63 -65.82 21.04
C LYS C 316 -19.24 -64.49 20.58
N SER C 317 -19.29 -64.31 19.26
CA SER C 317 -19.87 -63.11 18.67
C SER C 317 -21.35 -62.98 18.99
N VAL C 318 -22.03 -64.12 19.13
CA VAL C 318 -23.46 -64.14 19.41
C VAL C 318 -23.76 -63.76 20.85
N ARG C 319 -23.03 -64.37 21.79
CA ARG C 319 -23.31 -64.17 23.21
C ARG C 319 -22.93 -62.77 23.70
N ILE C 320 -21.97 -62.14 23.04
CA ILE C 320 -21.60 -60.78 23.40
C ILE C 320 -22.75 -59.82 23.07
N LEU C 321 -23.37 -60.05 21.92
CA LEU C 321 -24.56 -59.28 21.53
C LEU C 321 -25.71 -59.61 22.48
N LYS C 322 -25.69 -60.83 23.01
CA LYS C 322 -26.71 -61.29 23.96
C LYS C 322 -26.51 -60.66 25.34
N ASN C 323 -25.25 -60.56 25.77
CA ASN C 323 -24.93 -60.03 27.09
C ASN C 323 -25.17 -58.53 27.21
N LYS C 324 -24.83 -57.80 26.15
CA LYS C 324 -24.96 -56.34 26.17
C LYS C 324 -26.43 -55.91 26.21
N ALA C 325 -27.31 -56.79 25.75
CA ALA C 325 -28.74 -56.53 25.79
C ALA C 325 -29.28 -56.80 27.20
N GLU C 326 -28.80 -57.87 27.82
CA GLU C 326 -29.17 -58.23 29.18
C GLU C 326 -28.87 -57.11 30.17
N TYR C 327 -27.58 -56.77 30.28
CA TYR C 327 -27.11 -55.69 31.15
C TYR C 327 -27.85 -54.38 30.89
N LEU C 328 -28.23 -54.16 29.64
CA LEU C 328 -28.97 -52.97 29.25
C LEU C 328 -30.38 -52.95 29.86
N LYS C 329 -31.01 -54.12 29.91
CA LYS C 329 -32.39 -54.22 30.40
C LYS C 329 -32.47 -54.19 31.93
N ASN C 330 -31.48 -54.80 32.58
CA ASN C 330 -31.49 -54.93 34.03
C ASN C 330 -31.33 -53.61 34.76
N CYS C 331 -30.84 -52.59 34.05
CA CYS C 331 -30.66 -51.26 34.64
C CYS C 331 -31.92 -50.43 34.46
N PRO C 332 -32.42 -49.84 35.57
CA PRO C 332 -33.63 -49.03 35.57
C PRO C 332 -33.47 -47.71 34.81
N ILE C 333 -34.60 -47.11 34.44
CA ILE C 333 -34.60 -45.85 33.70
C ILE C 333 -34.53 -44.66 34.65
N THR C 334 -33.57 -43.77 34.41
CA THR C 334 -33.38 -42.59 35.25
C THR C 334 -33.65 -41.32 34.47
N GLN C 335 -34.15 -40.30 35.14
CA GLN C 335 -34.39 -39.00 34.51
C GLN C 335 -33.17 -38.10 34.61
N MET D 1 -13.41 23.16 44.35
CA MET D 1 -14.59 23.00 43.51
C MET D 1 -15.36 24.32 43.44
N LYS D 2 -16.24 24.43 42.44
CA LYS D 2 -16.99 25.66 42.19
C LYS D 2 -17.78 26.14 43.40
N VAL D 3 -17.72 27.45 43.66
CA VAL D 3 -18.42 28.06 44.78
C VAL D 3 -19.44 29.09 44.26
N LEU D 4 -20.68 28.97 44.74
CA LEU D 4 -21.77 29.80 44.23
C LEU D 4 -21.97 31.11 44.99
N GLU D 5 -21.24 31.29 46.08
CA GLU D 5 -21.31 32.51 46.90
C GLU D 5 -20.32 32.46 48.05
N GLU D 6 -19.94 33.63 48.56
CA GLU D 6 -19.08 33.72 49.73
C GLU D 6 -19.75 33.10 50.95
N ARG D 7 -20.79 33.77 51.44
CA ARG D 7 -21.45 33.40 52.68
C ARG D 7 -22.96 33.57 52.60
N ASN D 8 -23.71 32.54 52.95
CA ASN D 8 -25.16 32.60 53.00
C ASN D 8 -25.62 33.21 54.32
N ALA D 9 -26.92 33.09 54.62
CA ALA D 9 -27.49 33.62 55.86
C ALA D 9 -26.70 33.16 57.08
N PHE D 10 -26.45 34.10 57.99
CA PHE D 10 -25.56 33.86 59.12
C PHE D 10 -26.05 32.74 60.04
N LEU D 11 -25.18 31.76 60.28
CA LEU D 11 -25.52 30.65 61.16
C LEU D 11 -24.64 30.65 62.40
N SER D 12 -25.21 30.99 63.55
CA SER D 12 -24.47 30.92 64.81
C SER D 12 -24.52 29.49 65.32
N ASP D 13 -24.05 29.27 66.55
CA ASP D 13 -24.09 27.92 67.08
C ASP D 13 -25.23 27.72 68.07
N TYR D 14 -26.30 27.09 67.59
CA TYR D 14 -27.28 26.42 68.44
C TYR D 14 -27.62 25.07 67.80
N GLU D 15 -28.26 25.18 66.63
CA GLU D 15 -28.76 24.02 65.89
C GLU D 15 -27.64 23.12 65.37
N VAL D 16 -26.41 23.58 65.48
CA VAL D 16 -25.25 22.74 65.19
C VAL D 16 -25.35 21.47 66.03
N LEU D 17 -25.32 21.63 67.35
CA LEU D 17 -25.52 20.53 68.28
C LEU D 17 -26.82 19.77 67.99
N LYS D 18 -27.86 20.51 67.60
CA LYS D 18 -29.17 19.93 67.33
C LYS D 18 -29.16 19.03 66.09
N PHE D 19 -28.57 19.51 65.00
CA PHE D 19 -28.55 18.75 63.75
C PHE D 19 -27.33 17.85 63.64
N LEU D 20 -26.37 18.01 64.54
CA LEU D 20 -25.28 17.03 64.65
C LEU D 20 -25.69 15.96 65.64
N THR D 21 -26.83 16.18 66.29
CA THR D 21 -27.48 15.14 67.07
C THR D 21 -28.21 14.23 66.09
N ASP D 22 -28.54 14.78 64.92
CA ASP D 22 -29.12 14.00 63.83
C ASP D 22 -28.05 13.17 63.15
N LEU D 23 -26.87 13.76 62.96
CA LEU D 23 -25.71 13.04 62.47
C LEU D 23 -25.33 11.98 63.49
N GLU D 24 -25.44 12.36 64.76
CA GLU D 24 -25.33 11.42 65.87
C GLU D 24 -26.35 10.29 65.72
N LYS D 25 -27.63 10.67 65.75
CA LYS D 25 -28.75 9.73 65.68
C LYS D 25 -28.60 8.68 64.58
N LYS D 26 -28.06 9.10 63.45
CA LYS D 26 -27.93 8.21 62.30
C LYS D 26 -26.83 7.19 62.53
N HIS D 27 -25.58 7.63 62.65
CA HIS D 27 -24.48 6.69 62.82
C HIS D 27 -24.12 6.45 64.28
N LEU D 28 -24.51 5.28 64.77
CA LEU D 28 -24.06 4.70 66.05
C LEU D 28 -24.48 5.49 67.29
N TRP D 29 -24.84 6.76 67.10
CA TRP D 29 -25.26 7.70 68.14
C TRP D 29 -24.47 7.57 69.46
N ASP D 30 -23.16 7.37 69.30
CA ASP D 30 -22.16 7.46 70.38
C ASP D 30 -22.48 6.73 71.68
N GLN D 31 -22.45 7.49 72.78
CA GLN D 31 -22.38 6.95 74.14
C GLN D 31 -23.43 5.90 74.49
N LYS D 32 -24.58 5.96 73.83
CA LYS D 32 -25.66 5.04 74.15
C LYS D 32 -25.41 3.64 73.59
N SER D 33 -25.29 3.53 72.27
CA SER D 33 -25.11 2.24 71.62
C SER D 33 -23.70 1.65 71.80
N LEU D 34 -22.80 2.41 72.42
CA LEU D 34 -21.44 1.94 72.67
C LEU D 34 -21.44 0.69 73.56
N ALA D 35 -22.46 0.56 74.41
CA ALA D 35 -22.59 -0.61 75.27
C ALA D 35 -23.21 -1.77 74.50
N PRO D 53 -16.62 6.40 57.71
CA PRO D 53 -15.72 6.64 58.84
C PRO D 53 -14.93 7.95 58.69
N GLU D 54 -14.03 8.19 59.64
CA GLU D 54 -13.24 9.42 59.72
C GLU D 54 -14.12 10.65 59.83
N LEU D 55 -15.35 10.46 60.29
CA LEU D 55 -16.23 11.57 60.63
C LEU D 55 -16.16 11.81 62.13
N GLN D 56 -15.40 10.97 62.81
CA GLN D 56 -15.29 11.02 64.26
C GLN D 56 -14.45 12.21 64.71
N GLY D 57 -13.66 12.74 63.78
CA GLY D 57 -12.81 13.89 64.07
C GLY D 57 -13.61 15.09 64.51
N ILE D 58 -14.58 15.48 63.69
CA ILE D 58 -15.44 16.62 64.01
C ILE D 58 -16.57 16.23 64.97
N THR D 59 -16.97 14.96 64.95
CA THR D 59 -18.12 14.51 65.72
C THR D 59 -17.89 14.62 67.23
N ARG D 60 -16.83 14.00 67.72
CA ARG D 60 -16.51 14.04 69.15
C ARG D 60 -16.09 15.45 69.54
N ASN D 61 -15.59 16.20 68.57
CA ASN D 61 -15.07 17.55 68.80
C ASN D 61 -16.15 18.58 69.08
N VAL D 62 -17.13 18.67 68.18
CA VAL D 62 -18.22 19.63 68.30
C VAL D 62 -18.99 19.50 69.61
N VAL D 63 -19.64 18.34 69.79
CA VAL D 63 -20.53 18.10 70.93
C VAL D 63 -19.83 18.34 72.27
N ASN D 64 -18.53 18.06 72.34
CA ASN D 64 -17.79 18.23 73.59
C ASN D 64 -17.60 19.70 73.95
N TYR D 65 -17.09 20.48 73.00
CA TYR D 65 -16.84 21.90 73.22
C TYR D 65 -18.12 22.68 73.50
N LEU D 66 -19.14 22.43 72.68
CA LEU D 66 -20.43 23.09 72.80
C LEU D 66 -21.07 22.86 74.17
N SER D 67 -21.40 21.61 74.47
CA SER D 67 -22.17 21.27 75.67
C SER D 67 -21.48 21.61 76.98
N ILE D 68 -20.15 21.46 77.03
CA ILE D 68 -19.42 21.65 78.29
C ILE D 68 -19.51 23.08 78.80
N ASN D 69 -19.68 24.03 77.88
CA ASN D 69 -19.81 25.44 78.23
C ASN D 69 -21.00 25.72 79.15
N LYS D 70 -22.20 25.51 78.62
CA LYS D 70 -23.43 25.93 79.29
C LYS D 70 -23.82 25.07 80.49
N ASN D 71 -23.12 23.95 80.71
CA ASN D 71 -23.40 23.11 81.85
C ASN D 71 -22.87 23.73 83.14
N PHE D 72 -21.53 23.78 83.26
CA PHE D 72 -20.89 24.38 84.42
C PHE D 72 -19.93 25.48 84.00
N MET D 98 -30.04 22.37 75.41
CA MET D 98 -30.35 23.40 76.41
C MET D 98 -31.85 23.60 76.56
N SER D 99 -32.41 24.46 75.71
CA SER D 99 -33.84 24.75 75.75
C SER D 99 -34.47 24.69 74.37
N ASP D 100 -35.75 25.00 74.30
CA ASP D 100 -36.50 24.95 73.05
C ASP D 100 -37.24 26.26 72.79
N GLU D 101 -38.20 26.56 73.67
CA GLU D 101 -39.06 27.72 73.53
C GLU D 101 -38.35 29.03 73.87
N SER D 102 -37.88 29.13 75.11
CA SER D 102 -37.34 30.36 75.68
C SER D 102 -36.30 31.06 74.79
N PHE D 103 -35.59 30.28 73.97
CA PHE D 103 -34.72 30.85 72.94
C PHE D 103 -35.53 31.78 72.05
N ALA D 104 -36.54 31.21 71.37
CA ALA D 104 -37.42 31.98 70.51
C ALA D 104 -38.16 33.09 71.27
N GLU D 105 -38.25 32.95 72.58
CA GLU D 105 -38.89 33.97 73.40
C GLU D 105 -37.87 34.94 74.00
N LEU D 106 -36.60 34.70 73.72
CA LEU D 106 -35.53 35.59 74.18
C LEU D 106 -35.42 36.80 73.28
N MET D 107 -36.15 36.76 72.16
CA MET D 107 -36.12 37.83 71.18
C MET D 107 -36.68 39.14 71.72
N THR D 108 -37.61 39.03 72.67
CA THR D 108 -38.41 40.17 73.14
C THR D 108 -37.60 41.44 73.42
N LYS D 109 -36.74 41.39 74.43
CA LYS D 109 -35.91 42.53 74.77
C LYS D 109 -34.64 42.58 73.92
N LEU D 110 -34.33 41.46 73.27
CA LEU D 110 -33.18 41.41 72.37
C LEU D 110 -33.51 42.08 71.04
N ASN D 111 -34.81 42.24 70.77
CA ASN D 111 -35.28 42.98 69.61
C ASN D 111 -35.14 44.48 69.84
N SER D 112 -35.82 44.97 70.87
CA SER D 112 -35.85 46.40 71.20
C SER D 112 -34.45 47.02 71.36
N PHE D 113 -33.46 46.19 71.64
CA PHE D 113 -32.08 46.66 71.71
C PHE D 113 -31.47 46.78 70.32
N LYS D 114 -30.71 47.85 70.11
CA LYS D 114 -30.25 48.28 68.79
C LYS D 114 -28.88 47.74 68.40
N LEU D 115 -28.37 46.80 69.20
CA LEU D 115 -27.00 46.29 69.07
C LEU D 115 -26.70 45.60 67.73
N PHE D 116 -27.72 45.49 66.88
CA PHE D 116 -27.62 44.93 65.53
C PHE D 116 -27.27 43.44 65.50
N LYS D 117 -26.28 43.09 64.68
CA LYS D 117 -26.07 41.69 64.30
C LYS D 117 -24.86 41.02 64.97
N ALA D 118 -23.67 41.56 64.71
CA ALA D 118 -22.41 40.94 65.17
C ALA D 118 -22.43 40.59 66.65
N GLU D 119 -23.06 41.44 67.45
CA GLU D 119 -23.20 41.18 68.88
C GLU D 119 -24.36 40.24 69.17
N LYS D 120 -25.42 40.34 68.36
CA LYS D 120 -26.69 39.62 68.58
C LYS D 120 -26.52 38.14 68.88
N LEU D 121 -26.00 37.40 67.91
CA LEU D 121 -25.87 35.95 68.04
C LEU D 121 -24.61 35.56 68.82
N GLN D 122 -23.83 36.56 69.21
CA GLN D 122 -22.61 36.32 69.99
C GLN D 122 -22.89 36.11 71.48
N ILE D 123 -23.79 36.92 72.04
CA ILE D 123 -24.07 36.86 73.48
C ILE D 123 -24.78 35.57 73.89
N VAL D 124 -25.18 34.77 72.91
CA VAL D 124 -25.86 33.50 73.15
C VAL D 124 -25.05 32.59 74.07
N ASN D 125 -23.73 32.59 73.91
CA ASN D 125 -22.87 31.68 74.66
C ASN D 125 -21.96 32.37 75.69
N GLN D 126 -21.06 33.22 75.21
CA GLN D 126 -19.94 33.72 76.01
C GLN D 126 -20.32 34.65 77.16
N LEU D 127 -19.67 34.44 78.31
CA LEU D 127 -19.73 35.28 79.51
C LEU D 127 -21.08 35.93 79.88
N PRO D 128 -22.07 35.11 80.26
CA PRO D 128 -23.38 35.63 80.63
C PRO D 128 -23.44 36.44 81.93
N ALA D 129 -24.08 37.61 81.86
CA ALA D 129 -24.69 38.29 83.01
C ALA D 129 -23.80 38.83 84.13
N ASN D 130 -22.54 39.15 83.87
CA ASN D 130 -21.78 39.86 84.90
C ASN D 130 -20.93 41.02 84.39
N MET D 131 -21.32 42.25 84.77
CA MET D 131 -20.48 43.46 84.62
C MET D 131 -19.69 43.56 83.31
N VAL D 132 -18.37 43.66 83.45
CA VAL D 132 -17.45 43.92 82.34
C VAL D 132 -17.37 42.78 81.32
N HIS D 133 -18.04 41.66 81.59
CA HIS D 133 -18.08 40.54 80.65
C HIS D 133 -18.53 40.99 79.26
N LEU D 134 -19.78 41.45 79.17
CA LEU D 134 -20.36 41.87 77.90
C LEU D 134 -19.73 43.17 77.38
N TYR D 135 -18.90 43.80 78.21
CA TYR D 135 -18.20 45.03 77.83
C TYR D 135 -17.18 44.77 76.73
N SER D 136 -16.70 43.54 76.65
CA SER D 136 -15.66 43.18 75.68
C SER D 136 -16.18 42.95 74.27
N ILE D 137 -17.32 42.27 74.15
CA ILE D 137 -17.83 41.84 72.86
C ILE D 137 -18.32 43.00 71.98
N VAL D 138 -19.21 43.83 72.53
CA VAL D 138 -19.87 44.85 71.73
C VAL D 138 -19.18 46.20 71.81
N GLU D 139 -18.87 46.77 70.66
CA GLU D 139 -18.30 48.12 70.59
C GLU D 139 -19.34 49.13 71.03
N GLU D 140 -18.89 50.17 71.73
CA GLU D 140 -19.78 51.14 72.36
C GLU D 140 -20.74 50.43 73.32
N CYS D 141 -20.20 49.56 74.16
CA CYS D 141 -21.01 48.77 75.08
C CYS D 141 -21.63 49.61 76.17
N ASP D 142 -20.81 50.40 76.86
CA ASP D 142 -21.30 51.24 77.93
C ASP D 142 -21.92 52.48 77.30
N ALA D 143 -21.06 53.37 76.84
CA ALA D 143 -21.40 54.38 75.83
C ALA D 143 -22.73 55.10 76.03
N ARG D 144 -23.57 54.98 75.01
CA ARG D 144 -24.84 55.72 74.88
C ARG D 144 -25.75 55.59 76.10
N PHE D 145 -26.32 54.39 76.28
CA PHE D 145 -27.20 54.15 77.43
C PHE D 145 -26.47 53.28 78.45
N ASP D 146 -26.49 53.73 79.72
CA ASP D 146 -25.62 53.14 80.73
C ASP D 146 -26.32 52.73 82.03
N GLU D 147 -26.81 53.73 82.77
CA GLU D 147 -27.19 53.56 84.17
C GLU D 147 -28.08 52.35 84.48
N LYS D 148 -29.15 52.18 83.71
CA LYS D 148 -30.11 51.11 83.96
C LYS D 148 -30.25 50.16 82.78
N THR D 149 -30.63 50.70 81.62
CA THR D 149 -31.02 49.92 80.44
C THR D 149 -30.11 48.74 80.09
N ILE D 150 -28.80 48.89 80.23
CA ILE D 150 -27.90 47.77 79.93
C ILE D 150 -27.93 46.71 81.02
N GLU D 151 -28.32 47.10 82.23
CA GLU D 151 -28.44 46.13 83.32
C GLU D 151 -29.65 45.24 83.06
N GLU D 152 -30.57 45.74 82.25
CA GLU D 152 -31.71 44.95 81.81
C GLU D 152 -31.25 43.79 80.95
N MET D 153 -30.09 43.95 80.31
CA MET D 153 -29.48 42.85 79.56
C MET D 153 -28.97 41.79 80.53
N LEU D 154 -28.28 42.25 81.58
CA LEU D 154 -27.70 41.36 82.56
C LEU D 154 -28.73 40.48 83.26
N GLU D 155 -29.86 41.08 83.62
CA GLU D 155 -30.89 40.36 84.39
C GLU D 155 -31.59 39.29 83.57
N ILE D 156 -31.79 39.55 82.29
CA ILE D 156 -32.50 38.62 81.41
C ILE D 156 -31.59 37.48 80.95
N ILE D 157 -30.32 37.80 80.67
CA ILE D 157 -29.37 36.77 80.29
C ILE D 157 -28.96 35.98 81.54
N SER D 158 -29.27 36.52 82.72
CA SER D 158 -29.15 35.76 83.96
C SER D 158 -30.44 34.99 84.20
N GLY D 159 -31.47 35.31 83.42
CA GLY D 159 -32.72 34.59 83.46
C GLY D 159 -32.67 33.40 82.53
N TYR D 160 -31.47 33.11 82.05
CA TYR D 160 -31.21 31.96 81.19
C TYR D 160 -31.22 30.69 82.03
N ALA D 161 -30.26 30.58 82.93
CA ALA D 161 -30.18 29.43 83.83
C ALA D 161 -30.56 29.83 85.26
N MET E 1 -17.37 34.34 -50.53
CA MET E 1 -17.96 33.07 -50.90
C MET E 1 -19.39 32.94 -50.39
N ASP E 2 -20.33 32.79 -51.31
CA ASP E 2 -21.75 32.69 -50.99
C ASP E 2 -22.02 31.54 -50.02
N GLN E 3 -21.35 30.41 -50.26
CA GLN E 3 -21.54 29.23 -49.42
C GLN E 3 -21.21 29.47 -47.96
N GLU E 4 -19.93 29.74 -47.67
CA GLU E 4 -19.46 29.85 -46.29
C GLU E 4 -20.02 31.08 -45.56
N ASN E 5 -20.36 32.12 -46.31
CA ASN E 5 -20.95 33.31 -45.70
C ASN E 5 -22.36 33.03 -45.21
N GLU E 6 -23.13 32.28 -46.00
CA GLU E 6 -24.48 31.90 -45.63
C GLU E 6 -24.48 30.93 -44.46
N ARG E 7 -23.34 30.28 -44.24
CA ARG E 7 -23.16 29.43 -43.07
C ARG E 7 -23.06 30.30 -41.82
N ASN E 8 -22.44 31.45 -41.97
CA ASN E 8 -22.23 32.38 -40.85
C ASN E 8 -23.47 33.20 -40.53
N ILE E 9 -24.28 33.51 -41.55
CA ILE E 9 -25.50 34.28 -41.33
C ILE E 9 -26.57 33.39 -40.73
N SER E 10 -26.46 32.08 -40.95
CA SER E 10 -27.34 31.11 -40.31
C SER E 10 -26.87 30.88 -38.88
N ARG E 11 -25.56 30.90 -38.71
CA ARG E 11 -24.94 30.85 -37.39
C ARG E 11 -25.45 31.99 -36.51
N LEU E 12 -25.18 33.21 -36.94
CA LEU E 12 -25.61 34.42 -36.22
C LEU E 12 -27.12 34.45 -36.02
N TRP E 13 -27.86 33.89 -36.96
CA TRP E 13 -29.31 33.81 -36.86
C TRP E 13 -29.73 32.94 -35.68
N ARG E 14 -29.08 31.80 -35.54
CA ARG E 14 -29.32 30.90 -34.42
C ARG E 14 -28.66 31.44 -33.16
N ALA E 15 -27.62 32.24 -33.35
CA ALA E 15 -26.94 32.90 -32.23
C ALA E 15 -27.83 34.00 -31.67
N PHE E 16 -28.58 34.66 -32.54
CA PHE E 16 -29.55 35.66 -32.11
C PHE E 16 -30.69 35.00 -31.36
N ARG E 17 -31.00 33.76 -31.75
CA ARG E 17 -32.00 32.96 -31.07
C ARG E 17 -31.58 32.65 -29.63
N THR E 18 -30.30 32.33 -29.46
CA THR E 18 -29.75 31.95 -28.17
C THR E 18 -29.83 33.08 -27.14
N VAL E 19 -29.32 34.26 -27.52
CA VAL E 19 -29.28 35.40 -26.62
C VAL E 19 -30.69 35.94 -26.36
N LYS E 20 -31.63 35.58 -27.24
CA LYS E 20 -33.01 36.02 -27.09
C LYS E 20 -33.73 35.22 -26.01
N GLU E 21 -33.83 33.90 -26.22
CA GLU E 21 -34.46 33.02 -25.23
C GLU E 21 -33.77 33.08 -23.88
N MET E 22 -32.52 33.52 -23.87
CA MET E 22 -31.75 33.65 -22.64
C MET E 22 -32.25 34.82 -21.79
N VAL E 23 -32.62 35.91 -22.44
CA VAL E 23 -33.04 37.11 -21.71
C VAL E 23 -34.46 36.95 -21.18
N LYS E 24 -35.15 35.91 -21.65
CA LYS E 24 -36.53 35.67 -21.27
C LYS E 24 -36.68 35.04 -19.88
N ASP E 25 -35.88 34.01 -19.61
CA ASP E 25 -36.02 33.26 -18.37
C ASP E 25 -35.44 34.02 -17.17
N ARG E 26 -34.79 35.14 -17.45
CA ARG E 26 -34.26 36.01 -16.40
C ARG E 26 -35.39 36.80 -15.73
N GLY E 27 -36.59 36.72 -16.30
CA GLY E 27 -37.75 37.41 -15.76
C GLY E 27 -38.16 38.60 -16.59
N TYR E 28 -37.34 38.94 -17.59
CA TYR E 28 -37.59 40.08 -18.45
C TYR E 28 -38.74 39.81 -19.41
N PHE E 29 -39.35 40.88 -19.92
CA PHE E 29 -40.56 40.76 -20.72
C PHE E 29 -40.33 40.74 -22.23
N ILE E 30 -40.58 39.58 -22.84
CA ILE E 30 -40.66 39.46 -24.29
C ILE E 30 -41.85 38.56 -24.63
N THR E 31 -42.00 38.24 -25.91
CA THR E 31 -43.07 37.34 -26.33
C THR E 31 -42.51 36.19 -27.15
N GLN E 32 -43.31 35.15 -27.35
CA GLN E 32 -42.88 33.97 -28.08
C GLN E 32 -42.48 34.27 -29.52
N GLU E 33 -43.02 35.37 -30.06
CA GLU E 33 -42.70 35.78 -31.43
C GLU E 33 -41.35 36.46 -31.50
N GLU E 34 -40.89 37.01 -30.38
CA GLU E 34 -39.60 37.69 -30.33
C GLU E 34 -38.44 36.72 -30.54
N VAL E 35 -38.51 35.55 -29.91
CA VAL E 35 -37.45 34.56 -30.02
C VAL E 35 -37.64 33.65 -31.23
N GLU E 36 -38.86 33.64 -31.77
CA GLU E 36 -39.16 32.74 -32.89
C GLU E 36 -39.40 33.48 -34.18
N LEU E 37 -38.43 33.37 -35.10
CA LEU E 37 -38.58 33.90 -36.45
C LEU E 37 -37.86 32.99 -37.45
N PRO E 38 -38.41 32.88 -38.66
CA PRO E 38 -37.73 32.15 -39.73
C PRO E 38 -36.57 32.96 -40.31
N LEU E 39 -35.96 32.47 -41.37
CA LEU E 39 -34.83 33.17 -41.99
C LEU E 39 -35.30 34.41 -42.74
N GLU E 40 -36.55 34.37 -43.20
CA GLU E 40 -37.14 35.48 -43.96
C GLU E 40 -37.06 36.83 -43.24
N ASP E 41 -37.73 36.93 -42.10
CA ASP E 41 -37.78 38.17 -41.34
C ASP E 41 -36.40 38.62 -40.86
N PHE E 42 -35.51 37.67 -40.66
CA PHE E 42 -34.14 37.96 -40.22
C PHE E 42 -33.34 38.64 -41.33
N LYS E 43 -33.52 38.15 -42.56
CA LYS E 43 -32.80 38.71 -43.70
C LYS E 43 -33.27 40.12 -44.03
N ALA E 44 -34.55 40.39 -43.79
CA ALA E 44 -35.09 41.72 -44.04
C ALA E 44 -34.56 42.72 -43.02
N LYS E 45 -34.74 42.40 -41.74
CA LYS E 45 -34.37 43.29 -40.65
C LYS E 45 -32.89 43.66 -40.61
N TYR E 46 -32.03 42.69 -40.28
CA TYR E 46 -30.64 42.97 -39.98
C TYR E 46 -29.68 42.76 -41.16
N CYS E 47 -30.20 42.31 -42.29
CA CYS E 47 -29.38 42.15 -43.48
C CYS E 47 -29.80 43.13 -44.55
N ASP E 48 -28.82 43.73 -45.23
CA ASP E 48 -29.08 44.76 -46.23
C ASP E 48 -29.62 44.15 -47.51
N SER E 49 -29.94 45.00 -48.48
CA SER E 49 -30.43 44.55 -49.78
C SER E 49 -29.26 44.10 -50.66
N MET E 50 -28.05 44.50 -50.26
CA MET E 50 -26.84 44.12 -50.97
C MET E 50 -26.53 42.65 -50.74
N GLY E 51 -27.02 42.12 -49.62
CA GLY E 51 -26.81 40.73 -49.27
C GLY E 51 -25.80 40.54 -48.15
N ARG E 52 -25.24 41.63 -47.66
CA ARG E 52 -24.31 41.57 -46.54
C ARG E 52 -24.98 42.11 -45.26
N PRO E 53 -24.96 41.30 -44.19
CA PRO E 53 -25.60 41.63 -42.92
C PRO E 53 -24.97 42.85 -42.22
N GLN E 54 -25.51 43.19 -41.06
CA GLN E 54 -25.01 44.34 -40.29
C GLN E 54 -24.64 43.93 -38.87
N ARG E 55 -24.27 44.92 -38.06
CA ARG E 55 -23.79 44.64 -36.71
C ARG E 55 -24.51 45.45 -35.63
N LYS E 56 -24.31 46.77 -35.68
CA LYS E 56 -24.75 47.66 -34.60
C LYS E 56 -26.27 47.81 -34.50
N MET E 57 -26.98 47.58 -35.60
CA MET E 57 -28.43 47.77 -35.61
C MET E 57 -29.17 46.64 -34.91
N MET E 58 -28.44 45.59 -34.52
CA MET E 58 -29.04 44.44 -33.85
C MET E 58 -29.35 44.75 -32.39
N SER E 59 -28.75 45.82 -31.88
CA SER E 59 -28.94 46.23 -30.50
C SER E 59 -30.39 46.58 -30.19
N PHE E 60 -30.89 46.11 -29.05
CA PHE E 60 -32.26 46.37 -28.63
C PHE E 60 -32.34 46.62 -27.13
N GLN E 61 -33.56 46.73 -26.61
CA GLN E 61 -33.78 46.98 -25.19
C GLN E 61 -35.03 46.24 -24.68
N ALA E 62 -34.93 45.68 -23.48
CA ALA E 62 -36.04 44.96 -22.87
C ALA E 62 -36.14 45.24 -21.38
N ASN E 63 -37.33 45.10 -20.82
CA ASN E 63 -37.55 45.35 -19.41
C ASN E 63 -38.10 44.12 -18.66
N PRO E 64 -38.22 44.21 -17.33
CA PRO E 64 -38.90 43.12 -16.61
C PRO E 64 -40.42 43.29 -16.63
N THR E 65 -41.13 42.34 -16.02
CA THR E 65 -42.59 42.41 -15.95
C THR E 65 -43.12 41.73 -14.69
N GLU E 66 -44.20 42.30 -14.14
CA GLU E 66 -44.97 41.72 -13.03
C GLU E 66 -44.08 41.16 -11.91
N GLU E 67 -44.24 39.87 -11.63
CA GLU E 67 -43.55 39.20 -10.53
C GLU E 67 -42.03 39.41 -10.51
N SER E 68 -41.44 39.66 -11.67
CA SER E 68 -40.00 39.89 -11.77
C SER E 68 -39.56 41.08 -10.93
N ILE E 69 -40.40 42.11 -10.87
CA ILE E 69 -40.10 43.29 -10.07
C ILE E 69 -40.73 43.18 -8.68
N SER E 70 -41.48 42.10 -8.47
CA SER E 70 -42.11 41.83 -7.18
C SER E 70 -41.22 40.92 -6.35
N LYS E 71 -40.99 39.71 -6.85
CA LYS E 71 -40.07 38.76 -6.23
C LYS E 71 -38.74 39.42 -5.91
N PHE E 72 -38.03 39.87 -6.95
CA PHE E 72 -36.82 40.65 -6.76
C PHE E 72 -37.15 42.13 -6.80
N PRO E 73 -37.10 42.80 -5.64
CA PRO E 73 -37.48 44.21 -5.53
C PRO E 73 -36.49 45.15 -6.22
N ASP E 74 -35.23 44.74 -6.30
CA ASP E 74 -34.22 45.57 -6.94
C ASP E 74 -33.79 44.98 -8.28
N MET E 75 -34.21 45.65 -9.36
CA MET E 75 -33.92 45.23 -10.73
C MET E 75 -34.53 46.23 -11.70
N GLY E 76 -34.27 46.05 -12.99
CA GLY E 76 -34.81 46.92 -14.00
C GLY E 76 -34.42 46.54 -15.41
N SER E 77 -34.86 47.34 -16.39
CA SER E 77 -34.54 47.10 -17.79
C SER E 77 -33.04 47.23 -18.03
N LEU E 78 -32.51 46.49 -18.99
CA LEU E 78 -31.11 46.59 -19.35
C LEU E 78 -30.93 47.01 -20.81
N TRP E 79 -29.68 47.17 -21.22
CA TRP E 79 -29.36 47.64 -22.57
C TRP E 79 -28.27 46.79 -23.22
N VAL E 80 -28.62 46.14 -24.33
CA VAL E 80 -27.70 45.22 -24.99
C VAL E 80 -27.20 45.77 -26.33
N GLU E 81 -25.89 45.77 -26.51
CA GLU E 81 -25.27 46.19 -27.78
C GLU E 81 -24.36 45.11 -28.34
N PHE E 82 -24.03 45.22 -29.62
CA PHE E 82 -23.17 44.23 -30.27
C PHE E 82 -21.76 44.79 -30.49
N CYS E 83 -20.87 43.97 -31.06
CA CYS E 83 -19.50 44.39 -31.33
C CYS E 83 -19.33 44.71 -32.81
N ASP E 84 -18.10 45.01 -33.21
CA ASP E 84 -17.84 45.39 -34.61
C ASP E 84 -17.04 44.33 -35.36
N GLU E 85 -15.74 44.24 -35.08
CA GLU E 85 -14.85 43.36 -35.84
C GLU E 85 -13.90 42.69 -34.81
N PRO E 86 -12.99 41.78 -35.23
CA PRO E 86 -12.56 40.86 -34.18
C PRO E 86 -11.66 41.45 -33.09
N SER E 87 -10.89 42.48 -33.42
CA SER E 87 -9.95 43.05 -32.47
C SER E 87 -10.66 43.82 -31.36
N VAL E 88 -10.36 43.42 -30.12
CA VAL E 88 -10.81 44.13 -28.95
C VAL E 88 -9.89 45.31 -28.67
N GLY E 89 -9.97 45.86 -27.47
CA GLY E 89 -9.34 47.12 -27.14
C GLY E 89 -10.41 48.17 -26.90
N VAL E 90 -9.99 49.39 -26.60
CA VAL E 90 -10.89 50.33 -25.93
C VAL E 90 -11.98 50.83 -26.88
N LYS E 91 -11.61 51.70 -27.82
CA LYS E 91 -12.46 52.01 -28.96
C LYS E 91 -13.94 52.25 -28.60
N THR E 92 -14.80 51.43 -29.19
CA THR E 92 -16.24 51.52 -28.99
C THR E 92 -16.70 51.12 -27.58
N MET E 93 -15.80 50.56 -26.79
CA MET E 93 -16.14 50.21 -25.41
C MET E 93 -16.19 51.47 -24.55
N LYS E 94 -15.52 52.52 -25.00
CA LYS E 94 -15.59 53.81 -24.35
C LYS E 94 -17.02 54.35 -24.37
N THR E 95 -17.56 54.49 -25.57
CA THR E 95 -18.91 55.01 -25.74
C THR E 95 -19.95 54.01 -25.20
N PHE E 96 -19.56 52.74 -25.14
CA PHE E 96 -20.41 51.71 -24.54
C PHE E 96 -20.55 51.98 -23.05
N VAL E 97 -19.43 52.30 -22.40
CA VAL E 97 -19.45 52.70 -21.00
C VAL E 97 -20.24 53.99 -20.86
N ILE E 98 -19.98 54.95 -21.74
CA ILE E 98 -20.71 56.22 -21.78
C ILE E 98 -22.21 55.96 -21.95
N HIS E 99 -22.55 54.99 -22.81
CA HIS E 99 -23.94 54.60 -22.98
C HIS E 99 -24.54 54.13 -21.67
N ILE E 100 -23.79 53.33 -20.93
CA ILE E 100 -24.24 52.83 -19.64
C ILE E 100 -24.32 53.96 -18.61
N GLN E 101 -23.42 54.93 -18.74
CA GLN E 101 -23.36 56.07 -17.82
C GLN E 101 -24.69 56.84 -17.75
N GLU E 102 -25.05 57.47 -18.86
CA GLU E 102 -26.25 58.33 -18.88
C GLU E 102 -27.55 57.54 -18.95
N LYS E 103 -27.50 56.32 -19.48
CA LYS E 103 -28.71 55.51 -19.61
C LYS E 103 -28.90 54.57 -18.42
N ASN E 104 -27.94 54.58 -17.50
CA ASN E 104 -28.06 53.83 -16.25
C ASN E 104 -28.33 52.34 -16.45
N PHE E 105 -29.53 51.93 -16.03
CA PHE E 105 -29.96 50.53 -16.03
C PHE E 105 -29.07 49.64 -15.18
N GLN E 106 -28.81 48.42 -15.65
CA GLN E 106 -28.04 47.47 -14.86
C GLN E 106 -26.81 46.93 -15.59
N THR E 107 -27.02 46.02 -16.53
CA THR E 107 -25.90 45.36 -17.18
C THR E 107 -25.96 45.39 -18.70
N GLY E 108 -25.02 46.13 -19.29
CA GLY E 108 -24.79 46.06 -20.72
C GLY E 108 -24.12 44.76 -21.07
N ILE E 109 -24.69 44.01 -22.02
CA ILE E 109 -24.05 42.78 -22.47
C ILE E 109 -23.73 42.88 -23.95
N PHE E 110 -22.56 42.38 -24.34
CA PHE E 110 -22.14 42.44 -25.72
C PHE E 110 -21.54 41.12 -26.18
N VAL E 111 -21.95 40.68 -27.37
CA VAL E 111 -21.45 39.45 -27.94
C VAL E 111 -20.17 39.72 -28.71
N TYR E 112 -19.13 38.92 -28.46
CA TYR E 112 -17.84 39.14 -29.08
C TYR E 112 -17.85 38.78 -30.57
N GLN E 113 -16.69 38.91 -31.20
CA GLN E 113 -16.55 38.55 -32.61
C GLN E 113 -15.66 37.32 -32.74
N ASN E 114 -14.36 37.50 -32.50
CA ASN E 114 -13.42 36.39 -32.60
C ASN E 114 -12.50 36.27 -31.38
N ASN E 115 -11.64 37.26 -31.17
CA ASN E 115 -10.58 37.16 -30.17
C ASN E 115 -10.73 38.13 -29.00
N ILE E 116 -10.18 37.73 -27.85
CA ILE E 116 -10.19 38.57 -26.65
C ILE E 116 -8.76 38.73 -26.12
N THR E 117 -8.40 39.97 -25.77
CA THR E 117 -7.06 40.27 -25.30
C THR E 117 -7.18 41.17 -24.06
N PRO E 118 -6.14 41.22 -23.21
CA PRO E 118 -6.20 42.02 -21.97
C PRO E 118 -6.51 43.50 -22.14
N SER E 119 -6.40 44.02 -23.37
CA SER E 119 -6.81 45.40 -23.65
C SER E 119 -8.24 45.66 -23.18
N ALA E 120 -9.20 44.93 -23.75
CA ALA E 120 -10.60 45.06 -23.37
C ALA E 120 -10.85 44.70 -21.89
N MET E 121 -9.85 44.11 -21.26
CA MET E 121 -9.89 43.79 -19.84
C MET E 121 -9.48 44.98 -18.98
N LYS E 122 -9.28 46.13 -19.63
CA LYS E 122 -8.84 47.36 -18.97
C LYS E 122 -9.63 47.61 -17.69
N LEU E 123 -10.90 48.00 -17.82
CA LEU E 123 -11.85 47.81 -16.74
C LEU E 123 -13.11 47.20 -17.33
N VAL E 124 -13.31 45.90 -17.17
CA VAL E 124 -14.63 45.30 -17.40
C VAL E 124 -15.58 45.43 -16.20
N PRO E 125 -15.20 44.94 -15.01
CA PRO E 125 -16.25 44.88 -14.00
C PRO E 125 -16.29 46.05 -13.02
N SER E 126 -16.31 47.30 -13.49
CA SER E 126 -16.63 48.37 -12.56
C SER E 126 -17.58 49.41 -13.15
N ILE E 127 -18.81 49.41 -12.64
CA ILE E 127 -19.76 50.50 -12.75
C ILE E 127 -20.48 50.43 -11.42
N PRO E 128 -19.84 50.97 -10.36
CA PRO E 128 -20.02 50.52 -8.97
C PRO E 128 -21.46 50.21 -8.52
N PRO E 129 -22.47 50.99 -8.96
CA PRO E 129 -23.82 50.49 -8.65
C PRO E 129 -24.19 49.20 -9.41
N ALA E 130 -23.45 48.86 -10.46
CA ALA E 130 -23.78 47.72 -11.31
C ALA E 130 -22.55 47.05 -11.93
N THR E 131 -22.78 46.18 -12.90
CA THR E 131 -21.69 45.54 -13.64
C THR E 131 -22.10 45.22 -15.07
N ILE E 132 -21.20 44.61 -15.84
CA ILE E 132 -21.50 44.20 -17.21
C ILE E 132 -21.18 42.72 -17.42
N GLU E 133 -21.35 42.25 -18.66
CA GLU E 133 -21.14 40.84 -18.97
C GLU E 133 -20.48 40.66 -20.34
N THR E 134 -19.69 39.61 -20.49
CA THR E 134 -18.98 39.34 -21.74
C THR E 134 -19.37 37.99 -22.33
N PHE E 135 -19.76 37.99 -23.60
CA PHE E 135 -20.16 36.77 -24.30
C PHE E 135 -19.48 36.62 -25.65
N ASN E 136 -19.02 35.41 -25.95
CA ASN E 136 -18.38 35.13 -27.22
C ASN E 136 -19.36 34.58 -28.24
N GLU E 137 -19.24 35.01 -29.49
CA GLU E 137 -20.16 34.59 -30.55
C GLU E 137 -19.96 33.11 -30.88
N ALA E 138 -18.70 32.67 -30.85
CA ALA E 138 -18.37 31.26 -31.07
C ALA E 138 -19.12 30.35 -30.11
N ALA E 139 -18.86 30.53 -28.81
CA ALA E 139 -19.45 29.70 -27.77
C ALA E 139 -20.97 29.67 -27.81
N LEU E 140 -21.59 30.74 -28.28
CA LEU E 140 -23.05 30.78 -28.32
C LEU E 140 -23.61 30.36 -29.67
N VAL E 141 -24.21 29.17 -29.70
CA VAL E 141 -24.98 28.70 -30.84
C VAL E 141 -26.33 28.14 -30.37
N VAL E 142 -26.28 27.06 -29.60
CA VAL E 142 -27.46 26.48 -28.98
C VAL E 142 -27.34 26.57 -27.47
N ASN E 143 -28.48 26.67 -26.78
CA ASN E 143 -28.49 26.82 -25.33
C ASN E 143 -28.14 25.52 -24.61
N ILE E 144 -27.36 25.64 -23.54
CA ILE E 144 -26.85 24.49 -22.81
C ILE E 144 -27.88 23.89 -21.86
N THR E 145 -28.67 24.74 -21.21
CA THR E 145 -29.66 24.30 -20.25
C THR E 145 -30.75 23.44 -20.88
N HIS E 146 -30.93 23.59 -22.18
CA HIS E 146 -31.97 22.89 -22.93
C HIS E 146 -31.43 21.62 -23.60
N HIS E 147 -30.18 21.27 -23.34
CA HIS E 147 -29.49 20.33 -24.20
C HIS E 147 -29.83 18.86 -23.95
N GLU E 148 -29.22 18.24 -22.95
CA GLU E 148 -29.58 16.87 -22.59
C GLU E 148 -29.65 16.64 -21.09
N LEU E 149 -28.48 16.64 -20.47
CA LEU E 149 -28.32 16.25 -19.07
C LEU E 149 -28.67 17.39 -18.12
N VAL E 150 -28.39 18.61 -18.54
CA VAL E 150 -28.63 19.79 -17.71
C VAL E 150 -30.10 19.96 -17.39
N PRO E 151 -30.46 19.88 -16.11
CA PRO E 151 -31.85 20.03 -15.65
C PRO E 151 -32.20 21.49 -15.40
N LYS E 152 -33.40 21.74 -14.90
CA LYS E 152 -33.85 23.09 -14.61
C LYS E 152 -33.17 23.66 -13.37
N HIS E 153 -32.62 24.86 -13.49
CA HIS E 153 -32.01 25.55 -12.36
C HIS E 153 -32.87 26.74 -11.96
N ILE E 154 -33.49 26.66 -10.79
CA ILE E 154 -34.42 27.69 -10.34
C ILE E 154 -33.80 28.64 -9.32
N ARG E 155 -33.65 29.90 -9.73
CA ARG E 155 -33.12 30.94 -8.83
C ARG E 155 -34.21 31.42 -7.88
N LEU E 156 -33.84 31.64 -6.62
CA LEU E 156 -34.78 32.10 -5.62
C LEU E 156 -34.32 33.39 -4.94
N SER E 157 -35.25 34.08 -4.30
CA SER E 157 -34.96 35.35 -3.64
C SER E 157 -34.34 35.13 -2.27
N SER E 158 -34.08 36.23 -1.56
CA SER E 158 -33.50 36.18 -0.23
C SER E 158 -34.51 35.64 0.77
N ASP E 159 -35.79 35.82 0.48
CA ASP E 159 -36.88 35.29 1.28
C ASP E 159 -36.76 33.78 1.45
N GLU E 160 -36.84 33.07 0.33
CA GLU E 160 -36.77 31.60 0.32
C GLU E 160 -35.46 31.08 0.91
N LYS E 161 -34.40 31.87 0.78
CA LYS E 161 -33.09 31.51 1.33
C LYS E 161 -33.14 31.29 2.83
N ARG E 162 -33.46 32.34 3.59
CA ARG E 162 -33.46 32.28 5.04
C ARG E 162 -34.47 31.26 5.59
N GLU E 163 -35.51 30.98 4.81
CA GLU E 163 -36.49 29.97 5.20
C GLU E 163 -35.91 28.57 5.02
N LEU E 164 -35.16 28.39 3.94
CA LEU E 164 -34.48 27.12 3.67
C LEU E 164 -33.48 26.81 4.77
N LEU E 165 -32.90 27.85 5.36
CA LEU E 165 -31.97 27.69 6.46
C LEU E 165 -32.72 27.54 7.78
N LYS E 166 -34.02 27.83 7.76
CA LYS E 166 -34.86 27.64 8.93
C LYS E 166 -35.54 26.28 8.91
N ARG E 167 -35.33 25.53 7.84
CA ARG E 167 -35.88 24.18 7.71
C ARG E 167 -35.00 23.17 8.45
N TYR E 168 -33.78 23.00 7.96
CA TYR E 168 -32.84 22.08 8.57
C TYR E 168 -32.05 22.75 9.69
N ARG E 169 -32.36 24.02 9.94
CA ARG E 169 -31.70 24.81 10.99
C ARG E 169 -30.18 24.84 10.78
N LEU E 170 -29.74 25.53 9.73
CA LEU E 170 -28.34 25.52 9.33
C LEU E 170 -27.74 26.92 9.27
N LYS E 171 -26.44 27.00 9.57
CA LYS E 171 -25.67 28.22 9.35
C LYS E 171 -25.52 28.42 7.84
N GLU E 172 -25.19 29.64 7.41
CA GLU E 172 -25.10 29.92 5.99
C GLU E 172 -23.88 29.22 5.38
N SER E 173 -23.73 29.35 4.06
CA SER E 173 -22.77 28.57 3.29
C SER E 173 -22.94 27.07 3.58
N GLN E 174 -21.81 26.36 3.66
CA GLN E 174 -21.71 24.96 4.10
C GLN E 174 -22.53 23.98 3.25
N LEU E 175 -23.34 24.53 2.35
CA LEU E 175 -24.16 23.74 1.43
C LEU E 175 -23.32 23.30 0.25
N PRO E 176 -23.83 22.32 -0.54
CA PRO E 176 -23.15 22.02 -1.81
C PRO E 176 -23.04 23.29 -2.66
N ARG E 177 -21.86 23.57 -3.19
CA ARG E 177 -21.63 24.85 -3.82
C ARG E 177 -21.66 24.78 -5.34
N ILE E 178 -21.55 25.94 -5.97
CA ILE E 178 -21.46 26.06 -7.42
C ILE E 178 -20.48 27.16 -7.78
N GLN E 179 -19.52 26.85 -8.65
CA GLN E 179 -18.53 27.84 -9.06
C GLN E 179 -19.14 28.87 -10.01
N ARG E 180 -18.49 30.02 -10.12
CA ARG E 180 -18.89 31.02 -11.09
C ARG E 180 -17.76 31.18 -12.09
N ALA E 181 -18.11 31.72 -13.27
CA ALA E 181 -17.36 31.58 -14.53
C ALA E 181 -17.69 30.21 -15.12
N ASP E 182 -18.46 29.43 -14.35
CA ASP E 182 -19.09 28.22 -14.85
C ASP E 182 -20.09 28.63 -15.92
N PRO E 183 -19.99 28.01 -17.11
CA PRO E 183 -20.86 28.30 -18.26
C PRO E 183 -22.34 28.34 -17.93
N VAL E 184 -22.78 27.56 -16.95
CA VAL E 184 -24.17 27.61 -16.50
C VAL E 184 -24.38 28.80 -15.55
N ALA E 185 -23.43 29.01 -14.66
CA ALA E 185 -23.47 30.13 -13.72
C ALA E 185 -23.59 31.47 -14.43
N LEU E 186 -22.58 31.81 -15.23
CA LEU E 186 -22.54 33.07 -15.97
C LEU E 186 -23.71 33.21 -16.93
N TYR E 187 -24.31 32.09 -17.31
CA TYR E 187 -25.47 32.09 -18.20
C TYR E 187 -26.64 32.82 -17.57
N LEU E 188 -26.88 32.56 -16.28
CA LEU E 188 -27.97 33.22 -15.58
C LEU E 188 -27.48 34.43 -14.79
N GLY E 189 -26.18 34.67 -14.82
CA GLY E 189 -25.59 35.84 -14.19
C GLY E 189 -25.77 35.90 -12.68
N LEU E 190 -25.33 34.85 -11.98
CA LEU E 190 -25.48 34.79 -10.52
C LEU E 190 -24.39 35.56 -9.80
N LYS E 191 -24.80 36.28 -8.74
CA LYS E 191 -23.87 37.01 -7.90
C LYS E 191 -23.42 36.15 -6.71
N ARG E 192 -22.73 36.79 -5.76
CA ARG E 192 -22.23 36.08 -4.58
C ARG E 192 -23.36 35.74 -3.61
N GLY E 193 -23.33 34.52 -3.10
CA GLY E 193 -24.31 34.07 -2.12
C GLY E 193 -25.73 34.01 -2.64
N GLU E 194 -25.91 33.33 -3.77
CA GLU E 194 -27.25 33.16 -4.34
C GLU E 194 -27.59 31.68 -4.49
N VAL E 195 -28.60 31.25 -3.76
CA VAL E 195 -29.02 29.85 -3.79
C VAL E 195 -29.90 29.58 -5.01
N VAL E 196 -29.56 28.53 -5.76
CA VAL E 196 -30.38 28.12 -6.90
C VAL E 196 -30.90 26.70 -6.69
N LYS E 197 -32.22 26.55 -6.72
CA LYS E 197 -32.85 25.26 -6.51
C LYS E 197 -32.77 24.39 -7.76
N ILE E 198 -32.36 23.15 -7.58
CA ILE E 198 -32.16 22.24 -8.71
C ILE E 198 -33.08 21.02 -8.65
N ILE E 199 -33.89 20.86 -9.68
CA ILE E 199 -34.73 19.67 -9.80
C ILE E 199 -34.11 18.72 -10.84
N ARG E 200 -33.58 17.60 -10.36
CA ARG E 200 -32.92 16.64 -11.22
C ARG E 200 -33.71 15.35 -11.31
N LYS E 201 -33.58 14.64 -12.43
CA LYS E 201 -34.27 13.37 -12.59
C LYS E 201 -33.32 12.24 -13.00
N SER E 202 -33.14 11.30 -12.09
CA SER E 202 -32.47 10.04 -12.38
C SER E 202 -33.38 8.95 -11.85
N GLU E 203 -33.20 7.71 -12.29
CA GLU E 203 -34.16 6.69 -11.89
C GLU E 203 -33.72 5.93 -10.64
N THR E 204 -34.34 6.27 -9.52
CA THR E 204 -34.44 5.41 -8.35
C THR E 204 -35.89 5.51 -7.88
N SER E 205 -36.20 6.68 -7.32
CA SER E 205 -37.56 7.10 -7.04
C SER E 205 -38.06 8.05 -8.12
N GLY E 206 -37.23 8.26 -9.14
CA GLY E 206 -37.47 9.28 -10.14
C GLY E 206 -37.13 10.68 -9.65
N ARG E 207 -38.01 11.63 -9.93
CA ARG E 207 -37.76 13.05 -9.65
C ARG E 207 -37.52 13.35 -8.16
N TYR E 208 -36.43 14.07 -7.89
CA TYR E 208 -36.14 14.57 -6.55
C TYR E 208 -35.28 15.83 -6.66
N ALA E 209 -35.28 16.64 -5.61
CA ALA E 209 -34.62 17.95 -5.68
C ALA E 209 -33.48 18.09 -4.67
N SER E 210 -32.55 18.99 -4.98
CA SER E 210 -31.43 19.31 -4.10
C SER E 210 -31.03 20.77 -4.28
N TYR E 211 -30.39 21.34 -3.27
CA TYR E 211 -30.02 22.75 -3.30
C TYR E 211 -28.52 22.97 -3.41
N ARG E 212 -28.13 23.94 -4.24
CA ARG E 212 -26.73 24.29 -4.41
C ARG E 212 -26.54 25.80 -4.41
N ILE E 213 -25.69 26.30 -3.50
CA ILE E 213 -25.41 27.72 -3.40
C ILE E 213 -24.36 28.13 -4.44
N CYS E 214 -24.05 29.42 -4.51
CA CYS E 214 -23.07 29.92 -5.47
C CYS E 214 -21.95 30.67 -4.75
N MET E 215 -20.73 30.16 -4.88
CA MET E 215 -19.57 30.79 -4.27
C MET E 215 -18.99 31.88 -5.17
N GLU F 71 -28.87 23.82 23.43
CA GLU F 71 -28.38 23.46 24.76
C GLU F 71 -29.49 22.83 25.58
N LYS F 72 -30.62 23.52 25.67
CA LYS F 72 -31.77 23.00 26.39
C LYS F 72 -32.46 21.90 25.58
N ALA F 73 -33.14 21.01 26.30
CA ALA F 73 -33.74 19.82 25.69
C ALA F 73 -35.10 20.10 25.07
N ILE F 74 -35.34 19.49 23.91
CA ILE F 74 -36.66 19.55 23.28
C ILE F 74 -37.66 18.79 24.13
N PRO F 75 -38.81 19.42 24.44
CA PRO F 75 -39.83 18.83 25.31
C PRO F 75 -40.36 17.49 24.79
N LYS F 76 -40.93 16.69 25.70
CA LYS F 76 -41.45 15.36 25.36
C LYS F 76 -42.60 15.43 24.38
N ASP F 77 -43.16 16.62 24.22
CA ASP F 77 -44.30 16.85 23.32
C ASP F 77 -44.00 16.46 21.88
N GLN F 78 -43.12 17.20 21.22
CA GLN F 78 -42.85 17.00 19.80
C GLN F 78 -41.43 16.53 19.53
N ARG F 79 -41.29 15.60 18.59
CA ARG F 79 -39.99 15.07 18.19
C ARG F 79 -39.95 14.75 16.69
N ALA F 80 -38.82 15.08 16.05
CA ALA F 80 -38.63 14.79 14.64
C ALA F 80 -37.95 13.44 14.44
N THR F 81 -37.52 12.84 15.54
CA THR F 81 -36.78 11.58 15.50
C THR F 81 -37.70 10.38 15.34
N THR F 82 -37.24 9.36 14.62
CA THR F 82 -38.01 8.15 14.39
C THR F 82 -38.32 7.42 15.69
N PRO F 83 -39.55 6.90 15.82
CA PRO F 83 -40.01 6.22 17.03
C PRO F 83 -39.31 4.88 17.31
N TYR F 84 -38.67 4.31 16.29
CA TYR F 84 -38.01 3.02 16.44
C TYR F 84 -36.57 3.16 16.92
N MET F 85 -35.90 2.03 17.14
CA MET F 85 -34.53 2.03 17.63
C MET F 85 -33.56 1.39 16.64
N THR F 86 -32.34 1.91 16.58
CA THR F 86 -31.30 1.38 15.71
C THR F 86 -30.70 0.12 16.34
N LYS F 87 -30.16 -0.77 15.51
CA LYS F 87 -29.48 -1.96 16.01
C LYS F 87 -28.20 -1.58 16.77
N TYR F 88 -27.66 -0.41 16.45
CA TYR F 88 -26.48 0.11 17.12
C TYR F 88 -26.81 0.47 18.56
N GLU F 89 -28.05 0.89 18.78
CA GLU F 89 -28.53 1.22 20.11
C GLU F 89 -28.59 -0.03 20.99
N ARG F 90 -29.11 -1.11 20.42
CA ARG F 90 -29.22 -2.38 21.14
C ARG F 90 -27.86 -2.90 21.56
N ALA F 91 -26.84 -2.57 20.78
CA ALA F 91 -25.47 -3.01 21.06
C ALA F 91 -24.93 -2.39 22.34
N ARG F 92 -25.20 -1.11 22.54
CA ARG F 92 -24.70 -0.41 23.73
C ARG F 92 -25.55 -0.72 24.97
N ILE F 93 -26.86 -0.82 24.78
CA ILE F 93 -27.78 -1.12 25.87
C ILE F 93 -27.40 -2.42 26.59
N LEU F 94 -27.42 -3.53 25.85
CA LEU F 94 -27.03 -4.82 26.40
C LEU F 94 -25.60 -4.81 26.95
N GLY F 95 -24.74 -4.04 26.29
CA GLY F 95 -23.36 -3.91 26.73
C GLY F 95 -23.24 -3.16 28.05
N THR F 96 -23.88 -2.00 28.11
CA THR F 96 -23.88 -1.16 29.30
C THR F 96 -24.42 -1.90 30.52
N ARG F 97 -25.69 -2.31 30.45
CA ARG F 97 -26.37 -2.96 31.57
C ARG F 97 -25.62 -4.18 32.10
N ALA F 98 -25.05 -4.97 31.19
CA ALA F 98 -24.31 -6.17 31.59
C ALA F 98 -23.01 -5.81 32.28
N LEU F 99 -22.45 -4.66 31.94
CA LEU F 99 -21.20 -4.20 32.54
C LEU F 99 -21.45 -3.82 34.01
N GLN F 100 -22.61 -3.25 34.28
CA GLN F 100 -22.98 -2.86 35.64
C GLN F 100 -23.25 -4.08 36.51
N ILE F 101 -23.61 -5.19 35.87
CA ILE F 101 -23.85 -6.44 36.59
C ILE F 101 -22.54 -6.99 37.13
N SER F 102 -21.49 -6.91 36.33
CA SER F 102 -20.16 -7.38 36.74
C SER F 102 -19.60 -6.52 37.87
N MET F 103 -20.15 -5.32 38.03
CA MET F 103 -19.75 -4.39 39.07
C MET F 103 -20.57 -4.60 40.34
N ASN F 104 -21.36 -5.66 40.34
CA ASN F 104 -22.25 -6.00 41.45
C ASN F 104 -23.34 -4.97 41.71
N ALA F 105 -24.26 -4.86 40.76
CA ALA F 105 -25.47 -4.08 40.94
C ALA F 105 -26.63 -5.05 41.22
N PRO F 106 -27.82 -4.51 41.53
CA PRO F 106 -28.95 -5.45 41.66
C PRO F 106 -29.64 -5.74 40.33
N VAL F 107 -30.64 -6.59 40.36
CA VAL F 107 -31.41 -6.92 39.15
C VAL F 107 -32.89 -6.71 39.38
N PHE F 108 -33.58 -6.18 38.37
CA PHE F 108 -35.00 -5.87 38.48
C PHE F 108 -35.88 -6.98 37.93
N VAL F 109 -35.26 -8.04 37.42
CA VAL F 109 -36.01 -9.14 36.82
C VAL F 109 -35.71 -10.46 37.56
N ASP F 110 -36.66 -11.39 37.52
CA ASP F 110 -36.48 -12.69 38.14
C ASP F 110 -35.34 -13.44 37.46
N LEU F 111 -34.43 -13.98 38.27
CA LEU F 111 -33.25 -14.63 37.74
C LEU F 111 -33.26 -16.14 37.98
N GLU F 112 -33.37 -16.91 36.89
CA GLU F 112 -33.23 -18.36 36.96
C GLU F 112 -31.76 -18.68 37.20
N GLY F 113 -31.47 -19.86 37.75
CA GLY F 113 -30.10 -20.22 38.04
C GLY F 113 -29.27 -20.32 36.77
N GLU F 114 -28.22 -19.51 36.70
CA GLU F 114 -27.34 -19.45 35.54
C GLU F 114 -26.13 -18.59 35.85
N THR F 115 -25.27 -18.38 34.86
CA THR F 115 -24.05 -17.62 35.07
C THR F 115 -23.99 -16.43 34.09
N ASP F 116 -22.93 -15.62 34.22
CA ASP F 116 -22.55 -14.51 33.34
C ASP F 116 -23.52 -13.33 33.37
N PRO F 117 -23.00 -12.12 33.13
CA PRO F 117 -23.78 -10.88 33.02
C PRO F 117 -24.55 -10.76 31.71
N LEU F 118 -24.07 -11.39 30.65
CA LEU F 118 -24.60 -11.16 29.31
C LEU F 118 -25.98 -11.79 29.09
N ARG F 119 -26.12 -13.06 29.45
CA ARG F 119 -27.37 -13.77 29.19
C ARG F 119 -28.50 -13.33 30.11
N ILE F 120 -28.15 -12.81 31.28
CA ILE F 120 -29.16 -12.29 32.20
C ILE F 120 -29.52 -10.86 31.80
N ALA F 121 -28.69 -10.25 30.96
CA ALA F 121 -28.96 -8.91 30.45
C ALA F 121 -29.97 -8.96 29.33
N MET F 122 -29.85 -9.96 28.46
CA MET F 122 -30.80 -10.17 27.37
C MET F 122 -32.17 -10.54 27.94
N LYS F 123 -32.17 -11.28 29.04
CA LYS F 123 -33.39 -11.64 29.74
C LYS F 123 -34.00 -10.40 30.39
N GLU F 124 -33.13 -9.51 30.86
CA GLU F 124 -33.58 -8.27 31.50
C GLU F 124 -34.24 -7.34 30.50
N LEU F 125 -33.79 -7.40 29.25
CA LEU F 125 -34.34 -6.58 28.19
C LEU F 125 -35.66 -7.15 27.67
N ALA F 126 -35.83 -8.47 27.81
CA ALA F 126 -37.03 -9.15 27.36
C ALA F 126 -38.28 -8.59 28.05
N GLU F 127 -38.16 -8.36 29.35
CA GLU F 127 -39.27 -7.80 30.12
C GLU F 127 -39.16 -6.28 30.25
N LYS F 128 -38.13 -5.71 29.62
CA LYS F 128 -37.92 -4.27 29.58
C LYS F 128 -37.82 -3.64 30.97
N LYS F 129 -36.94 -4.20 31.80
CA LYS F 129 -36.77 -3.72 33.16
C LYS F 129 -35.63 -2.70 33.30
N ILE F 130 -35.02 -2.34 32.17
CA ILE F 130 -33.89 -1.40 32.18
C ILE F 130 -34.33 0.01 32.55
N PRO F 131 -33.75 0.56 33.63
CA PRO F 131 -34.03 1.93 34.07
C PRO F 131 -33.13 2.96 33.39
N LEU F 132 -33.13 2.97 32.06
CA LEU F 132 -32.28 3.87 31.30
C LEU F 132 -33.08 4.77 30.37
N VAL F 133 -32.58 5.98 30.15
CA VAL F 133 -33.18 6.91 29.19
C VAL F 133 -32.17 7.27 28.10
N ILE F 134 -32.45 6.83 26.88
CA ILE F 134 -31.54 7.03 25.76
C ILE F 134 -31.56 8.48 25.29
N ARG F 135 -30.38 9.04 25.07
CA ARG F 135 -30.26 10.44 24.67
C ARG F 135 -29.61 10.57 23.30
N ARG F 136 -30.24 11.33 22.42
CA ARG F 136 -29.78 11.47 21.05
C ARG F 136 -29.44 12.93 20.72
N TYR F 137 -28.59 13.13 19.72
CA TYR F 137 -28.15 14.46 19.34
C TYR F 137 -28.45 14.78 17.88
N LEU F 138 -28.90 16.01 17.63
CA LEU F 138 -29.06 16.50 16.26
C LEU F 138 -27.80 17.27 15.87
N PRO F 139 -27.71 17.72 14.60
CA PRO F 139 -26.53 18.52 14.23
C PRO F 139 -26.48 19.90 14.88
N ASP F 140 -27.64 20.46 15.19
CA ASP F 140 -27.71 21.83 15.71
C ASP F 140 -27.62 21.91 17.23
N GLY F 141 -27.60 20.76 17.89
CA GLY F 141 -27.56 20.73 19.34
C GLY F 141 -28.90 21.03 19.97
N SER F 142 -29.96 20.42 19.42
CA SER F 142 -31.31 20.59 19.94
C SER F 142 -31.60 19.55 21.01
N PHE F 143 -30.56 18.79 21.36
CA PHE F 143 -30.58 17.75 22.38
C PHE F 143 -31.64 16.69 22.06
N GLU F 144 -32.20 16.06 23.11
CA GLU F 144 -33.29 15.07 23.00
C GLU F 144 -33.52 14.38 24.36
N ASP F 145 -34.67 13.74 24.52
CA ASP F 145 -34.86 12.74 25.58
C ASP F 145 -35.71 11.56 25.07
N TRP F 146 -35.20 10.34 25.26
CA TRP F 146 -35.94 9.14 24.88
C TRP F 146 -35.80 8.02 25.92
N SER F 147 -36.93 7.52 26.40
CA SER F 147 -36.93 6.42 27.37
C SER F 147 -36.93 5.07 26.66
N VAL F 148 -36.22 4.11 27.24
CA VAL F 148 -36.12 2.76 26.68
C VAL F 148 -37.47 2.05 26.67
N GLU F 149 -38.20 2.16 27.78
CA GLU F 149 -39.47 1.46 27.95
C GLU F 149 -40.51 1.85 26.91
N GLU F 150 -40.64 3.16 26.66
CA GLU F 150 -41.64 3.67 25.72
C GLU F 150 -41.36 3.25 24.28
N LEU F 151 -40.09 3.04 23.98
CA LEU F 151 -39.68 2.72 22.61
C LEU F 151 -40.11 1.29 22.26
N ILE F 152 -40.59 1.11 21.03
CA ILE F 152 -41.20 -0.17 20.63
C ILE F 152 -40.59 -0.76 19.36
N VAL F 153 -40.28 -2.05 19.41
CA VAL F 153 -39.86 -2.82 18.23
C VAL F 153 -40.48 -4.21 18.23
N PHE G 2 -19.17 29.84 63.10
CA PHE G 2 -19.80 29.03 62.06
C PHE G 2 -20.55 29.89 61.06
N ILE G 3 -20.64 29.42 59.83
CA ILE G 3 -21.41 30.07 58.76
C ILE G 3 -21.82 29.03 57.71
N LEU G 4 -22.77 29.39 56.87
CA LEU G 4 -23.25 28.47 55.84
C LEU G 4 -22.76 28.86 54.44
N SER G 5 -21.86 28.04 53.89
CA SER G 5 -21.40 28.22 52.52
C SER G 5 -22.37 27.61 51.52
N LYS G 6 -22.36 28.11 50.29
CA LYS G 6 -23.14 27.51 49.21
C LYS G 6 -22.24 27.21 48.01
N ILE G 7 -22.10 25.93 47.69
CA ILE G 7 -21.20 25.49 46.63
C ILE G 7 -21.85 24.47 45.70
N ALA G 8 -21.19 24.22 44.57
CA ALA G 8 -21.64 23.22 43.61
C ALA G 8 -20.53 22.19 43.41
N ASP G 9 -20.86 21.05 42.81
CA ASP G 9 -19.93 19.92 42.71
C ASP G 9 -20.49 18.78 41.87
N LEU G 10 -19.61 17.88 41.43
CA LEU G 10 -20.00 16.71 40.67
C LEU G 10 -19.70 15.44 41.48
N VAL G 11 -20.66 14.53 41.53
CA VAL G 11 -20.53 13.34 42.37
C VAL G 11 -20.58 12.05 41.54
N ARG G 12 -19.64 11.14 41.81
CA ARG G 12 -19.62 9.84 41.15
C ARG G 12 -20.04 8.74 42.12
N ILE G 13 -21.21 8.15 41.87
CA ILE G 13 -21.71 7.05 42.68
C ILE G 13 -21.61 5.72 41.93
N PRO G 14 -20.93 4.74 42.55
CA PRO G 14 -20.73 3.42 41.92
C PRO G 14 -22.03 2.63 41.78
N PRO G 15 -21.99 1.46 41.12
CA PRO G 15 -23.17 0.60 41.02
C PRO G 15 -23.55 -0.05 42.34
N ASP G 16 -22.63 -0.08 43.30
CA ASP G 16 -22.85 -0.75 44.58
C ASP G 16 -23.92 -0.04 45.41
N GLN G 17 -24.08 1.26 45.20
CA GLN G 17 -25.03 2.05 45.97
C GLN G 17 -26.39 2.18 45.28
N PHE G 18 -26.55 1.50 44.15
CA PHE G 18 -27.78 1.56 43.38
C PHE G 18 -28.98 0.98 44.13
N HIS G 19 -28.71 0.08 45.08
CA HIS G 19 -29.78 -0.58 45.82
C HIS G 19 -30.45 0.38 46.80
N ARG G 20 -29.71 1.39 47.25
CA ARG G 20 -30.25 2.39 48.16
C ARG G 20 -30.80 3.59 47.39
N ASP G 21 -31.14 4.65 48.13
CA ASP G 21 -31.72 5.85 47.54
C ASP G 21 -30.65 6.88 47.23
N THR G 22 -30.87 7.64 46.17
CA THR G 22 -29.95 8.69 45.70
C THR G 22 -29.46 9.60 46.82
N ILE G 23 -30.40 10.30 47.47
CA ILE G 23 -30.08 11.24 48.54
C ILE G 23 -29.14 10.66 49.60
N SER G 24 -29.33 9.38 49.93
CA SER G 24 -28.48 8.72 50.90
C SER G 24 -27.10 8.40 50.31
N ALA G 25 -27.08 8.11 49.01
CA ALA G 25 -25.84 7.79 48.33
C ALA G 25 -24.97 9.03 48.14
N ILE G 26 -25.59 10.12 47.69
CA ILE G 26 -24.88 11.38 47.48
C ILE G 26 -24.36 11.92 48.82
N THR G 27 -25.15 11.72 49.87
CA THR G 27 -24.77 12.14 51.22
C THR G 27 -23.41 11.58 51.62
N HIS G 28 -23.31 10.26 51.69
CA HIS G 28 -22.07 9.57 52.06
C HIS G 28 -20.89 10.02 51.21
N GLN G 29 -21.12 10.18 49.91
CA GLN G 29 -20.08 10.61 48.98
C GLN G 29 -19.57 12.00 49.32
N LEU G 30 -20.50 12.93 49.52
CA LEU G 30 -20.14 14.31 49.86
C LEU G 30 -19.41 14.37 51.20
N ASN G 31 -19.74 13.45 52.09
CA ASN G 31 -19.07 13.36 53.39
C ASN G 31 -17.63 12.91 53.23
N ASN G 32 -17.37 12.06 52.23
CA ASN G 32 -16.02 11.59 51.95
C ASN G 32 -15.21 12.64 51.19
N LYS G 33 -15.90 13.63 50.66
CA LYS G 33 -15.25 14.70 49.91
C LYS G 33 -14.56 15.70 50.83
N PHE G 34 -15.35 16.40 51.64
CA PHE G 34 -14.80 17.47 52.47
C PHE G 34 -14.61 17.04 53.93
N ALA G 35 -15.70 16.97 54.68
CA ALA G 35 -15.63 16.63 56.11
C ALA G 35 -14.61 17.50 56.84
N ASN G 36 -13.57 16.86 57.36
CA ASN G 36 -12.50 17.56 58.07
C ASN G 36 -11.57 18.36 57.16
N LYS G 37 -11.60 18.06 55.87
CA LYS G 37 -10.70 18.74 54.91
C LYS G 37 -10.98 20.24 54.87
N ILE G 38 -9.91 21.01 54.65
CA ILE G 38 -10.01 22.47 54.59
C ILE G 38 -10.34 22.94 53.18
N ILE G 39 -11.40 23.73 53.05
CA ILE G 39 -11.80 24.29 51.77
C ILE G 39 -11.17 25.66 51.56
N PRO G 40 -10.49 25.86 50.42
CA PRO G 40 -9.79 27.11 50.10
C PRO G 40 -10.67 28.36 50.18
N ASN G 41 -10.17 29.37 50.87
CA ASN G 41 -10.68 30.74 50.91
C ASN G 41 -12.08 30.92 51.55
N VAL G 42 -12.80 29.82 51.76
CA VAL G 42 -14.10 29.89 52.40
C VAL G 42 -14.02 29.57 53.89
N GLY G 43 -12.84 29.17 54.35
CA GLY G 43 -12.64 28.76 55.72
C GLY G 43 -12.73 27.25 55.87
N LEU G 44 -12.76 26.77 57.11
CA LEU G 44 -12.79 25.34 57.37
C LEU G 44 -14.23 24.83 57.49
N CYS G 45 -14.48 23.66 56.91
CA CYS G 45 -15.81 23.06 56.89
C CYS G 45 -15.95 21.95 57.92
N ILE G 46 -17.14 21.82 58.49
CA ILE G 46 -17.39 20.80 59.51
C ILE G 46 -18.28 19.68 58.98
N THR G 47 -19.54 20.01 58.67
CA THR G 47 -20.50 19.01 58.23
C THR G 47 -21.30 19.46 57.02
N ILE G 48 -22.24 18.61 56.59
CA ILE G 48 -23.09 18.89 55.44
C ILE G 48 -24.54 19.10 55.90
N TYR G 49 -25.28 19.94 55.20
CA TYR G 49 -26.62 20.31 55.64
C TYR G 49 -27.74 19.81 54.73
N ASP G 50 -27.88 20.41 53.55
CA ASP G 50 -29.03 20.12 52.68
C ASP G 50 -28.65 19.85 51.23
N LEU G 51 -29.61 19.36 50.46
CA LEU G 51 -29.40 19.02 49.05
C LEU G 51 -30.44 19.67 48.14
N LEU G 52 -29.98 20.29 47.05
CA LEU G 52 -30.86 20.95 46.09
C LEU G 52 -30.44 20.71 44.64
N THR G 53 -31.32 21.09 43.72
CA THR G 53 -31.05 21.24 42.27
C THR G 53 -30.69 19.96 41.52
N VAL G 54 -30.55 18.85 42.25
CA VAL G 54 -30.09 17.59 41.66
C VAL G 54 -30.91 17.18 40.43
N GLU G 55 -30.22 16.89 39.34
CA GLU G 55 -30.86 16.52 38.09
C GLU G 55 -30.33 15.18 37.57
N GLU G 56 -30.78 14.80 36.38
CA GLU G 56 -30.39 13.53 35.77
C GLU G 56 -28.88 13.41 35.60
N GLY G 57 -28.32 12.31 36.08
CA GLY G 57 -26.90 12.05 35.95
C GLY G 57 -26.56 11.42 34.62
N GLN G 58 -25.38 11.71 34.09
CA GLN G 58 -24.97 11.18 32.79
C GLN G 58 -24.12 9.93 32.93
N LEU G 59 -23.76 9.35 31.80
CA LEU G 59 -22.92 8.16 31.77
C LEU G 59 -21.92 8.19 30.61
N LYS G 60 -20.64 7.98 30.93
CA LYS G 60 -19.62 7.88 29.89
C LYS G 60 -19.48 6.42 29.43
N PRO G 61 -19.21 6.22 28.13
CA PRO G 61 -19.19 4.90 27.50
C PRO G 61 -18.16 3.91 28.08
N GLY G 62 -17.18 4.41 28.82
CA GLY G 62 -16.07 3.57 29.24
C GLY G 62 -16.05 3.08 30.67
N ASP G 63 -17.10 3.37 31.44
CA ASP G 63 -17.13 2.96 32.84
C ASP G 63 -18.39 2.20 33.23
N GLY G 64 -19.53 2.88 33.22
CA GLY G 64 -20.77 2.29 33.67
C GLY G 64 -21.21 2.80 35.03
N SER G 65 -20.51 3.81 35.53
CA SER G 65 -20.85 4.44 36.80
C SER G 65 -21.92 5.50 36.63
N SER G 66 -22.17 6.29 37.67
CA SER G 66 -23.15 7.36 37.61
C SER G 66 -22.56 8.69 38.06
N TYR G 67 -22.51 9.66 37.15
CA TYR G 67 -21.96 10.98 37.44
C TYR G 67 -23.07 12.03 37.54
N ILE G 68 -23.26 12.59 38.72
CA ILE G 68 -24.29 13.59 38.94
C ILE G 68 -23.70 14.91 39.44
N ASN G 69 -24.11 16.02 38.82
CA ASN G 69 -23.65 17.34 39.22
C ASN G 69 -24.71 18.08 40.05
N VAL G 70 -24.41 18.28 41.33
CA VAL G 70 -25.36 18.91 42.25
C VAL G 70 -24.74 20.07 43.02
N THR G 71 -25.59 20.90 43.61
CA THR G 71 -25.13 21.94 44.52
C THR G 71 -25.68 21.69 45.91
N PHE G 72 -24.97 22.16 46.93
CA PHE G 72 -25.41 21.96 48.30
C PHE G 72 -24.80 23.02 49.22
N ARG G 73 -25.42 23.20 50.39
CA ARG G 73 -24.94 24.17 51.36
C ARG G 73 -24.24 23.46 52.52
N ALA G 74 -22.93 23.66 52.63
CA ALA G 74 -22.12 23.02 53.65
C ALA G 74 -21.90 23.92 54.86
N VAL G 75 -21.87 23.32 56.04
CA VAL G 75 -21.63 24.09 57.26
C VAL G 75 -20.12 24.26 57.48
N VAL G 76 -19.68 25.51 57.49
CA VAL G 76 -18.25 25.80 57.63
C VAL G 76 -17.98 26.61 58.90
N PHE G 77 -16.72 26.99 59.09
CA PHE G 77 -16.31 27.63 60.34
C PHE G 77 -15.42 28.86 60.15
N LYS G 78 -15.90 29.98 60.67
CA LYS G 78 -15.12 31.20 60.90
C LYS G 78 -16.04 32.21 61.56
N PRO G 79 -15.61 32.79 62.69
CA PRO G 79 -16.56 33.67 63.40
C PRO G 79 -16.84 35.02 62.74
N PHE G 80 -15.80 35.83 62.61
CA PHE G 80 -15.72 37.07 61.82
C PHE G 80 -14.41 37.74 62.25
N LEU G 81 -14.09 38.88 61.65
CA LEU G 81 -12.83 39.58 61.91
C LEU G 81 -12.46 39.75 63.39
N GLY G 82 -13.38 40.28 64.19
CA GLY G 82 -13.08 40.64 65.57
C GLY G 82 -13.67 39.85 66.73
N GLU G 83 -14.19 38.66 66.46
CA GLU G 83 -14.93 37.91 67.49
C GLU G 83 -14.05 37.34 68.60
N ILE G 84 -14.60 37.34 69.82
CA ILE G 84 -13.98 36.70 70.98
C ILE G 84 -14.62 35.32 71.21
N VAL G 85 -13.78 34.30 71.43
CA VAL G 85 -14.28 32.94 71.60
C VAL G 85 -13.40 32.15 72.59
N THR G 86 -14.05 31.27 73.36
CA THR G 86 -13.38 30.50 74.40
C THR G 86 -12.35 29.49 73.85
N GLY G 87 -11.26 29.30 74.59
CA GLY G 87 -10.24 28.32 74.25
C GLY G 87 -9.21 28.22 75.37
N TRP G 88 -8.09 27.56 75.10
CA TRP G 88 -6.96 27.54 76.03
C TRP G 88 -5.65 27.21 75.33
N ILE G 89 -4.54 27.56 75.98
CA ILE G 89 -3.22 27.43 75.36
C ILE G 89 -2.80 25.94 75.34
N SER G 90 -1.70 25.62 74.64
CA SER G 90 -1.20 24.26 74.58
C SER G 90 0.32 24.19 74.77
N LYS G 91 1.05 24.73 73.80
CA LYS G 91 2.51 24.71 73.81
C LYS G 91 3.02 26.14 73.94
N CYS G 92 4.35 26.31 73.96
CA CYS G 92 4.94 27.64 74.10
C CYS G 92 6.46 27.66 73.99
N THR G 93 6.97 28.85 73.71
CA THR G 93 8.40 29.18 73.56
C THR G 93 8.44 30.69 73.74
N ALA G 94 9.54 31.36 73.44
CA ALA G 94 9.42 32.80 73.43
C ALA G 94 9.11 33.24 72.01
N GLU G 95 7.83 33.41 71.76
CA GLU G 95 7.29 34.14 70.63
C GLU G 95 6.06 34.88 71.15
N GLY G 96 5.08 34.05 71.51
CA GLY G 96 3.83 34.45 72.13
C GLY G 96 3.12 33.15 72.47
N ILE G 97 2.00 33.22 73.19
CA ILE G 97 1.31 32.01 73.59
C ILE G 97 0.49 31.43 72.43
N LYS G 98 0.32 30.12 72.42
CA LYS G 98 -0.45 29.45 71.37
C LYS G 98 -1.71 28.81 71.93
N VAL G 99 -2.86 29.40 71.63
CA VAL G 99 -4.12 28.97 72.22
C VAL G 99 -4.88 27.99 71.33
N SER G 100 -5.39 26.92 71.92
CA SER G 100 -6.10 25.90 71.16
C SER G 100 -7.53 25.73 71.66
N LEU G 101 -8.48 25.75 70.73
CA LEU G 101 -9.86 25.48 71.07
C LEU G 101 -10.11 23.99 70.90
N LEU G 102 -10.31 23.28 72.01
CA LEU G 102 -10.61 21.86 71.95
C LEU G 102 -11.92 21.70 71.21
N GLY G 103 -11.90 20.87 70.17
CA GLY G 103 -13.07 20.71 69.33
C GLY G 103 -12.97 21.26 67.92
N ILE G 104 -11.95 22.06 67.63
CA ILE G 104 -11.73 22.44 66.24
C ILE G 104 -10.26 22.30 65.78
N PHE G 105 -9.36 23.16 66.25
CA PHE G 105 -7.94 23.05 65.90
C PHE G 105 -7.04 23.79 66.89
N ASP G 106 -5.74 23.50 66.82
CA ASP G 106 -4.74 24.20 67.63
C ASP G 106 -4.15 25.39 66.86
N ASP G 107 -4.69 25.64 65.66
CA ASP G 107 -4.12 26.61 64.74
C ASP G 107 -4.01 28.04 65.29
N ILE G 108 -4.90 28.40 66.22
CA ILE G 108 -4.89 29.76 66.77
C ILE G 108 -3.61 30.00 67.55
N PHE G 109 -2.90 31.07 67.20
CA PHE G 109 -1.68 31.44 67.90
C PHE G 109 -1.57 32.95 68.05
N ILE G 110 -1.37 33.42 69.28
CA ILE G 110 -1.20 34.85 69.49
C ILE G 110 0.21 35.16 69.98
N PRO G 111 1.03 35.76 69.09
CA PRO G 111 2.38 36.20 69.45
C PRO G 111 2.28 37.41 70.35
N GLN G 112 3.33 37.74 71.12
CA GLN G 112 3.23 38.93 71.95
C GLN G 112 3.81 40.13 71.23
N ASN G 113 2.92 40.97 70.75
CA ASN G 113 3.24 42.28 70.20
C ASN G 113 2.22 43.27 70.76
N MET G 114 0.97 43.04 70.40
CA MET G 114 -0.15 43.87 70.82
C MET G 114 -0.74 43.40 72.14
N LEU G 115 -0.11 42.41 72.77
CA LEU G 115 -0.57 41.94 74.07
C LEU G 115 -0.20 43.02 75.10
N PHE G 116 -0.45 42.75 76.38
CA PHE G 116 -0.27 43.76 77.42
C PHE G 116 1.18 44.21 77.51
N GLU G 117 1.37 45.42 78.03
CA GLU G 117 2.68 46.07 77.98
C GLU G 117 3.76 45.38 78.82
N GLY G 118 3.34 44.68 79.87
CA GLY G 118 4.27 44.11 80.83
C GLY G 118 4.52 42.62 80.79
N CYS G 119 4.20 41.97 79.67
CA CYS G 119 4.35 40.52 79.57
C CYS G 119 5.60 40.09 78.81
N TYR G 120 6.27 39.07 79.32
CA TYR G 120 7.50 38.57 78.72
C TYR G 120 7.72 37.08 78.99
N TYR G 121 8.34 36.39 78.04
CA TYR G 121 8.70 34.98 78.22
C TYR G 121 10.05 34.84 78.91
N THR G 122 10.21 33.78 79.70
CA THR G 122 11.49 33.47 80.30
C THR G 122 11.95 32.05 79.95
N PRO G 123 13.26 31.88 79.69
CA PRO G 123 13.91 30.58 79.47
C PRO G 123 13.94 29.76 80.76
N GLU G 124 13.64 30.43 81.87
CA GLU G 124 13.68 29.86 83.21
C GLU G 124 12.66 28.74 83.42
N GLU G 125 11.84 28.50 82.39
CA GLU G 125 10.75 27.51 82.36
C GLU G 125 9.47 28.12 82.93
N SER G 126 9.59 29.33 83.47
CA SER G 126 8.41 30.11 83.83
C SER G 126 7.86 30.75 82.56
N ALA G 127 6.63 30.41 82.21
CA ALA G 127 6.04 30.79 80.93
C ALA G 127 5.98 32.30 80.69
N TRP G 128 5.09 32.98 81.41
CA TRP G 128 4.88 34.41 81.19
C TRP G 128 4.62 35.14 82.50
N ILE G 129 4.93 36.42 82.54
CA ILE G 129 4.77 37.23 83.75
C ILE G 129 4.11 38.57 83.44
N TRP G 130 3.24 39.04 84.33
CA TRP G 130 2.62 40.35 84.20
C TRP G 130 3.11 41.27 85.32
N PRO G 131 3.14 42.59 85.07
CA PRO G 131 3.65 43.53 86.07
C PRO G 131 2.76 43.62 87.31
N LYS G 137 -1.54 41.97 86.69
CA LYS G 137 -0.60 41.80 87.79
C LYS G 137 -0.20 40.35 87.94
N LEU G 138 -1.02 39.44 87.42
CA LEU G 138 -0.76 38.02 87.52
C LEU G 138 -0.73 37.34 86.15
N TYR G 139 -0.48 36.04 86.15
CA TYR G 139 -0.33 35.28 84.91
C TYR G 139 -0.89 33.87 85.03
N PHE G 140 -0.74 33.08 83.95
CA PHE G 140 -1.27 31.72 83.93
C PHE G 140 -0.51 30.81 82.98
N ASP G 141 -1.03 29.59 82.81
CA ASP G 141 -0.38 28.58 81.97
C ASP G 141 -1.43 27.66 81.36
N VAL G 142 -0.97 26.55 80.79
CA VAL G 142 -1.85 25.60 80.10
C VAL G 142 -2.84 24.93 81.04
N ASN G 143 -3.89 24.36 80.43
CA ASN G 143 -4.97 23.62 81.12
C ASN G 143 -6.02 24.56 81.70
N GLU G 144 -5.78 25.87 81.58
CA GLU G 144 -6.76 26.86 82.03
C GLU G 144 -7.36 27.61 80.85
N LYS G 145 -8.68 27.84 80.89
CA LYS G 145 -9.41 28.42 79.78
C LYS G 145 -8.95 29.84 79.45
N ILE G 146 -9.10 30.22 78.18
CA ILE G 146 -8.63 31.52 77.68
C ILE G 146 -9.64 32.13 76.70
N ARG G 147 -9.98 33.40 76.92
CA ARG G 147 -10.76 34.15 75.94
C ARG G 147 -9.81 34.87 74.99
N PHE G 148 -9.95 34.63 73.70
CA PHE G 148 -9.07 35.27 72.72
C PHE G 148 -9.85 35.93 71.59
N ARG G 149 -9.44 37.15 71.23
CA ARG G 149 -10.09 37.92 70.17
C ARG G 149 -9.37 37.73 68.84
N ILE G 150 -10.15 37.58 67.77
CA ILE G 150 -9.59 37.39 66.44
C ILE G 150 -9.17 38.73 65.84
N GLU G 151 -8.04 38.74 65.14
CA GLU G 151 -7.59 39.94 64.42
C GLU G 151 -7.19 39.63 62.97
N ARG G 152 -6.12 38.85 62.81
CA ARG G 152 -5.54 38.59 61.51
C ARG G 152 -5.83 37.18 61.00
N GLU G 153 -6.01 37.05 59.69
CA GLU G 153 -6.23 35.76 59.05
C GLU G 153 -5.38 35.63 57.78
N VAL G 154 -4.77 34.45 57.59
CA VAL G 154 -3.90 34.23 56.44
C VAL G 154 -4.20 32.91 55.72
N PHE G 155 -4.02 32.91 54.39
CA PHE G 155 -4.27 31.74 53.56
C PHE G 155 -3.07 31.40 52.68
N VAL G 156 -2.71 30.12 52.62
CA VAL G 156 -1.66 29.66 51.71
C VAL G 156 -2.04 28.36 51.01
N ASP G 157 -1.41 28.09 49.88
CA ASP G 157 -1.53 26.81 49.21
C ASP G 157 -0.14 26.19 49.01
N VAL G 158 0.60 26.74 48.04
CA VAL G 158 2.03 26.48 47.86
C VAL G 158 2.47 25.02 47.96
N LYS G 159 2.14 24.22 46.96
CA LYS G 159 2.73 22.88 46.86
C LYS G 159 3.22 22.53 45.45
N PRO G 160 4.15 23.34 44.88
CA PRO G 160 4.80 22.92 43.65
C PRO G 160 6.16 22.29 43.92
N LYS G 161 6.20 21.18 44.66
CA LYS G 161 7.47 20.62 45.09
C LYS G 161 8.16 19.86 43.96
N SER G 162 9.42 20.20 43.71
CA SER G 162 10.19 19.59 42.64
C SER G 162 10.62 18.17 42.99
N PRO G 163 10.61 17.28 41.99
CA PRO G 163 11.15 15.92 42.16
C PRO G 163 12.62 15.97 42.57
N LYS G 164 13.34 16.96 42.06
CA LYS G 164 14.71 17.21 42.49
C LYS G 164 14.74 17.60 43.96
N GLU G 165 13.77 18.44 44.34
CA GLU G 165 13.66 18.93 45.71
C GLU G 165 13.02 17.91 46.65
N ARG G 166 12.08 17.14 46.13
CA ARG G 166 11.33 16.18 46.95
C ARG G 166 12.21 15.03 47.41
N GLU G 167 12.95 14.43 46.47
CA GLU G 167 13.81 13.29 46.79
C GLU G 167 14.98 13.70 47.68
N LEU G 168 15.25 15.01 47.74
CA LEU G 168 16.28 15.54 48.62
C LEU G 168 15.91 15.28 50.07
N GLU G 169 14.72 15.71 50.47
CA GLU G 169 14.26 15.56 51.84
C GLU G 169 14.01 14.11 52.21
N GLU G 170 13.80 13.27 51.21
CA GLU G 170 13.52 11.86 51.43
C GLU G 170 14.74 11.09 51.93
N ARG G 171 15.86 11.24 51.21
CA ARG G 171 17.07 10.50 51.53
C ARG G 171 17.96 11.23 52.54
N ALA G 172 17.66 12.49 52.80
CA ALA G 172 18.42 13.26 53.80
C ALA G 172 17.91 12.96 55.20
N GLN G 173 16.63 12.66 55.32
CA GLN G 173 16.01 12.38 56.61
C GLN G 173 14.79 11.49 56.46
N GLU G 189 8.74 24.52 58.78
CA GLU G 189 7.89 23.43 58.31
C GLU G 189 6.81 23.95 57.37
N LYS G 190 6.30 25.14 57.69
CA LYS G 190 5.29 25.82 56.88
C LYS G 190 4.01 24.99 56.65
N PRO G 191 3.30 24.61 57.74
CA PRO G 191 1.93 24.10 57.56
C PRO G 191 0.81 25.11 57.88
N PRO G 192 0.73 26.26 57.19
CA PRO G 192 -0.38 27.14 57.55
C PRO G 192 -1.58 27.00 56.63
N ALA G 193 -2.20 25.83 56.58
CA ALA G 193 -3.37 25.61 55.73
C ALA G 193 -4.49 26.56 56.12
N TYR G 194 -4.87 26.51 57.40
CA TYR G 194 -5.80 27.47 57.96
C TYR G 194 -5.25 28.00 59.28
N ALA G 195 -4.94 29.29 59.32
CA ALA G 195 -4.29 29.88 60.49
C ALA G 195 -4.93 31.21 60.88
N LEU G 196 -5.27 31.33 62.17
CA LEU G 196 -5.86 32.55 62.70
C LEU G 196 -5.04 33.08 63.88
N LEU G 197 -5.04 34.40 64.04
CA LEU G 197 -4.33 35.03 65.15
C LEU G 197 -5.03 36.33 65.55
N GLY G 198 -4.74 36.82 66.75
CA GLY G 198 -5.44 37.98 67.26
C GLY G 198 -4.70 38.84 68.26
N SER G 199 -5.38 39.89 68.74
CA SER G 199 -4.81 40.82 69.70
C SER G 199 -5.74 41.03 70.89
N CYS G 200 -5.29 40.61 72.07
CA CYS G 200 -6.12 40.57 73.29
C CYS G 200 -6.00 41.77 74.22
N GLN G 201 -5.28 42.82 73.81
CA GLN G 201 -4.89 43.90 74.73
C GLN G 201 -6.01 44.51 75.57
N THR G 202 -7.24 44.48 75.07
CA THR G 202 -8.37 44.94 75.86
C THR G 202 -8.47 44.08 77.11
N ASP G 203 -8.51 44.73 78.28
CA ASP G 203 -8.39 44.02 79.55
C ASP G 203 -9.52 43.03 79.79
N GLY G 204 -9.21 41.94 80.49
CA GLY G 204 -10.19 40.93 80.82
C GLY G 204 -10.11 39.69 79.94
N MET G 205 -9.01 39.56 79.20
CA MET G 205 -8.82 38.42 78.31
C MET G 205 -7.80 37.42 78.86
N GLY G 206 -8.01 36.15 78.56
CA GLY G 206 -7.06 35.10 78.88
C GLY G 206 -7.41 34.22 80.07
N LEU G 207 -8.23 34.71 80.99
CA LEU G 207 -8.73 33.87 82.07
C LEU G 207 -10.08 34.37 82.57
N VAL G 208 -10.97 33.44 82.88
CA VAL G 208 -12.35 33.80 83.26
C VAL G 208 -12.59 33.93 84.77
N SER G 209 -11.61 33.52 85.57
CA SER G 209 -11.76 33.54 87.03
C SER G 209 -11.22 34.82 87.64
N TRP G 210 -10.67 35.70 86.81
CA TRP G 210 -10.25 37.02 87.26
C TRP G 210 -11.49 37.82 87.65
N TRP G 211 -12.57 37.55 86.92
CA TRP G 211 -13.88 38.14 87.21
C TRP G 211 -14.59 37.32 88.28
N GLU G 212 -15.88 37.63 88.48
CA GLU G 212 -16.72 36.92 89.43
C GLU G 212 -16.14 36.98 90.85
N MET H 1 -73.05 -42.56 -1.74
CA MET H 1 -73.71 -41.28 -1.53
C MET H 1 -72.79 -40.11 -1.88
N SER H 2 -72.60 -39.19 -0.95
CA SER H 2 -71.76 -38.02 -1.16
C SER H 2 -70.28 -38.36 -1.27
N ASN H 3 -69.95 -39.62 -0.97
CA ASN H 3 -68.57 -40.08 -1.04
C ASN H 3 -67.95 -39.86 -2.42
N THR H 4 -68.71 -40.17 -3.47
CA THR H 4 -68.26 -39.96 -4.84
C THR H 4 -68.60 -38.55 -5.31
N LEU H 5 -67.67 -37.95 -6.05
CA LEU H 5 -67.85 -36.59 -6.54
C LEU H 5 -67.95 -36.56 -8.06
N PHE H 6 -66.84 -36.85 -8.73
CA PHE H 6 -66.80 -36.87 -10.18
C PHE H 6 -66.33 -38.23 -10.70
N ASP H 7 -67.11 -38.83 -11.59
CA ASP H 7 -66.80 -40.15 -12.13
C ASP H 7 -67.01 -40.21 -13.64
N ASP H 8 -66.19 -41.02 -14.31
CA ASP H 8 -66.23 -41.18 -15.76
C ASP H 8 -65.23 -42.24 -16.20
N ILE H 9 -65.39 -42.71 -17.44
CA ILE H 9 -64.48 -43.72 -18.00
C ILE H 9 -63.54 -43.07 -19.00
N PHE H 10 -62.23 -43.17 -18.74
CA PHE H 10 -61.24 -42.53 -19.59
C PHE H 10 -60.38 -43.54 -20.36
N GLN H 11 -59.94 -43.14 -21.54
CA GLN H 11 -59.02 -43.97 -22.34
C GLN H 11 -57.69 -43.25 -22.50
N VAL H 12 -56.63 -44.01 -22.69
CA VAL H 12 -55.30 -43.43 -22.81
C VAL H 12 -55.02 -43.02 -24.26
N SER H 13 -53.88 -42.36 -24.48
CA SER H 13 -53.48 -41.98 -25.83
C SER H 13 -52.01 -42.35 -26.06
N GLU H 14 -51.11 -41.67 -25.36
CA GLU H 14 -49.68 -41.94 -25.46
C GLU H 14 -49.04 -42.11 -24.09
N VAL H 15 -47.93 -42.83 -24.04
CA VAL H 15 -47.16 -43.00 -22.82
C VAL H 15 -45.68 -42.72 -23.08
N ASP H 16 -45.15 -41.69 -22.42
CA ASP H 16 -43.79 -41.26 -22.67
C ASP H 16 -43.00 -40.95 -21.40
N PRO H 17 -42.42 -41.98 -20.77
CA PRO H 17 -41.59 -41.80 -19.57
C PRO H 17 -40.21 -41.21 -19.90
N GLY H 18 -40.19 -39.97 -20.35
CA GLY H 18 -38.94 -39.32 -20.72
C GLY H 18 -38.02 -39.06 -19.55
N ARG H 19 -36.79 -39.57 -19.66
CA ARG H 19 -35.73 -39.34 -18.67
C ARG H 19 -36.01 -39.98 -17.31
N TYR H 20 -37.20 -40.54 -17.14
CA TYR H 20 -37.57 -41.21 -15.90
C TYR H 20 -37.87 -42.69 -16.17
N ASN H 21 -37.76 -43.51 -15.12
CA ASN H 21 -37.96 -44.94 -15.27
C ASN H 21 -39.27 -45.45 -14.69
N LYS H 22 -39.45 -45.33 -13.38
CA LYS H 22 -40.65 -45.83 -12.72
C LYS H 22 -41.73 -44.76 -12.59
N VAL H 23 -41.46 -43.58 -13.13
CA VAL H 23 -42.43 -42.48 -13.11
C VAL H 23 -42.66 -41.95 -14.52
N CYS H 24 -43.91 -41.88 -14.96
CA CYS H 24 -44.23 -41.40 -16.29
C CYS H 24 -45.34 -40.36 -16.28
N ARG H 25 -45.65 -39.84 -17.47
CA ARG H 25 -46.75 -38.90 -17.64
C ARG H 25 -47.77 -39.47 -18.62
N ILE H 26 -48.96 -39.77 -18.10
CA ILE H 26 -50.00 -40.37 -18.94
C ILE H 26 -51.00 -39.32 -19.43
N GLU H 27 -51.03 -39.13 -20.75
CA GLU H 27 -51.98 -38.22 -21.37
C GLU H 27 -53.17 -39.02 -21.88
N ALA H 28 -54.34 -38.77 -21.29
CA ALA H 28 -55.53 -39.57 -21.58
C ALA H 28 -56.62 -38.78 -22.29
N ALA H 29 -57.73 -39.44 -22.57
CA ALA H 29 -58.88 -38.82 -23.20
C ALA H 29 -60.16 -39.30 -22.53
N SER H 30 -61.31 -38.94 -23.08
CA SER H 30 -62.58 -39.29 -22.45
C SER H 30 -63.66 -39.67 -23.45
N THR H 31 -64.46 -40.67 -23.10
CA THR H 31 -65.62 -41.05 -23.88
C THR H 31 -66.82 -40.21 -23.46
N THR H 32 -68.01 -40.57 -23.96
CA THR H 32 -69.24 -39.83 -23.68
C THR H 32 -69.05 -38.37 -24.09
N GLN H 33 -69.12 -37.46 -23.13
CA GLN H 33 -68.83 -36.05 -23.39
C GLN H 33 -67.37 -35.90 -23.79
N ASP H 34 -67.13 -35.27 -24.94
CA ASP H 34 -65.79 -35.17 -25.50
C ASP H 34 -65.05 -33.91 -25.07
N GLN H 35 -65.75 -33.01 -24.38
CA GLN H 35 -65.16 -31.74 -23.98
C GLN H 35 -64.15 -31.92 -22.85
N CYS H 36 -64.33 -32.96 -22.05
CA CYS H 36 -63.47 -33.19 -20.89
C CYS H 36 -62.18 -33.94 -21.25
N LYS H 37 -61.05 -33.37 -20.86
CA LYS H 37 -59.75 -33.99 -21.08
C LYS H 37 -59.03 -34.22 -19.75
N LEU H 38 -57.85 -34.83 -19.81
CA LEU H 38 -57.08 -35.09 -18.60
C LEU H 38 -55.58 -35.16 -18.85
N THR H 39 -54.80 -34.72 -17.87
CA THR H 39 -53.34 -34.86 -17.90
C THR H 39 -52.88 -35.37 -16.54
N LEU H 40 -52.24 -36.54 -16.52
CA LEU H 40 -51.90 -37.20 -15.26
C LEU H 40 -50.46 -37.69 -15.22
N ASP H 41 -49.86 -37.62 -14.04
CA ASP H 41 -48.55 -38.23 -13.80
C ASP H 41 -48.71 -39.40 -12.84
N ILE H 42 -48.51 -40.62 -13.35
CA ILE H 42 -48.75 -41.82 -12.56
C ILE H 42 -47.56 -42.77 -12.59
N ASN H 43 -47.52 -43.71 -11.66
CA ASN H 43 -46.45 -44.69 -11.58
C ASN H 43 -46.67 -45.86 -12.52
N VAL H 44 -45.58 -46.35 -13.11
CA VAL H 44 -45.63 -47.48 -14.04
C VAL H 44 -45.22 -48.77 -13.35
N GLU H 45 -43.99 -48.81 -12.81
CA GLU H 45 -43.51 -49.98 -12.09
C GLU H 45 -44.46 -50.44 -10.99
N LEU H 46 -45.21 -49.50 -10.43
CA LEU H 46 -46.16 -49.81 -9.35
C LEU H 46 -47.59 -50.03 -9.85
N PHE H 47 -47.80 -49.95 -11.16
CA PHE H 47 -49.12 -50.13 -11.75
C PHE H 47 -49.06 -50.08 -13.28
N PRO H 48 -49.73 -51.05 -13.94
CA PRO H 48 -49.62 -51.23 -15.39
C PRO H 48 -50.39 -50.20 -16.21
N VAL H 49 -49.92 -49.96 -17.44
CA VAL H 49 -50.53 -49.00 -18.36
C VAL H 49 -49.78 -49.06 -19.69
N ALA H 50 -50.41 -48.56 -20.74
CA ALA H 50 -49.82 -48.59 -22.09
C ALA H 50 -50.58 -47.65 -23.02
N ALA H 51 -50.21 -47.67 -24.30
CA ALA H 51 -50.87 -46.85 -25.30
C ALA H 51 -52.27 -47.37 -25.60
N GLN H 52 -53.24 -46.47 -25.52
CA GLN H 52 -54.64 -46.78 -25.81
C GLN H 52 -55.19 -47.92 -24.96
N ASP H 53 -55.28 -47.69 -23.64
CA ASP H 53 -55.89 -48.66 -22.73
C ASP H 53 -57.26 -48.15 -22.28
N SER H 54 -57.91 -48.92 -21.42
CA SER H 54 -59.21 -48.54 -20.88
C SER H 54 -59.18 -48.49 -19.36
N LEU H 55 -59.36 -47.30 -18.80
CA LEU H 55 -59.29 -47.12 -17.36
C LEU H 55 -60.55 -46.46 -16.80
N THR H 56 -60.74 -46.58 -15.50
CA THR H 56 -61.86 -45.93 -14.82
C THR H 56 -61.32 -44.84 -13.88
N VAL H 57 -61.72 -43.60 -14.14
CA VAL H 57 -61.20 -42.47 -13.37
C VAL H 57 -62.28 -41.81 -12.52
N THR H 58 -61.98 -41.65 -11.24
CA THR H 58 -62.92 -41.04 -10.29
C THR H 58 -62.17 -40.26 -9.22
N ILE H 59 -62.70 -39.11 -8.82
CA ILE H 59 -62.17 -38.40 -7.67
C ILE H 59 -63.21 -38.36 -6.56
N ALA H 60 -62.83 -38.84 -5.38
CA ALA H 60 -63.78 -39.01 -4.29
C ALA H 60 -63.21 -38.60 -2.95
N SER H 61 -64.09 -38.50 -1.95
CA SER H 61 -63.68 -38.20 -0.59
C SER H 61 -64.43 -39.11 0.39
N SER H 62 -63.99 -39.12 1.65
CA SER H 62 -64.66 -39.89 2.71
C SER H 62 -64.72 -41.38 2.40
N LEU H 63 -63.58 -42.06 2.50
CA LEU H 63 -63.49 -43.50 2.32
C LEU H 63 -64.26 -44.26 3.42
N ASN H 64 -64.74 -43.51 4.41
CA ASN H 64 -65.46 -44.06 5.55
C ASN H 64 -66.78 -44.74 5.21
N LEU H 65 -67.17 -44.69 3.94
CA LEU H 65 -68.50 -45.13 3.50
C LEU H 65 -69.57 -44.29 4.20
N GLU H 66 -70.39 -44.91 5.03
CA GLU H 66 -71.48 -44.17 5.66
C GLU H 66 -71.04 -43.55 6.98
N ASP H 67 -70.95 -42.22 6.98
CA ASP H 67 -70.56 -41.41 8.14
C ASP H 67 -69.42 -42.04 8.96
N SER H 74 -59.14 -40.15 17.69
CA SER H 74 -58.46 -39.86 18.96
C SER H 74 -57.54 -38.64 18.82
N ALA H 75 -57.43 -38.14 17.59
CA ALA H 75 -56.59 -36.98 17.29
C ALA H 75 -55.14 -37.19 17.74
N THR H 76 -54.55 -38.30 17.32
CA THR H 76 -53.18 -38.63 17.69
C THR H 76 -52.16 -37.80 16.90
N ARG H 77 -52.66 -37.07 15.92
CA ARG H 77 -51.86 -36.18 15.06
C ARG H 77 -50.89 -36.95 14.16
N SER H 78 -50.79 -38.26 14.37
CA SER H 78 -50.04 -39.13 13.49
C SER H 78 -51.03 -39.97 12.69
N TRP H 79 -50.82 -40.04 11.38
CA TRP H 79 -51.78 -40.71 10.50
C TRP H 79 -51.95 -42.18 10.84
N ARG H 80 -53.19 -42.58 11.08
CA ARG H 80 -53.51 -43.95 11.47
C ARG H 80 -54.09 -44.75 10.32
N PRO H 81 -53.49 -45.92 10.03
CA PRO H 81 -53.97 -46.82 8.98
C PRO H 81 -55.38 -47.35 9.29
N PRO H 82 -56.15 -47.70 8.24
CA PRO H 82 -57.52 -48.18 8.40
C PRO H 82 -57.59 -49.55 9.08
N GLN H 83 -57.18 -49.59 10.35
CA GLN H 83 -57.19 -50.81 11.16
C GLN H 83 -56.46 -51.97 10.48
N ALA H 84 -57.03 -53.17 10.65
CA ALA H 84 -56.45 -54.38 10.07
C ALA H 84 -56.86 -54.59 8.60
N GLY H 85 -58.08 -54.21 8.26
CA GLY H 85 -58.65 -54.61 6.98
C GLY H 85 -60.14 -54.38 6.82
N ASP H 86 -60.74 -55.24 6.01
CA ASP H 86 -62.18 -55.25 5.70
C ASP H 86 -62.69 -54.02 4.94
N ARG H 87 -63.82 -53.49 5.39
CA ARG H 87 -64.64 -52.62 4.55
C ARG H 87 -64.30 -51.13 4.58
N SER H 88 -63.95 -50.62 3.39
CA SER H 88 -63.75 -49.21 3.16
C SER H 88 -63.92 -48.96 1.66
N LEU H 89 -64.06 -47.71 1.26
CA LEU H 89 -64.13 -47.39 -0.17
C LEU H 89 -62.80 -47.75 -0.82
N ALA H 90 -62.83 -47.95 -2.14
CA ALA H 90 -61.67 -48.31 -2.97
C ALA H 90 -61.35 -49.82 -2.91
N ASP H 91 -62.12 -50.56 -2.12
CA ASP H 91 -62.01 -52.02 -2.11
C ASP H 91 -62.13 -52.61 -3.51
N ASP H 92 -62.96 -51.99 -4.34
CA ASP H 92 -63.17 -52.43 -5.71
C ASP H 92 -62.07 -51.92 -6.64
N TYR H 93 -61.35 -50.90 -6.21
CA TYR H 93 -60.42 -50.18 -7.08
C TYR H 93 -58.96 -50.53 -6.82
N ASP H 94 -58.16 -50.48 -7.88
CA ASP H 94 -56.74 -50.84 -7.81
C ASP H 94 -55.87 -49.69 -7.32
N TYR H 95 -55.71 -48.66 -8.13
CA TYR H 95 -54.80 -47.57 -7.80
C TYR H 95 -55.54 -46.34 -7.28
N VAL H 96 -55.12 -45.84 -6.12
CA VAL H 96 -55.72 -44.66 -5.53
C VAL H 96 -54.64 -43.68 -5.05
N MET H 97 -55.03 -42.41 -4.89
CA MET H 97 -54.06 -41.36 -4.56
C MET H 97 -54.63 -40.33 -3.58
N TYR H 98 -53.80 -39.91 -2.63
CA TYR H 98 -54.13 -38.75 -1.80
C TYR H 98 -53.91 -37.50 -2.64
N GLY H 99 -54.57 -36.41 -2.29
CA GLY H 99 -54.53 -35.24 -3.15
C GLY H 99 -54.81 -33.89 -2.52
N THR H 100 -54.95 -32.88 -3.37
CA THR H 100 -55.15 -31.49 -2.96
C THR H 100 -55.36 -30.61 -4.19
N ALA H 101 -55.91 -29.42 -3.99
CA ALA H 101 -56.14 -28.48 -5.08
C ALA H 101 -55.53 -27.12 -4.76
N TYR H 102 -54.49 -26.74 -5.50
CA TYR H 102 -53.74 -25.53 -5.21
C TYR H 102 -54.15 -24.32 -6.05
N LYS H 103 -55.09 -24.50 -6.97
CA LYS H 103 -55.42 -23.44 -7.93
C LYS H 103 -56.61 -23.82 -8.83
N PHE H 104 -57.23 -22.80 -9.42
CA PHE H 104 -58.29 -22.98 -10.41
C PHE H 104 -58.24 -21.85 -11.43
N GLU H 105 -58.46 -22.18 -12.69
CA GLU H 105 -58.55 -21.16 -13.74
C GLU H 105 -59.34 -21.67 -14.92
N GLU H 106 -59.81 -20.76 -15.76
CA GLU H 106 -60.66 -21.12 -16.89
C GLU H 106 -59.87 -21.15 -18.20
N VAL H 107 -60.21 -22.10 -19.06
CA VAL H 107 -59.61 -22.19 -20.38
C VAL H 107 -60.54 -21.54 -21.40
N SER H 108 -60.10 -20.42 -21.96
CA SER H 108 -60.92 -19.62 -22.87
C SER H 108 -62.28 -19.30 -22.23
N LYS H 109 -63.35 -19.78 -22.85
CA LYS H 109 -64.69 -19.58 -22.31
C LYS H 109 -65.38 -20.92 -22.04
N ASP H 110 -66.16 -20.95 -20.97
CA ASP H 110 -67.01 -22.10 -20.62
C ASP H 110 -66.25 -23.35 -20.20
N LEU H 111 -64.92 -23.31 -20.26
CA LEU H 111 -64.10 -24.45 -19.85
C LEU H 111 -63.36 -24.17 -18.54
N ILE H 112 -63.42 -25.12 -17.62
CA ILE H 112 -62.77 -24.99 -16.32
C ILE H 112 -61.60 -25.94 -16.18
N ALA H 113 -60.45 -25.43 -15.73
CA ALA H 113 -59.26 -26.24 -15.53
C ALA H 113 -59.00 -26.48 -14.04
N VAL H 114 -58.84 -27.75 -13.68
CA VAL H 114 -58.59 -28.11 -12.29
C VAL H 114 -57.18 -28.69 -12.14
N TYR H 115 -56.46 -28.22 -11.11
CA TYR H 115 -55.07 -28.62 -10.91
C TYR H 115 -54.86 -29.39 -9.61
N TYR H 116 -54.39 -30.63 -9.73
CA TYR H 116 -54.09 -31.46 -8.58
C TYR H 116 -52.60 -31.78 -8.50
N SER H 117 -52.08 -31.87 -7.28
CA SER H 117 -50.69 -32.24 -7.07
C SER H 117 -50.58 -33.39 -6.07
N PHE H 118 -50.12 -34.55 -6.55
CA PHE H 118 -49.99 -35.71 -5.67
C PHE H 118 -48.53 -36.03 -5.41
N GLY H 119 -48.07 -35.74 -4.20
CA GLY H 119 -46.70 -36.03 -3.79
C GLY H 119 -45.64 -35.53 -4.75
N GLY H 120 -45.93 -34.44 -5.45
CA GLY H 120 -45.03 -33.90 -6.45
C GLY H 120 -45.49 -34.16 -7.87
N LEU H 121 -46.46 -35.07 -8.01
CA LEU H 121 -47.01 -35.38 -9.33
C LEU H 121 -48.19 -34.47 -9.64
N LEU H 122 -48.13 -33.80 -10.79
CA LEU H 122 -49.16 -32.83 -11.16
C LEU H 122 -50.27 -33.47 -12.00
N MET H 123 -51.50 -33.03 -11.76
CA MET H 123 -52.65 -33.57 -12.47
C MET H 123 -53.58 -32.45 -12.95
N ARG H 124 -53.90 -32.46 -14.24
CA ARG H 124 -54.80 -31.46 -14.81
C ARG H 124 -55.90 -32.08 -15.65
N LEU H 125 -57.13 -31.72 -15.35
CA LEU H 125 -58.27 -32.17 -16.16
C LEU H 125 -59.22 -31.00 -16.42
N GLU H 126 -60.03 -31.13 -17.46
CA GLU H 126 -61.01 -30.11 -17.80
C GLU H 126 -62.37 -30.74 -18.07
N GLY H 127 -63.39 -29.91 -18.17
CA GLY H 127 -64.74 -30.36 -18.48
C GLY H 127 -65.61 -29.15 -18.78
N ASN H 128 -66.81 -29.38 -19.32
CA ASN H 128 -67.73 -28.28 -19.57
C ASN H 128 -68.01 -27.52 -18.27
N TYR H 129 -68.81 -28.11 -17.39
CA TYR H 129 -68.82 -27.69 -15.99
C TYR H 129 -68.87 -28.88 -15.04
N ARG H 130 -67.77 -29.11 -14.32
CA ARG H 130 -67.75 -30.04 -13.21
C ARG H 130 -67.82 -29.26 -11.90
N ASN H 131 -67.97 -27.94 -12.03
CA ASN H 131 -67.87 -26.99 -10.95
C ASN H 131 -68.66 -27.30 -9.68
N LEU H 132 -69.82 -27.94 -9.85
CA LEU H 132 -70.72 -28.21 -8.73
C LEU H 132 -70.08 -28.97 -7.56
N ASN H 133 -69.62 -30.20 -7.78
CA ASN H 133 -69.07 -31.00 -6.70
C ASN H 133 -67.59 -30.74 -6.40
N ASN H 134 -66.95 -29.94 -7.23
CA ASN H 134 -65.52 -29.69 -7.07
C ASN H 134 -65.22 -28.46 -6.23
N LEU H 135 -64.24 -28.59 -5.34
CA LEU H 135 -63.89 -27.54 -4.40
C LEU H 135 -62.39 -27.28 -4.32
N LYS H 136 -62.02 -26.20 -3.65
CA LYS H 136 -60.63 -25.86 -3.39
C LYS H 136 -60.17 -26.53 -2.09
N GLN H 137 -61.04 -27.40 -1.57
CA GLN H 137 -60.85 -28.06 -0.29
C GLN H 137 -59.49 -28.76 -0.19
N GLU H 138 -58.94 -28.79 1.03
CA GLU H 138 -57.56 -29.19 1.30
C GLU H 138 -57.15 -30.52 0.64
N ASN H 139 -58.07 -31.46 0.52
CA ASN H 139 -57.71 -32.75 -0.07
C ASN H 139 -58.82 -33.44 -0.86
N ALA H 140 -58.45 -34.58 -1.44
CA ALA H 140 -59.37 -35.42 -2.20
C ALA H 140 -58.69 -36.77 -2.43
N TYR H 141 -59.39 -37.68 -3.10
CA TYR H 141 -58.81 -39.00 -3.37
C TYR H 141 -59.07 -39.46 -4.80
N LEU H 142 -57.99 -39.69 -5.53
CA LEU H 142 -58.06 -40.21 -6.89
C LEU H 142 -58.45 -41.69 -6.86
N LEU H 143 -59.32 -42.09 -7.77
CA LEU H 143 -59.83 -43.46 -7.80
C LEU H 143 -59.64 -44.05 -9.19
N ILE H 144 -58.78 -45.05 -9.31
CA ILE H 144 -58.42 -45.61 -10.62
C ILE H 144 -58.35 -47.13 -10.62
N ARG H 145 -59.05 -47.76 -11.56
CA ARG H 145 -58.96 -49.20 -11.77
C ARG H 145 -59.24 -49.55 -13.23
N ARG H 146 -58.85 -50.76 -13.63
CA ARG H 146 -59.09 -51.23 -14.99
C ARG H 146 -60.33 -52.11 -15.04
N MET I 1 16.45 18.47 -54.60
CA MET I 1 16.25 17.96 -55.95
C MET I 1 17.16 16.76 -56.21
N LEU I 2 18.16 16.61 -55.36
CA LEU I 2 19.08 15.48 -55.39
C LEU I 2 19.78 15.34 -56.74
N SER I 3 20.69 16.25 -57.02
CA SER I 3 21.52 16.17 -58.22
C SER I 3 22.97 15.92 -57.85
N PHE I 4 23.83 15.79 -58.84
CA PHE I 4 25.24 15.54 -58.58
C PHE I 4 26.15 16.03 -59.70
N CYS I 5 27.39 16.32 -59.34
CA CYS I 5 28.43 16.78 -60.26
C CYS I 5 29.29 15.64 -60.80
N PRO I 6 29.62 15.67 -62.11
CA PRO I 6 30.56 14.69 -62.65
C PRO I 6 31.92 14.81 -61.95
N SER I 7 32.80 13.83 -62.10
CA SER I 7 34.02 13.72 -61.27
C SER I 7 33.65 13.55 -59.79
N CYS I 8 33.95 14.57 -58.98
CA CYS I 8 33.82 14.48 -57.51
C CYS I 8 32.52 13.83 -57.02
N ASN I 9 31.42 14.13 -57.70
CA ASN I 9 30.14 13.45 -57.45
C ASN I 9 29.65 13.53 -56.00
N ASN I 10 29.50 14.74 -55.49
CA ASN I 10 28.95 14.90 -54.15
C ASN I 10 27.50 15.34 -54.16
N MET I 11 27.26 16.62 -54.40
CA MET I 11 25.91 17.15 -54.45
C MET I 11 25.86 18.49 -55.18
N LEU I 12 24.69 18.90 -55.62
CA LEU I 12 24.51 20.19 -56.28
C LEU I 12 23.50 21.06 -55.53
N LEU I 13 23.97 22.22 -55.06
CA LEU I 13 23.12 23.13 -54.31
C LEU I 13 22.91 24.45 -55.06
N ILE I 14 21.72 25.01 -54.94
CA ILE I 14 21.40 26.27 -55.60
C ILE I 14 22.08 27.45 -54.92
N THR I 15 22.86 28.21 -55.67
CA THR I 15 23.50 29.41 -55.15
C THR I 15 23.05 30.63 -55.94
N SER I 16 22.84 31.74 -55.25
CA SER I 16 22.34 32.94 -55.90
C SER I 16 23.46 33.64 -56.66
N GLY I 17 23.28 33.77 -57.97
CA GLY I 17 24.25 34.45 -58.81
C GLY I 17 24.05 35.96 -58.73
N ASP I 18 25.12 36.70 -58.97
CA ASP I 18 25.07 38.15 -58.86
C ASP I 18 24.22 38.78 -59.95
N SER I 19 23.38 39.74 -59.56
CA SER I 19 22.57 40.54 -60.47
C SER I 19 21.61 39.73 -61.35
N GLY I 20 20.59 39.14 -60.73
CA GLY I 20 19.47 38.60 -61.47
C GLY I 20 19.47 37.12 -61.84
N VAL I 21 20.66 36.50 -61.84
CA VAL I 21 20.76 35.11 -62.27
C VAL I 21 20.76 34.15 -61.08
N TYR I 22 20.05 33.02 -61.24
CA TYR I 22 20.05 31.96 -60.23
C TYR I 22 20.76 30.73 -60.76
N THR I 23 21.86 30.35 -60.11
CA THR I 23 22.67 29.23 -60.55
C THR I 23 22.81 28.15 -59.47
N LEU I 24 23.60 27.13 -59.76
CA LEU I 24 23.93 26.11 -58.78
C LEU I 24 25.32 25.56 -59.06
N ALA I 25 26.04 25.23 -57.98
CA ALA I 25 27.41 24.74 -58.12
C ALA I 25 27.75 23.73 -57.02
N CYS I 26 28.59 22.77 -57.36
CA CYS I 26 29.05 21.78 -56.40
C CYS I 26 30.01 22.43 -55.40
N ARG I 27 29.82 22.12 -54.12
CA ARG I 27 30.62 22.75 -53.06
C ARG I 27 32.08 22.33 -53.11
N SER I 28 32.97 23.27 -52.80
CA SER I 28 34.40 23.02 -52.65
C SER I 28 35.13 22.68 -53.96
N CYS I 29 34.39 22.60 -55.06
CA CYS I 29 35.01 22.36 -56.36
C CYS I 29 34.36 23.22 -57.44
N PRO I 30 35.17 23.70 -58.40
CA PRO I 30 34.67 24.55 -59.49
C PRO I 30 33.66 23.85 -60.39
N TYR I 31 32.53 24.51 -60.65
CA TYR I 31 31.47 23.98 -61.52
C TYR I 31 30.32 24.98 -61.63
N GLU I 32 29.51 24.85 -62.68
CA GLU I 32 28.32 25.70 -62.90
C GLU I 32 27.25 24.98 -63.72
N PHE I 33 26.03 25.53 -63.73
CA PHE I 33 24.90 24.83 -64.33
C PHE I 33 24.00 25.72 -65.20
N PRO I 34 23.49 25.16 -66.33
CA PRO I 34 22.54 25.75 -67.30
C PRO I 34 21.12 25.96 -66.79
N ILE I 35 20.81 25.46 -65.58
CA ILE I 35 19.48 25.42 -64.95
C ILE I 35 18.46 24.60 -65.78
N GLU I 36 17.21 25.08 -65.90
CA GLU I 36 16.11 24.30 -66.47
C GLU I 36 15.81 23.07 -65.59
N GLY I 37 15.93 23.25 -64.28
CA GLY I 37 15.73 22.17 -63.33
C GLY I 37 14.27 21.81 -63.10
N ILE I 38 14.01 20.52 -62.94
CA ILE I 38 12.66 20.02 -62.71
C ILE I 38 12.66 18.78 -61.81
N GLU I 39 11.61 18.64 -61.00
CA GLU I 39 11.41 17.42 -60.22
C GLU I 39 9.93 17.20 -59.98
N ILE I 40 9.51 15.93 -59.98
CA ILE I 40 8.12 15.58 -59.72
C ILE I 40 8.02 14.33 -58.85
N TYR I 41 7.22 14.42 -57.79
CA TYR I 41 7.00 13.28 -56.90
C TYR I 41 5.52 13.15 -56.54
N ASP I 42 5.01 11.93 -56.67
CA ASP I 42 3.59 11.67 -56.39
C ASP I 42 3.42 10.90 -55.09
N MET J 1 11.29 -50.16 3.40
CA MET J 1 12.27 -51.00 4.08
C MET J 1 11.85 -52.46 4.11
N ILE J 2 11.68 -53.01 5.31
CA ILE J 2 11.29 -54.40 5.50
C ILE J 2 9.79 -54.55 5.26
N VAL J 3 9.41 -55.65 4.61
CA VAL J 3 8.01 -55.93 4.28
C VAL J 3 7.10 -55.90 5.50
N PRO J 4 6.02 -55.10 5.41
CA PRO J 4 5.00 -55.02 6.46
C PRO J 4 4.41 -56.38 6.81
N VAL J 5 4.13 -56.60 8.08
CA VAL J 5 3.62 -57.88 8.57
C VAL J 5 2.18 -58.13 8.16
N ARG J 6 1.41 -57.05 7.98
CA ARG J 6 0.02 -57.16 7.56
C ARG J 6 -0.33 -56.18 6.44
N CYS J 7 -1.32 -56.54 5.65
CA CYS J 7 -1.86 -55.63 4.63
C CYS J 7 -2.76 -54.60 5.30
N PHE J 8 -2.76 -53.38 4.77
CA PHE J 8 -3.49 -52.27 5.39
C PHE J 8 -5.00 -52.45 5.30
N SER J 9 -5.49 -52.83 4.12
CA SER J 9 -6.93 -52.97 3.91
C SER J 9 -7.52 -54.20 4.57
N CYS J 10 -6.91 -55.35 4.34
CA CYS J 10 -7.41 -56.62 4.86
C CYS J 10 -6.90 -56.93 6.26
N GLY J 11 -5.59 -57.09 6.37
CA GLY J 11 -4.98 -57.48 7.64
C GLY J 11 -4.49 -58.91 7.67
N LYS J 12 -4.48 -59.58 6.52
CA LYS J 12 -3.85 -60.88 6.41
C LYS J 12 -2.37 -60.76 6.78
N VAL J 13 -1.84 -61.79 7.43
CA VAL J 13 -0.48 -61.72 7.96
C VAL J 13 0.57 -62.29 7.00
N VAL J 14 1.40 -61.42 6.43
CA VAL J 14 2.57 -61.90 5.74
C VAL J 14 3.87 -61.41 6.37
N GLY J 15 4.52 -62.26 7.14
CA GLY J 15 5.95 -62.14 7.40
C GLY J 15 6.65 -63.29 6.71
N ASP J 16 5.84 -64.25 6.29
CA ASP J 16 6.33 -65.53 5.78
C ASP J 16 6.72 -65.49 4.31
N LYS J 17 5.90 -64.80 3.51
CA LYS J 17 5.86 -65.04 2.08
C LYS J 17 6.78 -64.15 1.24
N TRP J 18 7.58 -63.30 1.88
CA TRP J 18 8.55 -62.51 1.13
C TRP J 18 9.76 -63.35 0.74
N GLU J 19 10.27 -64.13 1.70
CA GLU J 19 11.42 -64.99 1.44
C GLU J 19 11.06 -66.12 0.50
N SER J 20 9.84 -66.65 0.65
CA SER J 20 9.37 -67.75 -0.19
C SER J 20 9.11 -67.27 -1.61
N TYR J 21 8.78 -66.00 -1.75
CA TYR J 21 8.50 -65.42 -3.07
C TYR J 21 9.78 -65.26 -3.89
N LEU J 22 10.79 -64.66 -3.29
CA LEU J 22 12.07 -64.45 -3.98
C LEU J 22 12.76 -65.78 -4.25
N ASN J 23 12.56 -66.74 -3.36
CA ASN J 23 13.10 -68.08 -3.54
C ASN J 23 12.43 -68.76 -4.73
N LEU J 24 11.16 -68.45 -4.93
CA LEU J 24 10.39 -68.99 -6.04
C LEU J 24 10.78 -68.30 -7.35
N LEU J 25 11.40 -67.13 -7.22
CA LEU J 25 11.83 -66.36 -8.39
C LEU J 25 13.25 -66.70 -8.81
N GLN J 26 14.22 -66.43 -7.93
CA GLN J 26 15.62 -66.73 -8.18
C GLN J 26 15.80 -68.18 -8.67
N GLU J 27 15.46 -69.12 -7.81
CA GLU J 27 15.43 -70.53 -8.21
C GLU J 27 14.08 -70.85 -8.84
N ASP J 28 14.10 -71.66 -9.89
CA ASP J 28 12.88 -72.09 -10.59
C ASP J 28 12.08 -70.90 -11.12
N GLU J 29 12.61 -70.26 -12.17
CA GLU J 29 11.94 -69.14 -12.81
C GLU J 29 10.54 -69.53 -13.27
N LEU J 30 9.63 -68.55 -13.26
CA LEU J 30 8.21 -68.81 -13.47
C LEU J 30 7.43 -67.50 -13.53
N ASP J 31 6.21 -67.56 -14.05
CA ASP J 31 5.39 -66.36 -14.24
C ASP J 31 5.04 -65.69 -12.92
N GLU J 32 5.11 -64.36 -12.91
CA GLU J 32 4.86 -63.58 -11.70
C GLU J 32 3.39 -63.65 -11.27
N GLY J 33 2.50 -63.57 -12.24
CA GLY J 33 1.07 -63.61 -11.96
C GLY J 33 0.62 -64.89 -11.30
N THR J 34 1.14 -66.01 -11.78
CA THR J 34 0.82 -67.31 -11.22
C THR J 34 1.63 -67.58 -9.95
N ALA J 35 2.70 -66.82 -9.77
CA ALA J 35 3.55 -66.95 -8.59
C ALA J 35 2.81 -66.45 -7.36
N LEU J 36 2.13 -65.32 -7.49
CA LEU J 36 1.36 -64.74 -6.39
C LEU J 36 0.12 -65.55 -6.08
N SER J 37 -0.56 -66.02 -7.12
CA SER J 37 -1.81 -66.77 -6.99
C SER J 37 -1.67 -68.03 -6.13
N ARG J 38 -0.89 -68.99 -6.61
CA ARG J 38 -0.73 -70.27 -5.93
C ARG J 38 0.00 -70.15 -4.60
N LEU J 39 0.54 -68.97 -4.32
CA LEU J 39 1.28 -68.74 -3.09
C LEU J 39 0.34 -68.42 -1.93
N GLY J 40 -0.96 -68.39 -2.22
CA GLY J 40 -1.97 -68.16 -1.20
C GLY J 40 -2.57 -66.76 -1.23
N LEU J 41 -2.23 -65.99 -2.27
CA LEU J 41 -2.78 -64.66 -2.43
C LEU J 41 -3.75 -64.61 -3.61
N LYS J 42 -5.03 -64.42 -3.31
CA LYS J 42 -6.06 -64.38 -4.36
C LYS J 42 -6.43 -62.95 -4.72
N ARG J 43 -7.04 -62.22 -3.80
CA ARG J 43 -7.43 -60.84 -4.06
C ARG J 43 -6.22 -59.91 -4.04
N TYR J 44 -6.35 -58.78 -4.72
CA TYR J 44 -5.22 -57.88 -4.97
C TYR J 44 -4.76 -57.07 -3.76
N CYS J 45 -5.51 -57.15 -2.66
CA CYS J 45 -5.18 -56.36 -1.47
C CYS J 45 -3.81 -56.74 -0.90
N CYS J 46 -3.58 -58.04 -0.74
CA CYS J 46 -2.30 -58.53 -0.24
C CYS J 46 -1.25 -58.55 -1.35
N ARG J 47 -1.70 -58.63 -2.59
CA ARG J 47 -0.81 -58.70 -3.74
C ARG J 47 -0.04 -57.41 -3.96
N ARG J 48 -0.69 -56.27 -3.74
CA ARG J 48 -0.10 -54.97 -4.05
C ARG J 48 1.17 -54.68 -3.25
N MET J 49 1.35 -55.40 -2.15
CA MET J 49 2.56 -55.27 -1.34
C MET J 49 3.69 -56.12 -1.88
N ILE J 50 3.49 -57.44 -1.87
CA ILE J 50 4.49 -58.40 -2.34
C ILE J 50 4.94 -58.11 -3.77
N LEU J 51 4.02 -57.59 -4.58
CA LEU J 51 4.31 -57.29 -5.98
C LEU J 51 5.42 -56.26 -6.12
N THR J 52 5.23 -55.09 -5.52
CA THR J 52 6.18 -54.00 -5.71
C THR J 52 7.32 -54.02 -4.70
N HIS J 53 7.03 -53.56 -3.48
CA HIS J 53 7.94 -53.65 -2.33
C HIS J 53 9.42 -53.40 -2.61
N VAL J 54 9.80 -52.15 -2.89
CA VAL J 54 11.21 -51.81 -2.94
C VAL J 54 11.88 -52.08 -1.60
N ASP J 55 13.01 -52.79 -1.63
CA ASP J 55 13.70 -53.13 -0.40
C ASP J 55 14.92 -52.24 -0.18
N LEU J 56 14.81 -51.32 0.77
CA LEU J 56 15.89 -50.39 1.10
C LEU J 56 16.92 -50.97 2.05
N ILE J 57 16.49 -51.92 2.88
CA ILE J 57 17.29 -52.39 4.01
C ILE J 57 18.61 -53.04 3.58
N GLU J 58 18.70 -53.52 2.34
CA GLU J 58 19.91 -54.16 1.86
C GLU J 58 20.98 -53.13 1.53
N LYS J 59 20.55 -51.95 1.10
CA LYS J 59 21.46 -50.87 0.77
C LYS J 59 21.95 -50.15 2.03
N PHE J 60 21.13 -50.19 3.08
CA PHE J 60 21.46 -49.51 4.33
C PHE J 60 22.47 -50.30 5.15
N LEU J 61 22.52 -51.61 4.93
CA LEU J 61 23.47 -52.46 5.64
C LEU J 61 24.88 -52.33 5.07
N ARG J 62 24.99 -51.61 3.96
CA ARG J 62 26.29 -51.37 3.33
C ARG J 62 27.15 -50.45 4.19
N TYR J 63 26.51 -49.49 4.85
CA TYR J 63 27.20 -48.56 5.72
C TYR J 63 26.94 -48.92 7.18
N ASN J 64 28.01 -49.00 7.97
CA ASN J 64 27.94 -49.62 9.29
C ASN J 64 29.26 -49.56 10.06
N PRO J 65 29.27 -50.04 11.31
CA PRO J 65 30.49 -50.32 12.08
C PRO J 65 31.40 -51.34 11.39
N LEU J 66 32.42 -51.82 12.11
CA LEU J 66 33.64 -52.41 11.55
C LEU J 66 33.43 -53.29 10.32
N GLU J 67 32.73 -54.41 10.49
CA GLU J 67 32.43 -55.33 9.38
C GLU J 67 33.67 -56.02 8.83
N PRO K 42 -27.95 -51.20 42.05
CA PRO K 42 -27.94 -50.96 40.61
C PRO K 42 -27.06 -49.78 40.21
N ASP K 43 -25.83 -50.07 39.81
CA ASP K 43 -24.90 -49.03 39.34
C ASP K 43 -25.45 -48.39 38.08
N ARG K 44 -25.54 -47.07 38.06
CA ARG K 44 -26.11 -46.41 36.90
C ARG K 44 -25.11 -45.55 36.13
N GLU K 45 -24.66 -46.07 34.99
CA GLU K 45 -24.30 -45.25 33.85
C GLU K 45 -24.96 -45.91 32.66
N LYS K 46 -26.05 -45.34 32.18
CA LYS K 46 -26.96 -46.06 31.26
C LYS K 46 -27.98 -45.12 30.63
N ILE K 47 -28.95 -45.72 29.96
CA ILE K 47 -30.05 -44.99 29.32
C ILE K 47 -30.69 -44.00 30.28
N LYS K 48 -30.81 -42.75 29.82
CA LYS K 48 -31.41 -41.70 30.63
C LYS K 48 -32.53 -40.99 29.89
N LEU K 49 -33.73 -40.98 30.48
CA LEU K 49 -34.88 -40.36 29.85
C LEU K 49 -34.74 -38.84 29.82
N LEU K 50 -34.88 -38.27 28.63
CA LEU K 50 -34.79 -36.82 28.46
C LEU K 50 -36.11 -36.18 28.89
N THR K 51 -36.00 -35.16 29.74
CA THR K 51 -37.18 -34.55 30.36
C THR K 51 -37.95 -33.67 29.38
N GLN K 52 -37.31 -32.60 28.92
CA GLN K 52 -37.97 -31.62 28.05
C GLN K 52 -38.39 -32.21 26.70
N ALA K 53 -37.87 -33.40 26.38
CA ALA K 53 -38.16 -34.05 25.11
C ALA K 53 -39.58 -34.60 25.06
N THR K 54 -40.01 -35.24 26.14
CA THR K 54 -41.34 -35.85 26.19
C THR K 54 -42.44 -34.78 26.21
N SER K 55 -43.65 -35.18 25.85
CA SER K 55 -44.76 -34.24 25.77
C SER K 55 -45.71 -34.34 26.97
N GLU K 56 -46.49 -35.41 27.03
CA GLU K 56 -47.45 -35.61 28.11
C GLU K 56 -46.76 -36.10 29.38
N ASP K 57 -45.51 -36.53 29.20
CA ASP K 57 -44.66 -37.36 30.09
C ASP K 57 -44.89 -38.84 29.80
N GLY K 58 -45.91 -39.14 29.00
CA GLY K 58 -46.13 -40.48 28.49
C GLY K 58 -45.82 -40.50 27.00
N THR K 59 -46.22 -41.57 26.34
CA THR K 59 -46.13 -41.66 24.87
C THR K 59 -44.71 -41.42 24.38
N SER K 60 -44.53 -40.36 23.59
CA SER K 60 -43.25 -40.05 22.97
C SER K 60 -42.18 -39.66 23.98
N ALA K 61 -41.03 -40.32 23.91
CA ALA K 61 -39.90 -40.02 24.78
C ALA K 61 -38.58 -40.32 24.08
N SER K 62 -37.58 -39.49 24.35
CA SER K 62 -36.25 -39.67 23.78
C SER K 62 -35.25 -40.10 24.84
N PHE K 63 -34.51 -41.17 24.55
CA PHE K 63 -33.52 -41.69 25.50
C PHE K 63 -32.12 -41.51 24.95
N GLN K 64 -31.15 -41.30 25.84
CA GLN K 64 -29.75 -41.23 25.44
C GLN K 64 -28.98 -42.42 26.02
N ILE K 65 -28.07 -42.98 25.23
CA ILE K 65 -27.31 -44.15 25.65
C ILE K 65 -25.80 -43.88 25.63
N VAL K 66 -25.12 -44.25 26.69
CA VAL K 66 -23.68 -44.04 26.79
C VAL K 66 -22.92 -45.34 26.50
N GLU K 67 -21.77 -45.21 25.83
CA GLU K 67 -20.89 -46.33 25.50
C GLU K 67 -21.62 -47.36 24.63
N GLU K 68 -22.32 -46.88 23.60
CA GLU K 68 -22.97 -47.77 22.66
C GLU K 68 -22.90 -47.24 21.23
N ASP K 69 -22.52 -48.12 20.30
CA ASP K 69 -22.39 -47.75 18.90
C ASP K 69 -23.56 -48.28 18.06
N HIS K 70 -23.48 -48.09 16.75
CA HIS K 70 -24.54 -48.49 15.83
C HIS K 70 -24.82 -50.00 15.85
N THR K 71 -23.89 -50.78 16.39
CA THR K 71 -23.99 -52.23 16.39
C THR K 71 -25.23 -52.75 17.11
N LEU K 72 -25.68 -52.01 18.13
CA LEU K 72 -26.84 -52.40 18.90
C LEU K 72 -28.10 -51.69 18.45
N GLY K 73 -28.11 -50.36 18.56
CA GLY K 73 -29.27 -49.53 18.27
C GLY K 73 -29.94 -49.80 16.94
N ASN K 74 -29.15 -50.08 15.90
CA ASN K 74 -29.70 -50.36 14.58
C ASN K 74 -30.49 -51.67 14.58
N ALA K 75 -29.94 -52.69 15.24
CA ALA K 75 -30.61 -53.97 15.36
C ALA K 75 -31.83 -53.85 16.26
N LEU K 76 -31.72 -53.00 17.28
CA LEU K 76 -32.81 -52.77 18.21
C LEU K 76 -33.96 -52.04 17.53
N ARG K 77 -33.63 -51.18 16.57
CA ARG K 77 -34.62 -50.41 15.82
C ARG K 77 -35.58 -51.31 15.06
N TYR K 78 -35.04 -52.33 14.39
CA TYR K 78 -35.84 -53.28 13.63
C TYR K 78 -36.83 -54.02 14.52
N VAL K 79 -36.40 -54.31 15.74
CA VAL K 79 -37.23 -55.04 16.70
C VAL K 79 -38.42 -54.21 17.13
N ILE K 80 -38.19 -52.93 17.41
CA ILE K 80 -39.23 -52.03 17.86
C ILE K 80 -40.13 -51.61 16.71
N MET K 81 -39.56 -51.52 15.51
CA MET K 81 -40.31 -51.12 14.32
C MET K 81 -41.42 -52.12 13.98
N LYS K 82 -41.14 -53.40 14.17
CA LYS K 82 -42.09 -54.45 13.80
C LYS K 82 -43.15 -54.65 14.88
N ASN K 83 -43.03 -53.89 15.97
CA ASN K 83 -44.08 -53.85 16.97
C ASN K 83 -45.23 -52.99 16.44
N PRO K 84 -46.41 -53.61 16.26
CA PRO K 84 -47.57 -53.02 15.57
C PRO K 84 -48.00 -51.65 16.11
N ASP K 85 -47.75 -51.39 17.39
CA ASP K 85 -48.22 -50.16 18.01
C ASP K 85 -47.17 -49.06 17.95
N VAL K 86 -45.97 -49.39 17.46
CA VAL K 86 -44.90 -48.40 17.38
C VAL K 86 -44.87 -47.73 16.00
N GLU K 87 -45.23 -46.45 15.97
CA GLU K 87 -45.25 -45.69 14.72
C GLU K 87 -43.89 -45.16 14.31
N PHE K 88 -43.16 -44.60 15.28
CA PHE K 88 -41.90 -43.94 14.98
C PHE K 88 -40.81 -44.35 15.96
N CYS K 89 -39.78 -45.04 15.46
CA CYS K 89 -38.59 -45.31 16.26
C CYS K 89 -37.32 -44.93 15.51
N GLY K 90 -36.65 -43.88 15.99
CA GLY K 90 -35.40 -43.46 15.40
C GLY K 90 -34.19 -43.77 16.25
N TYR K 91 -33.00 -43.62 15.67
CA TYR K 91 -31.75 -43.67 16.42
C TYR K 91 -30.69 -42.84 15.71
N SER K 92 -29.81 -42.21 16.47
CA SER K 92 -28.76 -41.39 15.88
C SER K 92 -27.63 -41.07 16.86
N ILE K 93 -26.61 -40.38 16.35
CA ILE K 93 -25.48 -39.93 17.15
C ILE K 93 -25.18 -38.47 16.78
N PRO K 94 -24.85 -37.63 17.78
CA PRO K 94 -24.48 -36.25 17.48
C PRO K 94 -23.27 -36.15 16.56
N HIS K 95 -22.22 -36.91 16.86
CA HIS K 95 -20.98 -36.96 16.08
C HIS K 95 -20.02 -37.97 16.67
N PRO K 96 -19.26 -38.67 15.81
CA PRO K 96 -18.37 -39.77 16.21
C PRO K 96 -17.25 -39.35 17.17
N SER K 97 -16.97 -38.06 17.27
CA SER K 97 -15.96 -37.55 18.20
C SER K 97 -16.28 -37.96 19.63
N GLU K 98 -17.37 -37.43 20.16
CA GLU K 98 -17.86 -37.81 21.48
C GLU K 98 -18.50 -39.19 21.39
N ASN K 99 -18.94 -39.74 22.52
CA ASN K 99 -19.59 -41.04 22.50
C ASN K 99 -20.93 -41.02 23.22
N LEU K 100 -22.00 -41.17 22.44
CA LEU K 100 -23.36 -41.31 22.97
C LEU K 100 -24.24 -42.02 21.95
N LEU K 101 -25.49 -42.29 22.33
CA LEU K 101 -26.48 -42.80 21.40
C LEU K 101 -27.83 -42.18 21.67
N ASN K 102 -28.41 -41.54 20.67
CA ASN K 102 -29.72 -40.91 20.82
C ASN K 102 -30.82 -41.71 20.12
N ILE K 103 -31.70 -42.32 20.91
CA ILE K 103 -32.79 -43.12 20.37
C ILE K 103 -34.13 -42.42 20.60
N ARG K 104 -35.01 -42.52 19.62
CA ARG K 104 -36.32 -41.88 19.68
C ARG K 104 -37.44 -42.93 19.66
N ILE K 105 -38.41 -42.78 20.57
CA ILE K 105 -39.55 -43.68 20.61
C ILE K 105 -40.86 -42.90 20.60
N GLN K 106 -41.64 -43.09 19.54
CA GLN K 106 -42.92 -42.42 19.38
C GLN K 106 -43.98 -43.40 18.92
N THR K 107 -45.13 -43.38 19.59
CA THR K 107 -46.19 -44.35 19.32
C THR K 107 -47.59 -43.81 19.61
N TYR K 108 -48.57 -44.71 19.54
CA TYR K 108 -49.95 -44.38 19.88
C TYR K 108 -50.16 -44.48 21.39
N GLY K 109 -51.42 -44.43 21.81
CA GLY K 109 -51.76 -44.62 23.20
C GLY K 109 -51.73 -46.09 23.58
N GLU K 110 -52.38 -46.42 24.70
CA GLU K 110 -52.54 -47.81 25.18
C GLU K 110 -51.23 -48.38 25.73
N THR K 111 -50.12 -47.72 25.42
CA THR K 111 -48.82 -48.12 25.92
C THR K 111 -47.96 -46.89 26.21
N THR K 112 -46.92 -47.08 27.02
CA THR K 112 -46.02 -45.99 27.38
C THR K 112 -44.73 -46.14 26.58
N ALA K 113 -43.82 -45.19 26.73
CA ALA K 113 -42.52 -45.23 26.06
C ALA K 113 -41.71 -46.47 26.42
N VAL K 114 -41.32 -46.57 27.69
CA VAL K 114 -40.43 -47.62 28.15
C VAL K 114 -41.00 -49.03 27.96
N ASP K 115 -42.32 -49.16 28.05
CA ASP K 115 -42.98 -50.46 27.90
C ASP K 115 -42.74 -51.04 26.52
N ALA K 116 -42.67 -50.18 25.51
CA ALA K 116 -42.37 -50.60 24.15
C ALA K 116 -40.90 -50.97 24.03
N LEU K 117 -40.06 -50.27 24.77
CA LEU K 117 -38.63 -50.53 24.76
C LEU K 117 -38.28 -51.78 25.56
N GLN K 118 -38.86 -51.89 26.76
CA GLN K 118 -38.63 -53.03 27.63
C GLN K 118 -39.03 -54.34 26.96
N LYS K 119 -40.15 -54.31 26.23
CA LYS K 119 -40.62 -55.48 25.51
C LYS K 119 -39.69 -55.78 24.33
N GLY K 120 -39.39 -54.75 23.54
CA GLY K 120 -38.54 -54.90 22.38
C GLY K 120 -37.12 -55.30 22.73
N LEU K 121 -36.68 -54.90 23.92
CA LEU K 121 -35.35 -55.26 24.39
C LEU K 121 -35.34 -56.69 24.91
N LYS K 122 -36.42 -57.07 25.59
CA LYS K 122 -36.62 -58.44 26.02
C LYS K 122 -36.75 -59.34 24.80
N ASP K 123 -37.39 -58.80 23.76
CA ASP K 123 -37.52 -59.47 22.47
C ASP K 123 -36.16 -59.86 21.90
N LEU K 124 -35.31 -58.87 21.65
CA LEU K 124 -33.98 -59.09 21.08
C LEU K 124 -33.17 -60.12 21.86
N MET K 125 -33.46 -60.25 23.15
CA MET K 125 -32.81 -61.23 24.01
C MET K 125 -33.24 -62.67 23.70
N ASP K 126 -34.34 -62.81 22.97
CA ASP K 126 -34.92 -64.14 22.73
C ASP K 126 -34.32 -64.84 21.52
N LEU K 127 -34.51 -64.27 20.34
CA LEU K 127 -34.10 -64.91 19.09
C LEU K 127 -32.60 -65.22 19.02
N CYS K 128 -31.81 -64.53 19.82
CA CYS K 128 -30.38 -64.81 19.89
C CYS K 128 -30.14 -66.21 20.46
N ASP K 129 -31.00 -66.63 21.38
CA ASP K 129 -30.92 -67.96 21.96
C ASP K 129 -31.28 -69.01 20.91
N VAL K 130 -32.18 -68.66 20.00
CA VAL K 130 -32.58 -69.56 18.93
C VAL K 130 -31.43 -69.76 17.95
N VAL K 131 -30.73 -68.68 17.64
CA VAL K 131 -29.55 -68.73 16.76
C VAL K 131 -28.47 -69.59 17.39
N GLU K 132 -28.29 -69.44 18.70
CA GLU K 132 -27.34 -70.25 19.45
C GLU K 132 -27.61 -71.74 19.28
N SER K 133 -28.78 -72.17 19.73
CA SER K 133 -29.22 -73.56 19.64
C SER K 133 -29.07 -74.15 18.25
N LYS K 134 -29.78 -73.58 17.29
CA LYS K 134 -29.80 -74.05 15.91
C LYS K 134 -28.40 -74.17 15.29
N PHE K 135 -27.47 -73.34 15.76
CA PHE K 135 -26.10 -73.36 15.27
C PHE K 135 -25.27 -74.42 16.00
N THR K 136 -25.11 -74.25 17.31
CA THR K 136 -24.26 -75.12 18.12
C THR K 136 -24.68 -76.59 18.08
N GLU K 137 -25.91 -76.85 17.65
CA GLU K 137 -26.40 -78.21 17.51
C GLU K 137 -25.85 -78.87 16.24
N LYS K 138 -25.82 -78.10 15.16
CA LYS K 138 -25.40 -78.63 13.87
C LYS K 138 -23.88 -78.75 13.76
N ILE K 139 -23.16 -77.89 14.47
CA ILE K 139 -21.70 -77.95 14.48
C ILE K 139 -21.25 -79.20 15.23
N LYS K 140 -22.10 -79.68 16.15
CA LYS K 140 -21.86 -80.94 16.84
C LYS K 140 -22.08 -82.10 15.88
N SER K 141 -23.24 -82.11 15.23
CA SER K 141 -23.56 -83.13 14.23
C SER K 141 -22.56 -83.13 13.08
N MET K 142 -22.57 -82.06 12.29
CA MET K 142 -21.71 -81.91 11.12
C MET K 142 -21.90 -83.04 10.12
N THR L 26 34.40 -48.41 31.34
CA THR L 26 33.59 -47.24 31.01
C THR L 26 33.06 -47.33 29.58
N LEU L 27 33.87 -47.86 28.68
CA LEU L 27 33.50 -48.03 27.27
C LEU L 27 33.08 -46.69 26.64
N LYS L 28 34.04 -45.80 26.45
CA LYS L 28 33.73 -44.45 25.99
C LYS L 28 33.76 -44.32 24.45
N TYR L 29 32.70 -43.70 23.94
CA TYR L 29 32.47 -43.39 22.52
C TYR L 29 32.68 -44.56 21.54
N ILE L 30 33.10 -44.21 20.33
CA ILE L 30 33.46 -45.15 19.28
C ILE L 30 34.42 -44.45 18.31
N CYS L 31 35.39 -45.17 17.76
CA CYS L 31 36.19 -44.65 16.66
C CYS L 31 35.39 -44.72 15.36
N ALA L 32 35.25 -43.60 14.67
CA ALA L 32 34.36 -43.52 13.51
C ALA L 32 34.74 -44.47 12.37
N GLU L 33 35.93 -44.27 11.80
CA GLU L 33 36.41 -45.14 10.74
C GLU L 33 37.05 -46.40 11.32
N CYS L 34 37.73 -46.22 12.43
CA CYS L 34 38.57 -47.26 13.02
C CYS L 34 37.71 -48.36 13.65
N SER L 35 36.57 -47.96 14.20
CA SER L 35 35.56 -48.89 14.72
C SER L 35 36.09 -49.83 15.80
N SER L 36 36.31 -49.27 16.99
CA SER L 36 36.80 -50.02 18.15
C SER L 36 36.80 -49.09 19.35
N LYS L 37 36.88 -49.68 20.55
CA LYS L 37 36.72 -48.90 21.77
C LYS L 37 38.03 -48.30 22.26
N LEU L 38 37.91 -47.49 23.31
CA LEU L 38 39.04 -46.78 23.93
C LEU L 38 38.48 -45.90 25.05
N SER L 39 39.35 -45.26 25.81
CA SER L 39 38.88 -44.36 26.86
C SER L 39 39.53 -42.98 26.76
N LEU L 40 38.73 -41.98 26.41
CA LEU L 40 39.15 -40.59 26.41
C LEU L 40 39.19 -40.03 27.83
N SER L 41 39.90 -38.92 28.01
CA SER L 41 40.03 -38.27 29.30
C SER L 41 40.76 -36.94 29.13
N ARG L 42 40.66 -36.09 30.15
CA ARG L 42 41.17 -34.73 30.07
C ARG L 42 42.69 -34.69 29.88
N THR L 43 43.15 -33.71 29.11
CA THR L 43 44.57 -33.50 28.84
C THR L 43 45.26 -34.72 28.22
N ASP L 44 44.67 -35.26 27.15
CA ASP L 44 45.28 -36.39 26.47
C ASP L 44 45.55 -36.08 25.00
N ALA L 45 44.49 -36.14 24.18
CA ALA L 45 44.59 -35.92 22.74
C ALA L 45 43.22 -36.07 22.07
N VAL L 46 43.11 -35.54 20.86
CA VAL L 46 41.92 -35.72 20.06
C VAL L 46 41.97 -37.05 19.31
N ARG L 47 43.18 -37.59 19.17
CA ARG L 47 43.42 -38.78 18.36
C ARG L 47 42.91 -40.08 18.99
N CYS L 48 42.53 -41.02 18.13
CA CYS L 48 42.22 -42.39 18.53
C CYS L 48 43.49 -43.26 18.61
N LYS L 49 43.31 -44.57 18.82
CA LYS L 49 44.41 -45.52 19.01
C LYS L 49 45.53 -45.40 17.97
N ASP L 50 45.24 -45.81 16.74
CA ASP L 50 46.09 -45.46 15.60
C ASP L 50 45.36 -44.34 14.87
N CYS L 51 44.23 -44.72 14.27
CA CYS L 51 43.13 -43.82 14.00
C CYS L 51 43.51 -42.44 13.43
N GLY L 52 43.93 -42.42 12.17
CA GLY L 52 44.29 -41.17 11.51
C GLY L 52 43.12 -40.20 11.44
N HIS L 53 41.91 -40.76 11.42
CA HIS L 53 40.69 -39.98 11.40
C HIS L 53 40.42 -39.39 12.78
N ARG L 54 40.28 -38.07 12.86
CA ARG L 54 40.20 -37.39 14.16
C ARG L 54 38.83 -37.49 14.84
N ILE L 55 37.76 -37.40 14.06
CA ILE L 55 36.41 -37.39 14.64
C ILE L 55 36.05 -38.73 15.26
N LEU L 56 35.08 -38.71 16.17
CA LEU L 56 34.63 -39.92 16.85
C LEU L 56 33.17 -39.80 17.26
N LEU L 57 32.48 -40.95 17.33
CA LEU L 57 31.07 -40.99 17.69
C LEU L 57 30.87 -41.63 19.05
N LYS L 58 29.85 -41.17 19.78
CA LYS L 58 29.57 -41.68 21.11
C LYS L 58 28.69 -42.93 21.07
N ALA L 59 28.98 -43.89 21.95
CA ALA L 59 28.21 -45.12 22.02
C ALA L 59 26.88 -44.91 22.75
N ARG L 60 26.11 -45.99 22.87
CA ARG L 60 24.80 -45.90 23.51
C ARG L 60 24.92 -46.05 25.03
N THR L 61 23.79 -45.94 25.72
CA THR L 61 23.76 -46.02 27.18
C THR L 61 23.41 -47.41 27.67
N LYS L 62 23.99 -47.81 28.79
CA LYS L 62 23.71 -49.11 29.40
C LYS L 62 22.36 -49.08 30.12
N ARG L 63 21.85 -47.87 30.36
CA ARG L 63 20.60 -47.69 31.08
C ARG L 63 19.40 -48.18 30.27
N LEU L 64 18.41 -48.72 30.96
CA LEU L 64 17.23 -49.28 30.31
C LEU L 64 16.28 -48.20 29.81
N VAL L 65 15.65 -48.47 28.67
CA VAL L 65 14.65 -47.56 28.10
C VAL L 65 13.52 -48.38 27.47
N GLN L 66 12.29 -47.94 27.66
CA GLN L 66 11.13 -48.69 27.17
C GLN L 66 10.19 -47.84 26.33
N PHE L 67 9.48 -48.48 25.41
CA PHE L 67 8.51 -47.81 24.55
C PHE L 67 7.12 -48.43 24.69
N GLU L 68 6.19 -47.91 23.90
CA GLU L 68 4.83 -48.47 23.85
C GLU L 68 4.45 -48.83 22.42
N ALA L 69 3.79 -49.97 22.26
CA ALA L 69 3.40 -50.46 20.93
C ALA L 69 2.46 -49.50 20.22
N ARG L 70 1.62 -48.81 20.98
CA ARG L 70 0.68 -47.85 20.42
C ARG L 70 1.41 -46.61 19.89
N ILE M 71 35.89 -32.60 -75.09
CA ILE M 71 36.17 -32.74 -76.51
C ILE M 71 37.54 -32.16 -76.87
N GLU M 72 37.63 -30.84 -76.87
CA GLU M 72 38.89 -30.15 -77.16
C GLU M 72 39.68 -29.90 -75.87
N GLU M 73 40.75 -29.13 -75.97
CA GLU M 73 41.52 -28.74 -74.78
C GLU M 73 41.97 -27.27 -74.83
N PHE M 74 41.65 -26.52 -73.79
CA PHE M 74 42.19 -25.17 -73.60
C PHE M 74 43.29 -25.19 -72.56
N PRO M 75 44.55 -25.07 -73.00
CA PRO M 75 45.69 -25.06 -72.08
C PRO M 75 45.81 -23.75 -71.31
N LEU M 76 46.26 -23.82 -70.05
CA LEU M 76 46.53 -22.61 -69.28
C LEU M 76 47.90 -22.69 -68.63
N LYS M 77 48.54 -21.53 -68.45
CA LYS M 77 49.85 -21.47 -67.81
C LYS M 77 49.84 -20.56 -66.60
N ILE M 78 50.85 -20.69 -65.76
CA ILE M 78 51.03 -19.78 -64.64
C ILE M 78 52.39 -19.08 -64.75
N SER M 79 52.36 -17.76 -64.93
CA SER M 79 53.57 -16.99 -65.17
C SER M 79 54.41 -16.83 -63.90
N GLY M 80 55.54 -16.15 -64.05
CA GLY M 80 56.48 -15.97 -62.96
C GLY M 80 56.28 -14.69 -62.18
N GLU M 81 57.31 -14.30 -61.42
CA GLU M 81 57.26 -13.10 -60.59
C GLU M 81 56.95 -11.85 -61.40
N GLU M 82 57.94 -11.43 -62.20
CA GLU M 82 57.83 -10.23 -63.02
C GLU M 82 57.33 -9.02 -62.23
N GLU M 83 58.12 -8.58 -61.24
CA GLU M 83 57.90 -7.30 -60.54
C GLU M 83 56.56 -7.26 -59.79
N SER M 84 55.82 -8.35 -59.91
CA SER M 84 54.41 -8.46 -59.51
C SER M 84 53.55 -7.41 -60.21
N LEU M 85 52.54 -6.90 -59.50
CA LEU M 85 51.57 -5.99 -60.09
C LEU M 85 50.81 -5.19 -59.04
N HIS M 86 50.20 -4.09 -59.48
CA HIS M 86 49.26 -3.34 -58.65
C HIS M 86 48.06 -2.90 -59.48
N VAL M 87 46.86 -3.21 -59.00
CA VAL M 87 45.65 -3.00 -59.78
C VAL M 87 44.85 -1.76 -59.35
N PHE M 88 44.47 -0.94 -60.32
CA PHE M 88 43.69 0.27 -60.07
C PHE M 88 42.20 0.05 -60.22
N GLN M 89 41.41 0.67 -59.35
CA GLN M 89 39.97 0.75 -59.54
C GLN M 89 39.40 2.01 -58.88
N TYR M 90 38.41 2.61 -59.52
CA TYR M 90 37.75 3.79 -58.98
C TYR M 90 36.24 3.74 -59.23
N ALA M 91 35.47 4.12 -58.21
CA ALA M 91 34.01 4.00 -58.26
C ALA M 91 33.34 5.29 -58.75
N ASN M 92 34.14 6.27 -59.16
CA ASN M 92 33.60 7.56 -59.57
C ASN M 92 32.91 7.50 -60.92
N ARG M 93 33.69 7.26 -61.98
CA ARG M 93 33.15 7.23 -63.33
C ARG M 93 32.73 5.81 -63.74
N PRO M 94 31.43 5.63 -64.04
CA PRO M 94 30.90 4.36 -64.54
C PRO M 94 31.21 4.17 -66.02
N ARG M 95 30.69 3.10 -66.61
CA ARG M 95 30.87 2.84 -68.02
C ARG M 95 29.98 3.75 -68.86
N LEU M 96 30.38 3.96 -70.12
CA LEU M 96 29.70 4.89 -71.02
C LEU M 96 28.34 4.38 -71.50
N VAL M 97 28.00 3.16 -71.09
CA VAL M 97 26.75 2.45 -71.40
C VAL M 97 26.66 2.05 -72.88
N GLY M 98 27.55 2.58 -73.70
CA GLY M 98 27.63 2.20 -75.10
C GLY M 98 28.27 0.84 -75.23
N ARG M 99 28.33 0.32 -76.46
CA ARG M 99 28.90 -0.99 -76.71
C ARG M 99 30.40 -1.01 -76.46
N LYS M 100 31.04 0.17 -76.52
CA LYS M 100 32.45 0.28 -76.19
C LYS M 100 32.63 0.85 -74.79
N PRO M 101 33.01 -0.01 -73.84
CA PRO M 101 33.13 0.31 -72.42
C PRO M 101 34.33 1.20 -72.05
N ALA M 102 35.37 1.20 -72.89
CA ALA M 102 36.66 1.75 -72.48
C ALA M 102 36.81 3.26 -72.65
N GLU M 103 37.16 3.93 -71.56
CA GLU M 103 37.64 5.31 -71.58
C GLU M 103 38.63 5.48 -70.43
N HIS M 104 39.63 6.33 -70.61
CA HIS M 104 40.74 6.37 -69.65
C HIS M 104 41.18 7.78 -69.29
N PRO M 105 41.53 7.99 -68.00
CA PRO M 105 42.11 9.22 -67.44
C PRO M 105 43.55 9.46 -67.91
N PHE M 106 44.05 10.68 -67.69
CA PHE M 106 45.35 11.07 -68.22
C PHE M 106 46.18 11.89 -67.21
N ILE M 107 47.45 12.08 -67.55
CA ILE M 107 48.42 13.03 -66.94
C ILE M 107 49.12 12.50 -65.67
N SER M 108 48.64 11.38 -65.12
CA SER M 108 49.34 10.67 -64.06
C SER M 108 49.63 11.51 -62.81
N ALA M 109 50.93 11.73 -62.56
CA ALA M 109 51.42 12.47 -61.38
C ALA M 109 51.04 11.79 -60.06
N ALA M 110 51.67 10.66 -59.79
CA ALA M 110 51.40 9.89 -58.57
C ALA M 110 52.52 10.00 -57.54
N ARG M 111 52.15 9.92 -56.26
CA ARG M 111 53.13 9.93 -55.17
C ARG M 111 53.08 8.60 -54.41
N TYR M 112 54.19 8.23 -53.76
CA TYR M 112 54.35 6.87 -53.24
C TYR M 112 55.15 6.81 -51.93
N LYS M 113 54.84 5.83 -51.09
CA LYS M 113 55.59 5.57 -49.86
C LYS M 113 55.63 4.07 -49.52
N PRO M 114 56.65 3.63 -48.77
CA PRO M 114 56.83 2.20 -48.46
C PRO M 114 55.86 1.59 -47.43
N LYS M 115 55.44 0.35 -47.72
CA LYS M 115 54.74 -0.57 -46.82
C LYS M 115 53.27 -0.21 -46.56
N SER M 116 52.94 1.06 -46.70
CA SER M 116 51.57 1.47 -47.01
C SER M 116 51.72 2.62 -47.98
N HIS M 117 51.29 2.42 -49.23
CA HIS M 117 51.64 3.37 -50.27
C HIS M 117 50.72 4.59 -50.39
N LEU M 118 49.41 4.38 -50.27
CA LEU M 118 48.45 5.47 -50.42
C LEU M 118 48.64 6.23 -51.73
N TRP M 119 48.38 5.57 -52.85
CA TRP M 119 48.64 6.15 -54.16
C TRP M 119 47.80 7.39 -54.44
N GLU M 120 48.44 8.41 -55.00
CA GLU M 120 47.77 9.64 -55.34
C GLU M 120 47.53 9.71 -56.85
N ILE M 121 46.34 10.13 -57.26
CA ILE M 121 46.00 10.22 -58.67
C ILE M 121 45.61 11.63 -59.09
N ASP M 122 46.25 12.11 -60.16
CA ASP M 122 45.99 13.45 -60.65
C ASP M 122 45.36 13.43 -62.05
N ILE M 123 44.27 14.18 -62.22
CA ILE M 123 43.55 14.25 -63.48
C ILE M 123 43.32 15.71 -63.88
N PRO M 124 43.50 16.03 -65.18
CA PRO M 124 43.40 17.43 -65.62
C PRO M 124 41.99 18.02 -65.50
N LEU M 125 41.92 19.35 -65.49
CA LEU M 125 40.65 20.06 -65.45
C LEU M 125 40.52 20.98 -66.67
N ASP M 126 39.41 20.85 -67.38
CA ASP M 126 39.20 21.64 -68.60
C ASP M 126 38.64 23.02 -68.29
N GLU M 127 39.17 24.03 -68.99
CA GLU M 127 38.73 25.41 -68.81
C GLU M 127 37.51 25.71 -69.66
N GLN M 128 37.21 24.80 -70.60
CA GLN M 128 36.20 25.04 -71.61
C GLN M 128 34.76 24.95 -71.10
N ALA M 129 34.49 24.04 -70.16
CA ALA M 129 33.11 23.77 -69.77
C ALA M 129 32.84 23.97 -68.28
N PHE M 130 31.99 24.94 -67.98
CA PHE M 130 31.47 25.16 -66.62
C PHE M 130 32.57 25.24 -65.56
N TYR M 131 33.59 26.04 -65.81
CA TYR M 131 34.74 26.12 -64.92
C TYR M 131 34.51 27.01 -63.70
N ASN M 132 33.68 28.04 -63.83
CA ASN M 132 33.40 28.95 -62.72
C ASN M 132 34.68 29.63 -62.21
N LYS M 133 35.20 30.56 -63.00
CA LYS M 133 36.47 31.21 -62.68
C LYS M 133 36.41 32.19 -61.51
N ASP M 134 35.28 32.86 -61.34
CA ASP M 134 35.15 33.89 -60.32
C ASP M 134 35.27 33.33 -58.90
N LYS M 135 34.84 32.08 -58.72
CA LYS M 135 34.95 31.42 -57.42
C LYS M 135 36.37 30.99 -57.15
N ALA M 136 37.05 30.52 -58.19
CA ALA M 136 38.43 30.05 -58.06
C ALA M 136 39.36 31.16 -57.60
N GLU M 137 39.40 32.26 -58.35
CA GLU M 137 40.30 33.38 -58.07
C GLU M 137 40.10 33.95 -56.66
N SER M 138 38.89 33.78 -56.13
CA SER M 138 38.57 34.29 -54.80
C SER M 138 39.11 33.40 -53.69
N GLU M 139 39.22 32.11 -53.96
CA GLU M 139 39.59 31.16 -52.92
C GLU M 139 40.93 30.48 -53.19
N TRP M 140 41.01 29.70 -54.27
CA TRP M 140 42.18 28.86 -54.51
C TRP M 140 42.82 29.02 -55.88
N ASN M 141 44.01 28.44 -56.01
CA ASN M 141 44.72 28.33 -57.27
C ASN M 141 44.29 27.03 -57.97
N GLY M 142 43.25 26.42 -57.42
CA GLY M 142 42.86 25.05 -57.73
C GLY M 142 42.35 24.78 -59.13
N VAL M 143 42.50 25.75 -60.03
CA VAL M 143 42.35 25.50 -61.47
C VAL M 143 43.27 24.36 -61.89
N ASN M 144 44.31 24.15 -61.09
CA ASN M 144 45.28 23.09 -61.30
C ASN M 144 44.68 21.71 -61.15
N VAL M 145 45.42 20.72 -61.64
CA VAL M 145 44.98 19.34 -61.82
C VAL M 145 44.31 18.71 -60.59
N GLN M 146 43.18 18.02 -60.83
CA GLN M 146 42.40 17.33 -59.81
C GLN M 146 43.23 16.28 -59.07
N THR M 147 42.91 16.03 -57.81
CA THR M 147 43.67 15.08 -56.99
C THR M 147 42.79 13.96 -56.43
N LEU M 148 43.27 12.72 -56.59
CA LEU M 148 42.61 11.55 -56.02
C LEU M 148 43.61 10.71 -55.23
N LYS M 149 43.14 10.04 -54.18
CA LYS M 149 44.01 9.19 -53.37
C LYS M 149 43.32 7.84 -53.11
N GLY M 150 43.95 6.97 -52.34
CA GLY M 150 43.34 5.70 -52.00
C GLY M 150 44.21 4.78 -51.18
N VAL M 151 43.57 3.78 -50.54
CA VAL M 151 44.27 2.84 -49.69
C VAL M 151 44.42 1.48 -50.36
N GLY M 152 45.63 0.92 -50.28
CA GLY M 152 45.89 -0.39 -50.86
C GLY M 152 45.65 -1.52 -49.89
N VAL M 153 45.33 -2.70 -50.43
CA VAL M 153 45.05 -3.87 -49.61
C VAL M 153 45.50 -5.13 -50.35
N GLU M 154 45.78 -6.19 -49.61
CA GLU M 154 46.24 -7.44 -50.22
C GLU M 154 45.43 -8.64 -49.74
N ASN M 155 45.11 -9.53 -50.67
CA ASN M 155 44.49 -10.80 -50.34
C ASN M 155 45.00 -11.90 -51.27
N ASN M 156 45.33 -13.05 -50.69
CA ASN M 156 45.97 -14.13 -51.44
C ASN M 156 45.02 -14.87 -52.38
N GLY M 157 45.60 -15.53 -53.37
CA GLY M 157 44.83 -16.35 -54.30
C GLY M 157 44.05 -15.56 -55.33
N GLN M 158 44.69 -14.56 -55.95
CA GLN M 158 44.06 -13.77 -57.00
C GLN M 158 44.98 -13.59 -58.19
N TYR M 159 44.52 -13.98 -59.36
CA TYR M 159 45.33 -13.96 -60.57
C TYR M 159 44.67 -13.15 -61.68
N ALA M 160 45.48 -12.75 -62.67
CA ALA M 160 44.96 -12.06 -63.85
C ALA M 160 45.18 -12.91 -65.08
N ALA M 161 44.35 -12.70 -66.10
CA ALA M 161 44.40 -13.55 -67.29
C ALA M 161 44.29 -12.78 -68.60
N PHE M 162 45.00 -13.28 -69.61
CA PHE M 162 44.89 -12.76 -70.97
C PHE M 162 44.99 -13.93 -71.96
N VAL M 163 44.20 -13.88 -73.02
CA VAL M 163 44.14 -14.98 -73.97
C VAL M 163 45.01 -14.71 -75.20
N LYS M 164 45.92 -15.63 -75.49
CA LYS M 164 46.77 -15.53 -76.67
C LYS M 164 46.64 -16.80 -77.51
N ASP M 165 46.20 -16.63 -78.76
CA ASP M 165 45.95 -17.74 -79.67
C ASP M 165 44.92 -18.71 -79.09
N MET M 166 45.22 -20.00 -79.17
CA MET M 166 44.29 -21.04 -78.71
C MET M 166 44.55 -21.44 -77.26
N GLN M 167 45.51 -20.77 -76.61
CA GLN M 167 45.88 -21.12 -75.24
C GLN M 167 45.72 -19.94 -74.29
N VAL M 168 45.67 -20.24 -72.99
CA VAL M 168 45.46 -19.23 -71.97
C VAL M 168 46.71 -19.01 -71.11
N TYR M 169 47.02 -17.75 -70.82
CA TYR M 169 48.15 -17.42 -69.96
C TYR M 169 47.68 -16.62 -68.75
N LEU M 170 48.34 -16.80 -67.60
CA LEU M 170 47.88 -16.21 -66.35
C LEU M 170 48.99 -15.60 -65.51
N VAL M 171 48.83 -14.32 -65.18
CA VAL M 171 49.80 -13.58 -64.36
C VAL M 171 49.18 -13.09 -63.04
N PRO M 172 49.73 -13.54 -61.90
CA PRO M 172 49.25 -13.19 -60.55
C PRO M 172 49.27 -11.68 -60.26
N ILE M 173 48.20 -11.17 -59.65
CA ILE M 173 48.00 -9.74 -59.41
C ILE M 173 48.72 -9.16 -58.19
N GLU M 174 48.73 -9.91 -57.09
CA GLU M 174 49.12 -9.42 -55.76
C GLU M 174 48.18 -8.32 -55.24
N ARG M 175 48.75 -7.22 -54.76
CA ARG M 175 47.99 -6.23 -54.00
C ARG M 175 46.95 -5.45 -54.81
N VAL M 176 45.94 -4.95 -54.11
CA VAL M 176 44.82 -4.23 -54.72
C VAL M 176 44.57 -2.90 -53.98
N ALA M 177 44.06 -1.91 -54.69
CA ALA M 177 43.81 -0.60 -54.09
C ALA M 177 42.49 0.03 -54.56
N GLN M 178 41.88 0.82 -53.68
CA GLN M 178 40.67 1.57 -54.00
C GLN M 178 41.03 3.03 -54.28
N LEU M 179 40.32 3.67 -55.19
CA LEU M 179 40.61 5.07 -55.51
C LEU M 179 39.41 6.00 -55.29
N LYS M 180 39.53 6.87 -54.29
CA LYS M 180 38.53 7.91 -54.05
C LYS M 180 39.23 9.19 -53.58
N PRO M 181 38.72 10.36 -54.01
CA PRO M 181 39.52 11.59 -53.92
C PRO M 181 39.49 12.29 -52.56
N PHE M 182 40.12 13.46 -52.54
CA PHE M 182 40.24 14.31 -51.35
C PHE M 182 40.97 15.57 -51.79
N PHE M 183 41.08 16.55 -50.91
CA PHE M 183 41.68 17.83 -51.32
C PHE M 183 42.74 18.35 -50.35
N LYS M 184 43.87 18.77 -50.93
CA LYS M 184 44.87 19.52 -50.19
C LYS M 184 44.53 21.00 -50.28
N TYR M 185 43.55 21.31 -51.14
CA TYR M 185 42.97 22.65 -51.22
C TYR M 185 42.04 22.87 -50.02
N ILE M 186 41.86 21.82 -49.24
CA ILE M 186 41.00 21.84 -48.07
C ILE M 186 41.81 21.94 -46.78
N ASP M 187 42.66 20.95 -46.53
CA ASP M 187 43.46 20.90 -45.32
C ASP M 187 44.36 22.12 -45.18
N ASP M 188 44.81 22.65 -46.31
CA ASP M 188 45.63 23.86 -46.32
C ASP M 188 44.77 25.11 -46.12
N ALA M 189 43.57 25.10 -46.68
CA ALA M 189 42.66 26.22 -46.55
C ALA M 189 42.04 26.28 -45.16
N ASN M 190 41.86 25.11 -44.54
CA ASN M 190 41.29 25.03 -43.20
C ASN M 190 42.27 25.57 -42.18
N VAL M 191 43.57 25.38 -42.43
CA VAL M 191 44.62 25.87 -41.54
C VAL M 191 44.78 27.37 -41.65
N THR M 192 44.86 27.89 -42.87
CA THR M 192 45.07 29.32 -43.09
C THR M 192 43.83 30.12 -42.67
N ARG M 193 42.68 29.45 -42.59
CA ARG M 193 41.46 30.07 -42.10
C ARG M 193 41.47 30.15 -40.59
N LYS M 194 41.95 29.08 -39.96
CA LYS M 194 41.97 28.97 -38.50
C LYS M 194 43.13 29.74 -37.87
N GLN M 195 44.30 29.71 -38.52
CA GLN M 195 45.52 30.24 -37.95
C GLN M 195 45.45 31.74 -37.64
N GLU M 196 45.16 32.54 -38.65
CA GLU M 196 45.09 34.00 -38.46
C GLU M 196 43.83 34.40 -37.70
N ASN M 225 56.66 6.21 -25.50
CA ASN M 225 55.54 5.79 -24.67
C ASN M 225 54.32 5.38 -25.49
N ARG M 226 54.31 4.12 -25.91
CA ARG M 226 53.20 3.54 -26.67
C ARG M 226 52.91 4.29 -27.97
N LEU M 227 51.68 4.81 -28.07
CA LEU M 227 51.16 5.42 -29.30
C LEU M 227 51.28 4.45 -30.47
N THR M 228 50.75 3.24 -30.29
CA THR M 228 50.79 2.22 -31.32
C THR M 228 49.48 2.23 -32.11
N GLY M 229 49.35 1.31 -33.06
CA GLY M 229 48.12 1.17 -33.83
C GLY M 229 47.85 2.31 -34.81
N SER M 230 46.67 2.91 -34.69
CA SER M 230 46.16 3.91 -35.63
C SER M 230 47.15 5.05 -35.90
N LEU M 231 47.44 5.85 -34.88
CA LEU M 231 48.30 7.03 -35.04
C LEU M 231 49.71 6.64 -35.49
N LEU M 232 50.12 5.42 -35.18
CA LEU M 232 51.42 4.93 -35.61
C LEU M 232 51.44 4.77 -37.13
N ALA M 233 50.27 4.52 -37.71
CA ALA M 233 50.13 4.43 -39.15
C ALA M 233 49.82 5.81 -39.74
N HIS M 234 49.74 6.81 -38.86
CA HIS M 234 49.50 8.19 -39.26
C HIS M 234 50.76 9.03 -39.12
N LYS M 235 51.26 9.13 -37.88
CA LYS M 235 52.47 9.88 -37.58
C LYS M 235 53.64 9.52 -38.49
N VAL M 236 53.76 8.23 -38.79
CA VAL M 236 54.81 7.75 -39.68
C VAL M 236 54.46 8.05 -41.14
N ALA M 237 53.18 7.96 -41.47
CA ALA M 237 52.69 8.19 -42.84
C ALA M 237 53.08 9.57 -43.37
N ASP M 238 52.58 10.61 -42.72
CA ASP M 238 52.83 11.99 -43.16
C ASP M 238 54.31 12.33 -43.30
N GLU M 239 55.13 11.69 -42.47
CA GLU M 239 56.58 11.96 -42.47
C GLU M 239 57.30 11.31 -43.64
N GLU M 240 56.97 10.05 -43.92
CA GLU M 240 57.79 9.24 -44.82
C GLU M 240 57.35 9.25 -46.27
N ALA M 241 56.32 10.02 -46.63
CA ALA M 241 55.89 9.99 -48.02
C ALA M 241 56.28 11.22 -48.83
N ASN M 242 57.32 11.08 -49.63
CA ASN M 242 57.51 11.87 -50.84
C ASN M 242 58.16 11.02 -51.94
N ILE M 243 57.44 10.78 -53.03
CA ILE M 243 58.03 10.10 -54.19
C ILE M 243 57.40 10.64 -55.48
N GLU M 244 58.24 10.89 -56.49
CA GLU M 244 57.74 11.33 -57.79
C GLU M 244 57.76 10.19 -58.79
N LEU M 245 56.58 9.74 -59.19
CA LEU M 245 56.45 8.64 -60.15
C LEU M 245 56.01 9.14 -61.52
N THR M 246 56.83 8.88 -62.53
CA THR M 246 56.48 9.27 -63.90
C THR M 246 55.88 8.09 -64.65
N TRP M 247 54.59 8.18 -64.94
CA TRP M 247 53.87 7.11 -65.62
C TRP M 247 54.09 7.16 -67.13
N ALA M 248 54.66 6.09 -67.66
CA ALA M 248 54.93 6.00 -69.10
C ALA M 248 54.38 4.69 -69.64
N GLU M 249 53.49 4.79 -70.63
CA GLU M 249 52.81 3.62 -71.15
C GLU M 249 53.32 3.18 -72.52
N GLY M 250 53.99 2.03 -72.54
CA GLY M 250 54.30 1.34 -73.78
C GLY M 250 54.46 -0.13 -73.48
N THR M 251 54.17 -0.99 -74.46
CA THR M 251 54.23 -2.42 -74.25
C THR M 251 54.79 -3.20 -75.44
N PHE M 252 55.86 -3.96 -75.19
CA PHE M 252 56.29 -5.00 -76.12
C PHE M 252 56.62 -6.29 -75.37
N GLU M 253 57.64 -6.23 -74.53
CA GLU M 253 58.20 -7.39 -73.85
C GLU M 253 57.35 -7.92 -72.70
N GLN M 254 56.25 -7.24 -72.38
CA GLN M 254 55.37 -7.66 -71.28
C GLN M 254 54.86 -9.08 -71.47
N PHE M 255 54.82 -9.54 -72.72
CA PHE M 255 54.43 -10.90 -73.03
C PHE M 255 55.65 -11.81 -73.05
N LYS M 256 56.54 -11.56 -74.01
CA LYS M 256 57.67 -12.43 -74.31
C LYS M 256 58.54 -12.76 -73.10
N ASP M 257 58.56 -11.86 -72.10
CA ASP M 257 59.29 -12.11 -70.87
C ASP M 257 58.75 -13.33 -70.15
N THR M 258 57.43 -13.36 -69.97
CA THR M 258 56.77 -14.48 -69.30
C THR M 258 56.55 -15.66 -70.24
N ILE M 259 56.48 -15.40 -71.54
CA ILE M 259 56.21 -16.44 -72.53
C ILE M 259 57.35 -17.45 -72.62
N VAL M 260 58.59 -16.96 -72.65
CA VAL M 260 59.76 -17.82 -72.80
C VAL M 260 60.02 -18.65 -71.54
N LYS M 261 59.29 -18.37 -70.47
CA LYS M 261 59.47 -19.08 -69.21
C LYS M 261 58.84 -20.47 -69.24
N GLU M 262 58.10 -20.77 -70.30
CA GLU M 262 57.46 -22.07 -70.44
C GLU M 262 58.45 -23.13 -70.86
N LYS N 274 11.52 -23.01 -55.36
CA LYS N 274 12.24 -23.05 -56.64
C LYS N 274 13.70 -22.64 -56.47
N GLU N 275 14.39 -23.31 -55.57
CA GLU N 275 15.78 -23.00 -55.27
C GLU N 275 16.73 -23.51 -56.36
N ALA N 276 16.79 -24.83 -56.51
CA ALA N 276 17.67 -25.45 -57.49
C ALA N 276 17.36 -25.02 -58.92
N ALA N 277 16.08 -24.80 -59.18
CA ALA N 277 15.61 -24.41 -60.52
C ALA N 277 16.31 -23.15 -61.03
N ALA N 278 16.11 -22.04 -60.32
CA ALA N 278 16.66 -20.75 -60.74
C ALA N 278 18.17 -20.75 -60.92
N GLU N 279 18.87 -21.49 -60.06
CA GLU N 279 20.34 -21.49 -60.09
C GLU N 279 20.90 -22.28 -61.27
N LEU N 280 20.33 -23.45 -61.54
CA LEU N 280 20.80 -24.27 -62.65
C LEU N 280 20.51 -23.60 -63.98
N GLU N 281 19.51 -22.71 -63.99
CA GLU N 281 19.16 -21.95 -65.18
C GLU N 281 20.26 -20.94 -65.49
N LEU N 282 20.85 -20.36 -64.45
CA LEU N 282 21.93 -19.40 -64.59
C LEU N 282 23.25 -20.10 -64.89
N LEU N 283 23.47 -21.26 -64.26
CA LEU N 283 24.69 -22.02 -64.44
C LEU N 283 24.88 -22.43 -65.90
N ASN N 284 23.79 -22.87 -66.54
CA ASN N 284 23.79 -23.17 -67.96
C ASN N 284 24.24 -21.97 -68.78
N ALA N 285 23.47 -20.89 -68.69
CA ALA N 285 23.78 -19.63 -69.35
C ALA N 285 25.22 -19.17 -69.11
N ASP N 286 25.56 -18.95 -67.84
CA ASP N 286 26.89 -18.46 -67.46
C ASP N 286 28.03 -19.29 -68.04
N HIS N 287 27.85 -20.61 -68.11
CA HIS N 287 28.88 -21.49 -68.66
C HIS N 287 29.01 -21.34 -70.17
N GLN N 288 28.08 -20.61 -70.77
CA GLN N 288 28.11 -20.31 -72.19
C GLN N 288 28.65 -18.90 -72.42
N HIS N 289 27.94 -17.93 -71.87
CA HIS N 289 28.31 -16.51 -71.98
C HIS N 289 29.78 -16.23 -71.67
N ILE N 290 30.33 -16.90 -70.66
CA ILE N 290 31.72 -16.67 -70.26
C ILE N 290 32.67 -17.29 -71.29
N LEU N 291 32.19 -18.28 -72.02
CA LEU N 291 33.00 -18.93 -73.05
C LEU N 291 33.15 -18.02 -74.26
N ARG N 292 32.07 -17.31 -74.60
CA ARG N 292 32.08 -16.37 -75.71
C ARG N 292 33.06 -15.24 -75.46
N LYS N 293 32.88 -14.51 -74.36
CA LYS N 293 33.73 -13.37 -74.05
C LYS N 293 35.17 -13.80 -73.80
N LEU N 294 35.37 -15.09 -73.58
CA LEU N 294 36.71 -15.65 -73.48
C LEU N 294 37.33 -15.75 -74.87
N LYS N 295 36.54 -16.20 -75.83
CA LYS N 295 37.01 -16.32 -77.22
C LYS N 295 36.71 -15.07 -78.05
N LYS N 296 35.92 -14.15 -77.49
CA LYS N 296 35.65 -12.89 -78.18
C LYS N 296 36.91 -12.03 -78.14
N MET N 297 37.64 -12.12 -77.04
CA MET N 297 38.98 -11.56 -76.99
C MET N 297 39.97 -12.71 -77.13
N ASN N 298 40.58 -12.81 -78.30
CA ASN N 298 41.40 -13.96 -78.67
C ASN N 298 42.77 -13.51 -79.18
N ASN N 299 42.73 -12.72 -80.26
CA ASN N 299 43.91 -12.10 -80.83
C ASN N 299 44.42 -11.03 -79.86
N LYS N 300 45.42 -10.25 -80.27
CA LYS N 300 46.11 -9.46 -79.27
C LYS N 300 46.00 -7.93 -79.39
N PRO N 301 44.77 -7.40 -79.24
CA PRO N 301 44.61 -6.09 -78.61
C PRO N 301 44.65 -6.30 -77.10
N GLU N 302 44.96 -5.30 -76.30
CA GLU N 302 45.10 -5.55 -74.87
C GLU N 302 43.74 -5.66 -74.19
N ARG N 303 43.46 -6.84 -73.66
CA ARG N 303 42.22 -7.14 -72.94
C ARG N 303 42.55 -8.05 -71.76
N PHE N 304 42.06 -7.70 -70.57
CA PHE N 304 42.43 -8.45 -69.37
C PHE N 304 41.24 -8.98 -68.57
N MET N 305 41.44 -10.12 -67.94
CA MET N 305 40.48 -10.70 -67.00
C MET N 305 41.21 -11.08 -65.71
N VAL N 306 40.46 -11.23 -64.62
CA VAL N 306 41.06 -11.56 -63.33
C VAL N 306 40.46 -12.82 -62.71
N PHE N 307 41.29 -13.57 -61.99
CA PHE N 307 40.91 -14.86 -61.42
C PHE N 307 40.95 -14.85 -59.89
N GLN N 308 40.18 -15.75 -59.28
CA GLN N 308 40.25 -15.98 -57.84
C GLN N 308 40.34 -17.47 -57.56
N LEU N 309 41.44 -17.90 -56.92
CA LEU N 309 41.69 -19.30 -56.68
C LEU N 309 42.08 -19.57 -55.22
N PRO N 310 41.76 -20.78 -54.71
CA PRO N 310 42.16 -21.21 -53.37
C PRO N 310 43.68 -21.24 -53.19
N THR N 311 44.14 -21.20 -51.94
CA THR N 311 45.56 -21.12 -51.65
C THR N 311 46.25 -22.48 -51.57
N ARG N 312 47.55 -22.44 -51.30
CA ARG N 312 48.44 -23.60 -51.13
C ARG N 312 48.78 -24.31 -52.44
N LEU N 313 47.97 -24.06 -53.47
CA LEU N 313 48.20 -24.46 -54.86
C LEU N 313 49.00 -25.77 -55.06
N PRO N 314 48.47 -26.91 -54.59
CA PRO N 314 49.12 -28.16 -55.02
C PRO N 314 48.68 -28.52 -56.43
N ALA N 315 49.55 -29.10 -57.25
CA ALA N 315 49.08 -29.58 -58.54
C ALA N 315 49.34 -31.07 -58.78
N PHE N 316 50.53 -31.43 -59.24
CA PHE N 316 50.87 -32.85 -59.32
C PHE N 316 52.31 -33.20 -58.93
N GLU N 317 53.24 -32.88 -59.83
CA GLU N 317 54.66 -33.24 -59.70
C GLU N 317 55.46 -32.26 -58.85
N ARG N 318 56.56 -32.75 -58.29
CA ARG N 318 57.50 -31.90 -57.56
C ARG N 318 58.93 -32.08 -58.09
N PRO N 319 59.21 -31.49 -59.26
CA PRO N 319 60.55 -31.57 -59.85
C PRO N 319 61.59 -30.81 -59.05
N ALA N 320 61.17 -29.73 -58.38
CA ALA N 320 62.07 -28.93 -57.57
C ALA N 320 61.31 -28.24 -56.43
N VAL N 360 50.20 -27.67 -64.83
CA VAL N 360 48.91 -27.80 -64.18
C VAL N 360 47.82 -28.16 -65.18
N GLY N 361 46.73 -28.74 -64.67
CA GLY N 361 45.57 -29.04 -65.51
C GLY N 361 44.91 -27.75 -65.94
N SER N 362 43.97 -27.83 -66.88
CA SER N 362 43.38 -26.62 -67.43
C SER N 362 41.89 -26.71 -67.74
N ILE N 363 41.33 -25.57 -68.17
CA ILE N 363 39.90 -25.43 -68.45
C ILE N 363 39.55 -25.98 -69.83
N ARG N 364 38.29 -26.37 -70.00
CA ARG N 364 37.71 -26.66 -71.32
C ARG N 364 36.23 -27.05 -71.20
N VAL N 365 35.51 -26.93 -72.32
CA VAL N 365 34.12 -27.33 -72.43
C VAL N 365 33.93 -28.83 -72.14
N HIS N 366 33.06 -29.14 -71.20
CA HIS N 366 32.69 -30.52 -70.93
C HIS N 366 31.76 -31.02 -72.03
N LYS N 367 31.64 -32.34 -72.14
CA LYS N 367 30.77 -32.95 -73.16
C LYS N 367 29.33 -32.45 -73.03
N SER N 368 28.65 -32.35 -74.17
CA SER N 368 27.28 -31.86 -74.26
C SER N 368 27.16 -30.39 -73.83
N GLY N 369 28.21 -29.62 -74.09
CA GLY N 369 28.16 -28.18 -73.93
C GLY N 369 28.39 -27.63 -72.53
N LYS N 370 28.67 -28.50 -71.56
CA LYS N 370 28.94 -28.06 -70.20
C LYS N 370 30.36 -27.51 -70.09
N LEU N 371 30.73 -27.02 -68.91
CA LEU N 371 32.04 -26.41 -68.72
C LEU N 371 32.72 -26.91 -67.45
N SER N 372 33.92 -27.46 -67.62
CA SER N 372 34.64 -28.05 -66.49
C SER N 372 36.12 -27.66 -66.47
N VAL N 373 36.54 -27.02 -65.38
CA VAL N 373 37.96 -26.77 -65.12
C VAL N 373 38.53 -28.02 -64.47
N LYS N 374 39.84 -28.05 -64.23
CA LYS N 374 40.48 -29.19 -63.57
C LYS N 374 41.98 -28.98 -63.39
N ILE N 375 42.57 -29.79 -62.51
CA ILE N 375 44.02 -29.87 -62.37
C ILE N 375 44.42 -31.32 -62.65
N GLY N 376 45.71 -31.62 -62.62
CA GLY N 376 46.19 -32.96 -62.93
C GLY N 376 46.28 -33.87 -61.72
N ASN N 377 46.53 -35.15 -61.98
CA ASN N 377 46.71 -36.15 -60.93
C ASN N 377 45.52 -36.29 -59.98
N VAL N 378 44.44 -36.88 -60.50
CA VAL N 378 43.20 -37.22 -59.78
C VAL N 378 42.70 -36.10 -58.85
N VAL N 379 42.30 -34.99 -59.46
CA VAL N 379 41.54 -33.96 -58.77
C VAL N 379 40.63 -33.24 -59.76
N MET N 380 39.41 -32.94 -59.35
CA MET N 380 38.49 -32.18 -60.20
C MET N 380 38.02 -30.91 -59.51
N ASP N 381 38.45 -29.77 -60.04
CA ASP N 381 38.05 -28.47 -59.51
C ASP N 381 37.26 -27.70 -60.58
N ILE N 382 35.96 -27.54 -60.36
CA ILE N 382 35.15 -26.79 -61.33
C ILE N 382 34.32 -25.69 -60.67
N GLY N 383 34.48 -24.47 -61.17
CA GLY N 383 33.64 -23.36 -60.78
C GLY N 383 33.74 -22.25 -61.79
N LYS N 384 32.69 -21.46 -61.91
CA LYS N 384 32.61 -20.40 -62.92
C LYS N 384 31.81 -19.21 -62.38
N GLY N 385 31.53 -18.25 -63.26
CA GLY N 385 30.68 -17.13 -62.92
C GLY N 385 31.31 -16.13 -61.97
N ALA N 386 30.62 -15.02 -61.75
CA ALA N 386 31.09 -13.98 -60.85
C ALA N 386 29.97 -13.09 -60.35
N GLU N 387 30.23 -12.35 -59.27
CA GLU N 387 29.29 -11.39 -58.73
C GLU N 387 29.14 -10.19 -59.67
N THR N 388 28.04 -9.45 -59.48
CA THR N 388 27.64 -8.38 -60.40
C THR N 388 28.71 -7.31 -60.65
N THR N 389 28.79 -6.90 -61.91
CA THR N 389 29.80 -5.98 -62.44
C THR N 389 29.07 -4.85 -63.15
N PHE N 390 29.80 -4.08 -63.96
CA PHE N 390 29.46 -2.81 -64.68
C PHE N 390 29.84 -1.53 -63.94
N LEU N 391 30.33 -1.62 -62.71
CA LEU N 391 30.86 -0.42 -62.06
C LEU N 391 32.32 -0.21 -62.40
N GLN N 392 33.15 -1.18 -62.03
CA GLN N 392 34.60 -1.06 -62.05
C GLN N 392 35.21 -0.59 -63.36
N ASP N 393 36.04 0.46 -63.27
CA ASP N 393 36.98 0.79 -64.33
C ASP N 393 38.36 0.44 -63.80
N VAL N 394 38.95 -0.62 -64.35
CA VAL N 394 40.09 -1.24 -63.73
C VAL N 394 41.26 -1.44 -64.69
N ILE N 395 42.47 -1.11 -64.23
CA ILE N 395 43.68 -1.57 -64.91
C ILE N 395 44.79 -1.79 -63.88
N ALA N 396 45.52 -2.89 -64.03
CA ALA N 396 46.67 -3.17 -63.20
C ALA N 396 47.89 -2.40 -63.71
N LEU N 397 48.71 -1.91 -62.78
CA LEU N 397 49.88 -1.12 -63.13
C LEU N 397 51.18 -1.83 -62.72
N SER N 398 52.26 -1.49 -63.41
CA SER N 398 53.56 -2.11 -63.19
C SER N 398 54.48 -1.29 -62.29
N ILE N 399 54.80 -1.81 -61.13
CA ILE N 399 55.74 -1.16 -60.21
C ILE N 399 56.86 -2.13 -59.86
N ALA N 400 58.10 -1.68 -60.03
CA ALA N 400 59.26 -2.55 -59.80
C ALA N 400 60.36 -1.84 -59.02
N ASP N 401 60.76 -2.43 -57.90
CA ASP N 401 61.96 -2.02 -57.17
C ASP N 401 61.85 -0.62 -56.55
N ASP N 402 60.71 0.04 -56.79
CA ASP N 402 60.47 1.45 -56.47
C ASP N 402 61.19 2.31 -57.51
N ALA N 403 61.87 1.64 -58.44
CA ALA N 403 62.60 2.29 -59.52
C ALA N 403 61.74 2.44 -60.76
N SER N 404 61.95 3.56 -61.46
CA SER N 404 61.09 4.00 -62.57
C SER N 404 59.65 4.11 -62.11
N SER N 405 58.68 3.81 -62.99
CA SER N 405 57.28 3.83 -62.59
C SER N 405 56.30 3.12 -63.53
N ALA N 406 55.18 2.72 -62.94
CA ALA N 406 53.85 2.76 -63.58
C ALA N 406 53.76 2.42 -65.06
N GLU N 407 53.91 1.15 -65.42
CA GLU N 407 53.66 0.74 -66.79
C GLU N 407 52.23 0.18 -66.93
N LEU N 408 51.44 0.77 -67.82
CA LEU N 408 50.02 0.43 -67.95
C LEU N 408 49.73 -0.45 -69.15
N LEU N 409 49.14 -1.62 -68.90
CA LEU N 409 48.87 -2.61 -69.94
C LEU N 409 47.51 -2.39 -70.62
N GLY N 410 46.67 -1.59 -69.97
CA GLY N 410 45.39 -1.14 -70.49
C GLY N 410 44.15 -1.93 -70.11
N ARG N 411 43.09 -1.17 -69.80
CA ARG N 411 41.72 -1.58 -69.49
C ARG N 411 41.56 -2.82 -68.60
N VAL N 412 40.42 -3.50 -68.76
CA VAL N 412 40.08 -4.79 -68.13
C VAL N 412 38.84 -5.34 -68.87
N ASP N 413 38.59 -6.65 -68.81
CA ASP N 413 37.35 -7.17 -69.36
C ASP N 413 36.48 -7.92 -68.33
N GLY N 414 36.88 -9.14 -67.98
CA GLY N 414 36.03 -10.03 -67.21
C GLY N 414 36.40 -10.29 -65.75
N LYS N 415 35.54 -11.04 -65.07
CA LYS N 415 35.77 -11.49 -63.71
C LYS N 415 35.22 -12.90 -63.53
N ILE N 416 35.99 -13.76 -62.86
CA ILE N 416 35.58 -15.15 -62.66
C ILE N 416 36.17 -15.75 -61.37
N VAL N 417 35.39 -16.57 -60.69
CA VAL N 417 35.86 -17.30 -59.51
C VAL N 417 35.71 -18.80 -59.72
N VAL N 418 36.58 -19.58 -59.06
CA VAL N 418 36.54 -21.03 -59.20
C VAL N 418 36.47 -21.73 -57.84
N THR N 419 35.33 -22.36 -57.57
CA THR N 419 35.11 -23.13 -56.35
C THR N 419 35.43 -24.61 -56.59
N PRO N 420 36.07 -25.28 -55.62
CA PRO N 420 36.23 -26.73 -55.75
C PRO N 420 34.90 -27.47 -55.54
N GLN N 421 34.91 -28.78 -55.69
CA GLN N 421 33.69 -29.57 -55.51
C GLN N 421 33.98 -31.06 -55.31
N ILE N 422 32.92 -31.86 -55.27
CA ILE N 422 33.04 -33.30 -55.12
C ILE N 422 33.35 -33.97 -56.45
N VAL O 31 21.07 27.07 31.87
CA VAL O 31 20.69 26.59 33.19
C VAL O 31 19.94 27.66 33.96
N MET O 32 18.77 27.28 34.49
CA MET O 32 17.91 28.14 35.32
C MET O 32 17.28 29.31 34.56
N THR O 33 17.73 29.53 33.32
CA THR O 33 17.09 30.48 32.39
C THR O 33 17.21 31.94 32.84
N ILE O 34 17.82 32.15 34.02
CA ILE O 34 17.92 33.49 34.60
C ILE O 34 18.77 34.44 33.75
N SER O 35 19.47 33.87 32.75
CA SER O 35 20.25 34.66 31.81
C SER O 35 19.39 35.54 30.90
N SER O 36 18.07 35.37 31.02
CA SER O 36 17.08 36.10 30.24
C SER O 36 17.16 35.76 28.75
N LEU O 37 17.42 34.49 28.46
CA LEU O 37 17.38 33.99 27.09
C LEU O 37 15.93 33.77 26.66
N GLU O 38 15.04 33.63 27.65
CA GLU O 38 13.62 33.41 27.40
C GLU O 38 12.99 34.58 26.65
N GLN O 39 13.30 35.79 27.10
CA GLN O 39 12.71 37.01 26.54
C GLN O 39 13.50 37.54 25.36
N ARG O 40 14.70 36.99 25.16
CA ARG O 40 15.67 37.54 24.22
C ARG O 40 15.28 37.43 22.74
N THR O 41 14.66 36.33 22.35
CA THR O 41 14.42 36.08 20.93
C THR O 41 13.19 36.76 20.33
N LEU O 42 12.07 36.73 21.06
CA LEU O 42 10.76 36.85 20.42
C LEU O 42 10.05 38.21 20.36
N ASN O 43 10.68 39.30 20.80
CA ASN O 43 9.97 40.59 20.75
C ASN O 43 10.66 41.80 20.11
N PRO O 44 11.06 41.71 18.84
CA PRO O 44 11.66 42.89 18.20
C PRO O 44 10.63 43.99 17.95
N ASP O 45 11.01 45.26 18.14
CA ASP O 45 10.08 46.38 18.18
C ASP O 45 8.97 46.02 19.15
N LEU O 46 7.71 46.10 18.71
CA LEU O 46 6.61 45.43 19.41
C LEU O 46 6.57 45.80 20.89
N PHE O 47 7.02 44.85 21.72
CA PHE O 47 6.99 44.90 23.18
C PHE O 47 7.47 46.25 23.74
N LEU O 48 8.30 46.95 22.97
CA LEU O 48 8.69 48.33 23.28
C LEU O 48 7.47 49.18 23.68
N TYR O 49 6.54 49.33 22.74
CA TYR O 49 5.33 50.14 22.96
C TYR O 49 4.56 49.74 24.21
N LYS O 50 4.06 48.51 24.25
CA LYS O 50 3.21 48.08 25.36
C LYS O 50 3.98 47.95 26.67
N GLU O 51 5.31 48.07 26.62
CA GLU O 51 6.11 48.20 27.83
C GLU O 51 5.94 49.58 28.45
N LEU O 52 6.14 50.60 27.63
CA LEU O 52 6.01 52.00 28.03
C LEU O 52 4.63 52.30 28.60
N VAL O 53 3.60 52.13 27.78
CA VAL O 53 2.23 52.41 28.18
C VAL O 53 1.81 51.58 29.40
N LYS O 54 2.50 50.47 29.64
CA LYS O 54 2.25 49.67 30.84
C LYS O 54 2.71 50.44 32.08
N ALA O 55 3.88 51.04 31.99
CA ALA O 55 4.39 51.91 33.05
C ALA O 55 3.49 53.13 33.18
N HIS O 56 3.04 53.64 32.03
CA HIS O 56 2.06 54.72 31.99
C HIS O 56 0.79 54.31 32.72
N LEU O 57 0.08 53.31 32.18
CA LEU O 57 -1.17 52.85 32.77
C LEU O 57 -1.10 51.37 33.15
N GLY O 58 -0.97 50.51 32.15
CA GLY O 58 -0.94 49.07 32.38
C GLY O 58 -2.23 48.39 32.00
N GLU O 59 -2.32 47.09 32.28
CA GLU O 59 -3.50 46.26 32.04
C GLU O 59 -4.14 46.49 30.67
N ARG O 60 -5.42 46.86 30.66
CA ARG O 60 -6.18 47.09 29.45
C ARG O 60 -5.50 48.02 28.44
N ALA O 61 -4.82 49.05 28.96
CA ALA O 61 -4.14 50.03 28.11
C ALA O 61 -3.03 49.39 27.29
N ALA O 62 -2.30 48.47 27.90
CA ALA O 62 -1.22 47.77 27.23
C ALA O 62 -1.77 46.76 26.22
N SER O 63 -2.92 46.18 26.56
CA SER O 63 -3.60 45.21 25.71
C SER O 63 -3.91 45.78 24.32
N VAL O 64 -4.76 46.81 24.29
CA VAL O 64 -5.23 47.41 23.05
C VAL O 64 -4.09 47.87 22.13
N ILE O 65 -3.15 48.63 22.69
CA ILE O 65 -2.03 49.15 21.91
C ILE O 65 -1.15 48.04 21.38
N GLY O 66 -0.80 47.09 22.26
CA GLY O 66 0.01 45.95 21.88
C GLY O 66 -0.63 45.15 20.76
N MET O 67 -1.95 45.06 20.77
CA MET O 67 -2.68 44.38 19.71
C MET O 67 -2.82 45.28 18.49
N LEU O 68 -2.88 46.59 18.73
CA LEU O 68 -2.95 47.57 17.66
C LEU O 68 -1.66 47.59 16.86
N VAL O 69 -0.57 47.20 17.51
CA VAL O 69 0.72 47.11 16.85
C VAL O 69 0.84 45.82 16.04
N ALA O 70 0.73 44.69 16.73
CA ALA O 70 0.90 43.36 16.14
C ALA O 70 0.06 43.15 14.88
N LEU O 71 -1.23 43.43 14.95
CA LEU O 71 -2.12 43.20 13.82
C LEU O 71 -2.27 44.44 12.95
N GLY O 72 -1.66 45.54 13.38
CA GLY O 72 -1.73 46.78 12.62
C GLY O 72 -3.09 47.44 12.69
N ARG O 73 -3.63 47.81 11.53
CA ARG O 73 -4.92 48.47 11.43
C ARG O 73 -6.02 47.68 12.13
N LEU O 74 -6.84 48.37 12.91
CA LEU O 74 -7.76 47.72 13.83
C LEU O 74 -9.13 48.41 13.88
N SER O 75 -10.17 47.62 14.10
CA SER O 75 -11.53 48.14 14.20
C SER O 75 -12.08 47.93 15.61
N VAL O 76 -13.03 48.77 16.02
CA VAL O 76 -13.59 48.75 17.37
C VAL O 76 -14.12 47.38 17.78
N ARG O 77 -14.91 46.77 16.89
CA ARG O 77 -15.48 45.46 17.16
C ARG O 77 -14.41 44.38 17.21
N GLU O 78 -13.32 44.60 16.47
CA GLU O 78 -12.27 43.61 16.32
C GLU O 78 -11.49 43.38 17.61
N LEU O 79 -11.42 44.41 18.46
CA LEU O 79 -10.76 44.27 19.75
C LEU O 79 -11.43 43.21 20.62
N VAL O 80 -12.76 43.23 20.62
CA VAL O 80 -13.56 42.33 21.44
C VAL O 80 -13.35 40.87 21.04
N GLU O 81 -13.25 40.62 19.74
CA GLU O 81 -13.16 39.27 19.20
C GLU O 81 -11.91 38.53 19.66
N LYS O 82 -10.75 39.13 19.46
CA LYS O 82 -9.46 38.50 19.73
C LYS O 82 -9.29 38.06 21.18
N ILE O 83 -9.15 39.04 22.07
CA ILE O 83 -8.73 38.80 23.44
C ILE O 83 -9.83 38.28 24.37
N ASP O 84 -11.08 38.61 24.05
CA ASP O 84 -12.18 38.56 25.02
C ASP O 84 -11.77 39.47 26.17
N GLY O 85 -11.76 40.77 25.86
CA GLY O 85 -11.11 41.80 26.65
C GLY O 85 -11.93 42.52 27.69
N MET O 86 -12.93 41.85 28.27
CA MET O 86 -13.95 42.50 29.09
C MET O 86 -14.73 43.48 28.21
N ASP O 87 -15.55 42.89 27.35
CA ASP O 87 -16.24 43.57 26.25
C ASP O 87 -16.97 44.86 26.61
N VAL O 88 -16.70 45.89 25.81
CA VAL O 88 -17.45 47.16 25.69
C VAL O 88 -17.40 48.04 26.94
N ASP O 89 -16.99 47.48 28.07
CA ASP O 89 -16.71 48.30 29.24
C ASP O 89 -15.29 48.86 29.17
N SER O 90 -14.35 48.01 28.78
CA SER O 90 -12.95 48.38 28.69
C SER O 90 -12.65 49.17 27.42
N VAL O 91 -13.18 48.71 26.29
CA VAL O 91 -12.91 49.31 24.99
C VAL O 91 -13.29 50.79 24.95
N LYS O 92 -14.50 51.10 25.38
CA LYS O 92 -14.98 52.47 25.39
C LYS O 92 -14.21 53.32 26.40
N THR O 93 -13.72 52.67 27.46
CA THR O 93 -12.94 53.35 28.48
C THR O 93 -11.53 53.62 27.98
N THR O 94 -10.92 52.63 27.35
CA THR O 94 -9.57 52.77 26.82
C THR O 94 -9.54 53.73 25.62
N LEU O 95 -10.60 53.69 24.81
CA LEU O 95 -10.69 54.52 23.61
C LEU O 95 -10.47 56.00 23.92
N VAL O 96 -11.36 56.58 24.73
CA VAL O 96 -11.25 57.97 25.12
C VAL O 96 -9.97 58.26 25.89
N SER O 97 -9.45 57.25 26.57
CA SER O 97 -8.20 57.38 27.31
C SER O 97 -7.02 57.51 26.36
N LEU O 98 -7.08 56.81 25.23
CA LEU O 98 -6.03 56.87 24.22
C LEU O 98 -6.15 58.13 23.36
N THR O 99 -7.37 58.67 23.28
CA THR O 99 -7.64 59.83 22.43
C THR O 99 -7.17 61.14 23.05
N GLN O 100 -7.36 61.28 24.36
CA GLN O 100 -6.97 62.49 25.07
C GLN O 100 -5.47 62.73 24.96
N LEU O 101 -4.69 61.65 25.08
CA LEU O 101 -3.25 61.72 24.95
C LEU O 101 -2.84 61.44 23.50
N ARG O 102 -3.85 61.32 22.65
CA ARG O 102 -3.72 60.95 21.23
C ARG O 102 -2.70 59.82 21.01
N CYS O 103 -3.02 58.66 21.56
CA CYS O 103 -2.18 57.47 21.40
C CYS O 103 -2.68 56.62 20.25
N VAL O 104 -3.75 57.07 19.59
CA VAL O 104 -4.33 56.33 18.48
C VAL O 104 -4.61 57.25 17.29
N LYS O 105 -4.11 56.87 16.13
CA LYS O 105 -4.39 57.60 14.90
C LYS O 105 -5.79 57.26 14.42
N TYR O 106 -6.64 58.27 14.28
CA TYR O 106 -8.05 58.04 14.00
C TYR O 106 -8.44 58.37 12.56
N LEU O 107 -9.23 57.49 11.96
CA LEU O 107 -9.75 57.69 10.61
C LEU O 107 -11.14 57.08 10.49
N GLN O 108 -12.04 57.78 9.78
CA GLN O 108 -13.37 57.24 9.53
C GLN O 108 -13.75 57.40 8.06
N GLU O 109 -14.42 56.39 7.52
CA GLU O 109 -14.89 56.41 6.15
C GLU O 109 -16.07 55.47 5.99
N THR O 110 -16.51 55.28 4.74
CA THR O 110 -17.63 54.39 4.46
C THR O 110 -17.34 53.47 3.29
N ALA O 111 -18.31 52.63 2.97
CA ALA O 111 -18.19 51.72 1.83
C ALA O 111 -19.35 51.92 0.87
N ILE O 112 -19.20 51.42 -0.35
CA ILE O 112 -20.24 51.54 -1.36
C ILE O 112 -21.52 50.83 -0.93
N SER O 113 -21.37 49.74 -0.16
CA SER O 113 -22.51 48.98 0.34
C SER O 113 -23.33 49.83 1.30
N GLY O 114 -22.66 50.46 2.25
CA GLY O 114 -23.34 51.35 3.19
C GLY O 114 -22.68 51.45 4.55
N LYS O 115 -23.47 51.91 5.52
CA LYS O 115 -23.04 52.06 6.91
C LYS O 115 -21.82 52.97 7.05
N LYS O 116 -20.92 52.59 7.97
CA LYS O 116 -19.74 53.40 8.26
C LYS O 116 -18.67 52.53 8.93
N THR O 117 -17.42 52.98 8.89
CA THR O 117 -16.34 52.26 9.57
C THR O 117 -15.31 53.23 10.15
N THR O 118 -14.79 52.88 11.32
CA THR O 118 -13.74 53.68 11.96
C THR O 118 -12.54 52.81 12.29
N TYR O 119 -11.41 53.12 11.65
CA TYR O 119 -10.20 52.33 11.84
C TYR O 119 -9.12 53.09 12.59
N TYR O 120 -8.49 52.41 13.54
CA TYR O 120 -7.45 53.03 14.35
C TYR O 120 -6.07 52.51 13.98
N TYR O 121 -5.07 53.40 14.07
CA TYR O 121 -3.69 53.03 13.80
C TYR O 121 -2.85 53.33 15.04
N TYR O 122 -1.67 52.72 15.12
CA TYR O 122 -0.72 53.13 16.15
C TYR O 122 -0.23 54.52 15.76
N ASN O 123 -0.37 55.47 16.69
CA ASN O 123 -0.26 56.89 16.35
C ASN O 123 1.15 57.44 16.41
N GLU O 124 1.67 57.83 15.25
CA GLU O 124 2.96 58.51 15.08
C GLU O 124 4.02 57.86 15.97
N GLU O 125 4.82 58.68 16.64
CA GLU O 125 5.41 58.24 17.91
C GLU O 125 4.85 59.17 18.98
N GLY O 126 3.86 58.70 19.72
CA GLY O 126 3.32 59.48 20.83
C GLY O 126 3.74 58.90 22.15
N ILE O 127 4.18 57.65 22.10
CA ILE O 127 4.67 56.97 23.29
C ILE O 127 6.11 57.38 23.50
N HIS O 128 6.78 57.72 22.40
CA HIS O 128 8.14 58.19 22.43
C HIS O 128 8.19 59.54 23.15
N ILE O 129 7.11 60.30 23.04
CA ILE O 129 6.97 61.56 23.77
C ILE O 129 6.78 61.27 25.26
N LEU O 130 6.07 60.18 25.55
CA LEU O 130 5.93 59.71 26.92
C LEU O 130 7.27 59.13 27.39
N LEU O 131 8.09 58.74 26.41
CA LEU O 131 9.44 58.27 26.68
C LEU O 131 10.38 59.48 26.77
N TYR O 132 9.83 60.65 26.47
CA TYR O 132 10.58 61.90 26.54
C TYR O 132 10.28 62.66 27.83
N SER O 133 9.08 63.24 27.89
CA SER O 133 8.64 64.00 29.07
C SER O 133 9.63 65.10 29.44
N GLY O 134 10.24 64.96 30.62
CA GLY O 134 11.16 65.96 31.16
C GLY O 134 12.28 66.39 30.22
N LEU O 135 12.67 65.52 29.30
CA LEU O 135 13.69 65.86 28.31
C LEU O 135 13.20 67.02 27.43
N ILE O 136 11.92 67.00 27.09
CA ILE O 136 11.31 68.10 26.36
C ILE O 136 11.24 69.33 27.25
N ILE O 137 10.81 69.12 28.49
CA ILE O 137 10.69 70.20 29.47
C ILE O 137 12.06 70.78 29.80
N ASP O 138 13.10 69.95 29.72
CA ASP O 138 14.48 70.40 29.89
C ASP O 138 14.81 71.53 28.92
N GLU O 139 14.75 71.23 27.63
CA GLU O 139 15.03 72.21 26.58
C GLU O 139 14.08 73.40 26.69
N ILE O 140 12.86 73.16 27.14
CA ILE O 140 11.89 74.23 27.35
C ILE O 140 12.40 75.24 28.38
N ILE O 141 12.95 74.74 29.48
CA ILE O 141 13.48 75.60 30.53
C ILE O 141 14.80 76.25 30.11
N THR O 142 15.67 75.46 29.49
CA THR O 142 17.01 75.91 29.12
C THR O 142 16.99 76.95 28.01
N GLN O 143 16.10 76.79 27.04
CA GLN O 143 16.02 77.71 25.92
C GLN O 143 15.04 78.85 26.16
N MET O 144 14.49 78.92 27.36
CA MET O 144 13.60 80.01 27.75
C MET O 144 14.44 81.22 28.20
N ARG O 145 15.75 81.02 28.18
CA ARG O 145 16.72 82.06 28.52
C ARG O 145 16.66 83.18 27.48
N VAL O 146 17.32 84.30 27.82
CA VAL O 146 17.03 85.69 27.37
C VAL O 146 16.08 86.27 28.42
N ASN O 147 15.61 85.40 29.31
CA ASN O 147 15.07 85.82 30.60
C ASN O 147 15.95 85.22 31.70
N ASP O 148 16.53 86.07 32.53
CA ASP O 148 17.59 85.61 33.44
C ASP O 148 17.08 85.18 34.79
N GLU O 149 17.13 83.87 35.03
CA GLU O 149 16.87 83.25 36.34
C GLU O 149 15.68 83.89 37.07
N GLU O 150 14.48 83.67 36.54
CA GLU O 150 13.30 84.35 37.04
C GLU O 150 12.32 83.41 37.73
N GLU O 151 11.17 83.96 38.12
CA GLU O 151 10.08 83.19 38.71
C GLU O 151 9.57 82.12 37.76
N HIS O 152 9.92 82.26 36.49
CA HIS O 152 9.52 81.35 35.42
C HIS O 152 9.74 79.87 35.73
N LYS O 153 10.84 79.56 36.43
CA LYS O 153 11.22 78.18 36.72
C LYS O 153 10.09 77.36 37.35
N GLN O 154 9.46 77.90 38.39
CA GLN O 154 8.37 77.21 39.06
C GLN O 154 7.04 77.41 38.32
N LEU O 155 6.96 78.46 37.50
CA LEU O 155 5.71 78.82 36.86
C LEU O 155 5.33 77.91 35.70
N VAL O 156 6.08 78.00 34.60
CA VAL O 156 5.71 77.26 33.39
C VAL O 156 5.95 75.76 33.56
N ALA O 157 6.77 75.39 34.53
CA ALA O 157 6.99 73.98 34.85
C ALA O 157 5.68 73.38 35.35
N GLU O 158 4.90 74.19 36.05
CA GLU O 158 3.57 73.80 36.50
C GLU O 158 2.61 73.80 35.32
N ILE O 159 2.84 74.71 34.38
CA ILE O 159 1.96 74.85 33.22
C ILE O 159 2.20 73.73 32.21
N VAL O 160 3.47 73.51 31.87
CA VAL O 160 3.83 72.50 30.87
C VAL O 160 3.49 71.09 31.36
N GLN O 161 3.72 70.83 32.64
CA GLN O 161 3.40 69.53 33.21
C GLN O 161 1.89 69.30 33.17
N ASN O 162 1.13 70.39 33.17
CA ASN O 162 -0.32 70.31 33.05
C ASN O 162 -0.74 70.13 31.60
N VAL O 163 0.13 70.50 30.68
CA VAL O 163 -0.16 70.40 29.25
C VAL O 163 -0.09 68.96 28.77
N ILE O 164 1.10 68.38 28.85
CA ILE O 164 1.34 67.04 28.35
C ILE O 164 0.50 65.98 29.06
N SER O 165 0.31 66.16 30.36
CA SER O 165 -0.43 65.19 31.17
C SER O 165 -1.89 65.08 30.75
N LEU O 166 -2.53 66.23 30.56
CA LEU O 166 -3.92 66.27 30.15
C LEU O 166 -4.05 65.87 28.67
N GLY O 167 -3.02 66.17 27.90
CA GLY O 167 -2.96 65.82 26.50
C GLY O 167 -3.52 66.89 25.58
N SER O 168 -4.40 67.72 26.12
CA SER O 168 -4.91 68.88 25.41
C SER O 168 -5.25 69.98 26.40
N LEU O 169 -4.95 71.22 26.07
CA LEU O 169 -5.21 72.32 26.99
C LEU O 169 -5.90 73.51 26.34
N THR O 170 -7.11 73.79 26.78
CA THR O 170 -7.81 75.00 26.40
C THR O 170 -7.33 76.14 27.29
N VAL O 171 -7.20 77.33 26.73
CA VAL O 171 -6.62 78.46 27.45
C VAL O 171 -7.47 78.94 28.62
N GLU O 172 -8.77 79.14 28.37
CA GLU O 172 -9.66 79.69 29.38
C GLU O 172 -9.86 78.77 30.58
N ASP O 173 -10.04 77.49 30.34
CA ASP O 173 -10.19 76.52 31.42
C ASP O 173 -8.90 76.39 32.20
N TYR O 174 -7.78 76.57 31.51
CA TYR O 174 -6.47 76.62 32.16
C TYR O 174 -6.34 77.88 33.00
N LEU O 175 -6.78 78.99 32.45
CA LEU O 175 -6.72 80.28 33.14
C LEU O 175 -7.64 80.27 34.36
N SER O 176 -8.71 79.48 34.29
CA SER O 176 -9.65 79.35 35.39
C SER O 176 -9.03 78.61 36.57
N SER O 177 -8.05 77.77 36.28
CA SER O 177 -7.37 77.00 37.32
C SER O 177 -6.44 77.90 38.14
N VAL O 178 -6.04 79.02 37.56
CA VAL O 178 -5.18 79.99 38.24
C VAL O 178 -5.95 80.68 39.36
N THR O 179 -5.28 80.91 40.48
CA THR O 179 -5.91 81.53 41.64
C THR O 179 -6.32 82.97 41.37
N SER O 180 -7.31 83.45 42.12
CA SER O 180 -7.83 84.80 41.94
C SER O 180 -7.06 85.81 42.81
N ASP O 181 -7.48 87.07 42.74
CA ASP O 181 -6.90 88.19 43.48
C ASP O 181 -5.37 88.20 43.45
N SER O 182 -4.82 87.80 42.31
CA SER O 182 -3.38 87.80 42.09
C SER O 182 -3.11 88.28 40.67
N MET O 183 -1.86 88.20 40.24
CA MET O 183 -1.54 88.61 38.87
C MET O 183 -1.96 87.50 37.92
N LYS O 184 -2.91 87.81 37.06
CA LYS O 184 -3.44 86.83 36.11
C LYS O 184 -2.53 86.72 34.89
N TYR O 185 -1.93 87.83 34.51
CA TYR O 185 -1.06 87.85 33.33
C TYR O 185 0.39 87.56 33.70
N THR O 186 0.65 87.20 34.96
CA THR O 186 1.97 86.73 35.35
C THR O 186 2.24 85.36 34.74
N ILE O 187 1.23 84.49 34.78
CA ILE O 187 1.33 83.19 34.11
C ILE O 187 1.08 83.39 32.62
N SER O 188 0.47 84.52 32.27
CA SER O 188 0.29 84.87 30.87
C SER O 188 1.43 85.79 30.42
N SER O 189 2.32 86.14 31.34
CA SER O 189 3.55 86.83 30.98
C SER O 189 4.35 85.89 30.10
N LEU O 190 4.39 84.63 30.48
CA LEU O 190 4.78 83.62 29.53
C LEU O 190 3.59 82.70 29.27
N PHE O 191 2.80 83.06 28.26
CA PHE O 191 1.84 82.19 27.60
C PHE O 191 1.94 82.53 26.12
N VAL O 192 1.67 83.79 25.84
CA VAL O 192 1.99 84.39 24.55
C VAL O 192 3.49 84.22 24.25
N GLN O 193 4.26 83.95 25.29
CA GLN O 193 5.67 83.61 25.13
C GLN O 193 5.85 82.09 25.00
N LEU O 194 4.77 81.33 25.26
CA LEU O 194 4.79 79.89 25.02
C LEU O 194 4.57 79.59 23.54
N CYS O 195 3.80 80.45 22.87
CA CYS O 195 3.63 80.34 21.43
C CYS O 195 4.99 80.57 20.80
N GLU O 196 5.66 81.62 21.27
CA GLU O 196 7.07 81.86 20.97
C GLU O 196 7.34 81.84 19.46
N MET O 197 8.18 80.89 19.06
CA MET O 197 8.47 80.65 17.65
C MET O 197 8.07 79.21 17.34
N GLY O 198 8.74 78.27 18.00
CA GLY O 198 8.39 76.86 17.94
C GLY O 198 7.59 76.44 19.15
N TYR O 199 7.81 75.21 19.59
CA TYR O 199 7.16 74.65 20.78
C TYR O 199 5.65 74.53 20.61
N LEU O 200 4.91 75.12 21.54
CA LEU O 200 3.46 74.97 21.58
C LEU O 200 2.76 75.67 20.43
N ILE O 201 1.96 74.91 19.68
CA ILE O 201 1.14 75.48 18.62
C ILE O 201 -0.33 75.15 18.92
N GLN O 202 -1.24 75.65 18.08
CA GLN O 202 -2.68 75.50 18.31
C GLN O 202 -3.18 74.08 18.03
N ILE O 203 -4.34 73.74 18.59
CA ILE O 203 -5.02 72.51 18.21
C ILE O 203 -5.72 72.72 16.87
N SER O 204 -5.39 71.91 15.88
CA SER O 204 -6.11 72.00 14.62
C SER O 204 -6.58 70.67 14.06
N LYS O 205 -7.90 70.45 14.09
CA LYS O 205 -8.60 69.55 13.17
C LYS O 205 -7.90 68.21 12.96
N LEU O 206 -7.50 67.98 11.71
CA LEU O 206 -7.00 66.70 11.22
C LEU O 206 -5.50 66.53 11.38
N HIS O 207 -4.86 67.44 12.11
CA HIS O 207 -3.41 67.40 12.34
C HIS O 207 -2.93 65.99 12.68
N TYR O 208 -3.70 65.26 13.48
CA TYR O 208 -3.49 63.83 13.62
C TYR O 208 -4.26 63.11 12.51
N THR O 209 -3.52 62.39 11.67
CA THR O 209 -4.08 61.76 10.46
C THR O 209 -2.98 60.97 9.76
N PRO O 210 -3.31 59.76 9.26
CA PRO O 210 -2.33 59.00 8.48
C PRO O 210 -1.88 59.79 7.24
N ILE O 211 -0.58 59.87 7.03
CA ILE O 211 -0.02 60.63 5.92
C ILE O 211 -0.45 60.00 4.59
N GLU O 212 -0.64 58.68 4.60
CA GLU O 212 -1.08 57.96 3.42
C GLU O 212 -2.55 58.28 3.10
N ASP O 213 -3.35 58.39 4.15
CA ASP O 213 -4.79 58.60 3.99
C ASP O 213 -5.13 60.04 3.58
N LEU O 214 -4.51 61.01 4.23
CA LEU O 214 -4.77 62.41 3.93
C LEU O 214 -4.35 62.73 2.50
N TRP O 215 -3.33 62.04 2.02
CA TRP O 215 -2.89 62.18 0.64
C TRP O 215 -3.94 61.63 -0.31
N GLN O 216 -4.56 60.52 0.09
CA GLN O 216 -5.60 59.88 -0.72
C GLN O 216 -6.90 60.66 -0.65
N PHE O 217 -7.14 61.32 0.48
CA PHE O 217 -8.33 62.14 0.64
C PHE O 217 -8.17 63.46 -0.12
N LEU O 218 -6.94 63.94 -0.20
CA LEU O 218 -6.62 65.13 -0.98
C LEU O 218 -6.49 64.75 -2.45
N TYR O 219 -6.35 63.45 -2.69
CA TYR O 219 -6.17 62.92 -4.02
C TYR O 219 -7.48 62.98 -4.80
N GLU O 220 -8.58 63.04 -4.06
CA GLU O 220 -9.89 63.28 -4.65
C GLU O 220 -9.92 64.73 -5.14
N LYS O 221 -10.86 65.03 -6.05
CA LYS O 221 -10.98 66.36 -6.67
C LYS O 221 -9.82 66.59 -7.65
N HIS O 222 -8.92 65.62 -7.76
CA HIS O 222 -7.83 65.66 -8.73
C HIS O 222 -8.06 64.68 -9.88
N TYR O 223 -8.10 63.37 -9.60
CA TYR O 223 -8.62 62.44 -10.61
C TYR O 223 -10.09 62.70 -10.86
N LYS O 224 -10.75 63.23 -9.84
CA LYS O 224 -12.15 63.60 -9.98
C LYS O 224 -12.26 64.81 -10.91
N ASN O 225 -11.16 65.55 -11.08
CA ASN O 225 -11.23 66.75 -11.90
C ASN O 225 -10.90 66.49 -13.36
N ILE O 226 -11.97 66.50 -14.15
CA ILE O 226 -12.02 66.65 -15.60
C ILE O 226 -13.49 66.45 -15.97
N PRO O 227 -14.05 67.34 -16.80
CA PRO O 227 -15.41 67.13 -17.28
C PRO O 227 -15.45 66.49 -18.66
N ARG O 228 -14.88 65.28 -18.79
CA ARG O 228 -14.64 64.68 -20.10
C ARG O 228 -13.94 65.73 -20.98
N ASN O 229 -12.70 66.04 -20.62
CA ASN O 229 -11.97 67.14 -21.24
C ASN O 229 -11.54 66.78 -22.66
N SER O 230 -10.62 65.83 -22.75
CA SER O 230 -10.10 65.35 -24.04
C SER O 230 -9.13 64.20 -23.82
N PRO O 231 -9.21 63.16 -24.66
CA PRO O 231 -8.34 61.99 -24.58
C PRO O 231 -7.00 62.20 -25.27
N LEU O 232 -6.30 63.27 -24.92
CA LEU O 232 -4.99 63.55 -25.49
C LEU O 232 -3.92 63.59 -24.41
N SER O 233 -2.77 62.98 -24.71
CA SER O 233 -1.61 63.00 -23.81
C SER O 233 -1.97 62.50 -22.41
N ASP O 234 -2.17 61.19 -22.29
CA ASP O 234 -2.53 60.57 -21.01
C ASP O 234 -1.60 60.98 -19.87
N LEU O 235 -0.34 61.26 -20.21
CA LEU O 235 0.66 61.67 -19.23
C LEU O 235 0.35 63.04 -18.61
N LYS O 236 -0.64 63.76 -19.16
CA LYS O 236 -1.00 65.06 -18.61
C LYS O 236 -1.89 64.90 -17.38
N LYS O 237 -2.48 63.71 -17.23
CA LYS O 237 -3.26 63.40 -16.05
C LYS O 237 -2.33 63.30 -14.85
N ARG O 238 -1.12 62.82 -15.12
CA ARG O 238 -0.03 62.81 -14.14
C ARG O 238 0.24 64.22 -13.63
N SER O 239 0.64 65.10 -14.55
CA SER O 239 0.96 66.49 -14.22
C SER O 239 -0.19 67.20 -13.50
N GLN O 240 -1.41 67.00 -14.00
CA GLN O 240 -2.59 67.62 -13.40
C GLN O 240 -2.74 67.24 -11.93
N ALA O 241 -2.95 65.96 -11.67
CA ALA O 241 -3.17 65.46 -10.31
C ALA O 241 -2.02 65.80 -9.37
N LYS O 242 -0.80 65.45 -9.78
CA LYS O 242 0.39 65.68 -8.96
C LYS O 242 0.59 67.13 -8.55
N MET O 243 0.82 68.00 -9.53
CA MET O 243 1.10 69.41 -9.27
C MET O 243 0.02 70.08 -8.41
N ASN O 244 -1.24 69.75 -8.68
CA ASN O 244 -2.34 70.30 -7.90
C ASN O 244 -2.40 69.71 -6.50
N ALA O 245 -1.89 68.49 -6.34
CA ALA O 245 -1.83 67.85 -5.04
C ALA O 245 -0.69 68.40 -4.20
N LYS O 246 0.41 68.74 -4.87
CA LYS O 246 1.59 69.26 -4.19
C LYS O 246 1.32 70.63 -3.56
N THR O 247 0.67 71.51 -4.31
CA THR O 247 0.34 72.84 -3.81
C THR O 247 -0.75 72.77 -2.75
N ASP O 248 -1.60 71.76 -2.83
CA ASP O 248 -2.63 71.55 -1.83
C ASP O 248 -2.05 70.83 -0.61
N PHE O 249 -0.92 70.17 -0.81
CA PHE O 249 -0.23 69.50 0.29
C PHE O 249 0.57 70.52 1.10
N ALA O 250 1.14 71.50 0.41
CA ALA O 250 1.98 72.51 1.05
C ALA O 250 1.19 73.40 2.01
N LYS O 251 -0.03 73.76 1.61
CA LYS O 251 -0.86 74.62 2.44
C LYS O 251 -1.33 73.91 3.70
N ILE O 252 -1.45 72.59 3.63
CA ILE O 252 -1.89 71.79 4.77
C ILE O 252 -0.77 71.57 5.78
N ILE O 253 0.43 71.28 5.29
CA ILE O 253 1.56 71.01 6.17
C ILE O 253 2.17 72.28 6.76
N ASN O 254 2.02 73.39 6.06
CA ASN O 254 2.51 74.68 6.55
C ASN O 254 1.46 75.40 7.37
N LYS O 255 0.27 74.80 7.47
CA LYS O 255 -0.80 75.35 8.29
C LYS O 255 -0.44 75.31 9.79
N PRO O 256 -0.03 74.13 10.31
CA PRO O 256 0.42 74.18 11.71
C PRO O 256 1.76 74.88 11.88
N ASN O 257 2.59 74.87 10.84
CA ASN O 257 3.96 75.36 10.92
C ASN O 257 4.05 76.81 11.41
N GLU O 258 3.67 77.75 10.57
CA GLU O 258 3.67 79.15 10.98
C GLU O 258 2.34 79.84 10.65
N LEU O 259 1.58 80.18 11.68
CA LEU O 259 0.39 81.01 11.51
C LEU O 259 0.27 81.97 12.69
N SER O 260 0.20 83.27 12.39
CA SER O 260 0.19 84.29 13.43
C SER O 260 -1.20 84.79 13.80
N GLN O 261 -2.22 84.24 13.14
CA GLN O 261 -3.60 84.70 13.36
C GLN O 261 -4.04 84.56 14.82
N ILE O 262 -4.12 83.34 15.29
CA ILE O 262 -4.64 83.05 16.63
C ILE O 262 -3.76 83.60 17.75
N LEU O 263 -2.46 83.38 17.65
CA LEU O 263 -1.52 83.68 18.74
C LEU O 263 -1.25 85.17 18.94
N THR O 264 -1.22 85.93 17.85
CA THR O 264 -0.76 87.31 17.88
C THR O 264 -1.90 88.31 18.10
N VAL O 265 -3.11 87.80 18.34
CA VAL O 265 -4.27 88.65 18.59
C VAL O 265 -3.99 89.68 19.68
N ASP O 266 -4.26 90.95 19.38
CA ASP O 266 -3.95 92.03 20.31
C ASP O 266 -5.06 93.07 20.40
N PRO O 267 -6.09 92.80 21.22
CA PRO O 267 -7.14 93.79 21.48
C PRO O 267 -6.62 94.91 22.39
N LYS O 268 -7.33 96.03 22.43
CA LYS O 268 -6.89 97.17 23.22
C LYS O 268 -7.10 96.93 24.72
N THR O 269 -6.73 97.92 25.51
CA THR O 269 -6.80 97.86 26.98
C THR O 269 -5.97 96.70 27.53
N SER O 270 -4.96 96.27 26.77
CA SER O 270 -4.07 95.18 27.15
C SER O 270 -2.87 95.09 26.23
N LEU O 271 -1.99 94.13 26.49
CA LEU O 271 -0.86 93.86 25.62
C LEU O 271 -1.25 92.69 24.73
N ARG O 272 -0.34 92.24 23.87
CA ARG O 272 -0.59 91.07 23.03
C ARG O 272 -0.99 89.87 23.87
N ILE O 273 -2.13 89.28 23.56
CA ILE O 273 -2.66 88.16 24.34
C ILE O 273 -3.20 87.06 23.43
N VAL O 274 -2.76 85.83 23.69
CA VAL O 274 -3.18 84.68 22.90
C VAL O 274 -4.69 84.48 22.99
N LYS O 275 -5.27 83.93 21.93
CA LYS O 275 -6.71 83.73 21.83
C LYS O 275 -7.23 82.86 22.97
N PRO O 276 -8.15 83.41 23.77
CA PRO O 276 -8.78 82.71 24.90
C PRO O 276 -9.59 81.50 24.47
N THR O 277 -9.95 81.44 23.18
CA THR O 277 -10.77 80.37 22.65
C THR O 277 -9.94 79.17 22.21
N VAL O 278 -9.11 79.38 21.19
CA VAL O 278 -8.32 78.31 20.60
C VAL O 278 -7.32 77.71 21.58
N SER O 279 -7.27 76.37 21.62
CA SER O 279 -6.39 75.65 22.53
C SER O 279 -5.00 75.45 21.92
N LEU O 280 -4.10 74.81 22.66
CA LEU O 280 -2.76 74.57 22.15
C LEU O 280 -2.31 73.11 22.26
N THR O 281 -1.13 72.82 21.71
CA THR O 281 -0.52 71.49 21.80
C THR O 281 0.99 71.64 21.62
N ILE O 282 1.78 70.71 22.16
CA ILE O 282 3.22 70.71 21.96
C ILE O 282 3.52 70.28 20.53
N ASN O 283 4.79 70.28 20.14
CA ASN O 283 5.14 69.97 18.75
C ASN O 283 6.55 69.41 18.58
N LEU O 284 6.76 68.78 17.42
CA LEU O 284 8.03 68.16 17.05
C LEU O 284 9.10 69.18 16.67
N ASP O 285 8.68 70.41 16.35
CA ASP O 285 9.53 71.38 15.67
C ASP O 285 10.89 71.65 16.32
N ARG O 286 10.91 72.36 17.44
CA ARG O 286 12.18 72.83 18.00
C ARG O 286 12.78 71.88 19.03
N PHE O 287 12.02 70.89 19.46
CA PHE O 287 12.54 69.91 20.40
C PHE O 287 13.41 68.90 19.68
N MET O 288 12.93 68.41 18.54
CA MET O 288 13.69 67.48 17.72
C MET O 288 14.86 68.19 17.05
N LYS O 289 14.72 69.51 16.91
CA LYS O 289 15.75 70.35 16.33
C LYS O 289 16.87 70.66 17.31
N GLY O 290 16.49 70.95 18.56
CA GLY O 290 17.45 71.33 19.59
C GLY O 290 18.49 70.26 19.85
N ARG O 291 18.05 69.00 19.86
CA ARG O 291 18.96 67.89 20.09
C ARG O 291 19.76 67.57 18.84
N ARG O 292 19.20 67.87 17.68
CA ARG O 292 19.89 67.66 16.41
C ARG O 292 21.07 68.62 16.31
N SER O 293 20.88 69.82 16.86
CA SER O 293 21.96 70.81 16.92
C SER O 293 23.02 70.35 17.90
N LYS O 294 22.59 69.69 18.98
CA LYS O 294 23.51 69.13 19.97
C LYS O 294 24.46 68.13 19.33
N GLN O 295 23.90 67.27 18.48
CA GLN O 295 24.69 66.28 17.74
C GLN O 295 25.67 66.98 16.81
N LEU O 296 25.25 68.10 16.25
CA LEU O 296 26.12 68.91 15.40
C LEU O 296 27.18 69.58 16.25
N ILE O 297 26.80 70.01 17.45
CA ILE O 297 27.73 70.63 18.38
C ILE O 297 28.78 69.62 18.85
N ASN O 298 28.32 68.42 19.19
CA ASN O 298 29.22 67.34 19.61
C ASN O 298 30.26 67.03 18.55
N LEU O 299 29.86 67.14 17.29
CA LEU O 299 30.79 66.94 16.18
C LEU O 299 31.65 68.18 16.02
N ALA O 300 31.02 69.35 16.13
CA ALA O 300 31.72 70.63 16.09
C ALA O 300 32.79 70.71 17.17
N LYS O 301 32.37 70.65 18.43
CA LYS O 301 33.26 70.73 19.59
C LYS O 301 34.43 69.77 19.47
N THR O 302 34.17 68.61 18.86
CA THR O 302 35.23 67.64 18.60
C THR O 302 36.24 68.20 17.60
N ARG O 303 35.74 68.84 16.55
CA ARG O 303 36.60 69.28 15.45
C ARG O 303 37.18 70.69 15.59
N VAL O 304 36.67 71.47 16.53
CA VAL O 304 37.19 72.82 16.75
C VAL O 304 37.24 73.18 18.23
N GLY O 305 37.56 74.42 18.53
CA GLY O 305 37.63 74.91 19.90
C GLY O 305 36.26 75.22 20.47
N SER O 306 36.21 75.57 21.74
CA SER O 306 34.95 75.86 22.43
C SER O 306 34.31 77.15 21.92
N VAL O 307 35.15 78.12 21.57
CA VAL O 307 34.66 79.41 21.08
C VAL O 307 34.00 79.25 19.72
N THR O 308 34.60 78.44 18.85
CA THR O 308 34.10 78.22 17.50
C THR O 308 32.74 77.53 17.54
N ALA O 309 32.56 76.63 18.50
CA ALA O 309 31.29 75.94 18.67
C ALA O 309 30.19 76.92 19.07
N GLN O 310 30.58 77.98 19.78
CA GLN O 310 29.65 79.02 20.21
C GLN O 310 29.28 79.93 19.05
N VAL O 311 30.27 80.30 18.25
CA VAL O 311 30.06 81.16 17.09
C VAL O 311 29.11 80.52 16.09
N TYR O 312 29.26 79.21 15.91
CA TYR O 312 28.39 78.46 15.01
C TYR O 312 27.02 78.23 15.65
N LYS O 313 26.99 78.24 16.98
CA LYS O 313 25.75 78.01 17.72
C LYS O 313 24.78 79.19 17.58
N ILE O 314 25.30 80.40 17.74
CA ILE O 314 24.47 81.61 17.70
C ILE O 314 23.81 81.79 16.34
N ALA O 315 24.42 81.22 15.31
CA ALA O 315 23.84 81.22 13.98
C ALA O 315 22.62 80.31 13.94
N LEU O 316 22.83 79.08 14.43
CA LEU O 316 21.78 78.06 14.42
C LEU O 316 20.55 78.45 15.24
N ARG O 317 20.77 79.17 16.33
CA ARG O 317 19.68 79.57 17.21
C ARG O 317 18.69 80.51 16.52
N LEU O 318 19.22 81.39 15.68
CA LEU O 318 18.39 82.35 14.95
C LEU O 318 17.73 81.73 13.72
N THR O 319 18.45 80.82 13.07
CA THR O 319 18.01 80.27 11.78
C THR O 319 17.27 78.94 11.90
N GLU O 320 17.11 78.44 13.12
CA GLU O 320 16.48 77.14 13.33
C GLU O 320 14.99 77.15 12.97
N GLN O 321 14.42 78.34 12.91
CA GLN O 321 12.98 78.49 12.66
C GLN O 321 12.59 78.01 11.26
N LYS O 322 13.35 78.45 10.25
CA LYS O 322 13.01 78.16 8.86
C LYS O 322 13.76 76.92 8.34
N SER O 323 14.52 76.27 9.21
CA SER O 323 15.29 75.10 8.84
C SER O 323 14.49 73.81 8.95
N PRO O 324 14.19 73.17 7.81
CA PRO O 324 13.37 71.96 7.86
C PRO O 324 14.03 70.81 8.62
N LYS O 325 15.27 70.46 8.27
CA LYS O 325 16.07 69.49 9.02
C LYS O 325 15.28 68.21 9.31
N ILE O 326 14.99 67.98 10.60
CA ILE O 326 14.23 66.83 11.09
C ILE O 326 12.91 66.62 10.32
N ARG O 327 12.38 67.70 9.75
CA ARG O 327 11.11 67.67 9.05
C ARG O 327 11.28 67.19 7.60
N ASP O 328 12.49 66.79 7.24
CA ASP O 328 12.91 66.67 5.84
C ASP O 328 12.00 65.92 4.87
N PRO O 329 11.73 64.62 5.09
CA PRO O 329 11.08 63.99 3.93
C PRO O 329 9.65 64.49 3.67
N LEU O 330 8.80 64.35 4.69
CA LEU O 330 7.46 64.93 4.78
C LEU O 330 6.49 64.48 3.68
N THR O 331 7.02 64.12 2.52
CA THR O 331 6.25 63.51 1.44
C THR O 331 6.56 62.04 1.26
N GLN O 332 7.54 61.54 2.03
CA GLN O 332 8.08 60.20 1.80
C GLN O 332 7.11 59.11 2.18
N THR O 333 6.58 59.21 3.39
CA THR O 333 5.62 58.24 3.89
C THR O 333 4.27 58.44 3.23
N GLY O 334 3.67 57.34 2.77
CA GLY O 334 2.33 57.37 2.22
C GLY O 334 2.20 57.17 0.72
N LEU O 335 3.32 57.14 0.00
CA LEU O 335 3.26 56.94 -1.45
C LEU O 335 4.57 56.45 -2.06
N LEU O 336 4.53 56.20 -3.37
CA LEU O 336 5.67 55.72 -4.12
C LEU O 336 6.71 56.81 -4.29
N GLN O 337 7.95 56.44 -4.60
CA GLN O 337 8.88 57.45 -5.05
C GLN O 337 9.02 57.38 -6.56
N ASP O 338 9.90 56.50 -7.03
CA ASP O 338 9.96 55.98 -8.40
C ASP O 338 11.29 55.26 -8.61
N LEU O 339 11.48 54.69 -9.79
CA LEU O 339 12.82 54.42 -10.30
C LEU O 339 13.27 55.63 -11.13
N GLU O 340 12.59 55.83 -12.25
CA GLU O 340 12.80 56.96 -13.14
C GLU O 340 12.60 58.32 -12.45
N GLU O 341 11.39 58.55 -11.97
CA GLU O 341 10.95 59.85 -11.50
C GLU O 341 11.38 60.10 -10.05
N ALA O 342 12.12 59.15 -9.49
CA ALA O 342 12.59 59.23 -8.11
C ALA O 342 13.31 60.54 -7.83
N LYS O 343 14.27 60.87 -8.68
CA LYS O 343 15.00 62.13 -8.56
C LYS O 343 14.06 63.30 -8.81
N SER O 344 13.24 63.19 -9.86
CA SER O 344 12.27 64.23 -10.20
C SER O 344 11.33 64.52 -9.03
N PHE O 345 11.26 63.57 -8.12
CA PHE O 345 10.67 63.78 -6.80
C PHE O 345 11.76 64.30 -5.85
N GLN O 346 12.80 63.49 -5.68
CA GLN O 346 13.91 63.79 -4.78
C GLN O 346 14.53 65.17 -5.02
N ASP O 347 14.96 65.46 -6.26
CA ASP O 347 15.61 66.73 -6.52
C ASP O 347 14.60 67.87 -6.54
N GLU O 348 13.32 67.54 -6.67
CA GLU O 348 12.26 68.53 -6.52
C GLU O 348 12.22 68.98 -5.06
N ALA O 349 12.53 68.05 -4.17
CA ALA O 349 12.69 68.37 -2.75
C ALA O 349 14.05 69.04 -2.53
N GLU O 350 15.07 68.55 -3.22
CA GLU O 350 16.41 69.09 -3.08
C GLU O 350 16.51 70.53 -3.58
N LEU O 351 15.67 70.89 -4.55
CA LEU O 351 15.68 72.25 -5.07
C LEU O 351 14.95 73.19 -4.11
N VAL O 352 13.96 72.68 -3.39
CA VAL O 352 13.30 73.46 -2.36
C VAL O 352 14.11 73.36 -1.07
N GLU O 353 15.00 72.36 -1.02
CA GLU O 353 16.02 72.31 0.02
C GLU O 353 17.19 73.20 -0.38
N GLU O 354 17.26 73.52 -1.67
CA GLU O 354 18.18 74.53 -2.16
C GLU O 354 17.57 75.92 -1.97
N LYS O 355 16.28 76.03 -2.26
CA LYS O 355 15.56 77.30 -2.23
C LYS O 355 15.59 77.99 -0.86
N THR O 356 14.89 77.42 0.11
CA THR O 356 14.66 78.07 1.40
C THR O 356 15.96 78.34 2.18
N PRO O 357 16.88 77.35 2.26
CA PRO O 357 18.13 77.69 2.93
C PRO O 357 18.93 78.80 2.22
N GLY O 358 18.97 78.76 0.89
CA GLY O 358 19.67 79.79 0.14
C GLY O 358 18.99 81.15 0.22
N LEU O 359 17.72 81.19 -0.17
CA LEU O 359 16.95 82.44 -0.18
C LEU O 359 16.80 83.09 1.19
N THR O 360 16.06 82.43 2.07
CA THR O 360 15.56 83.05 3.30
C THR O 360 16.61 83.38 4.35
N PHE O 361 17.59 82.51 4.52
CA PHE O 361 18.45 82.55 5.70
C PHE O 361 19.35 83.79 5.80
N ASN O 362 19.80 84.04 7.03
CA ASN O 362 20.40 85.32 7.43
C ASN O 362 21.56 85.85 6.59
N ALA O 363 21.54 87.16 6.38
CA ALA O 363 22.68 87.87 5.83
C ALA O 363 23.75 88.00 6.91
N ILE O 364 24.98 88.29 6.51
CA ILE O 364 26.11 88.34 7.43
C ILE O 364 25.90 89.35 8.56
N ASP O 365 25.99 88.88 9.81
CA ASP O 365 25.94 89.76 10.96
C ASP O 365 27.32 89.90 11.59
N LEU O 366 27.44 90.75 12.60
CA LEU O 366 28.70 90.88 13.33
C LEU O 366 28.52 90.65 14.83
N ALA O 367 29.01 89.51 15.33
CA ALA O 367 29.06 89.20 16.76
C ALA O 367 27.80 89.68 17.49
N ARG O 368 26.66 89.05 17.21
CA ARG O 368 25.35 89.66 17.44
C ARG O 368 25.14 90.26 18.83
N HIS O 369 24.95 89.44 19.85
CA HIS O 369 24.88 89.96 21.21
C HIS O 369 25.69 89.15 22.22
N LEU O 370 25.19 87.96 22.54
CA LEU O 370 25.82 87.03 23.49
C LEU O 370 25.83 87.57 24.92
N PRO O 371 25.86 86.66 25.91
CA PRO O 371 25.98 87.06 27.31
C PRO O 371 27.40 87.47 27.69
N SER O 449 37.03 89.13 22.57
CA SER O 449 37.13 89.24 21.12
C SER O 449 36.24 90.35 20.59
N ALA O 450 36.86 91.49 20.25
CA ALA O 450 36.13 92.64 19.76
C ALA O 450 36.04 92.64 18.23
N SER O 451 35.57 93.75 17.67
CA SER O 451 35.45 93.95 16.23
C SER O 451 34.59 92.88 15.56
N LEU O 452 35.07 92.36 14.44
CA LEU O 452 34.31 91.38 13.66
C LEU O 452 34.81 89.96 13.91
N ILE O 453 33.87 89.04 14.13
CA ILE O 453 34.20 87.67 14.45
C ILE O 453 34.18 86.78 13.19
N ASN O 454 33.92 87.39 12.04
CA ASN O 454 33.89 86.66 10.77
C ASN O 454 35.22 85.97 10.45
N SER O 455 36.29 86.46 11.06
CA SER O 455 37.60 85.83 10.91
C SER O 455 37.60 84.43 11.50
N HIS O 456 36.83 84.25 12.58
CA HIS O 456 36.69 82.95 13.21
C HIS O 456 35.76 82.07 12.39
N LEU O 457 34.99 82.70 11.51
CA LEU O 457 34.14 81.98 10.57
C LEU O 457 34.98 81.52 9.37
N LYS O 458 35.99 82.30 9.03
CA LYS O 458 36.86 81.98 7.89
C LYS O 458 37.76 80.79 8.19
N ILE O 459 38.14 80.63 9.45
CA ILE O 459 38.89 79.44 9.86
C ILE O 459 37.90 78.28 9.96
N LEU O 460 36.62 78.61 10.06
CA LEU O 460 35.56 77.62 10.01
C LEU O 460 35.17 77.38 8.56
N ALA O 461 35.66 78.25 7.68
CA ALA O 461 35.41 78.15 6.25
C ALA O 461 36.45 77.30 5.56
N SER O 462 37.70 77.76 5.60
CA SER O 462 38.83 77.08 4.99
C SER O 462 38.89 75.59 5.34
N SER O 463 38.59 75.28 6.60
CA SER O 463 38.47 73.89 7.01
C SER O 463 37.01 73.46 6.91
N ASN O 464 36.73 72.58 5.97
CA ASN O 464 35.36 72.13 5.73
C ASN O 464 35.18 70.64 5.97
N PHE O 465 35.85 69.81 5.18
CA PHE O 465 35.70 68.37 5.29
C PHE O 465 35.85 67.91 6.73
N PRO O 466 34.84 67.21 7.26
CA PRO O 466 33.55 66.85 6.64
C PRO O 466 32.46 67.96 6.47
N PHE O 467 32.41 68.99 7.30
CA PHE O 467 31.22 69.85 7.38
C PHE O 467 31.48 71.35 7.67
N LEU O 468 30.42 72.07 8.07
CA LEU O 468 30.60 73.42 8.61
C LEU O 468 31.11 74.50 7.65
N ASN O 469 30.16 75.20 7.03
CA ASN O 469 30.36 76.52 6.39
C ASN O 469 30.56 76.61 4.88
N GLU O 470 30.34 75.53 4.13
CA GLU O 470 30.23 75.64 2.67
C GLU O 470 29.31 76.82 2.31
N THR O 471 29.71 77.62 1.33
CA THR O 471 29.10 78.95 1.16
C THR O 471 28.65 79.34 -0.25
N LYS O 472 27.88 80.42 -0.31
CA LYS O 472 27.42 81.04 -1.54
C LYS O 472 28.09 82.41 -1.64
N PRO O 473 28.28 82.94 -2.86
CA PRO O 473 28.83 84.30 -2.90
C PRO O 473 27.91 85.33 -2.23
N GLY O 474 28.47 86.08 -1.30
CA GLY O 474 27.74 87.11 -0.59
C GLY O 474 27.04 86.64 0.68
N VAL O 475 26.75 85.34 0.75
CA VAL O 475 26.08 84.79 1.92
C VAL O 475 26.55 83.35 2.23
N TYR O 476 26.81 83.07 3.50
CA TYR O 476 27.28 81.74 3.89
C TYR O 476 26.25 81.01 4.74
N TYR O 477 25.99 79.76 4.40
CA TYR O 477 25.17 78.90 5.25
C TYR O 477 25.46 77.41 5.05
N VAL O 478 25.23 76.62 6.10
CA VAL O 478 25.47 75.17 6.05
C VAL O 478 24.28 74.40 5.46
N PRO O 479 24.53 73.65 4.37
CA PRO O 479 23.48 72.87 3.72
C PRO O 479 22.92 71.78 4.63
N TYR O 480 21.61 71.54 4.58
CA TYR O 480 20.98 70.52 5.40
C TYR O 480 20.82 69.20 4.66
N SER O 481 21.31 69.15 3.42
CA SER O 481 21.22 67.95 2.61
C SER O 481 22.50 67.13 2.68
N LYS O 482 23.60 67.71 2.20
CA LYS O 482 24.88 67.02 2.14
C LYS O 482 25.53 66.88 3.51
N LEU O 483 24.95 67.52 4.51
CA LEU O 483 25.49 67.50 5.87
C LEU O 483 25.25 66.16 6.57
N MET O 484 24.07 65.59 6.38
CA MET O 484 23.69 64.35 7.05
C MET O 484 24.61 63.15 6.80
N PRO O 485 25.07 62.93 5.54
CA PRO O 485 25.96 61.77 5.33
C PRO O 485 27.22 61.75 6.19
N VAL O 486 27.84 62.91 6.40
CA VAL O 486 29.05 62.98 7.20
C VAL O 486 28.73 62.97 8.69
N LEU O 487 27.47 63.24 9.02
CA LEU O 487 27.00 63.18 10.40
C LEU O 487 26.78 61.73 10.80
N LYS O 488 26.22 60.95 9.88
CA LYS O 488 25.99 59.54 10.12
C LYS O 488 27.30 58.78 10.14
N SER O 489 28.24 59.19 9.29
CA SER O 489 29.56 58.60 9.23
C SER O 489 30.27 58.66 10.58
N SER O 490 30.53 59.87 11.05
CA SER O 490 31.23 60.12 12.31
C SER O 490 30.68 59.31 13.48
N VAL O 491 29.42 59.56 13.82
CA VAL O 491 28.76 58.88 14.94
C VAL O 491 28.86 57.36 14.84
N TYR O 492 28.68 56.83 13.63
CA TYR O 492 28.77 55.39 13.41
C TYR O 492 30.17 54.84 13.68
N GLU O 493 31.18 55.55 13.19
CA GLU O 493 32.56 55.12 13.37
C GLU O 493 32.98 55.22 14.83
N TYR O 494 32.36 56.13 15.56
CA TYR O 494 32.63 56.27 16.99
C TYR O 494 31.93 55.17 17.79
N VAL O 495 30.86 54.63 17.22
CA VAL O 495 30.14 53.52 17.85
C VAL O 495 31.00 52.26 17.87
N ILE O 496 31.60 51.94 16.72
CA ILE O 496 32.48 50.79 16.63
C ILE O 496 33.76 51.04 17.43
N ALA O 497 34.16 52.31 17.49
CA ALA O 497 35.32 52.71 18.28
C ALA O 497 35.11 52.44 19.76
N SER O 498 33.93 52.79 20.26
CA SER O 498 33.60 52.58 21.66
C SER O 498 33.41 51.11 21.97
N THR O 499 32.73 50.42 21.06
CA THR O 499 32.44 49.00 21.20
C THR O 499 33.69 48.13 21.29
N LEU O 500 34.42 48.05 20.18
CA LEU O 500 35.60 47.19 20.11
C LEU O 500 36.88 48.02 20.16
N GLY O 501 38.02 47.34 20.03
CA GLY O 501 39.30 48.01 20.07
C GLY O 501 39.58 48.83 18.84
N PRO O 502 40.79 49.40 18.74
CA PRO O 502 41.18 50.28 17.64
C PRO O 502 41.29 49.55 16.30
N SER O 503 41.42 48.23 16.34
CA SER O 503 41.53 47.44 15.12
C SER O 503 40.23 47.45 14.32
N ALA O 504 39.11 47.33 15.03
CA ALA O 504 37.80 47.30 14.39
C ALA O 504 37.49 48.61 13.67
N MET O 505 37.99 49.71 14.22
CA MET O 505 37.87 51.01 13.58
C MET O 505 38.50 51.00 12.19
N ARG O 506 39.81 50.83 12.16
CA ARG O 506 40.63 50.96 10.96
C ARG O 506 40.12 50.15 9.76
N LEU O 507 39.62 48.95 10.02
CA LEU O 507 39.17 48.07 8.94
C LEU O 507 37.84 48.51 8.36
N SER O 508 37.02 49.19 9.15
CA SER O 508 35.71 49.63 8.72
C SER O 508 35.80 50.61 7.56
N ARG O 509 36.76 51.52 7.64
CA ARG O 509 36.99 52.51 6.59
C ARG O 509 37.75 51.89 5.42
N CYS O 510 38.62 50.93 5.74
CA CYS O 510 39.42 50.25 4.72
C CYS O 510 38.54 49.64 3.64
N ILE O 511 37.34 49.23 4.04
CA ILE O 511 36.33 48.74 3.11
C ILE O 511 35.61 49.90 2.42
N ARG O 512 35.63 51.07 3.05
CA ARG O 512 34.88 52.22 2.57
C ARG O 512 35.70 53.21 1.72
N ASP O 513 37.00 52.99 1.60
CA ASP O 513 37.81 53.89 0.78
C ASP O 513 37.56 53.59 -0.69
N ASN O 514 38.06 52.44 -1.13
CA ASN O 514 37.59 51.85 -2.37
C ASN O 514 36.45 50.91 -2.01
N LYS O 515 36.01 50.07 -2.94
CA LYS O 515 34.91 49.16 -2.65
C LYS O 515 35.18 47.76 -3.18
N LEU O 516 34.51 46.78 -2.57
CA LEU O 516 34.43 45.40 -3.07
C LEU O 516 35.75 44.84 -3.62
N VAL O 517 36.68 44.52 -2.75
CA VAL O 517 37.93 43.90 -3.16
C VAL O 517 38.30 42.71 -2.27
N SER O 518 39.20 41.86 -2.75
CA SER O 518 39.57 40.64 -2.04
C SER O 518 40.62 40.89 -0.96
N GLU O 519 41.06 39.81 -0.31
CA GLU O 519 42.00 39.90 0.80
C GLU O 519 43.42 40.21 0.33
N LYS O 520 43.65 40.11 -0.98
CA LYS O 520 44.97 40.30 -1.55
C LYS O 520 45.51 41.72 -1.29
N ILE O 521 44.76 42.72 -1.73
CA ILE O 521 45.21 44.10 -1.53
C ILE O 521 44.77 44.61 -0.16
N ILE O 522 43.87 43.88 0.49
CA ILE O 522 43.45 44.23 1.85
C ILE O 522 44.57 43.93 2.84
N ASN O 523 45.09 42.71 2.79
CA ASN O 523 46.20 42.31 3.66
C ASN O 523 47.38 43.25 3.52
N SER O 524 47.72 43.58 2.28
CA SER O 524 48.75 44.57 1.98
C SER O 524 48.44 45.92 2.61
N THR O 525 47.33 46.52 2.19
CA THR O 525 47.05 47.92 2.48
C THR O 525 46.43 48.20 3.86
N ALA O 526 46.08 47.17 4.62
CA ALA O 526 45.36 47.46 5.86
C ALA O 526 46.29 47.86 6.99
N LEU O 527 46.91 46.90 7.68
CA LEU O 527 48.02 47.27 8.56
C LEU O 527 49.21 46.30 8.57
N MET O 528 49.03 45.19 9.27
CA MET O 528 50.16 44.37 9.68
C MET O 528 50.03 42.86 9.50
N LYS O 529 49.18 42.23 10.30
CA LYS O 529 49.24 40.78 10.50
C LYS O 529 48.02 40.02 9.98
N GLU O 530 48.28 38.90 9.32
CA GLU O 530 47.23 38.09 8.70
C GLU O 530 46.25 37.48 9.69
N LYS O 531 46.77 36.72 10.65
CA LYS O 531 45.94 35.94 11.56
C LYS O 531 45.01 36.81 12.42
N ASP O 532 45.53 37.92 12.92
CA ASP O 532 44.72 38.82 13.73
C ASP O 532 43.68 39.53 12.89
N ILE O 533 44.01 39.79 11.63
CA ILE O 533 43.05 40.38 10.69
C ILE O 533 41.91 39.39 10.47
N ARG O 534 42.25 38.14 10.22
CA ARG O 534 41.24 37.08 10.04
C ARG O 534 40.36 36.97 11.29
N SER O 535 40.96 37.21 12.45
CA SER O 535 40.24 37.18 13.72
C SER O 535 39.19 38.29 13.77
N THR O 536 39.63 39.52 13.51
CA THR O 536 38.75 40.67 13.55
C THR O 536 37.93 40.79 12.28
N LEU O 537 38.31 40.04 11.24
CA LEU O 537 37.49 39.93 10.04
C LEU O 537 36.21 39.20 10.41
N ALA O 538 36.36 38.11 11.15
CA ALA O 538 35.24 37.31 11.61
C ALA O 538 34.45 38.07 12.68
N SER O 539 35.12 38.98 13.37
CA SER O 539 34.48 39.82 14.38
C SER O 539 33.70 40.94 13.73
N LEU O 540 34.23 41.46 12.62
CA LEU O 540 33.54 42.48 11.83
C LEU O 540 32.38 41.86 11.06
N ILE O 541 32.64 40.71 10.44
CA ILE O 541 31.64 40.02 9.63
C ILE O 541 30.65 39.27 10.52
N ARG O 542 30.92 39.27 11.83
CA ARG O 542 30.05 38.63 12.81
C ARG O 542 28.63 39.09 12.67
N TYR O 543 28.37 40.36 12.98
CA TYR O 543 27.03 40.90 12.76
C TYR O 543 27.01 41.79 11.52
N ASN O 544 26.52 41.21 10.42
CA ASN O 544 26.16 41.92 9.19
C ASN O 544 27.16 42.97 8.69
N SER O 545 26.59 44.03 8.13
CA SER O 545 27.22 45.32 7.83
C SER O 545 28.35 45.33 6.80
N VAL O 546 29.04 44.21 6.61
CA VAL O 546 29.91 44.06 5.44
C VAL O 546 29.35 43.06 4.44
N GLU O 547 28.27 42.39 4.84
CA GLU O 547 27.74 41.23 4.13
C GLU O 547 28.83 40.23 3.78
N ILE O 548 28.71 39.62 2.61
CA ILE O 548 29.72 38.78 1.98
C ILE O 548 29.52 38.90 0.48
N GLN O 549 30.59 38.93 -0.29
CA GLN O 549 30.47 38.96 -1.75
C GLN O 549 30.49 37.59 -2.38
N GLU O 550 29.61 37.43 -3.36
CA GLU O 550 29.44 36.17 -4.06
C GLU O 550 29.86 36.28 -5.53
N VAL O 551 31.01 35.72 -5.83
CA VAL O 551 31.43 35.55 -7.20
C VAL O 551 32.16 34.22 -7.27
N PRO O 552 32.00 33.49 -8.37
CA PRO O 552 32.57 32.15 -8.43
C PRO O 552 33.99 32.12 -8.98
N ARG O 553 34.57 30.93 -9.01
CA ARG O 553 35.89 30.72 -9.59
C ARG O 553 35.84 29.56 -10.57
N THR O 554 36.07 29.87 -11.84
CA THR O 554 36.07 28.94 -12.97
C THR O 554 34.90 27.94 -12.96
N ALA O 555 33.75 28.39 -12.46
CA ALA O 555 32.52 27.61 -12.50
C ALA O 555 31.31 28.55 -12.35
N ASP O 556 30.14 28.10 -12.80
CA ASP O 556 28.91 28.83 -12.54
C ASP O 556 28.67 28.94 -11.03
N ARG O 557 28.26 27.83 -10.42
CA ARG O 557 28.21 27.68 -8.98
C ARG O 557 28.72 26.30 -8.61
N SER O 558 29.84 26.22 -7.89
CA SER O 558 30.35 24.91 -7.50
C SER O 558 30.75 24.79 -6.03
N ALA O 559 31.84 25.45 -5.66
CA ALA O 559 32.47 25.20 -4.36
C ALA O 559 33.35 26.34 -3.86
N SER O 560 34.12 26.02 -2.82
CA SER O 560 35.05 26.95 -2.17
C SER O 560 36.20 27.34 -3.09
N ARG O 561 36.90 28.40 -2.68
CA ARG O 561 38.04 29.01 -3.37
C ARG O 561 37.59 30.02 -4.41
N ALA O 562 36.27 30.17 -4.54
CA ALA O 562 35.69 31.28 -5.29
C ALA O 562 36.15 32.60 -4.67
N VAL O 563 36.30 33.64 -5.50
CA VAL O 563 36.85 34.91 -5.03
C VAL O 563 35.90 35.67 -4.11
N PHE O 564 36.48 36.38 -3.13
CA PHE O 564 35.70 37.10 -2.12
C PHE O 564 35.93 38.60 -2.20
N LEU O 565 34.91 39.36 -1.81
CA LEU O 565 35.00 40.83 -1.75
C LEU O 565 34.19 41.31 -0.54
N PHE O 566 34.44 42.54 -0.08
CA PHE O 566 33.71 43.10 1.06
C PHE O 566 33.13 44.46 0.70
N ARG O 567 31.83 44.67 0.91
CA ARG O 567 31.21 45.93 0.48
C ARG O 567 29.88 46.32 1.15
N CYS O 568 29.56 47.61 1.04
CA CYS O 568 28.21 48.16 1.20
C CYS O 568 27.49 47.89 2.53
N LYS O 569 26.20 47.57 2.41
CA LYS O 569 25.31 47.40 3.56
C LYS O 569 25.23 48.63 4.46
N GLU O 570 24.85 49.76 3.89
CA GLU O 570 24.68 50.97 4.67
C GLU O 570 23.40 50.93 5.53
N THR O 571 22.29 50.46 4.96
CA THR O 571 21.02 50.45 5.67
C THR O 571 20.94 49.30 6.68
N HIS O 572 21.64 48.21 6.37
CA HIS O 572 21.68 47.07 7.26
C HIS O 572 22.66 47.33 8.40
N SER O 573 23.59 48.24 8.17
CA SER O 573 24.51 48.67 9.22
C SER O 573 23.95 49.89 9.94
N TYR O 574 22.74 50.27 9.52
CA TYR O 574 21.96 51.28 10.23
C TYR O 574 21.01 50.58 11.19
N ASN O 575 20.15 49.74 10.64
CA ASN O 575 19.13 49.01 11.40
C ASN O 575 19.66 48.29 12.64
N PHE O 576 20.93 47.90 12.62
CA PHE O 576 21.53 47.23 13.76
C PHE O 576 21.63 48.19 14.95
N MET O 577 21.53 49.49 14.68
CA MET O 577 21.44 50.47 15.75
C MET O 577 19.99 50.75 16.10
N ARG O 578 19.07 50.23 15.28
CA ARG O 578 17.65 50.32 15.60
C ARG O 578 17.24 49.13 16.46
N GLN O 579 18.09 48.11 16.51
CA GLN O 579 17.89 47.01 17.45
C GLN O 579 18.37 47.49 18.81
N ASN O 580 19.27 48.45 18.78
CA ASN O 580 19.83 49.04 19.99
C ASN O 580 18.79 49.93 20.65
N LEU O 581 17.79 50.33 19.86
CA LEU O 581 16.71 51.17 20.35
C LEU O 581 15.96 50.56 21.53
N GLU O 582 15.24 49.48 21.27
CA GLU O 582 14.38 48.89 22.30
C GLU O 582 15.08 48.03 23.33
N TRP O 583 15.92 47.09 22.88
CA TRP O 583 16.39 46.03 23.76
C TRP O 583 17.31 46.52 24.87
N ASN O 584 17.90 47.70 24.67
CA ASN O 584 18.66 48.33 25.74
C ASN O 584 17.69 48.90 26.78
N MET O 585 16.84 49.82 26.33
CA MET O 585 15.80 50.40 27.18
C MET O 585 14.86 49.34 27.77
N ALA O 586 14.69 48.23 27.06
CA ALA O 586 13.77 47.17 27.49
C ALA O 586 14.09 46.62 28.88
N ASN O 587 15.18 45.86 28.98
CA ASN O 587 15.60 45.30 30.26
C ASN O 587 15.88 46.39 31.28
N LEU O 588 16.33 47.54 30.78
CA LEU O 588 16.56 48.71 31.60
C LEU O 588 15.30 49.09 32.37
N LEU O 589 14.24 49.41 31.63
CA LEU O 589 12.96 49.79 32.22
C LEU O 589 12.26 48.61 32.90
N PHE O 590 12.40 47.42 32.32
CA PHE O 590 11.70 46.23 32.83
C PHE O 590 12.17 45.84 34.23
N LYS O 591 13.48 45.61 34.38
CA LYS O 591 14.03 45.22 35.67
C LYS O 591 14.03 46.38 36.65
N LYS O 592 13.72 47.57 36.15
CA LYS O 592 13.43 48.71 37.01
C LYS O 592 12.01 48.58 37.55
N GLU O 593 11.10 48.12 36.70
CA GLU O 593 9.73 47.87 37.09
C GLU O 593 9.64 46.63 37.98
N LYS O 594 10.49 45.64 37.70
CA LYS O 594 10.56 44.44 38.53
C LYS O 594 11.16 44.79 39.89
N LEU O 595 11.96 45.85 39.92
CA LEU O 595 12.51 46.37 41.16
C LEU O 595 11.41 46.97 42.03
N LYS O 596 10.34 47.41 41.37
CA LYS O 596 9.20 48.01 42.06
C LYS O 596 8.37 46.94 42.77
N GLN O 597 7.80 46.03 41.99
CA GLN O 597 6.93 44.97 42.52
C GLN O 597 7.63 44.10 43.56
N GLU O 598 8.95 43.98 43.45
CA GLU O 598 9.73 43.23 44.44
C GLU O 598 9.73 43.95 45.78
N ASN O 599 10.03 45.25 45.74
CA ASN O 599 10.06 46.08 46.94
C ASN O 599 8.72 46.75 47.22
N SER O 600 7.71 46.38 46.45
CA SER O 600 6.37 46.97 46.55
C SER O 600 5.82 47.04 47.97
N THR O 601 6.08 46.00 48.76
CA THR O 601 5.61 45.96 50.14
C THR O 601 6.32 47.02 50.98
N LEU O 602 7.54 47.36 50.61
CA LEU O 602 8.30 48.42 51.28
C LEU O 602 7.83 49.80 50.85
N LEU O 603 7.65 49.96 49.53
CA LEU O 603 7.27 51.25 48.95
C LEU O 603 5.92 51.73 49.47
N LYS O 604 5.00 50.80 49.69
CA LYS O 604 3.69 51.13 50.24
C LYS O 604 3.82 51.56 51.69
N LYS O 605 4.78 50.97 52.40
CA LYS O 605 5.05 51.34 53.78
C LYS O 605 5.72 52.70 53.85
N ALA O 606 6.52 53.01 52.83
CA ALA O 606 7.21 54.29 52.76
C ALA O 606 6.24 55.41 52.42
N ASN O 607 5.27 55.12 51.56
CA ASN O 607 4.27 56.10 51.17
C ASN O 607 3.33 56.46 52.31
N ARG O 608 2.97 55.47 53.11
CA ARG O 608 2.11 55.69 54.26
C ARG O 608 2.83 56.44 55.37
N ASP O 609 4.15 56.28 55.42
CA ASP O 609 4.97 56.94 56.43
C ASP O 609 5.19 58.42 56.07
N ASP O 610 5.22 58.70 54.77
CA ASP O 610 5.41 60.06 54.29
C ASP O 610 4.17 60.92 54.56
N LEU O 619 12.18 54.39 61.23
CA LEU O 619 11.79 53.13 61.85
C LEU O 619 12.66 51.98 61.35
N LEU O 620 13.33 51.31 62.29
CA LEU O 620 14.18 50.15 62.05
C LEU O 620 15.46 50.52 61.30
N PRO O 621 16.56 49.81 61.57
CA PRO O 621 17.82 49.98 60.84
C PRO O 621 17.80 49.48 59.39
N SER O 622 17.20 48.32 59.16
CA SER O 622 17.31 47.65 57.88
C SER O 622 16.24 48.06 56.87
N GLU O 623 15.23 48.78 57.36
CA GLU O 623 14.16 49.25 56.48
C GLU O 623 14.61 50.49 55.70
N LEU O 624 15.51 51.26 56.31
CA LEU O 624 16.06 52.44 55.65
C LEU O 624 17.11 52.06 54.62
N ASN O 625 17.72 50.90 54.83
CA ASN O 625 18.76 50.40 53.93
C ASN O 625 18.24 50.17 52.52
N GLN O 626 17.16 49.39 52.41
CA GLN O 626 16.58 49.07 51.11
C GLN O 626 15.81 50.27 50.52
N LEU O 627 15.56 51.29 51.34
CA LEU O 627 14.98 52.53 50.84
C LEU O 627 15.99 53.30 50.01
N LYS O 628 17.23 53.37 50.48
CA LYS O 628 18.29 54.05 49.75
C LYS O 628 18.71 53.21 48.54
N MET O 629 18.63 51.89 48.70
CA MET O 629 18.99 50.95 47.64
C MET O 629 18.23 51.23 46.35
N VAL O 630 16.91 51.10 46.40
CA VAL O 630 16.07 51.30 45.22
C VAL O 630 16.26 52.69 44.61
N ASN O 631 16.26 53.73 45.45
CA ASN O 631 16.41 55.09 44.99
C ASN O 631 17.72 55.31 44.24
N GLU O 632 18.79 54.70 44.73
CA GLU O 632 20.07 54.69 44.03
C GLU O 632 19.90 54.10 42.63
N ARG O 633 19.47 52.84 42.58
CA ARG O 633 19.24 52.13 41.33
C ARG O 633 18.30 52.90 40.39
N GLU O 634 17.31 53.59 40.95
CA GLU O 634 16.37 54.36 40.16
C GLU O 634 17.06 55.51 39.43
N LEU O 635 17.78 56.34 40.18
CA LEU O 635 18.44 57.51 39.62
C LEU O 635 19.44 57.15 38.52
N ASN O 636 20.15 56.04 38.72
CA ASN O 636 21.17 55.60 37.77
C ASN O 636 20.56 54.98 36.51
N VAL O 637 19.39 54.38 36.65
CA VAL O 637 18.76 53.68 35.53
C VAL O 637 18.08 54.69 34.58
N PHE O 638 17.70 55.85 35.11
CA PHE O 638 17.13 56.90 34.28
C PHE O 638 18.23 57.69 33.58
N ALA O 639 19.40 57.75 34.21
CA ALA O 639 20.56 58.41 33.62
C ALA O 639 21.09 57.58 32.46
N ARG O 640 20.92 56.27 32.56
CA ARG O 640 21.32 55.36 31.49
C ARG O 640 20.31 55.40 30.36
N LEU O 641 19.05 55.65 30.71
CA LEU O 641 17.97 55.74 29.72
C LEU O 641 18.20 56.89 28.76
N SER O 642 18.35 58.10 29.32
CA SER O 642 18.55 59.29 28.52
C SER O 642 19.89 59.24 27.77
N ARG O 643 20.85 58.50 28.33
CA ARG O 643 22.15 58.32 27.71
C ARG O 643 22.03 57.72 26.32
N LEU O 644 21.55 56.49 26.24
CA LEU O 644 21.40 55.79 24.96
C LEU O 644 20.20 56.32 24.18
N LEU O 645 19.36 57.12 24.84
CA LEU O 645 18.25 57.78 24.17
C LEU O 645 18.82 58.78 23.17
N SER O 646 19.78 59.56 23.64
CA SER O 646 20.45 60.56 22.79
C SER O 646 21.19 59.89 21.64
N LEU O 647 21.59 58.63 21.85
CA LEU O 647 22.30 57.87 20.84
C LEU O 647 21.37 57.39 19.73
N TRP O 648 20.23 56.84 20.12
CA TRP O 648 19.22 56.37 19.16
C TRP O 648 18.67 57.47 18.26
N GLU O 649 18.47 58.65 18.83
CA GLU O 649 17.80 59.74 18.13
C GLU O 649 18.52 60.18 16.85
N VAL O 650 19.85 60.08 16.84
CA VAL O 650 20.63 60.47 15.68
C VAL O 650 20.61 59.39 14.59
N PHE O 651 20.34 58.15 14.99
CA PHE O 651 20.39 57.01 14.07
C PHE O 651 19.10 56.76 13.32
N GLN O 652 18.04 57.49 13.64
CA GLN O 652 16.73 57.23 13.06
C GLN O 652 16.59 57.78 11.65
N MET O 653 17.58 58.55 11.20
CA MET O 653 17.52 59.17 9.88
C MET O 653 18.72 58.82 9.01
N ALA O 654 18.44 58.38 7.79
CA ALA O 654 19.47 58.00 6.83
C ALA O 654 20.46 57.00 7.41
N ASP P 171 59.30 39.12 4.52
CA ASP P 171 58.69 38.03 5.26
C ASP P 171 58.21 38.52 6.63
N ILE P 172 58.86 38.03 7.69
CA ILE P 172 58.52 38.44 9.05
C ILE P 172 59.09 39.81 9.35
N GLU P 173 60.19 40.15 8.68
CA GLU P 173 60.81 41.47 8.81
C GLU P 173 59.84 42.56 8.38
N PHE P 174 59.04 42.26 7.37
CA PHE P 174 57.98 43.15 6.91
C PHE P 174 56.90 43.24 7.97
N ILE P 175 56.06 44.27 7.87
CA ILE P 175 54.90 44.58 8.74
C ILE P 175 55.26 45.01 10.16
N ASN P 176 56.51 44.78 10.58
CA ASN P 176 56.95 45.25 11.89
C ASN P 176 57.76 46.55 11.83
N SER P 177 58.01 47.05 10.63
CA SER P 177 58.81 48.26 10.46
C SER P 177 57.95 49.51 10.39
N LEU P 178 56.63 49.33 10.30
CA LEU P 178 55.71 50.45 10.20
C LEU P 178 55.14 50.85 11.55
N LEU P 179 55.53 50.13 12.59
CA LEU P 179 55.01 50.37 13.93
C LEU P 179 55.88 51.32 14.75
N THR P 180 56.91 51.87 14.13
CA THR P 180 57.88 52.69 14.86
C THR P 180 58.01 54.13 14.35
N ILE P 181 58.45 54.29 13.11
CA ILE P 181 58.82 55.61 12.58
C ILE P 181 57.66 56.59 12.43
N VAL P 182 56.44 56.10 12.59
CA VAL P 182 55.25 56.93 12.40
C VAL P 182 54.70 57.51 13.70
N TRP P 183 55.32 57.15 14.83
CA TRP P 183 54.78 57.50 16.15
C TRP P 183 54.57 58.99 16.41
N ARG P 184 55.67 59.70 16.65
CA ARG P 184 55.60 61.08 17.13
C ARG P 184 55.79 62.15 16.05
N PHE P 185 56.03 61.72 14.81
CA PHE P 185 56.28 62.68 13.74
C PHE P 185 55.00 63.44 13.39
N ILE P 186 53.86 62.90 13.81
CA ILE P 186 52.56 63.49 13.54
C ILE P 186 52.39 64.87 14.17
N SER P 187 52.81 64.99 15.43
CA SER P 187 52.63 66.24 16.18
C SER P 187 53.42 67.41 15.60
N GLU P 188 54.54 67.10 14.95
CA GLU P 188 55.38 68.12 14.34
C GLU P 188 54.89 68.49 12.94
N ASN P 189 53.86 67.79 12.48
CA ASN P 189 53.25 68.10 11.19
C ASN P 189 52.14 69.14 11.32
N TYR P 215 49.14 72.39 9.36
CA TYR P 215 49.27 72.29 7.90
C TYR P 215 50.62 71.70 7.50
N SER P 216 50.57 70.63 6.70
CA SER P 216 51.77 70.10 6.09
C SER P 216 51.56 69.99 4.59
N THR P 217 52.27 70.82 3.83
CA THR P 217 52.02 71.03 2.41
C THR P 217 52.49 69.87 1.54
N THR P 218 51.85 69.69 0.39
CA THR P 218 52.28 68.72 -0.62
C THR P 218 52.32 67.29 -0.09
N GLN P 219 51.14 66.67 -0.04
CA GLN P 219 50.93 65.34 0.54
C GLN P 219 52.00 64.31 0.20
N GLU P 220 52.46 64.32 -1.05
CA GLU P 220 53.48 63.38 -1.46
C GLU P 220 54.88 63.80 -1.02
N ILE P 221 55.06 65.08 -0.72
CA ILE P 221 56.33 65.55 -0.15
C ILE P 221 56.44 65.10 1.30
N LEU P 222 55.29 65.02 1.98
CA LEU P 222 55.24 64.51 3.35
C LEU P 222 55.91 63.14 3.47
N GLU P 223 55.75 62.32 2.43
CA GLU P 223 56.51 61.08 2.35
C GLU P 223 57.94 61.37 1.92
N PHE P 224 58.10 62.21 0.90
CA PHE P 224 59.42 62.61 0.42
C PHE P 224 60.25 63.18 1.57
N ILE P 225 59.57 63.73 2.56
CA ILE P 225 60.18 64.09 3.83
C ILE P 225 60.44 62.80 4.62
N THR P 226 59.37 62.08 4.93
CA THR P 226 59.45 60.84 5.71
C THR P 226 60.33 59.77 5.07
N ALA P 227 60.37 59.73 3.74
CA ALA P 227 61.17 58.74 3.01
C ALA P 227 62.65 58.89 3.32
N ALA P 228 63.14 60.13 3.25
CA ALA P 228 64.53 60.39 3.63
C ALA P 228 64.56 61.08 4.99
N GLN P 229 64.96 60.31 6.00
CA GLN P 229 64.95 60.73 7.39
C GLN P 229 65.48 59.60 8.25
N VAL P 230 65.90 59.91 9.47
CA VAL P 230 66.36 58.92 10.45
C VAL P 230 67.65 58.23 9.97
N ALA P 231 68.09 58.57 8.76
CA ALA P 231 69.28 58.01 8.11
C ALA P 231 69.08 56.55 7.69
N ASN P 232 67.92 55.99 8.02
CA ASN P 232 67.56 54.64 7.61
C ASN P 232 67.19 54.57 6.12
N VAL P 233 67.04 55.75 5.51
CA VAL P 233 66.80 55.92 4.07
C VAL P 233 65.77 54.95 3.46
N GLU P 234 64.49 55.19 3.77
CA GLU P 234 63.41 54.38 3.21
C GLU P 234 63.43 54.42 1.69
N LEU P 235 62.97 53.34 1.07
CA LEU P 235 63.42 52.95 -0.27
C LEU P 235 62.85 53.69 -1.50
N THR P 236 61.56 54.01 -1.54
CA THR P 236 60.91 54.35 -2.81
C THR P 236 59.47 54.85 -2.57
N PRO P 237 58.86 55.52 -3.57
CA PRO P 237 57.45 55.88 -3.63
C PRO P 237 56.44 54.80 -3.25
N SER P 238 56.84 53.53 -3.21
CA SER P 238 55.97 52.50 -2.62
C SER P 238 55.50 52.94 -1.23
N ASN P 239 56.30 53.76 -0.56
CA ASN P 239 55.93 54.33 0.75
C ASN P 239 55.13 55.63 0.64
N ILE P 240 55.03 56.20 -0.56
CA ILE P 240 54.19 57.37 -0.78
C ILE P 240 52.74 57.04 -0.45
N ARG P 241 52.28 55.92 -0.98
CA ARG P 241 50.89 55.51 -0.83
C ARG P 241 50.72 54.57 0.37
N SER P 242 51.80 54.35 1.11
CA SER P 242 51.76 53.43 2.24
C SER P 242 51.19 54.10 3.49
N LEU P 243 51.98 54.96 4.12
CA LEU P 243 51.54 55.62 5.35
C LEU P 243 50.38 56.57 5.07
N CYS P 244 50.28 56.99 3.81
CA CYS P 244 49.16 57.80 3.34
C CYS P 244 47.83 57.06 3.54
N GLU P 245 47.68 55.93 2.83
CA GLU P 245 46.38 55.25 2.75
C GLU P 245 46.18 54.13 3.78
N VAL P 246 47.21 53.86 4.58
CA VAL P 246 47.08 52.87 5.66
C VAL P 246 46.44 53.52 6.88
N LEU P 247 47.12 54.53 7.42
CA LEU P 247 46.68 55.23 8.62
C LEU P 247 45.67 56.33 8.27
N VAL P 248 45.26 56.35 7.01
CA VAL P 248 44.39 57.38 6.44
C VAL P 248 43.12 57.66 7.26
N TYR P 249 42.70 56.68 8.06
CA TYR P 249 41.43 56.78 8.77
C TYR P 249 41.57 57.11 10.26
N ASP P 250 40.62 57.90 10.76
CA ASP P 250 40.46 58.16 12.18
C ASP P 250 41.65 58.77 12.91
N ASP P 251 41.83 60.08 12.69
CA ASP P 251 42.56 60.97 13.60
C ASP P 251 44.07 61.03 13.42
N LYS P 252 44.65 60.26 12.50
CA LYS P 252 46.05 60.46 12.18
C LYS P 252 46.26 61.91 11.74
N LEU P 253 45.75 62.21 10.54
CA LEU P 253 45.82 63.55 9.96
C LEU P 253 44.60 63.76 9.08
N GLU P 254 44.06 64.97 9.08
CA GLU P 254 42.85 65.27 8.31
C GLU P 254 43.15 65.51 6.84
N LYS P 255 42.20 65.17 5.98
CA LYS P 255 42.39 65.29 4.54
C LYS P 255 41.78 66.58 3.99
N VAL P 256 42.64 67.44 3.47
CA VAL P 256 42.21 68.72 2.92
C VAL P 256 42.77 68.82 1.48
N THR P 257 42.21 69.71 0.68
CA THR P 257 42.52 69.78 -0.75
C THR P 257 43.93 70.29 -1.02
N HIS P 258 44.24 70.43 -2.32
CA HIS P 258 45.57 70.75 -2.84
C HIS P 258 46.65 69.87 -2.20
N ASP P 259 46.28 68.60 -1.96
CA ASP P 259 47.22 67.56 -1.58
C ASP P 259 48.01 67.85 -0.30
N CYS P 260 47.32 67.84 0.85
CA CYS P 260 47.99 68.02 2.13
C CYS P 260 47.17 67.47 3.31
N TYR P 261 47.73 67.59 4.51
CA TYR P 261 47.11 67.01 5.70
C TYR P 261 46.83 68.05 6.80
N ARG P 262 45.64 67.98 7.40
CA ARG P 262 45.30 68.82 8.55
C ARG P 262 45.28 68.02 9.86
N VAL P 263 45.04 68.72 10.97
CA VAL P 263 44.97 68.10 12.29
C VAL P 263 43.86 68.74 13.13
N THR P 264 42.99 67.95 13.73
CA THR P 264 42.01 68.53 14.66
C THR P 264 41.83 67.82 16.02
N LEU P 265 41.24 66.62 16.02
CA LEU P 265 40.74 66.03 17.26
C LEU P 265 41.70 65.02 17.92
N GLU P 266 42.84 64.77 17.29
CA GLU P 266 43.80 63.84 17.86
C GLU P 266 44.49 64.46 19.08
N SER P 267 44.48 65.78 19.14
CA SER P 267 45.08 66.50 20.27
C SER P 267 44.36 66.18 21.57
N ILE P 268 43.07 65.87 21.47
CA ILE P 268 42.28 65.50 22.62
C ILE P 268 42.56 64.06 23.05
N LEU P 269 42.78 63.19 22.06
CA LEU P 269 43.06 61.78 22.33
C LEU P 269 44.48 61.58 22.84
N GLN P 270 45.43 62.35 22.30
CA GLN P 270 46.81 62.30 22.76
C GLN P 270 46.93 62.82 24.19
N MET P 271 46.01 63.72 24.55
CA MET P 271 45.99 64.29 25.90
C MET P 271 45.53 63.25 26.93
N SER P 303 27.94 47.74 37.59
CA SER P 303 26.52 47.44 37.41
C SER P 303 25.97 46.71 38.63
N LYS P 304 24.92 47.27 39.23
CA LYS P 304 24.30 46.67 40.41
C LYS P 304 23.31 45.57 40.03
N HIS P 305 22.18 45.97 39.45
CA HIS P 305 21.18 45.01 39.02
C HIS P 305 21.36 44.66 37.55
N ASP P 306 20.99 45.59 36.67
CA ASP P 306 21.20 45.41 35.24
C ASP P 306 21.59 46.72 34.56
N LYS P 307 22.68 46.67 33.80
CA LYS P 307 23.13 47.83 33.02
C LYS P 307 23.86 47.41 31.76
N GLU P 308 23.64 48.17 30.69
CA GLU P 308 24.42 48.06 29.46
C GLU P 308 24.45 46.69 28.80
N VAL P 309 25.67 46.18 28.65
CA VAL P 309 26.07 44.99 27.88
C VAL P 309 26.04 45.31 26.38
N VAL P 310 25.24 46.30 26.01
CA VAL P 310 25.41 47.11 24.80
C VAL P 310 25.35 46.34 23.46
N TYR P 311 25.53 45.02 23.51
CA TYR P 311 25.80 44.24 22.29
C TYR P 311 25.44 42.76 22.36
N PHE P 312 25.48 42.14 21.18
CA PHE P 312 24.98 40.78 20.95
C PHE P 312 23.51 40.75 21.33
N ASP P 313 23.07 39.67 21.97
CA ASP P 313 21.67 39.49 22.38
C ASP P 313 20.71 39.44 21.18
N GLU P 314 21.24 39.68 19.98
CA GLU P 314 20.47 39.80 18.74
C GLU P 314 19.48 40.98 18.78
N TRP P 315 18.20 40.70 18.59
CA TRP P 315 17.16 41.72 18.44
C TRP P 315 17.44 42.61 17.24
N PRO Q 42 27.85 52.86 26.62
CA PRO Q 42 28.46 52.35 27.85
C PRO Q 42 28.85 53.49 28.80
N ILE Q 43 30.09 53.43 29.30
CA ILE Q 43 30.72 54.52 30.09
C ILE Q 43 29.79 55.03 31.21
N ASN Q 44 29.36 56.29 31.12
CA ASN Q 44 28.55 56.97 32.13
C ASN Q 44 29.18 57.02 33.51
N GLY Q 45 28.35 56.89 34.54
CA GLY Q 45 28.77 57.13 35.92
C GLY Q 45 27.62 57.80 36.63
N PRO Q 46 27.89 58.42 37.79
CA PRO Q 46 26.91 59.33 38.39
C PRO Q 46 27.06 60.75 37.85
N ILE Q 47 27.05 60.89 36.53
CA ILE Q 47 27.35 62.16 35.86
C ILE Q 47 26.18 63.14 35.86
N THR Q 48 26.50 64.43 35.78
CA THR Q 48 25.53 65.48 35.46
C THR Q 48 24.36 65.56 36.44
N ASN Q 49 24.62 66.12 37.62
CA ASN Q 49 23.57 66.37 38.61
C ASN Q 49 22.35 67.05 37.99
N LYS Q 50 22.58 67.87 36.96
CA LYS Q 50 21.50 68.43 36.16
C LYS Q 50 20.60 67.33 35.59
N GLU Q 51 21.21 66.35 34.95
CA GLU Q 51 20.47 65.20 34.41
C GLU Q 51 19.76 64.43 35.51
N ARG Q 52 20.39 64.38 36.68
CA ARG Q 52 19.77 63.74 37.84
C ARG Q 52 18.51 64.48 38.24
N SER Q 53 18.58 65.81 38.22
CA SER Q 53 17.41 66.64 38.50
C SER Q 53 16.34 66.44 37.43
N LEU Q 54 16.78 66.33 36.18
CA LEU Q 54 15.88 66.06 35.07
C LEU Q 54 15.21 64.69 35.24
N ALA Q 55 15.98 63.75 35.78
CA ALA Q 55 15.46 62.41 36.05
C ALA Q 55 14.44 62.44 37.17
N VAL Q 56 14.77 63.17 38.25
CA VAL Q 56 13.86 63.32 39.39
C VAL Q 56 12.55 63.97 38.94
N LYS Q 57 12.65 64.99 38.09
CA LYS Q 57 11.49 65.64 37.51
C LYS Q 57 10.65 64.62 36.73
N TYR Q 58 11.33 63.88 35.85
CA TYR Q 58 10.69 62.86 35.02
C TYR Q 58 9.86 61.88 35.86
N ILE Q 59 10.42 61.47 36.99
CA ILE Q 59 9.71 60.58 37.91
C ILE Q 59 8.49 61.27 38.50
N ASN Q 60 8.64 62.54 38.84
CA ASN Q 60 7.56 63.32 39.43
C ASN Q 60 6.38 63.49 38.49
N PHE Q 61 6.65 63.78 37.22
CA PHE Q 61 5.59 63.94 36.23
C PHE Q 61 4.86 62.61 36.01
N GLY Q 62 5.62 61.51 36.06
CA GLY Q 62 5.06 60.19 35.90
C GLY Q 62 4.11 59.81 37.02
N LYS Q 63 4.46 60.21 38.24
CA LYS Q 63 3.63 59.93 39.41
C LYS Q 63 2.30 60.66 39.34
N THR Q 64 2.32 61.86 38.78
CA THR Q 64 1.12 62.69 38.68
C THR Q 64 0.15 62.16 37.63
N VAL Q 65 0.70 61.57 36.57
CA VAL Q 65 -0.12 60.98 35.52
C VAL Q 65 -0.85 59.75 36.07
N LYS Q 66 -0.16 58.98 36.90
CA LYS Q 66 -0.75 57.80 37.52
C LYS Q 66 -1.88 58.16 38.47
N ASP Q 67 -1.70 59.25 39.21
CA ASP Q 67 -2.69 59.72 40.17
C ASP Q 67 -3.94 60.22 39.46
N GLY Q 68 -3.75 60.86 38.30
CA GLY Q 68 -4.86 61.38 37.53
C GLY Q 68 -5.61 60.29 36.79
N PRO Q 69 -6.75 60.66 36.17
CA PRO Q 69 -7.57 59.72 35.42
C PRO Q 69 -7.19 59.66 33.94
N UNK Q 70 -14.49 63.25 35.38
CA UNK Q 70 -14.28 64.69 35.24
C UNK Q 70 -13.30 64.98 34.11
N UNK Q 71 -13.58 64.42 32.94
CA UNK Q 71 -12.69 64.55 31.79
C UNK Q 71 -13.43 64.35 30.47
N UNK Q 72 -12.66 64.19 29.40
CA UNK Q 72 -13.19 63.88 28.07
C UNK Q 72 -14.14 64.94 27.51
N UNK Q 73 -13.58 66.08 27.14
CA UNK Q 73 -14.34 67.11 26.43
C UNK Q 73 -14.77 66.58 25.06
N UNK Q 74 -15.80 67.19 24.49
CA UNK Q 74 -16.42 66.69 23.27
C UNK Q 74 -15.66 67.11 22.01
N UNK Q 75 -14.58 67.85 22.18
CA UNK Q 75 -13.83 68.38 21.05
C UNK Q 75 -12.99 67.31 20.37
N UNK Q 76 -13.25 67.10 19.08
CA UNK Q 76 -12.47 66.22 18.22
C UNK Q 76 -12.27 64.81 18.77
N UNK Q 77 -13.32 64.21 19.31
CA UNK Q 77 -13.20 62.84 19.80
C UNK Q 77 -14.07 61.85 19.01
N UNK Q 78 -13.40 61.06 18.16
CA UNK Q 78 -13.94 59.86 17.53
C UNK Q 78 -15.34 60.00 16.93
N UNK Q 79 -16.13 58.96 17.13
CA UNK Q 79 -17.51 58.87 16.65
C UNK Q 79 -18.50 59.57 17.57
N UNK Q 80 -19.65 59.95 17.02
CA UNK Q 80 -20.75 60.48 17.82
C UNK Q 80 -21.22 59.46 18.85
N UNK Q 81 -21.04 58.18 18.54
CA UNK Q 81 -21.34 57.10 19.48
C UNK Q 81 -20.37 57.14 20.66
N UNK Q 82 -19.13 57.50 20.37
CA UNK Q 82 -18.11 57.65 21.41
C UNK Q 82 -18.37 58.92 22.20
N UNK Q 83 -18.99 59.90 21.56
CA UNK Q 83 -19.32 61.17 22.21
C UNK Q 83 -20.36 60.94 23.31
N UNK Q 84 -21.20 59.93 23.14
CA UNK Q 84 -22.19 59.57 24.15
C UNK Q 84 -21.49 59.03 25.40
N UNK Q 85 -20.43 58.25 25.18
CA UNK Q 85 -19.64 57.72 26.28
C UNK Q 85 -18.68 58.77 26.83
N UNK Q 86 -18.34 59.75 25.99
CA UNK Q 86 -17.42 60.81 26.37
C UNK Q 86 -18.10 61.84 27.28
N UNK Q 87 -19.41 61.72 27.43
CA UNK Q 87 -20.16 62.62 28.28
C UNK Q 87 -19.77 62.46 29.74
N UNK Q 88 -19.50 61.21 30.14
CA UNK Q 88 -19.09 60.91 31.51
C UNK Q 88 -17.64 60.48 31.56
N UNK Q 89 -28.74 63.50 22.15
CA UNK Q 89 -28.70 64.65 23.04
C UNK Q 89 -28.47 64.24 24.48
N UNK Q 90 -28.38 62.93 24.70
CA UNK Q 90 -28.12 62.40 26.04
C UNK Q 90 -26.73 62.81 26.52
N UNK Q 91 -25.79 62.89 25.59
CA UNK Q 91 -24.43 63.33 25.90
C UNK Q 91 -24.42 64.84 26.14
N UNK Q 92 -25.30 65.55 25.44
CA UNK Q 92 -25.41 67.00 25.60
C UNK Q 92 -26.09 67.34 26.93
N UNK Q 93 -26.87 66.40 27.44
CA UNK Q 93 -27.55 66.58 28.72
C UNK Q 93 -26.58 66.38 29.88
N UNK Q 94 -25.72 65.36 29.76
CA UNK Q 94 -24.71 65.10 30.77
C UNK Q 94 -23.63 66.19 30.74
N UNK Q 95 -22.93 66.37 31.85
CA UNK Q 95 -21.96 67.45 31.94
C UNK Q 95 -20.72 67.06 32.75
N UNK Q 96 -19.57 67.56 32.31
CA UNK Q 96 -18.33 67.42 33.06
C UNK Q 96 -17.92 68.79 33.60
N UNK Q 97 -17.96 68.94 34.91
CA UNK Q 97 -17.83 70.26 35.53
C UNK Q 97 -16.42 70.85 35.43
N UNK Q 98 -15.41 70.11 35.91
CA UNK Q 98 -14.06 70.66 35.97
C UNK Q 98 -12.98 69.60 35.91
N UNK Q 99 -11.83 69.96 35.33
CA UNK Q 99 -10.65 69.11 35.33
C UNK Q 99 -9.41 69.93 35.69
N UNK Q 100 -8.76 69.59 36.78
CA UNK Q 100 -7.59 70.34 37.24
C UNK Q 100 -6.50 69.42 37.79
N UNK Q 101 -5.26 69.75 37.50
CA UNK Q 101 -4.12 68.97 37.97
C UNK Q 101 -2.97 69.87 38.41
N UNK Q 102 -2.28 69.46 39.46
CA UNK Q 102 -1.15 70.24 39.99
C UNK Q 102 -0.05 69.31 40.50
N UNK Q 103 1.17 69.84 40.55
CA UNK Q 103 2.32 69.07 41.03
C UNK Q 103 3.38 69.96 41.64
N UNK Q 104 4.23 69.38 42.48
CA UNK Q 104 5.30 70.13 43.12
C UNK Q 104 6.61 69.32 43.12
ZN ZN U . 13.86 10.07 33.83
ZN ZN V . 12.47 48.55 0.31
ZN ZN W . 2.71 23.66 31.59
ZN ZN X . 31.03 18.58 -58.15
ZN ZN Y . -5.56 -57.64 2.41
ZN ZN Z . 40.51 -44.25 15.97
#